data_7CED
#
_entry.id   7CED
#
_cell.length_a   128.7
_cell.length_b   211.853
_cell.length_c   223.694
_cell.angle_alpha   90
_cell.angle_beta   90
_cell.angle_gamma   90
#
_symmetry.space_group_name_H-M   'P 21 21 21'
#
loop_
_entity.id
_entity.type
_entity.pdbx_description
1 polymer 'Methanol dehydrogenase protein, large subunit'
2 polymer 'Methanol dehydrogenase [cytochrome c] subunit 2'
3 water water
#
loop_
_entity_poly.entity_id
_entity_poly.type
_entity_poly.pdbx_seq_one_letter_code
_entity_poly.pdbx_strand_id
1 'polypeptide(L)'
;NSELDRLSKDDRNWVMQTKDYSATHFSRLTEINSHNVKNLKVAWTLSTGTLHGHEGAPLVVDGIMYIHTPFPNNVYAVDL
NDTRKMLWQYKPKQNPAARAVACCDVVNRGLAYVPAGEHGPAKIFLNQLDGHIVALNAKTGEEIWKMENSDIAMGSTLTG
APFVVKDKVLVGSAGAELGVRGYVTAYNIKDGKQEWRAYATGPDEDLLLDKDFNKDNPHYGQFGLGLSTWEGDAWKIGGG
TNWGWYAYDPKLDMIYYGSGNPAPWNETMRPGDNKWTMTIWGRDADTGRAKFGYQKTPHDEWDYAGVNYMGLSEQEVDGK
LTPLLTHPDRNGLVYTLNRETGALVNAFKIDDTVNWVKKVDLKTGLPIRDPEYSTRMDHNAKGICPSAMGYHNQGIESYD
PDKKLFFMGVNHICMDWEPFMLPYRAGQFFVGATLNMYPGPKGMLGQVKAMNAVTGKMEWEVPEKFAVWGGTLATAGDLV
FYGTLDGFIKARDTRTGELKWQFQLPSGVIGHPITYQHNGKQYIAIYSGVGGWPGVGLVFDLKDPTAGLGAVGAFRELAH
YTQMGGSVFVFSL
;
A,B,C,D,G,H,M,N
2 'polypeptide(L)' YDGTHCKAPGNCWEPKPGYPDKVAGSKYDPKHDPNELNKQAESIKAMEARNQKRVENYAKTGKFVYKVEDIK E,F,I,J,K,L,O,P
#
# COMPACT_ATOMS: atom_id res chain seq x y z
N ASN A 1 11.62 50.13 -4.22
CA ASN A 1 12.87 49.42 -3.84
C ASN A 1 13.04 48.31 -4.86
N SER A 2 14.10 48.37 -5.67
CA SER A 2 14.20 47.46 -6.80
C SER A 2 14.50 46.00 -6.32
N GLU A 3 15.26 45.84 -5.27
CA GLU A 3 15.50 44.51 -4.73
C GLU A 3 14.21 43.89 -4.09
N LEU A 4 13.45 44.70 -3.36
CA LEU A 4 12.13 44.21 -2.88
C LEU A 4 11.20 43.81 -4.00
N ASP A 5 11.19 44.61 -5.10
CA ASP A 5 10.41 44.34 -6.26
C ASP A 5 10.87 42.97 -6.87
N ARG A 6 12.17 42.77 -6.97
CA ARG A 6 12.69 41.47 -7.53
C ARG A 6 12.30 40.28 -6.62
N LEU A 7 12.45 40.44 -5.30
CA LEU A 7 12.01 39.36 -4.37
C LEU A 7 10.54 39.05 -4.49
N SER A 8 9.72 40.07 -4.81
CA SER A 8 8.29 39.85 -4.94
C SER A 8 7.92 38.99 -6.14
N LYS A 9 8.83 38.87 -7.07
CA LYS A 9 8.57 38.09 -8.28
C LYS A 9 8.92 36.61 -8.08
N ASP A 10 9.49 36.26 -6.92
CA ASP A 10 9.89 34.89 -6.59
C ASP A 10 8.75 34.27 -5.80
N ASP A 11 8.23 33.14 -6.30
CA ASP A 11 7.11 32.43 -5.70
C ASP A 11 7.41 31.74 -4.34
N ARG A 12 8.67 31.69 -3.92
CA ARG A 12 9.06 31.31 -2.58
C ARG A 12 8.71 32.42 -1.53
N ASN A 13 8.44 33.66 -1.99
CA ASN A 13 8.23 34.77 -1.10
C ASN A 13 6.85 35.35 -1.20
N TRP A 14 6.50 36.04 -0.10
CA TRP A 14 5.37 36.93 0.01
C TRP A 14 5.88 38.11 0.85
N VAL A 15 6.40 39.14 0.19
CA VAL A 15 7.27 40.11 0.80
C VAL A 15 6.58 41.33 1.35
N MET A 16 5.31 41.54 0.97
CA MET A 16 4.51 42.70 1.45
C MET A 16 3.06 42.26 1.50
N GLN A 17 2.24 42.93 2.29
CA GLN A 17 0.84 42.54 2.48
C GLN A 17 0.08 42.40 1.15
N THR A 18 0.34 43.36 0.25
CA THR A 18 -0.23 43.40 -1.10
C THR A 18 0.43 42.44 -2.12
N LYS A 19 1.38 41.59 -1.63
CA LYS A 19 2.20 40.65 -2.44
C LYS A 19 3.26 41.32 -3.28
N ASP A 20 2.87 42.35 -4.01
CA ASP A 20 3.78 43.06 -4.90
C ASP A 20 3.33 44.53 -5.03
N TYR A 21 4.16 45.34 -5.69
CA TYR A 21 3.88 46.78 -5.70
C TYR A 21 2.59 47.17 -6.53
N SER A 22 2.15 46.24 -7.37
CA SER A 22 0.88 46.35 -8.06
C SER A 22 -0.33 45.85 -7.32
N ALA A 23 -0.11 45.27 -6.14
CA ALA A 23 -1.16 44.68 -5.37
C ALA A 23 -1.99 43.67 -6.19
N THR A 24 -1.33 42.82 -6.96
CA THR A 24 -2.05 41.85 -7.75
C THR A 24 -2.71 40.77 -6.92
N HIS A 25 -2.11 40.40 -5.76
CA HIS A 25 -2.57 39.22 -4.99
C HIS A 25 -2.79 38.00 -5.92
N PHE A 26 -1.91 37.88 -6.91
CA PHE A 26 -1.99 36.81 -7.89
C PHE A 26 -0.70 36.02 -7.89
N SER A 27 -0.84 34.71 -7.73
CA SER A 27 0.25 33.74 -7.76
C SER A 27 0.20 32.92 -9.01
N ARG A 28 1.35 32.78 -9.62
CA ARG A 28 1.59 31.86 -10.77
C ARG A 28 1.76 30.43 -10.39
N LEU A 29 1.79 30.14 -9.07
CA LEU A 29 1.77 28.74 -8.64
C LEU A 29 0.52 27.97 -9.02
N THR A 30 0.72 26.72 -9.46
CA THR A 30 -0.37 25.90 -9.98
C THR A 30 -0.42 24.51 -9.38
N GLU A 31 0.42 24.19 -8.42
CA GLU A 31 0.37 22.87 -7.78
C GLU A 31 -1.03 22.62 -7.21
N ILE A 32 -1.54 23.62 -6.51
CA ILE A 32 -2.91 23.63 -6.01
C ILE A 32 -3.78 24.27 -7.11
N ASN A 33 -4.75 23.55 -7.61
CA ASN A 33 -5.57 24.05 -8.72
C ASN A 33 -7.00 23.63 -8.64
N SER A 34 -7.84 24.10 -9.57
CA SER A 34 -9.25 23.92 -9.42
C SER A 34 -9.63 22.41 -9.41
N HIS A 35 -8.79 21.56 -9.99
CA HIS A 35 -9.07 20.13 -10.08
C HIS A 35 -8.55 19.27 -8.91
N ASN A 36 -7.76 19.85 -8.01
CA ASN A 36 -7.35 19.10 -6.82
C ASN A 36 -7.50 19.80 -5.48
N VAL A 37 -7.98 21.04 -5.48
CA VAL A 37 -8.09 21.81 -4.25
C VAL A 37 -9.05 21.07 -3.26
N LYS A 38 -10.00 20.26 -3.73
CA LYS A 38 -10.79 19.49 -2.81
C LYS A 38 -9.96 18.62 -1.85
N ASN A 39 -8.71 18.30 -2.21
CA ASN A 39 -7.82 17.50 -1.37
C ASN A 39 -6.87 18.30 -0.51
N LEU A 40 -7.06 19.60 -0.41
CA LEU A 40 -6.21 20.42 0.42
C LEU A 40 -6.47 20.12 1.89
N LYS A 41 -5.39 19.98 2.67
CA LYS A 41 -5.49 19.69 4.12
C LYS A 41 -4.66 20.64 4.93
N VAL A 42 -4.97 20.71 6.22
CA VAL A 42 -4.16 21.48 7.16
C VAL A 42 -2.79 20.81 7.32
N ALA A 43 -1.73 21.57 7.10
CA ALA A 43 -0.38 21.05 7.22
C ALA A 43 0.19 21.26 8.60
N TRP A 44 0.03 22.48 9.10
CA TRP A 44 0.50 22.86 10.43
C TRP A 44 -0.15 24.18 10.85
N THR A 45 -0.09 24.48 12.14
CA THR A 45 -0.70 25.64 12.67
C THR A 45 0.14 26.29 13.79
N LEU A 46 -0.15 27.55 14.07
CA LEU A 46 0.52 28.36 15.11
C LEU A 46 -0.55 29.10 15.87
N SER A 47 -0.32 29.38 17.15
CA SER A 47 -1.22 30.30 17.85
C SER A 47 -0.56 31.64 17.94
N THR A 48 -1.34 32.71 17.81
CA THR A 48 -0.75 34.04 17.95
C THR A 48 -0.63 34.51 19.40
N GLY A 49 -1.37 33.88 20.32
CA GLY A 49 -1.33 34.25 21.72
C GLY A 49 -2.17 35.48 22.08
N THR A 50 -3.02 35.97 21.17
CA THR A 50 -3.92 37.09 21.44
C THR A 50 -5.28 36.75 20.86
N LEU A 51 -6.27 37.51 21.29
CA LEU A 51 -7.58 37.46 20.73
C LEU A 51 -7.74 38.79 19.95
N HIS A 52 -8.99 39.22 19.66
CA HIS A 52 -9.25 40.37 18.82
C HIS A 52 -8.97 40.07 17.36
N GLY A 53 -9.38 40.98 16.52
CA GLY A 53 -9.33 40.81 15.10
C GLY A 53 -7.89 40.71 14.57
N HIS A 54 -7.64 39.74 13.68
CA HIS A 54 -6.38 39.54 13.07
C HIS A 54 -6.45 39.92 11.57
N GLU A 55 -6.16 41.17 11.27
CA GLU A 55 -6.13 41.67 9.89
C GLU A 55 -4.72 41.47 9.25
N GLY A 56 -4.65 41.73 7.95
CA GLY A 56 -3.43 41.44 7.18
C GLY A 56 -3.22 39.96 7.12
N ALA A 57 -1.95 39.57 6.96
CA ALA A 57 -1.57 38.16 6.90
C ALA A 57 -0.04 38.06 7.12
N PRO A 58 0.50 36.83 7.17
CA PRO A 58 1.91 36.68 7.33
C PRO A 58 2.71 37.17 6.12
N LEU A 59 3.99 37.49 6.35
CA LEU A 59 4.96 37.68 5.28
C LEU A 59 5.83 36.43 5.26
N VAL A 60 6.40 36.11 4.10
CA VAL A 60 7.38 35.00 3.97
C VAL A 60 8.52 35.54 3.13
N VAL A 61 9.73 35.56 3.69
CA VAL A 61 10.92 35.95 2.91
C VAL A 61 12.11 35.09 3.29
N ASP A 62 12.78 34.59 2.27
CA ASP A 62 14.02 33.85 2.45
C ASP A 62 13.83 32.72 3.48
N GLY A 63 12.73 32.01 3.39
CA GLY A 63 12.51 30.82 4.19
C GLY A 63 12.01 31.07 5.60
N ILE A 64 11.61 32.30 5.90
CA ILE A 64 11.11 32.72 7.27
C ILE A 64 9.74 33.32 7.11
N MET A 65 8.80 32.88 7.95
CA MET A 65 7.43 33.45 8.03
C MET A 65 7.38 34.40 9.18
N TYR A 66 6.74 35.57 8.98
CA TYR A 66 6.62 36.61 10.01
C TYR A 66 5.15 36.78 10.29
N ILE A 67 4.83 36.77 11.57
CA ILE A 67 3.44 36.83 12.09
C ILE A 67 3.29 38.08 12.94
N HIS A 68 2.12 38.69 12.90
CA HIS A 68 1.85 39.82 13.77
C HIS A 68 0.44 39.70 14.36
N THR A 69 0.24 40.48 15.53
CA THR A 69 -1.03 40.40 16.20
C THR A 69 -1.73 41.77 16.20
N PRO A 70 -3.04 41.69 16.63
CA PRO A 70 -3.65 42.92 17.18
C PRO A 70 -2.98 43.37 18.51
N PHE A 71 -3.41 44.49 19.07
CA PHE A 71 -2.74 45.11 20.24
C PHE A 71 -2.44 44.08 21.31
N PRO A 72 -1.25 44.01 21.89
CA PRO A 72 -0.13 44.93 21.76
C PRO A 72 0.87 44.73 20.59
N ASN A 73 0.42 44.08 19.51
CA ASN A 73 1.13 44.06 18.28
C ASN A 73 2.43 43.30 18.45
N ASN A 74 2.33 42.13 19.06
CA ASN A 74 3.46 41.20 19.10
C ASN A 74 3.85 40.69 17.71
N VAL A 75 5.13 40.44 17.52
CA VAL A 75 5.68 39.98 16.25
C VAL A 75 6.52 38.73 16.51
N TYR A 76 6.39 37.74 15.63
CA TYR A 76 7.33 36.71 15.66
C TYR A 76 7.69 36.07 14.35
N ALA A 77 8.85 35.44 14.36
CA ALA A 77 9.48 34.88 13.16
C ALA A 77 9.58 33.34 13.34
N VAL A 78 9.31 32.63 12.26
CA VAL A 78 9.31 31.17 12.24
C VAL A 78 10.12 30.71 11.03
N ASP A 79 11.16 29.90 11.28
CA ASP A 79 11.93 29.30 10.19
C ASP A 79 11.05 28.18 9.62
N LEU A 80 10.79 28.22 8.33
CA LEU A 80 9.93 27.25 7.70
C LEU A 80 10.50 25.78 7.67
N ASN A 81 11.77 25.59 8.01
CA ASN A 81 12.33 24.24 8.22
C ASN A 81 12.18 23.80 9.69
N ASP A 82 11.54 24.58 10.54
CA ASP A 82 11.35 24.19 11.95
C ASP A 82 10.13 24.98 12.44
N THR A 83 8.98 24.55 11.99
CA THR A 83 7.71 25.30 12.16
C THR A 83 7.19 25.37 13.61
N ARG A 84 7.71 24.53 14.52
CA ARG A 84 7.24 24.53 15.89
C ARG A 84 7.95 25.56 16.75
N LYS A 85 9.12 26.04 16.33
CA LYS A 85 9.96 26.95 17.14
C LYS A 85 9.80 28.35 16.67
N MET A 86 9.72 29.27 17.61
CA MET A 86 9.79 30.69 17.25
C MET A 86 11.25 31.11 17.21
N LEU A 87 11.71 31.54 16.05
CA LEU A 87 13.06 32.00 15.85
C LEU A 87 13.35 33.27 16.70
N TRP A 88 12.42 34.20 16.69
CA TRP A 88 12.53 35.39 17.54
C TRP A 88 11.17 35.99 17.79
N GLN A 89 11.05 36.79 18.85
CA GLN A 89 9.82 37.45 19.22
C GLN A 89 10.13 38.88 19.56
N TYR A 90 9.20 39.76 19.28
CA TYR A 90 9.26 41.14 19.71
C TYR A 90 7.91 41.44 20.36
N LYS A 91 7.92 41.94 21.60
CA LYS A 91 6.70 42.13 22.39
C LYS A 91 6.60 43.58 22.84
N PRO A 92 5.87 44.41 22.11
CA PRO A 92 5.90 45.86 22.48
C PRO A 92 5.27 46.16 23.86
N LYS A 93 5.80 47.15 24.55
CA LYS A 93 5.19 47.69 25.76
C LYS A 93 4.52 48.98 25.35
N GLN A 94 3.20 49.02 25.42
CA GLN A 94 2.38 50.12 24.94
C GLN A 94 1.41 50.52 26.03
N ASN A 95 1.10 51.80 26.09
CA ASN A 95 0.09 52.27 27.03
C ASN A 95 -1.25 51.62 26.74
N PRO A 96 -1.84 50.91 27.71
CA PRO A 96 -3.16 50.30 27.44
C PRO A 96 -4.29 51.29 27.07
N ALA A 97 -4.07 52.57 27.38
CA ALA A 97 -5.01 53.63 27.00
C ALA A 97 -5.10 53.76 25.49
N ALA A 98 -4.13 53.22 24.75
CA ALA A 98 -4.26 53.16 23.26
C ALA A 98 -5.56 52.47 22.80
N ARG A 99 -5.99 51.44 23.53
CA ARG A 99 -7.19 50.69 23.17
C ARG A 99 -8.47 51.55 23.18
N ALA A 100 -8.49 52.55 24.04
CA ALA A 100 -9.68 53.38 24.23
C ALA A 100 -9.93 54.37 23.13
N VAL A 101 -8.93 54.63 22.26
CA VAL A 101 -9.16 55.51 21.16
C VAL A 101 -9.21 54.82 19.82
N ALA A 102 -9.45 53.50 19.82
CA ALA A 102 -9.60 52.72 18.62
C ALA A 102 -11.14 52.55 18.43
N CYS A 103 -11.73 53.09 17.37
CA CYS A 103 -13.20 53.01 17.18
C CYS A 103 -13.72 51.59 17.02
N CYS A 104 -13.01 50.75 16.28
CA CYS A 104 -13.59 49.53 15.68
C CYS A 104 -12.65 48.32 15.84
N ASP A 105 -12.26 48.07 17.08
CA ASP A 105 -11.32 47.02 17.48
C ASP A 105 -9.84 47.43 17.29
N VAL A 106 -8.97 46.73 17.99
CA VAL A 106 -7.54 47.06 18.00
C VAL A 106 -6.73 46.27 16.93
N VAL A 107 -7.25 46.28 15.70
CA VAL A 107 -6.67 45.59 14.55
C VAL A 107 -5.39 46.30 14.08
N ASN A 108 -4.56 45.50 13.43
CA ASN A 108 -3.32 45.93 12.84
C ASN A 108 -3.15 45.19 11.53
N ARG A 109 -2.96 45.95 10.44
CA ARG A 109 -2.91 45.38 9.11
C ARG A 109 -1.53 44.79 8.69
N GLY A 110 -0.52 44.85 9.55
CA GLY A 110 0.65 43.96 9.39
C GLY A 110 1.98 44.55 9.11
N LEU A 111 2.92 43.63 8.91
CA LEU A 111 4.34 43.97 8.81
C LEU A 111 4.70 44.37 7.41
N ALA A 112 5.78 45.13 7.26
CA ALA A 112 6.51 45.28 6.01
C ALA A 112 7.95 44.81 6.16
N TYR A 113 8.59 44.61 5.00
CA TYR A 113 9.92 44.08 4.93
C TYR A 113 10.76 44.84 3.91
N VAL A 114 12.04 45.03 4.23
CA VAL A 114 13.05 45.46 3.23
C VAL A 114 14.30 44.59 3.33
N PRO A 115 14.88 44.20 2.18
CA PRO A 115 16.09 43.36 2.18
C PRO A 115 17.31 44.20 2.61
N ALA A 116 18.41 43.53 2.91
CA ALA A 116 19.66 44.23 3.27
C ALA A 116 20.20 44.98 2.06
N GLY A 117 21.00 46.02 1.99
CA GLY A 117 20.98 47.22 2.57
C GLY A 117 22.35 47.89 2.58
N GLU A 118 22.59 48.94 1.79
CA GLU A 118 23.51 50.04 2.24
C GLU A 118 23.05 50.61 3.58
N HIS A 119 21.75 50.60 3.75
CA HIS A 119 21.12 50.89 5.00
C HIS A 119 21.31 50.06 6.37
N GLY A 120 21.72 48.85 6.75
CA GLY A 120 22.27 47.73 6.31
C GLY A 120 21.38 46.50 6.49
N PRO A 121 21.22 45.84 7.67
CA PRO A 121 20.57 44.51 7.49
C PRO A 121 19.09 44.53 7.10
N ALA A 122 18.60 43.41 6.58
CA ALA A 122 17.17 43.27 6.25
C ALA A 122 16.35 43.62 7.52
N LYS A 123 15.24 44.32 7.30
CA LYS A 123 14.39 44.81 8.37
C LYS A 123 12.92 44.43 8.21
N ILE A 124 12.26 44.24 9.35
CA ILE A 124 10.82 44.14 9.46
C ILE A 124 10.36 45.46 10.10
N PHE A 125 9.28 46.02 9.53
CA PHE A 125 8.68 47.24 10.05
C PHE A 125 7.30 46.94 10.59
N LEU A 126 7.03 47.55 11.74
CA LEU A 126 5.77 47.38 12.46
C LEU A 126 5.25 48.79 12.80
N ASN A 127 3.99 49.05 12.52
CA ASN A 127 3.28 50.20 13.04
C ASN A 127 2.55 49.77 14.30
N GLN A 128 2.79 50.42 15.43
CA GLN A 128 2.04 50.07 16.67
C GLN A 128 0.77 50.89 16.84
N LEU A 129 -0.23 50.36 17.54
CA LEU A 129 -1.45 51.12 17.73
C LEU A 129 -1.12 52.46 18.36
N ASP A 130 -0.17 52.44 19.31
CA ASP A 130 0.20 53.64 20.04
C ASP A 130 0.95 54.72 19.27
N GLY A 131 1.11 54.56 17.96
CA GLY A 131 1.61 55.60 17.09
C GLY A 131 3.07 55.56 16.72
N HIS A 132 3.78 54.50 17.11
CA HIS A 132 5.20 54.31 16.83
C HIS A 132 5.37 53.48 15.56
N ILE A 133 6.33 53.88 14.76
CA ILE A 133 6.93 53.09 13.68
C ILE A 133 8.26 52.45 14.19
N VAL A 134 8.35 51.14 14.04
CA VAL A 134 9.45 50.34 14.62
C VAL A 134 10.13 49.57 13.51
N ALA A 135 11.47 49.66 13.46
CA ALA A 135 12.31 48.86 12.57
C ALA A 135 13.05 47.78 13.40
N LEU A 136 12.84 46.53 13.01
CA LEU A 136 13.47 45.33 13.61
C LEU A 136 14.40 44.65 12.62
N ASN A 137 15.47 44.06 13.15
CA ASN A 137 16.31 43.21 12.35
C ASN A 137 15.49 41.98 11.93
N ALA A 138 15.40 41.74 10.65
CA ALA A 138 14.55 40.67 10.18
C ALA A 138 15.04 39.28 10.61
N LYS A 139 16.32 39.12 10.87
CA LYS A 139 16.88 37.78 11.26
C LYS A 139 16.94 37.51 12.74
N THR A 140 17.06 38.55 13.54
CA THR A 140 17.28 38.45 14.97
C THR A 140 16.16 39.06 15.82
N GLY A 141 15.32 39.90 15.23
CA GLY A 141 14.30 40.59 16.03
C GLY A 141 14.77 41.79 16.85
N GLU A 142 16.07 42.09 16.86
CA GLU A 142 16.62 43.29 17.57
C GLU A 142 15.93 44.60 17.09
N GLU A 143 15.59 45.47 18.02
CA GLU A 143 14.98 46.75 17.71
C GLU A 143 16.08 47.62 17.17
N ILE A 144 15.96 48.13 15.97
CA ILE A 144 16.99 48.99 15.37
C ILE A 144 16.71 50.49 15.60
N TRP A 145 15.49 50.89 15.35
CA TRP A 145 15.05 52.26 15.62
C TRP A 145 13.56 52.30 15.83
N LYS A 146 13.12 53.35 16.49
CA LYS A 146 11.69 53.54 16.79
C LYS A 146 11.38 55.02 16.87
N MET A 147 10.37 55.49 16.16
CA MET A 147 10.03 56.91 16.12
C MET A 147 8.55 57.10 16.45
N GLU A 148 8.20 58.28 16.96
CA GLU A 148 6.77 58.62 17.22
C GLU A 148 6.11 59.25 16.00
N ASN A 149 5.12 58.60 15.42
CA ASN A 149 4.39 59.19 14.33
C ASN A 149 3.10 59.87 14.78
N SER A 150 2.35 59.22 15.66
CA SER A 150 0.99 59.58 16.06
C SER A 150 0.85 59.58 17.57
N ASP A 151 0.05 60.50 18.07
CA ASP A 151 -0.15 60.68 19.50
C ASP A 151 -1.58 60.26 19.99
N ILE A 152 -1.64 59.18 20.74
CA ILE A 152 -2.93 58.62 21.23
C ILE A 152 -3.66 59.63 22.12
N ALA A 153 -2.95 60.57 22.71
CA ALA A 153 -3.61 61.64 23.51
C ALA A 153 -4.51 62.51 22.65
N MET A 154 -4.19 62.62 21.37
CA MET A 154 -5.08 63.31 20.41
C MET A 154 -6.07 62.43 19.73
N GLY A 155 -6.23 61.18 20.19
CA GLY A 155 -7.01 60.22 19.48
C GLY A 155 -6.42 59.65 18.21
N SER A 156 -5.11 59.79 18.02
CA SER A 156 -4.41 59.44 16.76
C SER A 156 -3.60 58.14 16.99
N THR A 157 -3.93 57.11 16.22
CA THR A 157 -3.34 55.80 16.34
C THR A 157 -2.74 55.40 14.96
N LEU A 158 -2.17 54.18 14.90
CA LEU A 158 -1.88 53.58 13.65
C LEU A 158 -2.55 52.21 13.56
N THR A 159 -3.10 51.90 12.42
CA THR A 159 -3.64 50.58 12.13
C THR A 159 -3.24 50.00 10.75
N GLY A 160 -3.02 50.85 9.76
CA GLY A 160 -2.49 50.46 8.45
C GLY A 160 -1.02 49.99 8.46
N ALA A 161 -0.69 49.03 7.59
CA ALA A 161 0.67 48.51 7.48
C ALA A 161 1.63 49.55 6.97
N PRO A 162 2.89 49.46 7.40
CA PRO A 162 3.93 50.31 6.73
C PRO A 162 4.13 49.86 5.26
N PHE A 163 4.75 50.73 4.46
CA PHE A 163 4.97 50.45 3.06
C PHE A 163 6.34 50.89 2.65
N VAL A 164 7.17 49.98 2.13
CA VAL A 164 8.55 50.28 1.81
C VAL A 164 8.69 50.64 0.35
N VAL A 165 9.29 51.78 0.09
CA VAL A 165 9.57 52.28 -1.27
C VAL A 165 10.99 52.86 -1.29
N LYS A 166 11.82 52.36 -2.20
CA LYS A 166 13.29 52.66 -2.18
C LYS A 166 13.93 52.59 -0.83
N ASP A 167 14.47 53.69 -0.34
CA ASP A 167 15.06 53.77 1.00
C ASP A 167 14.13 54.40 2.06
N LYS A 168 12.82 54.37 1.81
CA LYS A 168 11.85 54.97 2.73
C LYS A 168 10.82 53.94 3.22
N VAL A 169 10.30 54.18 4.38
CA VAL A 169 9.11 53.45 4.81
C VAL A 169 8.02 54.49 5.10
N LEU A 170 6.88 54.30 4.50
CA LEU A 170 5.71 55.18 4.65
C LEU A 170 4.80 54.69 5.77
N VAL A 171 4.35 55.63 6.59
CA VAL A 171 3.50 55.37 7.76
C VAL A 171 2.25 56.26 7.59
N GLY A 172 1.06 55.67 7.67
CA GLY A 172 -0.17 56.41 7.52
C GLY A 172 -0.62 57.06 8.82
N SER A 173 -1.92 57.07 9.00
CA SER A 173 -2.57 57.74 10.14
C SER A 173 -3.90 57.05 10.38
N ALA A 174 -4.49 57.36 11.54
CA ALA A 174 -5.80 56.87 11.86
C ALA A 174 -6.37 57.72 13.01
N GLY A 175 -7.70 57.71 13.10
CA GLY A 175 -8.41 58.50 14.08
C GLY A 175 -9.36 59.59 13.53
N ALA A 176 -9.85 59.45 12.30
CA ALA A 176 -10.82 60.40 11.74
C ALA A 176 -12.12 60.46 12.58
N GLU A 177 -12.46 59.34 13.24
CA GLU A 177 -13.60 59.30 14.20
C GLU A 177 -13.37 60.13 15.48
N LEU A 178 -12.13 60.59 15.66
CA LEU A 178 -11.70 61.50 16.72
C LEU A 178 -11.15 62.84 16.25
N GLY A 179 -11.47 63.24 15.02
CA GLY A 179 -11.05 64.53 14.50
C GLY A 179 -9.58 64.66 14.20
N VAL A 180 -8.94 63.54 13.91
CA VAL A 180 -7.50 63.59 13.53
C VAL A 180 -7.39 64.03 12.09
N ARG A 181 -6.63 65.08 11.83
CA ARG A 181 -6.31 65.51 10.46
C ARG A 181 -5.25 64.57 9.88
N GLY A 182 -5.58 63.96 8.76
CA GLY A 182 -4.78 62.92 8.16
C GLY A 182 -3.44 63.38 7.66
N TYR A 183 -2.47 62.48 7.76
CA TYR A 183 -1.16 62.74 7.17
C TYR A 183 -0.46 61.40 6.93
N VAL A 184 0.33 61.36 5.89
CA VAL A 184 1.21 60.25 5.56
C VAL A 184 2.63 60.75 5.66
N THR A 185 3.53 59.88 6.14
CA THR A 185 4.92 60.26 6.44
C THR A 185 5.88 59.23 5.85
N ALA A 186 6.96 59.72 5.26
CA ALA A 186 8.07 58.88 4.81
C ALA A 186 9.22 59.04 5.79
N TYR A 187 9.75 57.91 6.25
CA TYR A 187 10.94 57.86 7.08
C TYR A 187 12.07 57.13 6.35
N ASN A 188 13.32 57.59 6.53
CA ASN A 188 14.47 56.89 5.98
C ASN A 188 14.68 55.57 6.72
N ILE A 189 14.83 54.48 5.96
CA ILE A 189 14.94 53.14 6.58
C ILE A 189 16.20 52.92 7.40
N LYS A 190 17.28 53.66 7.11
CA LYS A 190 18.52 53.57 7.86
C LYS A 190 18.45 54.10 9.29
N ASP A 191 17.91 55.28 9.48
CA ASP A 191 17.95 55.89 10.79
C ASP A 191 16.62 56.37 11.32
N GLY A 192 15.55 56.16 10.56
CA GLY A 192 14.24 56.66 11.00
C GLY A 192 14.03 58.16 10.81
N LYS A 193 14.87 58.82 10.02
CA LYS A 193 14.71 60.25 9.81
C LYS A 193 13.50 60.58 8.97
N GLN A 194 12.66 61.48 9.43
CA GLN A 194 11.50 61.89 8.63
C GLN A 194 11.95 62.63 7.39
N GLU A 195 11.53 62.15 6.24
CA GLU A 195 11.91 62.76 4.94
C GLU A 195 10.87 63.72 4.41
N TRP A 196 9.61 63.35 4.54
CA TRP A 196 8.50 64.21 4.13
C TRP A 196 7.17 63.76 4.79
N ARG A 197 6.21 64.68 4.82
CA ARG A 197 4.93 64.45 5.50
C ARG A 197 3.91 65.25 4.78
N ALA A 198 2.85 64.57 4.28
CA ALA A 198 1.85 65.19 3.46
C ALA A 198 0.51 65.05 4.16
N TYR A 199 -0.10 66.18 4.44
CA TYR A 199 -1.41 66.22 5.07
C TYR A 199 -2.52 66.18 4.01
N ALA A 200 -3.69 65.78 4.48
CA ALA A 200 -4.86 65.59 3.65
C ALA A 200 -5.78 66.82 3.51
N THR A 201 -5.60 67.81 4.38
CA THR A 201 -6.43 69.03 4.36
C THR A 201 -5.47 70.19 4.72
N GLY A 202 -5.94 71.42 4.46
CA GLY A 202 -5.25 72.59 4.93
C GLY A 202 -4.47 73.28 3.80
N PRO A 203 -3.52 74.11 4.17
CA PRO A 203 -2.80 74.89 3.15
C PRO A 203 -1.99 74.02 2.19
N ASP A 204 -1.77 74.56 1.00
CA ASP A 204 -1.10 73.83 -0.04
C ASP A 204 0.28 73.35 0.41
N GLU A 205 1.02 74.13 1.21
CA GLU A 205 2.33 73.64 1.59
C GLU A 205 2.23 72.37 2.46
N ASP A 206 1.15 72.22 3.24
CA ASP A 206 0.92 71.01 4.04
C ASP A 206 0.50 69.84 3.19
N LEU A 207 -0.31 70.09 2.17
CA LEU A 207 -0.77 69.01 1.26
C LEU A 207 0.37 68.38 0.44
N LEU A 208 1.41 69.16 0.20
CA LEU A 208 2.61 68.73 -0.54
C LEU A 208 2.25 68.43 -1.95
N LEU A 209 2.08 69.52 -2.72
CA LEU A 209 1.64 69.44 -4.10
C LEU A 209 2.77 69.73 -5.09
N ASP A 210 2.80 68.99 -6.20
CA ASP A 210 3.71 69.29 -7.30
C ASP A 210 3.24 70.62 -7.97
N LYS A 211 4.18 71.38 -8.51
CA LYS A 211 3.79 72.60 -9.28
C LYS A 211 2.82 72.23 -10.41
N ASP A 212 2.97 71.02 -10.98
CA ASP A 212 2.08 70.52 -12.05
C ASP A 212 0.89 69.64 -11.51
N PHE A 213 0.51 69.84 -10.28
CA PHE A 213 -0.57 69.05 -9.65
C PHE A 213 -1.85 69.18 -10.48
N ASN A 214 -2.38 68.04 -10.90
CA ASN A 214 -3.58 67.92 -11.68
C ASN A 214 -3.54 68.70 -13.00
N LYS A 215 -2.35 68.78 -13.61
CA LYS A 215 -2.19 69.43 -14.91
C LYS A 215 -3.03 68.73 -15.95
N ASP A 216 -3.06 67.41 -15.88
CA ASP A 216 -3.82 66.61 -16.82
C ASP A 216 -5.34 66.71 -16.68
N ASN A 217 -5.83 67.03 -15.48
CA ASN A 217 -7.26 67.09 -15.17
C ASN A 217 -7.51 68.28 -14.24
N PRO A 218 -7.36 69.49 -14.77
CA PRO A 218 -7.49 70.70 -13.93
C PRO A 218 -8.93 70.85 -13.38
N HIS A 219 -9.90 70.18 -14.03
CA HIS A 219 -11.27 70.16 -13.54
C HIS A 219 -11.45 69.38 -12.22
N TYR A 220 -10.43 68.57 -11.83
CA TYR A 220 -10.45 67.96 -10.50
C TYR A 220 -10.29 69.02 -9.39
N GLY A 221 -9.75 70.19 -9.72
CA GLY A 221 -9.26 71.08 -8.72
C GLY A 221 -7.75 71.09 -8.60
N GLN A 222 -7.20 72.28 -8.34
CA GLN A 222 -5.77 72.41 -8.19
C GLN A 222 -5.41 73.06 -6.90
N PHE A 223 -5.07 74.34 -6.84
CA PHE A 223 -4.47 74.93 -5.64
C PHE A 223 -5.50 75.61 -4.76
N GLY A 224 -5.23 75.69 -3.47
CA GLY A 224 -6.02 76.43 -2.48
C GLY A 224 -7.24 75.71 -1.94
N LEU A 225 -7.56 74.52 -2.47
CA LEU A 225 -8.77 73.84 -2.14
C LEU A 225 -8.76 73.18 -0.75
N GLY A 226 -7.59 72.84 -0.20
CA GLY A 226 -7.56 72.28 1.14
C GLY A 226 -7.94 73.31 2.20
N LEU A 227 -8.03 74.59 1.80
CA LEU A 227 -8.58 75.68 2.67
C LEU A 227 -9.93 76.17 2.15
N SER A 228 -10.04 76.43 0.85
CA SER A 228 -11.24 77.05 0.33
C SER A 228 -12.49 76.15 0.35
N THR A 229 -12.34 74.81 0.49
CA THR A 229 -13.51 73.93 0.58
C THR A 229 -13.88 73.57 2.01
N TRP A 230 -13.39 74.35 2.97
CA TRP A 230 -13.78 74.25 4.34
C TRP A 230 -14.16 75.67 4.80
N GLU A 231 -14.94 75.76 5.85
CA GLU A 231 -15.30 77.05 6.48
C GLU A 231 -14.33 77.31 7.63
N GLY A 232 -13.55 78.35 7.52
CA GLY A 232 -12.65 78.68 8.57
C GLY A 232 -11.61 77.59 8.83
N ASP A 233 -11.37 77.32 10.11
CA ASP A 233 -10.34 76.37 10.56
C ASP A 233 -10.89 74.95 10.76
N ALA A 234 -12.03 74.61 10.20
CA ALA A 234 -12.61 73.28 10.43
C ALA A 234 -11.67 72.20 9.82
N TRP A 235 -10.85 72.54 8.83
CA TRP A 235 -9.84 71.60 8.25
C TRP A 235 -8.83 71.06 9.27
N LYS A 236 -8.60 71.80 10.38
CA LYS A 236 -7.58 71.39 11.35
C LYS A 236 -7.90 70.08 12.05
N ILE A 237 -9.19 69.73 12.06
CA ILE A 237 -9.67 68.51 12.72
C ILE A 237 -10.44 67.68 11.70
N GLY A 238 -10.02 67.75 10.44
CA GLY A 238 -10.91 67.49 9.35
C GLY A 238 -10.79 66.10 8.74
N GLY A 239 -10.11 65.17 9.42
CA GLY A 239 -10.08 63.81 8.93
C GLY A 239 -9.16 63.61 7.74
N GLY A 240 -9.46 62.62 6.92
CA GLY A 240 -8.56 62.36 5.81
C GLY A 240 -7.36 61.44 6.16
N THR A 241 -7.43 60.76 7.32
CA THR A 241 -6.43 59.76 7.72
C THR A 241 -6.34 58.66 6.66
N ASN A 242 -5.15 58.12 6.48
CA ASN A 242 -4.90 57.02 5.52
C ASN A 242 -4.41 55.76 6.26
N TRP A 243 -5.36 54.84 6.43
CA TRP A 243 -5.15 53.61 7.16
C TRP A 243 -5.27 52.32 6.33
N GLY A 244 -5.35 52.46 5.00
CA GLY A 244 -5.51 51.34 4.09
C GLY A 244 -4.15 51.03 3.44
N TRP A 245 -4.17 50.88 2.14
CA TRP A 245 -3.09 50.25 1.39
C TRP A 245 -2.54 51.16 0.31
N TYR A 246 -1.34 50.84 -0.13
CA TYR A 246 -0.63 51.60 -1.16
C TYR A 246 -0.29 50.73 -2.33
N ALA A 247 -0.01 51.39 -3.44
CA ALA A 247 0.66 50.80 -4.56
C ALA A 247 1.76 51.69 -5.06
N TYR A 248 2.64 51.13 -5.91
CA TYR A 248 3.81 51.89 -6.38
C TYR A 248 4.14 51.42 -7.78
N ASP A 249 4.43 52.40 -8.67
CA ASP A 249 4.83 52.13 -10.06
C ASP A 249 6.29 52.61 -10.13
N PRO A 250 7.25 51.67 -10.16
CA PRO A 250 8.65 52.08 -10.18
C PRO A 250 9.11 52.86 -11.40
N LYS A 251 8.51 52.59 -12.55
CA LYS A 251 8.80 53.26 -13.80
C LYS A 251 8.42 54.78 -13.76
N LEU A 252 7.27 55.08 -13.17
CA LEU A 252 6.82 56.45 -12.95
C LEU A 252 7.30 57.05 -11.65
N ASP A 253 7.86 56.20 -10.77
CA ASP A 253 8.29 56.52 -9.40
C ASP A 253 7.15 57.24 -8.60
N MET A 254 5.95 56.65 -8.67
CA MET A 254 4.73 57.22 -8.06
C MET A 254 4.09 56.22 -7.09
N ILE A 255 3.66 56.73 -5.96
CA ILE A 255 2.95 56.02 -4.91
C ILE A 255 1.49 56.38 -4.94
N TYR A 256 0.59 55.41 -4.77
CA TYR A 256 -0.84 55.64 -4.87
C TYR A 256 -1.48 55.19 -3.54
N TYR A 257 -2.41 55.98 -3.04
CA TYR A 257 -3.19 55.62 -1.87
C TYR A 257 -4.40 56.54 -1.83
N GLY A 258 -5.35 56.21 -0.96
CA GLY A 258 -6.59 56.98 -0.69
C GLY A 258 -6.60 57.59 0.69
N SER A 259 -7.05 58.85 0.78
CA SER A 259 -7.31 59.48 2.04
C SER A 259 -8.75 59.26 2.45
N GLY A 260 -8.92 59.26 3.77
CA GLY A 260 -10.11 58.85 4.40
C GLY A 260 -11.17 59.93 4.54
N ASN A 261 -12.16 59.61 5.34
CA ASN A 261 -13.34 60.49 5.46
C ASN A 261 -13.05 61.79 6.18
N PRO A 262 -13.82 62.83 5.89
CA PRO A 262 -13.73 64.05 6.68
C PRO A 262 -14.42 63.86 8.04
N ALA A 263 -13.97 64.64 9.00
CA ALA A 263 -14.53 64.66 10.37
C ALA A 263 -15.27 65.99 10.63
N PRO A 264 -16.35 66.01 11.41
CA PRO A 264 -17.00 64.86 11.99
C PRO A 264 -17.88 64.15 10.99
N TRP A 265 -18.54 63.05 11.40
CA TRP A 265 -19.49 62.40 10.47
C TRP A 265 -20.65 63.29 10.15
N ASN A 266 -20.98 64.18 11.09
CA ASN A 266 -22.07 65.17 10.91
C ASN A 266 -21.69 66.19 9.87
N GLU A 267 -22.27 65.98 8.68
CA GLU A 267 -21.98 66.79 7.47
C GLU A 267 -22.32 68.29 7.62
N THR A 268 -23.28 68.56 8.47
CA THR A 268 -23.81 69.90 8.63
C THR A 268 -22.81 70.80 9.36
N MET A 269 -21.98 70.20 10.21
CA MET A 269 -20.90 70.92 10.87
C MET A 269 -19.70 71.30 10.00
N ARG A 270 -19.64 70.82 8.74
CA ARG A 270 -18.45 71.10 7.92
C ARG A 270 -18.86 71.34 6.50
N PRO A 271 -19.56 72.46 6.27
CA PRO A 271 -19.90 72.71 4.89
C PRO A 271 -18.67 72.85 4.00
N GLY A 272 -18.85 72.42 2.77
CA GLY A 272 -17.85 72.55 1.71
C GLY A 272 -17.42 71.15 1.15
N ASP A 273 -16.70 71.14 0.04
CA ASP A 273 -16.17 69.90 -0.56
C ASP A 273 -15.26 69.10 0.37
N ASN A 274 -14.67 69.76 1.37
CA ASN A 274 -13.83 69.08 2.36
C ASN A 274 -12.55 68.43 1.72
N LYS A 275 -11.95 69.11 0.73
CA LYS A 275 -10.79 68.54 0.04
C LYS A 275 -9.59 68.63 1.02
N TRP A 276 -8.67 67.66 0.95
CA TRP A 276 -8.64 66.57 0.03
C TRP A 276 -8.81 65.23 0.82
N THR A 277 -9.89 65.17 1.58
CA THR A 277 -10.40 63.95 2.15
C THR A 277 -10.93 63.19 0.95
N MET A 278 -11.12 61.90 1.09
CA MET A 278 -11.78 61.07 0.04
C MET A 278 -11.14 61.11 -1.31
N THR A 279 -9.82 61.14 -1.31
CA THR A 279 -9.05 61.43 -2.52
C THR A 279 -8.09 60.31 -2.90
N ILE A 280 -8.09 60.00 -4.19
CA ILE A 280 -7.11 59.10 -4.80
C ILE A 280 -5.86 59.93 -5.20
N TRP A 281 -4.74 59.66 -4.54
CA TRP A 281 -3.50 60.39 -4.76
C TRP A 281 -2.48 59.60 -5.60
N GLY A 282 -1.71 60.35 -6.41
CA GLY A 282 -0.47 59.87 -7.09
C GLY A 282 0.65 60.81 -6.67
N ARG A 283 1.52 60.36 -5.76
CA ARG A 283 2.61 61.22 -5.24
C ARG A 283 3.97 60.73 -5.70
N ASP A 284 4.84 61.67 -6.02
CA ASP A 284 6.25 61.35 -6.30
C ASP A 284 6.87 60.67 -5.08
N ALA A 285 7.59 59.57 -5.28
CA ALA A 285 8.23 58.83 -4.15
C ALA A 285 9.25 59.62 -3.30
N ASP A 286 10.14 60.36 -3.94
CA ASP A 286 11.26 61.06 -3.21
C ASP A 286 10.78 62.24 -2.42
N THR A 287 9.88 63.02 -3.05
CA THR A 287 9.52 64.30 -2.51
C THR A 287 8.15 64.23 -1.83
N GLY A 288 7.34 63.23 -2.15
CA GLY A 288 5.92 63.15 -1.64
C GLY A 288 4.92 64.09 -2.35
N ARG A 289 5.39 64.79 -3.39
CA ARG A 289 4.58 65.82 -4.05
C ARG A 289 3.56 65.18 -4.94
N ALA A 290 2.30 65.55 -4.74
CA ALA A 290 1.22 65.01 -5.51
C ALA A 290 1.23 65.53 -6.94
N LYS A 291 1.21 64.58 -7.85
CA LYS A 291 1.09 64.81 -9.24
C LYS A 291 -0.35 64.77 -9.67
N PHE A 292 -1.16 63.95 -9.03
CA PHE A 292 -2.60 64.05 -9.20
C PHE A 292 -3.31 63.70 -7.92
N GLY A 293 -4.55 64.13 -7.88
CA GLY A 293 -5.44 63.92 -6.75
C GLY A 293 -6.88 64.01 -7.24
N TYR A 294 -7.62 62.92 -7.14
CA TYR A 294 -9.00 62.87 -7.55
C TYR A 294 -9.92 62.68 -6.34
N GLN A 295 -10.82 63.61 -6.10
CA GLN A 295 -11.72 63.47 -4.93
C GLN A 295 -12.93 62.64 -5.35
N LYS A 296 -13.03 61.43 -4.84
CA LYS A 296 -14.15 60.52 -5.22
C LYS A 296 -15.52 60.97 -4.61
N THR A 297 -15.47 61.46 -3.37
CA THR A 297 -16.67 61.67 -2.56
C THR A 297 -16.52 63.07 -1.93
N PRO A 298 -16.82 64.12 -2.72
CA PRO A 298 -16.85 65.50 -2.19
C PRO A 298 -17.86 65.61 -1.11
N HIS A 299 -17.49 66.37 -0.06
CA HIS A 299 -18.41 66.63 1.04
C HIS A 299 -19.11 65.36 1.53
N ASP A 300 -18.31 64.44 2.03
CA ASP A 300 -18.90 63.16 2.42
C ASP A 300 -20.05 63.30 3.45
N GLU A 301 -21.07 62.51 3.26
CA GLU A 301 -22.26 62.50 4.14
C GLU A 301 -22.48 61.13 4.76
N TRP A 302 -21.55 60.19 4.52
CA TRP A 302 -21.86 58.76 4.76
C TRP A 302 -20.68 57.94 5.40
N ASP A 303 -19.58 58.61 5.79
CA ASP A 303 -18.32 57.97 6.13
C ASP A 303 -17.92 56.91 5.10
N TYR A 304 -17.89 57.26 3.82
CA TYR A 304 -17.32 56.36 2.80
C TYR A 304 -15.77 56.47 2.75
N ALA A 305 -15.15 56.29 3.91
CA ALA A 305 -13.69 56.54 4.05
C ALA A 305 -12.90 55.95 2.88
N GLY A 306 -12.19 56.84 2.19
CA GLY A 306 -11.58 56.52 0.94
C GLY A 306 -10.21 55.77 0.93
N VAL A 307 -10.04 54.81 1.84
CA VAL A 307 -8.76 54.21 2.13
C VAL A 307 -8.53 52.83 1.44
N ASN A 308 -9.50 52.37 0.63
CA ASN A 308 -9.39 51.00 0.13
C ASN A 308 -8.21 50.77 -0.81
N TYR A 309 -7.93 49.50 -1.15
CA TYR A 309 -6.70 49.20 -1.86
C TYR A 309 -6.69 49.75 -3.28
N MET A 310 -5.47 49.84 -3.82
CA MET A 310 -5.24 50.28 -5.19
C MET A 310 -4.60 49.10 -5.92
N GLY A 311 -5.26 48.56 -6.96
CA GLY A 311 -4.72 47.43 -7.71
C GLY A 311 -4.29 47.89 -9.10
N LEU A 312 -2.99 47.78 -9.42
CA LEU A 312 -2.45 48.26 -10.70
C LEU A 312 -2.53 47.15 -11.77
N SER A 313 -2.81 47.56 -13.00
CA SER A 313 -2.86 46.59 -14.13
C SER A 313 -2.55 47.39 -15.43
N GLU A 314 -2.44 46.68 -16.55
CA GLU A 314 -2.16 47.34 -17.84
C GLU A 314 -3.16 46.74 -18.74
N GLN A 315 -4.14 47.52 -19.21
CA GLN A 315 -5.23 46.99 -19.96
C GLN A 315 -5.54 47.94 -21.13
N GLU A 316 -6.21 47.41 -22.14
CA GLU A 316 -6.67 48.24 -23.28
C GLU A 316 -7.82 49.16 -22.94
N VAL A 317 -7.66 50.45 -23.22
CA VAL A 317 -8.70 51.45 -23.08
C VAL A 317 -8.84 52.05 -24.48
N ASP A 318 -9.97 51.74 -25.11
CA ASP A 318 -10.26 52.13 -26.53
C ASP A 318 -9.11 51.68 -27.42
N GLY A 319 -8.78 50.42 -27.30
CA GLY A 319 -7.72 49.80 -28.08
C GLY A 319 -6.27 50.16 -27.76
N LYS A 320 -6.02 51.05 -26.80
CA LYS A 320 -4.65 51.41 -26.46
C LYS A 320 -4.26 50.86 -25.07
N LEU A 321 -3.16 50.13 -25.00
CA LEU A 321 -2.68 49.54 -23.75
C LEU A 321 -2.24 50.64 -22.81
N THR A 322 -2.85 50.67 -21.62
CA THR A 322 -2.74 51.84 -20.73
C THR A 322 -2.37 51.40 -19.31
N PRO A 323 -1.45 52.12 -18.61
CA PRO A 323 -1.17 51.82 -17.17
C PRO A 323 -2.29 52.36 -16.32
N LEU A 324 -2.91 51.46 -15.57
CA LEU A 324 -4.06 51.76 -14.75
C LEU A 324 -3.91 51.51 -13.26
N LEU A 325 -4.77 52.16 -12.47
CA LEU A 325 -5.14 51.75 -11.12
C LEU A 325 -6.64 51.48 -11.07
N THR A 326 -7.05 50.50 -10.23
CA THR A 326 -8.39 50.15 -10.01
C THR A 326 -8.57 50.16 -8.49
N HIS A 327 -9.73 50.66 -8.06
CA HIS A 327 -9.91 51.01 -6.66
C HIS A 327 -11.39 50.90 -6.29
N PRO A 328 -11.79 49.78 -5.59
CA PRO A 328 -13.16 49.57 -5.16
C PRO A 328 -13.40 50.35 -3.87
N ASP A 329 -14.09 51.47 -3.97
CA ASP A 329 -14.22 52.35 -2.82
C ASP A 329 -15.34 51.90 -1.89
N ARG A 330 -15.28 52.34 -0.62
CA ARG A 330 -16.45 52.22 0.29
C ARG A 330 -17.78 52.74 -0.28
N ASN A 331 -17.73 53.82 -1.06
CA ASN A 331 -18.91 54.43 -1.65
C ASN A 331 -19.64 53.54 -2.68
N GLY A 332 -19.12 52.34 -2.95
CA GLY A 332 -19.80 51.42 -3.84
C GLY A 332 -19.48 51.58 -5.30
N LEU A 333 -18.60 52.51 -5.62
CA LEU A 333 -18.06 52.61 -6.98
C LEU A 333 -16.71 51.97 -7.12
N VAL A 334 -16.45 51.39 -8.29
CA VAL A 334 -15.12 50.85 -8.65
C VAL A 334 -14.50 51.86 -9.62
N TYR A 335 -13.41 52.51 -9.21
CA TYR A 335 -12.74 53.51 -9.97
C TYR A 335 -11.59 52.88 -10.72
N THR A 336 -11.42 53.25 -11.98
CA THR A 336 -10.22 52.93 -12.74
C THR A 336 -9.74 54.18 -13.34
N LEU A 337 -8.51 54.56 -13.00
CA LEU A 337 -7.86 55.73 -13.53
C LEU A 337 -6.59 55.36 -14.28
N ASN A 338 -6.22 56.21 -15.21
CA ASN A 338 -4.86 56.20 -15.78
C ASN A 338 -3.91 56.60 -14.69
N ARG A 339 -2.94 55.72 -14.36
CA ARG A 339 -2.13 55.93 -13.19
C ARG A 339 -0.93 56.83 -13.47
N GLU A 340 -0.77 57.24 -14.72
CA GLU A 340 0.22 58.27 -15.05
C GLU A 340 -0.41 59.68 -14.99
N THR A 341 -1.56 59.86 -15.63
CA THR A 341 -2.19 61.19 -15.73
C THR A 341 -3.29 61.46 -14.68
N GLY A 342 -3.80 60.41 -14.07
CA GLY A 342 -4.92 60.54 -13.19
C GLY A 342 -6.27 60.63 -13.86
N ALA A 343 -6.33 60.55 -15.18
CA ALA A 343 -7.59 60.63 -15.90
C ALA A 343 -8.53 59.49 -15.52
N LEU A 344 -9.80 59.83 -15.38
CA LEU A 344 -10.81 58.84 -15.11
C LEU A 344 -11.15 58.01 -16.32
N VAL A 345 -11.08 56.68 -16.21
CA VAL A 345 -11.44 55.75 -17.24
C VAL A 345 -12.83 55.17 -17.03
N ASN A 346 -13.15 54.74 -15.82
CA ASN A 346 -14.44 54.27 -15.45
C ASN A 346 -14.64 54.42 -13.98
N ALA A 347 -15.90 54.48 -13.62
CA ALA A 347 -16.37 54.51 -12.27
C ALA A 347 -17.75 53.85 -12.29
N PHE A 348 -17.81 52.56 -12.01
CA PHE A 348 -19.08 51.84 -12.07
C PHE A 348 -19.50 51.32 -10.71
N LYS A 349 -20.81 51.08 -10.55
CA LYS A 349 -21.35 50.54 -9.32
C LYS A 349 -20.97 49.07 -9.10
N ILE A 350 -20.41 48.73 -7.94
CA ILE A 350 -20.05 47.41 -7.61
C ILE A 350 -21.25 46.47 -7.39
N ASP A 351 -22.40 47.07 -7.11
CA ASP A 351 -23.68 46.42 -7.03
C ASP A 351 -24.68 47.49 -7.40
N ASP A 352 -25.71 47.12 -8.14
CA ASP A 352 -26.61 48.11 -8.72
C ASP A 352 -27.51 48.84 -7.68
N THR A 353 -27.53 48.39 -6.45
CA THR A 353 -28.29 49.00 -5.39
C THR A 353 -27.68 50.26 -4.77
N VAL A 354 -26.45 50.61 -5.09
CA VAL A 354 -25.86 51.90 -4.63
C VAL A 354 -26.78 53.06 -4.99
N ASN A 355 -27.11 53.91 -4.03
CA ASN A 355 -28.24 54.90 -4.30
C ASN A 355 -27.88 56.33 -3.87
N TRP A 356 -26.74 56.52 -3.17
CA TRP A 356 -26.37 57.90 -2.82
C TRP A 356 -26.06 58.72 -4.02
N VAL A 357 -25.61 58.06 -5.09
CA VAL A 357 -25.10 58.62 -6.33
C VAL A 357 -25.94 57.96 -7.40
N LYS A 358 -26.36 58.75 -8.41
CA LYS A 358 -27.10 58.18 -9.56
C LYS A 358 -26.09 57.53 -10.46
N LYS A 359 -25.10 58.32 -10.87
CA LYS A 359 -23.95 57.90 -11.65
C LYS A 359 -22.85 58.92 -11.48
N VAL A 360 -21.62 58.50 -11.84
CA VAL A 360 -20.52 59.44 -11.98
C VAL A 360 -20.49 59.93 -13.44
N ASP A 361 -20.54 61.23 -13.64
CA ASP A 361 -20.31 61.76 -15.00
C ASP A 361 -18.77 61.69 -15.27
N LEU A 362 -18.39 60.87 -16.23
CA LEU A 362 -16.95 60.57 -16.48
C LEU A 362 -16.21 61.77 -17.07
N LYS A 363 -16.91 62.62 -17.82
CA LYS A 363 -16.28 63.85 -18.36
C LYS A 363 -16.00 64.90 -17.31
N THR A 364 -16.95 65.14 -16.40
CA THR A 364 -16.75 66.13 -15.30
C THR A 364 -16.03 65.54 -14.10
N GLY A 365 -16.12 64.24 -14.01
CA GLY A 365 -15.52 63.53 -12.87
C GLY A 365 -16.38 63.57 -11.62
N LEU A 366 -17.63 64.08 -11.74
CA LEU A 366 -18.43 64.38 -10.56
C LEU A 366 -19.49 63.34 -10.31
N PRO A 367 -19.63 62.90 -9.06
CA PRO A 367 -20.71 62.03 -8.78
C PRO A 367 -21.99 62.84 -8.66
N ILE A 368 -23.00 62.41 -9.40
CA ILE A 368 -24.32 63.09 -9.39
C ILE A 368 -25.14 62.56 -8.23
N ARG A 369 -25.30 63.40 -7.26
CA ARG A 369 -25.88 63.00 -5.95
C ARG A 369 -27.41 62.84 -6.05
N ASP A 370 -27.98 61.87 -5.32
CA ASP A 370 -29.40 61.76 -5.21
C ASP A 370 -29.80 62.34 -3.87
N PRO A 371 -30.43 63.53 -3.87
CA PRO A 371 -30.77 64.09 -2.55
C PRO A 371 -31.69 63.27 -1.67
N GLU A 372 -32.46 62.34 -2.23
CA GLU A 372 -33.23 61.42 -1.43
C GLU A 372 -32.38 60.56 -0.44
N TYR A 373 -31.08 60.39 -0.68
CA TYR A 373 -30.18 59.55 0.14
C TYR A 373 -29.02 60.36 0.71
N SER A 374 -29.22 61.68 0.79
CA SER A 374 -28.30 62.57 1.50
C SER A 374 -28.46 62.40 3.02
N THR A 375 -27.49 62.89 3.79
CA THR A 375 -27.67 63.02 5.21
C THR A 375 -27.51 64.49 5.59
N ARG A 376 -28.10 64.83 6.75
CA ARG A 376 -28.25 66.23 7.17
C ARG A 376 -28.87 66.32 8.57
N MET A 377 -28.48 67.33 9.31
CA MET A 377 -29.10 67.59 10.59
C MET A 377 -30.62 67.66 10.51
N ASP A 378 -31.24 67.21 11.58
CA ASP A 378 -32.69 67.25 11.84
C ASP A 378 -33.44 66.38 10.85
N HIS A 379 -32.79 65.30 10.35
CA HIS A 379 -33.43 64.38 9.48
C HIS A 379 -32.84 62.99 9.78
N ASN A 380 -33.71 61.97 9.87
CA ASN A 380 -33.29 60.59 9.87
C ASN A 380 -33.39 60.05 8.46
N ALA A 381 -32.24 59.89 7.80
CA ALA A 381 -32.20 59.43 6.44
C ALA A 381 -32.30 57.92 6.43
N LYS A 382 -33.14 57.38 5.56
CA LYS A 382 -33.42 55.98 5.61
C LYS A 382 -33.05 55.29 4.32
N GLY A 383 -32.54 54.06 4.42
CA GLY A 383 -32.30 53.24 3.27
C GLY A 383 -31.16 53.62 2.35
N ILE A 384 -30.06 54.14 2.87
CA ILE A 384 -28.96 54.57 2.03
C ILE A 384 -28.07 53.32 1.78
N CYS A 385 -27.69 53.11 0.53
CA CYS A 385 -26.75 52.08 0.16
C CYS A 385 -25.55 52.74 -0.59
N PRO A 386 -24.30 52.46 -0.21
CA PRO A 386 -23.93 51.61 0.92
C PRO A 386 -24.08 52.26 2.29
N SER A 387 -24.02 51.45 3.36
CA SER A 387 -23.75 51.93 4.70
C SER A 387 -22.35 52.46 4.82
N ALA A 388 -22.03 53.04 5.98
CA ALA A 388 -20.71 53.53 6.24
C ALA A 388 -19.63 52.41 6.22
N MET A 389 -20.05 51.15 6.44
CA MET A 389 -19.13 49.98 6.30
C MET A 389 -18.68 49.71 4.86
N GLY A 390 -19.43 50.28 3.92
CA GLY A 390 -19.12 50.30 2.51
C GLY A 390 -19.67 49.07 1.82
N TYR A 391 -19.79 49.12 0.51
CA TYR A 391 -19.90 47.88 -0.28
C TYR A 391 -18.53 47.22 -0.51
N HIS A 392 -17.47 47.91 -0.15
CA HIS A 392 -16.14 47.33 -0.05
C HIS A 392 -15.39 47.96 1.08
N ASN A 393 -14.62 47.19 1.84
CA ASN A 393 -13.85 47.76 2.96
C ASN A 393 -12.34 47.48 2.77
N GLN A 394 -11.65 47.14 3.86
CA GLN A 394 -10.18 47.08 3.90
C GLN A 394 -9.56 45.84 3.24
N GLY A 395 -10.36 44.90 2.69
CA GLY A 395 -9.75 43.71 2.08
C GLY A 395 -8.90 44.00 0.84
N ILE A 396 -7.68 43.44 0.75
CA ILE A 396 -6.89 43.55 -0.47
C ILE A 396 -7.43 42.53 -1.47
N GLU A 397 -7.72 42.99 -2.67
CA GLU A 397 -8.31 42.10 -3.68
C GLU A 397 -7.27 41.62 -4.70
N SER A 398 -7.73 40.88 -5.72
CA SER A 398 -6.85 40.15 -6.57
C SER A 398 -7.22 40.31 -8.06
N TYR A 399 -6.22 40.13 -8.90
CA TYR A 399 -6.30 40.42 -10.33
C TYR A 399 -5.65 39.30 -11.12
N ASP A 400 -6.40 38.61 -11.97
CA ASP A 400 -5.82 37.61 -12.87
C ASP A 400 -5.57 38.27 -14.22
N PRO A 401 -4.29 38.49 -14.59
CA PRO A 401 -3.96 39.23 -15.79
C PRO A 401 -4.29 38.46 -17.08
N ASP A 402 -4.43 37.14 -17.00
CA ASP A 402 -4.79 36.36 -18.17
C ASP A 402 -6.27 36.53 -18.50
N LYS A 403 -7.12 36.58 -17.48
CA LYS A 403 -8.54 36.72 -17.65
C LYS A 403 -8.94 38.21 -17.69
N LYS A 404 -8.05 39.10 -17.23
CA LYS A 404 -8.36 40.50 -17.01
C LYS A 404 -9.54 40.71 -16.06
N LEU A 405 -9.58 39.95 -14.96
CA LEU A 405 -10.68 40.04 -14.00
C LEU A 405 -10.09 40.32 -12.61
N PHE A 406 -10.76 41.23 -11.91
CA PHE A 406 -10.62 41.43 -10.51
C PHE A 406 -11.62 40.54 -9.78
N PHE A 407 -11.21 39.97 -8.65
CA PHE A 407 -12.07 39.19 -7.77
C PHE A 407 -12.13 39.91 -6.45
N MET A 408 -13.34 40.12 -5.97
CA MET A 408 -13.52 40.96 -4.80
C MET A 408 -14.52 40.38 -3.87
N GLY A 409 -14.18 40.44 -2.59
CA GLY A 409 -15.09 40.22 -1.53
C GLY A 409 -15.89 41.49 -1.30
N VAL A 410 -17.21 41.39 -1.35
CA VAL A 410 -18.10 42.56 -1.35
C VAL A 410 -19.03 42.52 -0.13
N ASN A 411 -19.39 43.70 0.38
CA ASN A 411 -20.35 43.82 1.46
C ASN A 411 -21.72 44.26 0.82
N HIS A 412 -22.82 43.80 1.41
CA HIS A 412 -24.15 44.19 1.04
C HIS A 412 -24.93 44.71 2.25
N ILE A 413 -24.65 45.94 2.62
CA ILE A 413 -25.05 46.52 3.90
C ILE A 413 -25.53 47.98 3.64
N CYS A 414 -26.69 48.31 4.20
CA CYS A 414 -27.40 49.59 4.00
C CYS A 414 -27.69 50.17 5.39
N MET A 415 -28.14 51.41 5.45
CA MET A 415 -28.24 52.09 6.73
C MET A 415 -29.33 53.17 6.78
N ASP A 416 -29.78 53.44 7.99
CA ASP A 416 -30.37 54.74 8.33
C ASP A 416 -29.32 55.56 9.12
N TRP A 417 -29.44 56.90 9.05
CA TRP A 417 -28.44 57.78 9.65
C TRP A 417 -29.06 59.11 10.04
N GLU A 418 -28.74 59.55 11.24
CA GLU A 418 -29.13 60.87 11.70
C GLU A 418 -27.98 61.50 12.45
N PRO A 419 -27.56 62.70 12.05
CA PRO A 419 -26.47 63.33 12.76
C PRO A 419 -26.89 64.00 14.02
N PHE A 420 -25.92 64.38 14.82
CA PHE A 420 -26.16 65.21 16.00
C PHE A 420 -25.00 66.15 16.22
N MET A 421 -25.30 67.30 16.83
CA MET A 421 -24.27 68.27 17.20
C MET A 421 -23.41 67.80 18.34
N LEU A 422 -22.12 68.10 18.30
CA LEU A 422 -21.29 67.75 19.40
C LEU A 422 -20.01 68.62 19.30
N PRO A 423 -19.34 68.85 20.43
CA PRO A 423 -18.10 69.57 20.47
C PRO A 423 -16.92 68.68 20.15
N TYR A 424 -15.85 69.32 19.67
CA TYR A 424 -14.56 68.65 19.51
C TYR A 424 -13.80 68.89 20.78
N ARG A 425 -13.28 67.81 21.38
CA ARG A 425 -12.31 67.89 22.46
C ARG A 425 -11.23 66.90 22.12
N ALA A 426 -9.94 67.34 22.03
CA ALA A 426 -8.85 66.47 21.58
C ALA A 426 -8.76 65.27 22.52
N GLY A 427 -8.77 64.07 21.92
CA GLY A 427 -8.69 62.86 22.63
C GLY A 427 -10.01 62.16 22.83
N GLN A 428 -11.11 62.83 22.54
CA GLN A 428 -12.45 62.29 22.68
C GLN A 428 -12.98 61.93 21.30
N PHE A 429 -13.94 60.99 21.25
CA PHE A 429 -14.59 60.74 19.99
C PHE A 429 -15.32 61.97 19.42
N PHE A 430 -15.44 61.99 18.09
CA PHE A 430 -15.94 63.15 17.33
C PHE A 430 -16.69 62.65 16.08
N VAL A 431 -17.68 61.83 16.36
CA VAL A 431 -18.44 61.14 15.34
C VAL A 431 -19.69 61.97 14.95
N GLY A 432 -20.65 62.07 15.86
CA GLY A 432 -21.87 62.91 15.62
C GLY A 432 -22.90 62.39 14.64
N ALA A 433 -23.09 61.08 14.64
CA ALA A 433 -24.14 60.46 13.91
C ALA A 433 -24.55 59.14 14.60
N THR A 434 -25.82 58.82 14.48
CA THR A 434 -26.41 57.63 14.99
C THR A 434 -26.91 56.81 13.80
N LEU A 435 -26.47 55.54 13.75
CA LEU A 435 -26.71 54.72 12.59
C LEU A 435 -27.36 53.44 12.95
N ASN A 436 -28.15 52.92 12.00
CA ASN A 436 -28.67 51.57 12.11
C ASN A 436 -28.34 50.90 10.81
N MET A 437 -27.80 49.68 10.82
CA MET A 437 -27.42 48.99 9.58
C MET A 437 -28.12 47.67 9.45
N TYR A 438 -28.19 47.21 8.21
CA TYR A 438 -28.87 46.03 7.87
C TYR A 438 -28.56 45.57 6.45
N PRO A 439 -29.02 44.36 6.06
CA PRO A 439 -28.72 43.85 4.73
C PRO A 439 -29.30 44.76 3.63
N GLY A 440 -28.59 44.81 2.51
CA GLY A 440 -29.04 45.50 1.37
C GLY A 440 -30.24 44.77 0.76
N PRO A 441 -30.79 45.35 -0.29
CA PRO A 441 -32.03 44.84 -0.87
C PRO A 441 -32.02 43.36 -1.31
N LYS A 442 -30.87 42.81 -1.68
CA LYS A 442 -30.77 41.38 -2.07
C LYS A 442 -30.87 40.43 -0.89
N GLY A 443 -30.77 40.95 0.33
CA GLY A 443 -31.12 40.17 1.50
C GLY A 443 -29.99 39.52 2.28
N MET A 444 -28.85 39.35 1.65
CA MET A 444 -27.67 38.82 2.37
C MET A 444 -26.71 39.94 2.64
N LEU A 445 -25.69 39.63 3.42
CA LEU A 445 -24.69 40.61 3.84
C LEU A 445 -23.38 40.61 3.04
N GLY A 446 -23.11 39.59 2.23
CA GLY A 446 -21.88 39.49 1.46
C GLY A 446 -22.07 38.98 0.05
N GLN A 447 -21.05 39.20 -0.76
CA GLN A 447 -20.99 38.59 -2.09
C GLN A 447 -19.54 38.42 -2.45
N VAL A 448 -19.26 37.55 -3.37
CA VAL A 448 -17.97 37.54 -4.07
C VAL A 448 -18.29 37.75 -5.55
N LYS A 449 -17.51 38.61 -6.18
CA LYS A 449 -17.75 39.04 -7.56
C LYS A 449 -16.46 39.05 -8.34
N ALA A 450 -16.60 38.70 -9.63
CA ALA A 450 -15.54 38.80 -10.57
C ALA A 450 -15.96 39.82 -11.65
N MET A 451 -15.05 40.73 -11.98
CA MET A 451 -15.36 41.88 -12.85
C MET A 451 -14.20 42.34 -13.67
N ASN A 452 -14.54 42.88 -14.85
CA ASN A 452 -13.59 43.63 -15.65
C ASN A 452 -13.71 45.07 -15.26
N ALA A 453 -12.60 45.65 -14.88
CA ALA A 453 -12.63 47.00 -14.31
C ALA A 453 -12.66 48.09 -15.38
N VAL A 454 -12.33 47.79 -16.63
CA VAL A 454 -12.40 48.82 -17.70
C VAL A 454 -13.84 48.93 -18.19
N THR A 455 -14.47 47.77 -18.47
CA THR A 455 -15.83 47.69 -19.00
C THR A 455 -16.93 47.67 -17.97
N GLY A 456 -16.62 47.28 -16.75
CA GLY A 456 -17.60 47.11 -15.71
C GLY A 456 -18.39 45.84 -15.81
N LYS A 457 -18.02 44.94 -16.76
CA LYS A 457 -18.79 43.70 -16.99
C LYS A 457 -18.55 42.69 -15.84
N MET A 458 -19.60 42.31 -15.14
CA MET A 458 -19.54 41.31 -14.07
C MET A 458 -19.50 39.92 -14.73
N GLU A 459 -18.46 39.13 -14.46
CA GLU A 459 -18.37 37.77 -14.98
C GLU A 459 -19.22 36.83 -14.20
N TRP A 460 -19.20 36.98 -12.87
CA TRP A 460 -19.98 36.13 -12.01
C TRP A 460 -20.12 36.79 -10.66
N GLU A 461 -21.15 36.40 -9.95
CA GLU A 461 -21.52 36.98 -8.66
C GLU A 461 -22.14 35.91 -7.82
N VAL A 462 -21.74 35.77 -6.54
CA VAL A 462 -22.29 34.74 -5.66
C VAL A 462 -22.56 35.32 -4.28
N PRO A 463 -23.59 34.84 -3.58
CA PRO A 463 -23.92 35.40 -2.26
C PRO A 463 -23.06 34.77 -1.16
N GLU A 464 -22.89 35.51 -0.06
CA GLU A 464 -22.27 35.04 1.14
C GLU A 464 -23.13 35.47 2.31
N LYS A 465 -23.23 34.62 3.33
CA LYS A 465 -24.07 34.91 4.49
C LYS A 465 -23.64 36.19 5.22
N PHE A 466 -22.37 36.41 5.35
CA PHE A 466 -21.84 37.66 5.90
C PHE A 466 -20.96 38.37 4.87
N ALA A 467 -20.78 39.68 5.09
CA ALA A 467 -19.86 40.53 4.36
C ALA A 467 -18.52 39.86 4.23
N VAL A 468 -17.91 39.89 3.04
CA VAL A 468 -16.61 39.27 2.84
C VAL A 468 -15.58 40.40 3.05
N TRP A 469 -14.86 40.34 4.17
CA TRP A 469 -14.15 41.50 4.68
C TRP A 469 -12.64 41.47 4.42
N GLY A 470 -12.01 40.29 4.31
CA GLY A 470 -10.57 40.18 4.37
C GLY A 470 -9.80 40.16 3.08
N GLY A 471 -10.50 40.34 1.97
CA GLY A 471 -9.94 40.25 0.68
C GLY A 471 -9.65 38.84 0.16
N THR A 472 -8.87 38.79 -0.93
CA THR A 472 -8.78 37.58 -1.79
C THR A 472 -7.41 37.30 -2.31
N LEU A 473 -7.19 36.03 -2.68
CA LEU A 473 -5.95 35.57 -3.31
C LEU A 473 -6.38 34.82 -4.58
N ALA A 474 -5.83 35.15 -5.73
CA ALA A 474 -6.16 34.44 -6.95
C ALA A 474 -4.87 33.75 -7.49
N THR A 475 -5.03 32.63 -8.19
CA THR A 475 -3.91 31.88 -8.69
C THR A 475 -4.15 31.40 -10.09
N ALA A 476 -3.02 31.04 -10.71
CA ALA A 476 -2.99 30.46 -12.06
C ALA A 476 -3.55 29.03 -12.10
N GLY A 477 -3.83 28.49 -10.91
CA GLY A 477 -4.64 27.32 -10.75
C GLY A 477 -6.12 27.46 -11.00
N ASP A 478 -6.55 28.66 -11.42
CA ASP A 478 -7.93 29.00 -11.65
C ASP A 478 -8.73 28.99 -10.38
N LEU A 479 -8.15 29.56 -9.31
CA LEU A 479 -8.81 29.61 -7.99
C LEU A 479 -8.70 30.99 -7.37
N VAL A 480 -9.75 31.32 -6.67
CA VAL A 480 -9.70 32.49 -5.75
C VAL A 480 -10.04 31.97 -4.35
N PHE A 481 -9.16 32.25 -3.42
CA PHE A 481 -9.30 31.90 -2.03
C PHE A 481 -9.68 33.16 -1.23
N TYR A 482 -10.52 32.97 -0.25
CA TYR A 482 -10.88 33.97 0.74
C TYR A 482 -11.40 33.35 2.03
N GLY A 483 -11.30 34.15 3.10
CA GLY A 483 -11.91 33.84 4.37
C GLY A 483 -13.23 34.58 4.59
N THR A 484 -14.09 34.02 5.40
CA THR A 484 -15.39 34.62 5.76
C THR A 484 -15.49 34.90 7.27
N LEU A 485 -16.34 35.86 7.61
CA LEU A 485 -16.49 36.29 8.98
C LEU A 485 -17.01 35.17 9.87
N ASP A 486 -17.78 34.25 9.29
CA ASP A 486 -18.30 33.13 10.02
C ASP A 486 -17.32 31.98 10.21
N GLY A 487 -16.14 32.07 9.62
CA GLY A 487 -15.06 31.16 10.01
C GLY A 487 -14.71 30.05 9.05
N PHE A 488 -14.82 30.36 7.76
CA PHE A 488 -14.40 29.44 6.71
C PHE A 488 -13.26 30.10 5.93
N ILE A 489 -12.38 29.27 5.40
CA ILE A 489 -11.62 29.56 4.22
C ILE A 489 -12.27 28.76 3.08
N LYS A 490 -12.41 29.40 1.93
CA LYS A 490 -13.06 28.87 0.78
C LYS A 490 -12.25 29.16 -0.47
N ALA A 491 -12.45 28.29 -1.46
CA ALA A 491 -11.85 28.42 -2.79
C ALA A 491 -12.92 28.24 -3.86
N ARG A 492 -12.94 29.18 -4.79
CA ARG A 492 -13.85 29.17 -5.90
C ARG A 492 -13.09 29.18 -7.24
N ASP A 493 -13.67 28.46 -8.21
CA ASP A 493 -13.21 28.49 -9.61
C ASP A 493 -13.38 29.88 -10.15
N THR A 494 -12.29 30.46 -10.61
CA THR A 494 -12.28 31.83 -11.12
C THR A 494 -13.01 32.09 -12.48
N ARG A 495 -13.24 31.05 -13.23
CA ARG A 495 -13.98 31.18 -14.48
C ARG A 495 -15.48 31.33 -14.19
N THR A 496 -15.98 30.65 -13.16
CA THR A 496 -17.44 30.47 -12.93
C THR A 496 -17.96 30.90 -11.58
N GLY A 497 -17.09 31.04 -10.59
CA GLY A 497 -17.53 31.22 -9.20
C GLY A 497 -17.89 29.95 -8.45
N GLU A 498 -17.81 28.80 -9.10
CA GLU A 498 -18.23 27.57 -8.46
C GLU A 498 -17.34 27.32 -7.21
N LEU A 499 -17.98 26.94 -6.12
CA LEU A 499 -17.26 26.60 -4.86
C LEU A 499 -16.61 25.24 -4.95
N LYS A 500 -15.28 25.18 -4.80
CA LYS A 500 -14.54 23.97 -4.98
C LYS A 500 -14.05 23.38 -3.66
N TRP A 501 -13.88 24.21 -2.65
CA TRP A 501 -13.37 23.76 -1.36
C TRP A 501 -13.75 24.73 -0.28
N GLN A 502 -13.92 24.16 0.93
CA GLN A 502 -14.23 24.95 2.13
C GLN A 502 -13.59 24.20 3.34
N PHE A 503 -13.11 24.96 4.35
CA PHE A 503 -12.57 24.39 5.56
C PHE A 503 -12.97 25.30 6.75
N GLN A 504 -13.45 24.66 7.79
CA GLN A 504 -13.87 25.29 9.03
C GLN A 504 -12.69 25.62 9.98
N LEU A 505 -12.27 26.90 9.93
CA LEU A 505 -11.30 27.51 10.83
C LEU A 505 -11.87 27.77 12.20
N PRO A 506 -11.03 28.02 13.19
CA PRO A 506 -11.58 28.19 14.54
C PRO A 506 -12.51 29.43 14.67
N SER A 507 -12.09 30.51 14.05
CA SER A 507 -12.72 31.84 14.19
C SER A 507 -12.86 32.46 12.82
N GLY A 508 -13.76 33.47 12.74
CA GLY A 508 -13.88 34.24 11.54
C GLY A 508 -12.59 34.87 11.06
N VAL A 509 -12.57 35.19 9.79
CA VAL A 509 -11.42 35.77 9.08
C VAL A 509 -11.69 37.20 8.67
N ILE A 510 -10.75 38.06 9.03
CA ILE A 510 -10.78 39.43 8.57
C ILE A 510 -9.54 39.89 7.77
N GLY A 511 -8.57 38.99 7.60
CA GLY A 511 -7.48 39.19 6.68
C GLY A 511 -7.50 38.35 5.44
N HIS A 512 -6.42 38.41 4.65
CA HIS A 512 -6.32 37.73 3.38
C HIS A 512 -5.52 36.42 3.44
N PRO A 513 -5.75 35.49 2.47
CA PRO A 513 -4.86 34.36 2.31
C PRO A 513 -3.57 34.75 1.59
N ILE A 514 -2.52 33.98 1.84
CA ILE A 514 -1.29 34.08 1.12
C ILE A 514 -0.96 32.71 0.54
N THR A 515 -0.08 32.68 -0.45
CA THR A 515 0.52 31.41 -0.91
C THR A 515 2.00 31.60 -1.17
N TYR A 516 2.77 30.53 -1.05
CA TYR A 516 4.21 30.57 -1.25
C TYR A 516 4.68 29.16 -1.49
N GLN A 517 5.85 29.04 -2.10
CA GLN A 517 6.50 27.74 -2.26
C GLN A 517 7.62 27.62 -1.21
N HIS A 518 7.66 26.50 -0.52
CA HIS A 518 8.81 26.19 0.32
C HIS A 518 9.30 24.75 0.08
N ASN A 519 10.58 24.65 -0.26
CA ASN A 519 11.19 23.37 -0.58
C ASN A 519 10.39 22.56 -1.56
N GLY A 520 10.01 23.23 -2.63
CA GLY A 520 9.35 22.60 -3.76
C GLY A 520 7.89 22.25 -3.61
N LYS A 521 7.23 22.77 -2.57
CA LYS A 521 5.85 22.52 -2.34
C LYS A 521 5.08 23.80 -2.10
N GLN A 522 3.86 23.85 -2.60
CA GLN A 522 3.03 25.05 -2.38
C GLN A 522 2.20 24.96 -1.09
N TYR A 523 2.13 26.08 -0.38
CA TYR A 523 1.37 26.26 0.83
C TYR A 523 0.43 27.44 0.69
N ILE A 524 -0.68 27.36 1.39
CA ILE A 524 -1.61 28.47 1.59
C ILE A 524 -1.74 28.75 3.07
N ALA A 525 -1.60 30.00 3.45
CA ALA A 525 -1.68 30.40 4.86
C ALA A 525 -2.69 31.53 5.11
N ILE A 526 -3.27 31.52 6.29
CA ILE A 526 -4.25 32.58 6.64
C ILE A 526 -4.36 32.74 8.18
N TYR A 527 -4.70 33.96 8.60
CA TYR A 527 -5.06 34.16 10.00
C TYR A 527 -6.51 33.78 10.23
N SER A 528 -6.80 33.26 11.42
CA SER A 528 -8.17 33.08 11.92
C SER A 528 -8.27 33.82 13.26
N GLY A 529 -9.24 34.74 13.35
CA GLY A 529 -9.40 35.56 14.55
C GLY A 529 -10.26 36.73 14.24
N VAL A 530 -11.54 36.58 14.53
CA VAL A 530 -12.56 37.56 14.13
C VAL A 530 -12.48 38.84 14.95
N GLY A 531 -12.97 39.92 14.39
CA GLY A 531 -12.90 41.22 15.09
C GLY A 531 -13.07 42.30 14.07
N GLY A 532 -12.38 43.39 14.30
CA GLY A 532 -12.59 44.54 13.42
C GLY A 532 -13.99 45.08 13.54
N TRP A 533 -14.38 45.88 12.57
CA TRP A 533 -15.64 46.55 12.68
C TRP A 533 -16.87 45.61 12.73
N PRO A 534 -16.92 44.57 11.86
CA PRO A 534 -18.06 43.66 11.94
C PRO A 534 -18.08 42.86 13.23
N GLY A 535 -16.91 42.57 13.80
CA GLY A 535 -16.85 41.79 15.03
C GLY A 535 -16.95 42.60 16.31
N VAL A 536 -17.19 43.92 16.25
CA VAL A 536 -17.16 44.72 17.48
C VAL A 536 -18.17 44.30 18.50
N GLY A 537 -19.38 43.95 18.07
CA GLY A 537 -20.46 43.48 18.96
C GLY A 537 -20.02 42.24 19.78
N LEU A 538 -19.42 41.25 19.11
CA LEU A 538 -18.98 40.06 19.84
C LEU A 538 -17.68 40.27 20.60
N VAL A 539 -16.78 41.06 20.11
CA VAL A 539 -15.52 41.29 20.82
C VAL A 539 -15.78 42.04 22.11
N PHE A 540 -16.65 43.05 22.06
CA PHE A 540 -16.90 43.89 23.26
C PHE A 540 -18.19 43.64 24.02
N ASP A 541 -18.92 42.59 23.64
CA ASP A 541 -20.20 42.21 24.24
C ASP A 541 -21.20 43.38 24.21
N LEU A 542 -21.39 43.97 23.04
CA LEU A 542 -22.28 45.12 22.91
C LEU A 542 -23.60 44.55 22.46
N LYS A 543 -24.68 45.22 22.85
CA LYS A 543 -26.05 44.79 22.48
C LYS A 543 -26.96 45.88 21.84
N ASP A 544 -26.69 47.15 22.08
CA ASP A 544 -27.47 48.20 21.46
C ASP A 544 -27.21 48.16 19.92
N PRO A 545 -28.28 48.06 19.08
CA PRO A 545 -28.06 47.97 17.65
C PRO A 545 -27.27 49.14 17.04
N THR A 546 -27.32 50.33 17.66
CA THR A 546 -26.58 51.48 17.13
C THR A 546 -25.16 51.55 17.64
N ALA A 547 -24.75 50.67 18.58
CA ALA A 547 -23.38 50.71 19.04
C ALA A 547 -22.43 50.12 17.96
N GLY A 548 -21.15 50.36 18.21
CA GLY A 548 -20.08 50.02 17.23
C GLY A 548 -20.29 50.80 15.95
N LEU A 549 -20.70 52.06 16.09
CA LEU A 549 -21.00 52.93 14.94
C LEU A 549 -22.00 52.36 13.96
N GLY A 550 -23.02 51.69 14.48
CA GLY A 550 -24.06 51.05 13.70
C GLY A 550 -23.83 49.60 13.30
N ALA A 551 -22.63 49.04 13.55
CA ALA A 551 -22.32 47.64 13.11
C ALA A 551 -23.01 46.57 14.00
N VAL A 552 -23.33 46.91 15.23
CA VAL A 552 -23.80 45.90 16.17
C VAL A 552 -25.09 45.30 15.68
N GLY A 553 -26.07 46.12 15.27
CA GLY A 553 -27.36 45.56 14.87
C GLY A 553 -27.26 44.66 13.62
N ALA A 554 -26.49 45.14 12.64
CA ALA A 554 -26.32 44.38 11.41
C ALA A 554 -25.63 42.99 11.58
N PHE A 555 -24.66 42.96 12.49
CA PHE A 555 -23.84 41.77 12.70
C PHE A 555 -24.24 40.96 13.94
N ARG A 556 -25.47 41.15 14.43
CA ARG A 556 -25.83 40.52 15.70
C ARG A 556 -25.84 39.00 15.59
N GLU A 557 -25.98 38.43 14.39
CA GLU A 557 -25.96 36.97 14.26
C GLU A 557 -24.58 36.33 14.20
N LEU A 558 -23.57 37.15 14.02
CA LEU A 558 -22.23 36.62 13.88
C LEU A 558 -21.76 35.78 15.08
N ALA A 559 -22.09 36.22 16.30
CA ALA A 559 -21.66 35.48 17.52
C ALA A 559 -22.33 34.12 17.67
N HIS A 560 -23.32 33.82 16.82
CA HIS A 560 -23.86 32.47 16.77
C HIS A 560 -22.97 31.50 16.05
N TYR A 561 -21.99 32.01 15.30
CA TYR A 561 -21.11 31.17 14.47
C TYR A 561 -19.68 31.18 14.95
N THR A 562 -19.20 32.26 15.56
CA THR A 562 -17.80 32.35 15.92
C THR A 562 -17.61 33.09 17.23
N GLN A 563 -16.57 32.70 17.89
CA GLN A 563 -15.93 33.27 19.04
C GLN A 563 -14.71 34.06 18.62
N MET A 564 -14.10 34.82 19.41
CA MET A 564 -12.80 35.33 19.16
C MET A 564 -11.77 34.15 19.06
N GLY A 565 -10.62 34.49 18.51
CA GLY A 565 -9.51 33.56 18.35
C GLY A 565 -8.28 34.25 17.90
N GLY A 566 -7.23 33.45 17.70
CA GLY A 566 -5.95 33.96 17.21
C GLY A 566 -5.01 32.82 16.81
N SER A 567 -4.96 32.51 15.52
CA SER A 567 -4.19 31.36 15.03
C SER A 567 -3.77 31.60 13.57
N VAL A 568 -2.73 30.91 13.15
CA VAL A 568 -2.34 30.84 11.76
C VAL A 568 -2.55 29.45 11.28
N PHE A 569 -3.22 29.28 10.13
CA PHE A 569 -3.41 27.97 9.54
C PHE A 569 -2.61 27.88 8.26
N VAL A 570 -1.89 26.78 8.05
CA VAL A 570 -1.13 26.57 6.83
C VAL A 570 -1.61 25.26 6.20
N PHE A 571 -1.96 25.30 4.90
CA PHE A 571 -2.56 24.16 4.19
C PHE A 571 -1.62 23.74 3.05
N SER A 572 -1.67 22.47 2.68
CA SER A 572 -0.96 21.96 1.54
C SER A 572 -1.67 20.68 1.09
N LEU A 573 -1.21 20.19 -0.05
CA LEU A 573 -1.64 18.89 -0.55
C LEU A 573 -0.71 17.85 0.09
N ASN B 1 -25.33 5.99 38.02
CA ASN B 1 -26.51 6.29 37.15
C ASN B 1 -26.52 5.26 36.02
N SER B 2 -27.51 4.36 36.05
CA SER B 2 -27.63 3.28 35.07
C SER B 2 -27.75 3.75 33.64
N GLU B 3 -28.53 4.79 33.44
CA GLU B 3 -28.74 5.29 32.08
C GLU B 3 -27.46 5.96 31.52
N LEU B 4 -26.73 6.71 32.35
CA LEU B 4 -25.46 7.31 31.92
C LEU B 4 -24.44 6.18 31.59
N ASP B 5 -24.38 5.15 32.44
CA ASP B 5 -23.51 4.00 32.21
C ASP B 5 -23.85 3.34 30.84
N ARG B 6 -25.14 3.19 30.58
CA ARG B 6 -25.60 2.63 29.31
C ARG B 6 -25.20 3.54 28.12
N LEU B 7 -25.42 4.84 28.23
CA LEU B 7 -24.99 5.81 27.16
C LEU B 7 -23.48 5.81 26.91
N SER B 8 -22.69 5.51 27.94
CA SER B 8 -21.25 5.39 27.79
C SER B 8 -20.86 4.22 26.91
N LYS B 9 -21.74 3.23 26.74
CA LYS B 9 -21.39 2.02 25.94
C LYS B 9 -21.68 2.26 24.46
N ASP B 10 -22.27 3.40 24.10
CA ASP B 10 -22.50 3.80 22.76
C ASP B 10 -21.30 4.62 22.26
N ASP B 11 -20.64 4.15 21.19
CA ASP B 11 -19.44 4.81 20.69
C ASP B 11 -19.72 6.16 19.98
N ARG B 12 -21.00 6.54 19.79
CA ARG B 12 -21.32 7.90 19.38
C ARG B 12 -21.07 8.94 20.51
N ASN B 13 -20.98 8.47 21.76
CA ASN B 13 -20.92 9.37 22.92
C ASN B 13 -19.57 9.36 23.63
N TRP B 14 -19.28 10.48 24.33
CA TRP B 14 -18.22 10.57 25.32
C TRP B 14 -18.93 11.31 26.45
N VAL B 15 -19.48 10.54 27.40
CA VAL B 15 -20.48 11.11 28.30
C VAL B 15 -19.91 11.68 29.59
N MET B 16 -18.64 11.46 29.88
CA MET B 16 -18.03 12.08 31.07
C MET B 16 -16.55 12.25 30.78
N GLN B 17 -15.86 13.10 31.55
CA GLN B 17 -14.43 13.31 31.27
C GLN B 17 -13.59 12.03 31.21
N THR B 18 -13.88 11.12 32.12
CA THR B 18 -13.23 9.83 32.25
C THR B 18 -13.71 8.77 31.23
N LYS B 19 -14.61 9.16 30.30
CA LYS B 19 -15.26 8.26 29.29
C LYS B 19 -16.35 7.35 29.92
N ASP B 20 -16.03 6.68 31.02
CA ASP B 20 -16.90 5.71 31.61
C ASP B 20 -16.55 5.64 33.08
N TYR B 21 -17.44 4.99 33.83
CA TYR B 21 -17.29 4.93 35.27
C TYR B 21 -15.99 4.27 35.78
N SER B 22 -15.38 3.42 34.95
CA SER B 22 -14.08 2.78 35.25
C SER B 22 -12.89 3.63 34.81
N ALA B 23 -13.15 4.76 34.18
CA ALA B 23 -12.10 5.66 33.64
C ALA B 23 -11.11 4.90 32.77
N THR B 24 -11.63 4.05 31.87
CA THR B 24 -10.71 3.33 31.01
C THR B 24 -10.06 4.23 29.95
N HIS B 25 -10.74 5.32 29.51
CA HIS B 25 -10.23 6.13 28.41
C HIS B 25 -9.87 5.23 27.20
N PHE B 26 -10.68 4.20 26.98
CA PHE B 26 -10.40 3.18 25.97
C PHE B 26 -11.61 3.08 25.04
N SER B 27 -11.37 3.33 23.74
CA SER B 27 -12.39 3.18 22.75
C SER B 27 -12.20 1.88 22.00
N ARG B 28 -13.28 1.14 21.82
CA ARG B 28 -13.28 -0.08 20.99
C ARG B 28 -13.33 0.20 19.51
N LEU B 29 -13.51 1.45 19.10
CA LEU B 29 -13.51 1.76 17.68
C LEU B 29 -12.21 1.35 17.00
N THR B 30 -12.35 0.70 15.84
CA THR B 30 -11.25 0.13 15.10
C THR B 30 -10.96 0.84 13.78
N GLU B 31 -11.77 1.86 13.40
CA GLU B 31 -11.59 2.52 12.07
C GLU B 31 -10.20 3.13 11.91
N ILE B 32 -9.84 3.96 12.88
CA ILE B 32 -8.53 4.58 12.92
C ILE B 32 -7.60 3.60 13.60
N ASN B 33 -6.50 3.21 12.95
CA ASN B 33 -5.64 2.18 13.55
C ASN B 33 -4.21 2.37 13.23
N SER B 34 -3.32 1.53 13.77
CA SER B 34 -1.91 1.79 13.52
C SER B 34 -1.50 1.75 12.03
N HIS B 35 -2.25 1.06 11.19
CA HIS B 35 -1.96 0.96 9.76
C HIS B 35 -2.38 2.20 8.97
N ASN B 36 -3.37 2.96 9.43
CA ASN B 36 -3.86 4.07 8.64
C ASN B 36 -3.78 5.41 9.32
N VAL B 37 -3.27 5.50 10.57
CA VAL B 37 -3.33 6.79 11.31
C VAL B 37 -2.46 7.86 10.66
N LYS B 38 -1.46 7.45 9.91
CA LYS B 38 -0.68 8.37 9.14
C LYS B 38 -1.49 9.28 8.23
N ASN B 39 -2.68 8.85 7.82
CA ASN B 39 -3.57 9.61 7.00
C ASN B 39 -4.55 10.46 7.72
N LEU B 40 -4.46 10.59 9.05
CA LEU B 40 -5.42 11.36 9.79
C LEU B 40 -5.23 12.86 9.47
N LYS B 41 -6.32 13.57 9.20
CA LYS B 41 -6.30 15.00 8.82
C LYS B 41 -7.29 15.78 9.67
N VAL B 42 -7.09 17.07 9.74
CA VAL B 42 -8.02 17.92 10.49
C VAL B 42 -9.32 17.99 9.72
N ALA B 43 -10.42 17.68 10.38
CA ALA B 43 -11.73 17.69 9.77
C ALA B 43 -12.40 19.04 9.93
N TRP B 44 -12.34 19.58 11.15
CA TRP B 44 -12.88 20.92 11.46
C TRP B 44 -12.36 21.37 12.79
N THR B 45 -12.52 22.67 13.06
CA THR B 45 -11.98 23.28 14.28
C THR B 45 -12.98 24.33 14.81
N LEU B 46 -12.82 24.67 16.10
CA LEU B 46 -13.62 25.74 16.77
C LEU B 46 -12.72 26.54 17.69
N SER B 47 -12.97 27.84 17.87
CA SER B 47 -12.26 28.65 18.80
C SER B 47 -13.12 28.66 20.09
N THR B 48 -12.45 28.61 21.24
CA THR B 48 -13.17 28.65 22.49
C THR B 48 -13.41 30.07 22.91
N GLY B 49 -12.71 31.02 22.33
CA GLY B 49 -12.80 32.44 22.72
C GLY B 49 -12.08 32.91 23.95
N THR B 50 -11.29 32.04 24.56
CA THR B 50 -10.48 32.43 25.68
C THR B 50 -9.07 31.94 25.48
N LEU B 51 -8.18 32.54 26.27
CA LEU B 51 -6.80 32.05 26.40
C LEU B 51 -6.66 31.26 27.72
N HIS B 52 -5.44 31.08 28.24
CA HIS B 52 -5.15 30.30 29.46
C HIS B 52 -5.34 28.78 29.20
N GLY B 53 -4.98 27.99 30.20
CA GLY B 53 -4.87 26.53 30.00
C GLY B 53 -6.27 25.88 29.80
N HIS B 54 -6.38 24.97 28.83
CA HIS B 54 -7.67 24.29 28.56
C HIS B 54 -7.54 22.81 28.98
N GLU B 55 -7.89 22.51 30.23
CA GLU B 55 -7.88 21.11 30.76
C GLU B 55 -9.19 20.39 30.43
N GLY B 56 -9.25 19.10 30.74
CA GLY B 56 -10.36 18.28 30.36
C GLY B 56 -10.45 18.20 28.84
N ALA B 57 -11.66 17.94 28.38
CA ALA B 57 -11.94 17.82 26.92
C ALA B 57 -13.43 17.97 26.69
N PRO B 58 -13.84 18.05 25.43
CA PRO B 58 -15.29 18.07 25.18
C PRO B 58 -16.03 16.81 25.68
N LEU B 59 -17.35 16.94 25.91
CA LEU B 59 -18.25 15.78 25.95
C LEU B 59 -19.04 15.71 24.65
N VAL B 60 -19.49 14.51 24.29
CA VAL B 60 -20.37 14.32 23.15
C VAL B 60 -21.49 13.41 23.63
N VAL B 61 -22.72 13.86 23.50
CA VAL B 61 -23.85 13.01 23.86
C VAL B 61 -25.00 13.31 22.90
N ASP B 62 -25.62 12.25 22.37
CA ASP B 62 -26.82 12.35 21.51
C ASP B 62 -26.66 13.38 20.41
N GLY B 63 -25.52 13.37 19.79
CA GLY B 63 -25.24 14.18 18.69
C GLY B 63 -24.86 15.64 18.92
N ILE B 64 -24.59 15.99 20.15
CA ILE B 64 -24.18 17.36 20.51
C ILE B 64 -22.81 17.28 21.23
N MET B 65 -21.91 18.17 20.85
CA MET B 65 -20.63 18.29 21.50
C MET B 65 -20.73 19.48 22.43
N TYR B 66 -20.14 19.32 23.61
CA TYR B 66 -20.15 20.37 24.69
C TYR B 66 -18.71 20.74 25.00
N ILE B 67 -18.44 22.03 25.00
CA ILE B 67 -17.12 22.60 25.12
C ILE B 67 -17.16 23.51 26.36
N HIS B 68 -16.02 23.63 27.02
CA HIS B 68 -15.87 24.49 28.19
C HIS B 68 -14.47 25.15 28.15
N THR B 69 -14.38 26.36 28.98
CA THR B 69 -13.17 27.14 28.91
C THR B 69 -12.55 27.25 30.30
N PRO B 70 -11.37 27.67 30.43
CA PRO B 70 -10.87 28.32 31.62
C PRO B 70 -11.67 29.55 32.00
N PHE B 71 -11.34 30.14 33.14
CA PHE B 71 -12.12 31.30 33.66
C PHE B 71 -12.42 32.30 32.57
N PRO B 72 -13.64 32.83 32.40
CA PRO B 72 -14.79 32.70 33.30
C PRO B 72 -15.71 31.44 33.05
N ASN B 73 -15.15 30.40 32.40
CA ASN B 73 -15.77 29.09 32.29
C ASN B 73 -17.03 29.12 31.42
N ASN B 74 -16.93 29.71 30.25
CA ASN B 74 -18.01 29.68 29.27
C ASN B 74 -18.22 28.25 28.81
N VAL B 75 -19.47 27.98 28.45
CA VAL B 75 -19.87 26.69 27.98
C VAL B 75 -20.62 26.89 26.64
N TYR B 76 -20.35 26.01 25.67
CA TYR B 76 -21.19 25.95 24.56
C TYR B 76 -21.43 24.60 23.95
N ALA B 77 -22.53 24.57 23.22
CA ALA B 77 -23.01 23.28 22.64
C ALA B 77 -23.03 23.47 21.14
N VAL B 78 -22.62 22.41 20.44
CA VAL B 78 -22.52 22.33 19.00
C VAL B 78 -23.28 21.10 18.52
N ASP B 79 -24.22 21.29 17.59
CA ASP B 79 -24.90 20.15 16.94
C ASP B 79 -23.90 19.65 15.93
N LEU B 80 -23.57 18.36 16.02
CA LEU B 80 -22.55 17.74 15.15
C LEU B 80 -22.97 17.63 13.68
N ASN B 81 -24.24 17.88 13.39
CA ASN B 81 -24.66 17.97 12.01
C ASN B 81 -24.51 19.38 11.48
N ASP B 82 -24.11 20.38 12.30
CA ASP B 82 -23.95 21.76 11.83
C ASP B 82 -22.85 22.37 12.68
N THR B 83 -21.62 22.04 12.36
CA THR B 83 -20.51 22.29 13.29
C THR B 83 -20.08 23.73 13.36
N ARG B 84 -20.59 24.60 12.50
CA ARG B 84 -20.16 25.97 12.47
C ARG B 84 -21.00 26.84 13.42
N LYS B 85 -22.15 26.31 13.82
CA LYS B 85 -23.12 27.05 14.61
C LYS B 85 -23.07 26.58 16.08
N MET B 86 -23.25 27.53 16.99
CA MET B 86 -23.38 27.21 18.37
C MET B 86 -24.86 27.08 18.69
N LEU B 87 -25.26 25.88 19.07
CA LEU B 87 -26.64 25.62 19.46
C LEU B 87 -27.06 26.46 20.68
N TRP B 88 -26.21 26.57 21.68
CA TRP B 88 -26.48 27.45 22.82
C TRP B 88 -25.20 27.80 23.49
N GLN B 89 -25.24 28.87 24.27
CA GLN B 89 -24.07 29.29 25.05
C GLN B 89 -24.49 29.62 26.44
N TYR B 90 -23.57 29.44 27.38
CA TYR B 90 -23.75 29.89 28.78
C TYR B 90 -22.47 30.65 29.14
N LYS B 91 -22.61 31.89 29.62
CA LYS B 91 -21.46 32.75 29.86
C LYS B 91 -21.49 33.28 31.26
N PRO B 92 -20.77 32.62 32.19
CA PRO B 92 -20.92 32.98 33.59
C PRO B 92 -20.47 34.41 33.92
N LYS B 93 -21.07 35.04 34.94
CA LYS B 93 -20.58 36.33 35.46
C LYS B 93 -19.97 36.04 36.82
N GLN B 94 -18.65 36.20 36.93
CA GLN B 94 -17.92 35.71 38.11
C GLN B 94 -17.08 36.89 38.59
N ASN B 95 -16.93 37.04 39.89
CA ASN B 95 -16.04 38.06 40.41
C ASN B 95 -14.61 37.79 39.90
N PRO B 96 -13.99 38.75 39.17
CA PRO B 96 -12.60 38.53 38.73
C PRO B 96 -11.58 38.33 39.84
N ALA B 97 -11.90 38.66 41.09
CA ALA B 97 -10.99 38.33 42.22
C ALA B 97 -10.82 36.81 42.41
N ALA B 98 -11.69 36.00 41.80
CA ALA B 98 -11.47 34.53 41.80
C ALA B 98 -10.10 34.15 41.23
N ARG B 99 -9.66 34.92 40.24
CA ARG B 99 -8.40 34.66 39.60
C ARG B 99 -7.24 34.76 40.58
N ALA B 100 -7.36 35.61 41.60
CA ALA B 100 -6.22 35.91 42.45
C ALA B 100 -5.95 34.77 43.47
N VAL B 101 -6.91 33.90 43.67
CA VAL B 101 -6.74 32.73 44.59
C VAL B 101 -6.57 31.39 43.82
N ALA B 102 -6.22 31.44 42.54
CA ALA B 102 -5.71 30.24 41.80
C ALA B 102 -4.19 30.26 41.78
N CYS B 103 -3.54 29.25 42.34
CA CYS B 103 -2.06 29.24 42.38
C CYS B 103 -1.44 29.08 41.00
N CYS B 104 -2.10 28.31 40.14
CA CYS B 104 -1.41 27.60 39.03
C CYS B 104 -2.23 27.69 37.71
N ASP B 105 -2.70 28.89 37.41
CA ASP B 105 -3.58 29.16 36.28
C ASP B 105 -5.07 28.86 36.57
N VAL B 106 -5.93 29.52 35.82
CA VAL B 106 -7.33 29.43 36.01
C VAL B 106 -8.00 28.29 35.18
N VAL B 107 -7.46 27.09 35.31
CA VAL B 107 -7.94 25.93 34.57
C VAL B 107 -9.21 25.41 35.14
N ASN B 108 -9.90 24.59 34.32
CA ASN B 108 -11.15 23.94 34.70
C ASN B 108 -11.23 22.63 33.96
N ARG B 109 -11.52 21.56 34.69
CA ARG B 109 -11.33 20.20 34.16
C ARG B 109 -12.62 19.69 33.52
N GLY B 110 -13.66 20.53 33.51
CA GLY B 110 -14.72 20.33 32.58
C GLY B 110 -16.12 19.91 33.02
N LEU B 111 -16.95 19.62 32.03
CA LEU B 111 -18.37 19.42 32.26
C LEU B 111 -18.64 18.00 32.64
N ALA B 112 -19.79 17.79 33.27
CA ALA B 112 -20.44 16.48 33.36
C ALA B 112 -21.87 16.56 32.81
N TYR B 113 -22.47 15.40 32.67
CA TYR B 113 -23.75 15.20 32.00
C TYR B 113 -24.58 14.12 32.70
N VAL B 114 -25.91 14.32 32.76
CA VAL B 114 -26.83 13.29 33.19
C VAL B 114 -27.99 13.26 32.18
N PRO B 115 -28.40 12.05 31.78
CA PRO B 115 -29.56 11.96 30.91
C PRO B 115 -30.89 12.33 31.63
N ALA B 116 -31.92 12.62 30.87
CA ALA B 116 -33.26 12.77 31.46
C ALA B 116 -33.76 11.52 32.20
N GLY B 117 -34.67 11.54 33.13
CA GLY B 117 -34.56 11.74 34.49
C GLY B 117 -35.95 11.71 35.13
N GLU B 118 -36.19 10.97 36.23
CA GLU B 118 -37.27 11.40 37.17
C GLU B 118 -36.94 12.79 37.71
N HIS B 119 -35.66 13.13 37.70
CA HIS B 119 -35.23 14.48 38.00
C HIS B 119 -35.49 15.77 37.05
N GLY B 120 -35.98 16.04 35.85
CA GLY B 120 -36.34 15.49 34.68
C GLY B 120 -35.36 15.69 33.53
N PRO B 121 -35.22 16.87 32.82
CA PRO B 121 -34.54 16.72 31.52
C PRO B 121 -33.06 16.56 31.68
N ALA B 122 -32.42 16.18 30.59
CA ALA B 122 -30.97 15.96 30.61
C ALA B 122 -30.28 17.29 30.99
N LYS B 123 -29.18 17.19 31.77
CA LYS B 123 -28.48 18.35 32.28
C LYS B 123 -26.98 18.31 31.99
N ILE B 124 -26.39 19.50 31.84
CA ILE B 124 -24.95 19.67 31.80
C ILE B 124 -24.60 20.33 33.16
N PHE B 125 -23.54 19.88 33.81
CA PHE B 125 -23.06 20.43 35.08
C PHE B 125 -21.69 21.09 34.88
N LEU B 126 -21.56 22.29 35.40
CA LEU B 126 -20.34 23.09 35.38
C LEU B 126 -19.93 23.45 36.84
N ASN B 127 -18.67 23.20 37.19
CA ASN B 127 -18.05 23.80 38.39
C ASN B 127 -17.35 25.08 37.97
N GLN B 128 -17.68 26.22 38.60
CA GLN B 128 -17.04 27.49 38.28
C GLN B 128 -15.90 27.75 39.21
N LEU B 129 -14.87 28.43 38.73
CA LEU B 129 -13.76 28.83 39.60
C LEU B 129 -14.24 29.52 40.89
N ASP B 130 -15.27 30.34 40.76
CA ASP B 130 -15.79 31.10 41.94
C ASP B 130 -16.61 30.25 42.91
N GLY B 131 -16.67 28.93 42.70
CA GLY B 131 -17.12 28.02 43.77
C GLY B 131 -18.57 27.56 43.65
N HIS B 132 -19.22 27.87 42.51
CA HIS B 132 -20.60 27.46 42.27
C HIS B 132 -20.62 26.21 41.40
N ILE B 133 -21.58 25.33 41.71
CA ILE B 133 -21.97 24.20 40.88
C ILE B 133 -23.26 24.69 40.17
N VAL B 134 -23.28 24.57 38.85
CA VAL B 134 -24.38 25.02 38.01
C VAL B 134 -24.90 23.85 37.21
N ALA B 135 -26.23 23.70 37.18
CA ALA B 135 -26.91 22.74 36.30
C ALA B 135 -27.62 23.47 35.19
N LEU B 136 -27.33 23.07 33.94
CA LEU B 136 -27.87 23.63 32.77
C LEU B 136 -28.73 22.59 32.05
N ASN B 137 -29.78 23.03 31.37
CA ASN B 137 -30.46 22.13 30.41
C ASN B 137 -29.55 21.76 29.25
N ALA B 138 -29.35 20.48 29.01
CA ALA B 138 -28.36 20.03 28.05
C ALA B 138 -28.76 20.38 26.62
N LYS B 139 -30.07 20.50 26.39
CA LYS B 139 -30.57 20.83 25.04
C LYS B 139 -30.68 22.31 24.76
N THR B 140 -30.95 23.12 25.77
CA THR B 140 -31.23 24.54 25.59
C THR B 140 -30.26 25.47 26.25
N GLY B 141 -29.47 24.97 27.20
CA GLY B 141 -28.54 25.84 27.91
C GLY B 141 -29.17 26.68 29.00
N GLU B 142 -30.45 26.51 29.24
CA GLU B 142 -31.12 27.28 30.29
C GLU B 142 -30.59 26.90 31.69
N GLU B 143 -30.37 27.90 32.53
CA GLU B 143 -29.91 27.65 33.88
C GLU B 143 -31.06 27.00 34.68
N ILE B 144 -30.81 25.83 35.29
CA ILE B 144 -31.79 25.13 36.06
C ILE B 144 -31.66 25.39 37.54
N TRP B 145 -30.45 25.28 38.08
CA TRP B 145 -30.16 25.60 39.43
C TRP B 145 -28.66 25.94 39.57
N LYS B 146 -28.32 26.62 40.68
CA LYS B 146 -26.97 27.12 40.90
C LYS B 146 -26.75 27.20 42.39
N MET B 147 -25.76 26.46 42.94
CA MET B 147 -25.52 26.45 44.39
C MET B 147 -24.09 26.89 44.71
N GLU B 148 -23.93 27.47 45.89
CA GLU B 148 -22.61 27.87 46.39
C GLU B 148 -21.90 26.74 47.10
N ASN B 149 -20.81 26.21 46.52
CA ASN B 149 -20.07 25.13 47.18
C ASN B 149 -18.89 25.65 47.98
N SER B 150 -18.15 26.58 47.36
CA SER B 150 -16.85 27.07 47.85
C SER B 150 -16.79 28.55 47.82
N ASP B 151 -16.08 29.11 48.78
CA ASP B 151 -16.06 30.58 49.00
C ASP B 151 -14.70 31.15 48.67
N ILE B 152 -14.59 31.95 47.64
CA ILE B 152 -13.31 32.47 47.22
C ILE B 152 -12.69 33.42 48.26
N ALA B 153 -13.49 34.04 49.11
CA ALA B 153 -12.90 34.88 50.19
C ALA B 153 -12.08 34.09 51.18
N MET B 154 -12.29 32.76 51.25
CA MET B 154 -11.45 31.83 52.01
C MET B 154 -10.33 31.16 51.18
N GLY B 155 -10.11 31.59 49.94
CA GLY B 155 -9.11 30.93 49.11
C GLY B 155 -9.64 29.64 48.49
N SER B 156 -10.97 29.43 48.55
CA SER B 156 -11.60 28.15 48.22
C SER B 156 -12.32 28.28 46.88
N THR B 157 -11.84 27.53 45.90
CA THR B 157 -12.29 27.60 44.50
C THR B 157 -12.72 26.20 44.02
N LEU B 158 -13.15 26.10 42.78
CA LEU B 158 -13.34 24.79 42.13
C LEU B 158 -12.54 24.74 40.84
N THR B 159 -11.91 23.59 40.61
CA THR B 159 -11.22 23.36 39.36
C THR B 159 -11.50 21.94 38.81
N GLY B 160 -11.80 20.97 39.66
CA GLY B 160 -12.12 19.61 39.18
C GLY B 160 -13.53 19.50 38.65
N ALA B 161 -13.73 18.61 37.72
CA ALA B 161 -15.03 18.39 37.11
C ALA B 161 -16.05 17.78 38.06
N PRO B 162 -17.33 18.14 37.91
CA PRO B 162 -18.42 17.44 38.59
C PRO B 162 -18.47 15.99 38.15
N PHE B 163 -19.11 15.15 38.96
CA PHE B 163 -19.21 13.71 38.73
C PHE B 163 -20.58 13.21 39.08
N VAL B 164 -21.28 12.63 38.08
CA VAL B 164 -22.67 12.17 38.25
C VAL B 164 -22.71 10.71 38.68
N VAL B 165 -23.37 10.42 39.79
CA VAL B 165 -23.66 9.07 40.28
C VAL B 165 -25.13 9.02 40.70
N LYS B 166 -25.87 8.11 40.10
CA LYS B 166 -27.33 8.00 40.25
C LYS B 166 -27.99 9.37 40.05
N ASP B 167 -28.76 9.83 41.02
CA ASP B 167 -29.37 11.13 40.93
C ASP B 167 -28.65 12.20 41.76
N LYS B 168 -27.32 12.07 41.82
CA LYS B 168 -26.50 12.99 42.60
C LYS B 168 -25.35 13.48 41.72
N VAL B 169 -24.88 14.68 41.99
CA VAL B 169 -23.71 15.20 41.31
C VAL B 169 -22.73 15.56 42.42
N LEU B 170 -21.52 15.02 42.32
CA LEU B 170 -20.44 15.29 43.28
C LEU B 170 -19.59 16.46 42.86
N VAL B 171 -19.25 17.31 43.87
CA VAL B 171 -18.51 18.56 43.71
C VAL B 171 -17.36 18.49 44.73
N GLY B 172 -16.15 18.59 44.25
CA GLY B 172 -14.98 18.55 45.07
C GLY B 172 -14.68 19.93 45.64
N SER B 173 -13.37 20.18 45.78
CA SER B 173 -12.84 21.37 46.40
C SER B 173 -11.42 21.65 45.90
N ALA B 174 -10.93 22.85 46.19
CA ALA B 174 -9.62 23.33 45.76
C ALA B 174 -9.23 24.49 46.66
N GLY B 175 -7.93 24.70 46.75
CA GLY B 175 -7.36 25.72 47.66
C GLY B 175 -6.51 25.18 48.79
N ALA B 176 -5.91 24.02 48.64
CA ALA B 176 -5.01 23.55 49.70
C ALA B 176 -3.81 24.47 49.90
N GLU B 177 -3.39 25.15 48.82
CA GLU B 177 -2.32 26.16 48.88
C GLU B 177 -2.70 27.42 49.69
N LEU B 178 -3.96 27.54 50.06
CA LEU B 178 -4.49 28.63 50.86
C LEU B 178 -5.13 28.12 52.13
N GLY B 179 -4.75 26.94 52.61
CA GLY B 179 -5.27 26.42 53.84
C GLY B 179 -6.75 26.01 53.86
N VAL B 180 -7.34 25.65 52.69
CA VAL B 180 -8.67 25.11 52.64
C VAL B 180 -8.70 23.67 53.05
N ARG B 181 -9.56 23.41 54.02
CA ARG B 181 -9.81 22.06 54.49
C ARG B 181 -10.70 21.39 53.48
N GLY B 182 -10.26 20.25 52.99
CA GLY B 182 -11.00 19.60 51.90
C GLY B 182 -12.34 19.01 52.26
N TYR B 183 -13.24 19.08 51.29
CA TYR B 183 -14.53 18.39 51.37
C TYR B 183 -15.08 18.08 49.97
N VAL B 184 -15.75 16.94 49.89
CA VAL B 184 -16.51 16.55 48.75
C VAL B 184 -18.00 16.55 49.12
N THR B 185 -18.84 16.98 48.20
CA THR B 185 -20.26 17.20 48.45
C THR B 185 -21.11 16.54 47.35
N ALA B 186 -22.18 15.86 47.75
CA ALA B 186 -23.17 15.27 46.78
C ALA B 186 -24.43 16.11 46.78
N TYR B 187 -24.83 16.62 45.60
CA TYR B 187 -26.04 17.41 45.43
C TYR B 187 -27.06 16.63 44.65
N ASN B 188 -28.33 16.75 45.04
CA ASN B 188 -29.45 16.11 44.34
C ASN B 188 -29.57 16.77 42.99
N ILE B 189 -29.68 15.99 41.92
CA ILE B 189 -29.64 16.58 40.57
C ILE B 189 -30.93 17.34 40.21
N LYS B 190 -32.06 16.97 40.77
CA LYS B 190 -33.35 17.68 40.51
C LYS B 190 -33.33 19.15 40.92
N ASP B 191 -32.82 19.43 42.12
CA ASP B 191 -32.93 20.80 42.74
C ASP B 191 -31.70 21.38 43.45
N GLY B 192 -30.59 20.62 43.42
CA GLY B 192 -29.36 21.02 44.06
C GLY B 192 -29.37 20.95 45.57
N LYS B 193 -30.25 20.14 46.15
CA LYS B 193 -30.30 19.99 47.59
C LYS B 193 -29.09 19.19 48.03
N GLN B 194 -28.36 19.71 49.01
CA GLN B 194 -27.22 19.00 49.52
C GLN B 194 -27.66 17.70 50.19
N GLU B 195 -26.99 16.62 49.83
CA GLU B 195 -27.32 15.31 50.34
C GLU B 195 -26.33 14.86 51.37
N TRP B 196 -25.02 14.99 51.11
CA TRP B 196 -24.02 14.68 52.11
C TRP B 196 -22.73 15.41 51.84
N ARG B 197 -21.88 15.55 52.84
CA ARG B 197 -20.62 16.30 52.64
C ARG B 197 -19.61 15.63 53.51
N ALA B 198 -18.51 15.17 52.92
CA ALA B 198 -17.46 14.48 53.64
C ALA B 198 -16.18 15.29 53.62
N TYR B 199 -15.62 15.57 54.79
CA TYR B 199 -14.39 16.34 54.95
C TYR B 199 -13.19 15.39 55.00
N ALA B 200 -12.01 15.93 54.67
CA ALA B 200 -10.78 15.11 54.61
C ALA B 200 -10.01 15.06 55.91
N THR B 201 -10.34 15.96 56.85
CA THR B 201 -9.63 16.06 58.12
C THR B 201 -10.69 16.32 59.22
N GLY B 202 -10.30 16.15 60.47
CA GLY B 202 -11.19 16.49 61.58
C GLY B 202 -11.93 15.31 62.21
N PRO B 203 -13.02 15.63 62.95
CA PRO B 203 -13.73 14.60 63.70
C PRO B 203 -14.38 13.57 62.77
N ASP B 204 -14.52 12.34 63.25
CA ASP B 204 -15.06 11.31 62.42
C ASP B 204 -16.40 11.61 61.84
N GLU B 205 -17.25 12.39 62.54
CA GLU B 205 -18.58 12.72 62.01
C GLU B 205 -18.44 13.50 60.67
N ASP B 206 -17.43 14.36 60.63
CA ASP B 206 -17.14 15.19 59.45
C ASP B 206 -16.52 14.35 58.34
N LEU B 207 -15.66 13.39 58.69
CA LEU B 207 -15.06 12.47 57.70
C LEU B 207 -16.10 11.56 56.99
N LEU B 208 -17.19 11.22 57.69
CA LEU B 208 -18.31 10.46 57.20
C LEU B 208 -17.87 9.04 56.94
N LEU B 209 -17.68 8.32 58.06
CA LEU B 209 -17.15 6.98 58.04
C LEU B 209 -18.25 5.91 58.28
N ASP B 210 -18.18 4.81 57.55
CA ASP B 210 -18.99 3.63 57.83
C ASP B 210 -18.59 3.07 59.18
N LYS B 211 -19.52 2.48 59.93
CA LYS B 211 -19.18 1.82 61.21
C LYS B 211 -18.10 0.76 60.97
N ASP B 212 -18.07 0.13 59.80
CA ASP B 212 -17.03 -0.84 59.41
C ASP B 212 -15.85 -0.29 58.58
N PHE B 213 -15.60 1.00 58.69
CA PHE B 213 -14.48 1.66 57.96
C PHE B 213 -13.16 0.90 58.22
N ASN B 214 -12.48 0.52 57.14
CA ASN B 214 -11.17 -0.21 57.16
C ASN B 214 -11.19 -1.54 57.98
N LYS B 215 -12.36 -2.14 58.03
CA LYS B 215 -12.49 -3.44 58.69
C LYS B 215 -11.60 -4.47 58.02
N ASP B 216 -11.41 -4.40 56.70
CA ASP B 216 -10.54 -5.38 56.03
C ASP B 216 -9.03 -5.09 56.18
N ASN B 217 -8.69 -3.82 56.49
CA ASN B 217 -7.31 -3.39 56.66
C ASN B 217 -7.19 -2.47 57.87
N PRO B 218 -7.36 -3.02 59.08
CA PRO B 218 -7.40 -2.09 60.28
C PRO B 218 -6.07 -1.42 60.54
N HIS B 219 -5.01 -2.02 60.02
CA HIS B 219 -3.68 -1.44 60.07
C HIS B 219 -3.50 -0.17 59.27
N TYR B 220 -4.44 0.17 58.40
CA TYR B 220 -4.49 1.48 57.75
C TYR B 220 -4.84 2.59 58.73
N GLY B 221 -5.43 2.23 59.86
CA GLY B 221 -6.02 3.18 60.78
C GLY B 221 -7.53 3.21 60.64
N GLN B 222 -8.23 3.45 61.73
CA GLN B 222 -9.67 3.50 61.67
C GLN B 222 -10.21 4.79 62.25
N PHE B 223 -10.63 4.81 63.55
CA PHE B 223 -11.32 5.98 64.10
C PHE B 223 -10.43 6.96 64.86
N GLY B 224 -10.84 8.20 64.82
CA GLY B 224 -10.28 9.32 65.55
C GLY B 224 -9.06 9.96 64.95
N LEU B 225 -8.60 9.47 63.80
CA LEU B 225 -7.27 9.85 63.28
C LEU B 225 -7.27 11.22 62.60
N GLY B 226 -8.45 11.67 62.18
CA GLY B 226 -8.63 12.99 61.63
C GLY B 226 -8.36 14.11 62.63
N LEU B 227 -8.40 13.75 63.93
CA LEU B 227 -7.96 14.60 65.03
C LEU B 227 -6.60 14.23 65.57
N SER B 228 -6.36 12.95 65.84
CA SER B 228 -5.23 12.55 66.62
C SER B 228 -3.91 12.58 65.87
N THR B 229 -3.92 12.68 64.53
CA THR B 229 -2.69 12.79 63.74
C THR B 229 -2.40 14.28 63.36
N TRP B 230 -3.02 15.20 64.10
CA TRP B 230 -2.71 16.64 64.02
C TRP B 230 -2.42 17.14 65.45
N GLU B 231 -1.73 18.26 65.55
CA GLU B 231 -1.56 18.95 66.83
C GLU B 231 -2.63 20.03 67.00
N GLY B 232 -3.48 19.89 68.01
CA GLY B 232 -4.54 20.86 68.26
C GLY B 232 -5.46 21.02 67.07
N ASP B 233 -5.75 22.28 66.72
CA ASP B 233 -6.76 22.57 65.74
C ASP B 233 -6.18 22.78 64.33
N ALA B 234 -4.97 22.31 64.08
CA ALA B 234 -4.33 22.59 62.82
C ALA B 234 -5.07 21.91 61.62
N TRP B 235 -5.83 20.85 61.93
CA TRP B 235 -6.67 20.19 60.95
C TRP B 235 -7.69 21.13 60.32
N LYS B 236 -8.04 22.21 61.04
CA LYS B 236 -9.03 23.14 60.53
C LYS B 236 -8.69 23.83 59.22
N ILE B 237 -7.41 23.96 58.96
CA ILE B 237 -6.93 24.60 57.79
C ILE B 237 -5.99 23.61 57.08
N GLY B 238 -6.34 22.31 57.18
CA GLY B 238 -5.36 21.23 56.99
C GLY B 238 -5.26 20.68 55.56
N GLY B 239 -5.92 21.28 54.57
CA GLY B 239 -5.81 20.77 53.17
C GLY B 239 -6.65 19.51 52.91
N GLY B 240 -6.22 18.69 51.98
CA GLY B 240 -7.00 17.52 51.61
C GLY B 240 -8.14 17.78 50.63
N THR B 241 -8.10 18.92 49.94
CA THR B 241 -9.06 19.23 48.91
C THR B 241 -8.97 18.22 47.78
N ASN B 242 -10.09 17.94 47.10
CA ASN B 242 -10.15 16.94 46.03
C ASN B 242 -10.58 17.58 44.69
N TRP B 243 -9.57 17.82 43.85
CA TRP B 243 -9.74 18.56 42.61
C TRP B 243 -9.45 17.71 41.38
N GLY B 244 -9.31 16.40 41.61
CA GLY B 244 -9.05 15.47 40.54
C GLY B 244 -10.32 14.71 40.08
N TRP B 245 -10.16 13.42 39.92
CA TRP B 245 -11.09 12.58 39.22
C TRP B 245 -11.66 11.50 40.12
N TYR B 246 -12.79 10.92 39.68
CA TYR B 246 -13.45 9.88 40.41
C TYR B 246 -13.67 8.65 39.54
N ALA B 247 -14.02 7.60 40.21
CA ALA B 247 -14.54 6.39 39.51
C ALA B 247 -15.66 5.83 40.32
N TYR B 248 -16.41 4.92 39.71
CA TYR B 248 -17.55 4.34 40.37
C TYR B 248 -17.78 2.92 39.92
N ASP B 249 -18.06 2.06 40.88
CA ASP B 249 -18.38 0.64 40.58
C ASP B 249 -19.87 0.49 40.97
N PRO B 250 -20.74 0.33 39.99
CA PRO B 250 -22.15 0.18 40.34
C PRO B 250 -22.55 -1.08 41.07
N LYS B 251 -21.77 -2.14 40.95
CA LYS B 251 -22.08 -3.42 41.60
C LYS B 251 -21.81 -3.30 43.12
N LEU B 252 -20.73 -2.64 43.48
CA LEU B 252 -20.38 -2.39 44.86
C LEU B 252 -21.07 -1.12 45.42
N ASP B 253 -21.60 -0.29 44.51
CA ASP B 253 -22.17 1.04 44.81
C ASP B 253 -21.19 1.95 45.57
N MET B 254 -19.94 1.99 45.04
CA MET B 254 -18.83 2.68 45.69
C MET B 254 -18.16 3.67 44.71
N ILE B 255 -17.85 4.82 45.24
CA ILE B 255 -17.20 5.89 44.57
C ILE B 255 -15.79 5.93 45.09
N TYR B 256 -14.86 6.20 44.17
CA TYR B 256 -13.40 6.27 44.47
C TYR B 256 -12.82 7.60 44.08
N TYR B 257 -11.99 8.17 44.94
CA TYR B 257 -11.30 9.43 44.63
C TYR B 257 -10.19 9.55 45.66
N GLY B 258 -9.26 10.46 45.39
CA GLY B 258 -8.18 10.78 46.28
C GLY B 258 -8.25 12.17 46.88
N SER B 259 -7.89 12.30 48.15
CA SER B 259 -7.76 13.61 48.75
C SER B 259 -6.37 14.15 48.64
N GLY B 260 -6.31 15.47 48.60
CA GLY B 260 -5.12 16.20 48.38
C GLY B 260 -4.14 16.41 49.51
N ASN B 261 -3.18 17.27 49.25
CA ASN B 261 -2.07 17.50 50.18
C ASN B 261 -2.51 18.23 51.43
N PRO B 262 -1.82 17.97 52.54
CA PRO B 262 -2.05 18.78 53.72
C PRO B 262 -1.42 20.18 53.60
N ALA B 263 -1.99 21.13 54.35
CA ALA B 263 -1.54 22.50 54.37
C ALA B 263 -1.01 22.83 55.78
N PRO B 264 0.02 23.69 55.86
CA PRO B 264 0.70 24.29 54.70
C PRO B 264 1.73 23.30 54.07
N TRP B 265 2.46 23.72 53.04
CA TRP B 265 3.54 22.88 52.47
C TRP B 265 4.68 22.65 53.47
N ASN B 266 4.87 23.63 54.37
CA ASN B 266 5.87 23.58 55.48
C ASN B 266 5.50 22.51 56.51
N GLU B 267 6.17 21.38 56.38
CA GLU B 267 5.81 20.19 57.15
C GLU B 267 6.04 20.39 58.65
N THR B 268 6.97 21.30 58.97
CA THR B 268 7.38 21.51 60.36
C THR B 268 6.24 22.18 61.15
N MET B 269 5.32 22.89 60.49
CA MET B 269 4.22 23.55 61.12
C MET B 269 3.03 22.63 61.42
N ARG B 270 3.11 21.37 60.98
CA ARG B 270 2.01 20.44 61.14
C ARG B 270 2.50 19.05 61.43
N PRO B 271 3.17 18.86 62.58
CA PRO B 271 3.53 17.49 63.03
C PRO B 271 2.33 16.55 63.03
N GLY B 272 2.59 15.29 62.63
CA GLY B 272 1.62 14.18 62.67
C GLY B 272 1.33 13.62 61.29
N ASP B 273 0.70 12.44 61.23
CA ASP B 273 0.39 11.83 59.92
C ASP B 273 -0.61 12.66 59.07
N ASN B 274 -1.28 13.64 59.69
CA ASN B 274 -2.18 14.57 58.96
C ASN B 274 -3.29 13.82 58.17
N LYS B 275 -3.87 12.83 58.80
CA LYS B 275 -4.95 12.07 58.20
C LYS B 275 -6.19 12.93 58.12
N TRP B 276 -7.05 12.75 57.09
CA TRP B 276 -6.95 11.84 55.95
C TRP B 276 -6.69 12.61 54.66
N THR B 277 -5.69 13.47 54.69
CA THR B 277 -5.05 13.96 53.45
C THR B 277 -4.32 12.82 52.75
N MET B 278 -4.08 12.96 51.43
CA MET B 278 -3.30 12.01 50.67
C MET B 278 -3.93 10.61 50.77
N THR B 279 -5.24 10.53 50.72
CA THR B 279 -5.96 9.28 50.97
C THR B 279 -6.73 8.80 49.74
N ILE B 280 -6.61 7.50 49.43
CA ILE B 280 -7.49 6.84 48.52
C ILE B 280 -8.76 6.40 49.29
N TRP B 281 -9.88 6.88 48.83
CA TRP B 281 -11.20 6.59 49.42
C TRP B 281 -12.06 5.70 48.60
N GLY B 282 -12.79 4.79 49.29
CA GLY B 282 -13.91 4.10 48.77
C GLY B 282 -15.13 4.42 49.62
N ARG B 283 -16.05 5.18 49.05
CA ARG B 283 -17.24 5.68 49.76
C ARG B 283 -18.51 5.10 49.15
N ASP B 284 -19.47 4.81 50.04
CA ASP B 284 -20.81 4.40 49.65
C ASP B 284 -21.44 5.50 48.84
N ALA B 285 -22.06 5.20 47.69
CA ALA B 285 -22.64 6.25 46.85
C ALA B 285 -23.82 6.99 47.51
N ASP B 286 -24.75 6.25 48.10
CA ASP B 286 -25.96 6.90 48.67
C ASP B 286 -25.69 7.77 49.88
N THR B 287 -24.87 7.31 50.80
CA THR B 287 -24.63 8.02 52.05
C THR B 287 -23.31 8.78 52.14
N GLY B 288 -22.35 8.45 51.28
CA GLY B 288 -21.02 9.07 51.36
C GLY B 288 -20.10 8.40 52.40
N ARG B 289 -20.60 7.39 53.12
CA ARG B 289 -19.85 6.75 54.18
C ARG B 289 -18.67 5.95 53.67
N ALA B 290 -17.53 6.24 54.21
CA ALA B 290 -16.30 5.56 53.74
C ALA B 290 -16.23 4.14 54.24
N LYS B 291 -16.08 3.23 53.28
CA LYS B 291 -15.82 1.86 53.59
C LYS B 291 -14.35 1.61 53.76
N PHE B 292 -13.49 2.30 53.01
CA PHE B 292 -12.04 2.18 53.25
C PHE B 292 -11.35 3.48 52.97
N GLY B 293 -10.12 3.61 53.48
CA GLY B 293 -9.36 4.83 53.24
C GLY B 293 -7.92 4.43 53.48
N TYR B 294 -7.08 4.61 52.45
CA TYR B 294 -5.68 4.27 52.49
C TYR B 294 -4.89 5.54 52.33
N GLN B 295 -4.08 5.91 53.34
CA GLN B 295 -3.21 7.07 53.23
C GLN B 295 -1.90 6.71 52.57
N LYS B 296 -1.72 7.24 51.36
CA LYS B 296 -0.52 6.99 50.59
C LYS B 296 0.71 7.65 51.11
N THR B 297 0.58 8.91 51.53
CA THR B 297 1.76 9.71 51.89
C THR B 297 1.47 10.33 53.26
N PRO B 298 1.73 9.58 54.35
CA PRO B 298 1.55 10.15 55.70
C PRO B 298 2.49 11.33 55.91
N HIS B 299 1.98 12.38 56.56
CA HIS B 299 2.80 13.54 56.85
C HIS B 299 3.56 14.02 55.57
N ASP B 300 2.79 14.40 54.54
CA ASP B 300 3.42 14.88 53.34
C ASP B 300 4.44 15.99 53.60
N GLU B 301 5.54 15.88 52.91
CA GLU B 301 6.60 16.85 52.93
C GLU B 301 6.93 17.48 51.59
N TRP B 302 6.20 17.12 50.54
CA TRP B 302 6.61 17.37 49.17
C TRP B 302 5.50 17.92 48.27
N ASP B 303 4.30 18.15 48.83
CA ASP B 303 3.08 18.46 48.05
C ASP B 303 2.81 17.38 46.98
N TYR B 304 2.85 16.12 47.38
CA TYR B 304 2.39 15.06 46.46
C TYR B 304 0.86 14.87 46.44
N ALA B 305 0.15 15.97 46.17
CA ALA B 305 -1.32 16.06 46.28
C ALA B 305 -1.94 14.82 45.74
N GLY B 306 -2.68 14.13 46.59
CA GLY B 306 -3.14 12.78 46.20
C GLY B 306 -4.39 12.68 45.32
N VAL B 307 -4.54 13.58 44.35
CA VAL B 307 -5.81 13.78 43.64
C VAL B 307 -5.93 13.07 42.27
N ASN B 308 -4.92 12.27 41.92
CA ASN B 308 -4.85 11.79 40.53
C ASN B 308 -5.93 10.77 40.27
N TYR B 309 -6.08 10.43 39.03
CA TYR B 309 -7.22 9.60 38.62
C TYR B 309 -7.18 8.14 39.13
N MET B 310 -8.34 7.50 39.14
CA MET B 310 -8.53 6.11 39.52
C MET B 310 -9.06 5.37 38.29
N GLY B 311 -8.34 4.36 37.86
CA GLY B 311 -8.63 3.56 36.65
C GLY B 311 -9.00 2.16 37.18
N LEU B 312 -10.24 1.75 36.93
CA LEU B 312 -10.72 0.46 37.43
C LEU B 312 -10.52 -0.62 36.36
N SER B 313 -10.26 -1.83 36.82
CA SER B 313 -10.01 -2.96 35.99
C SER B 313 -10.30 -4.23 36.75
N GLU B 314 -10.51 -5.34 36.00
CA GLU B 314 -10.57 -6.64 36.63
C GLU B 314 -9.41 -7.53 36.11
N GLN B 315 -8.52 -7.93 36.98
CA GLN B 315 -7.28 -8.61 36.58
C GLN B 315 -6.94 -9.72 37.60
N GLU B 316 -6.18 -10.69 37.19
CA GLU B 316 -5.80 -11.76 38.10
C GLU B 316 -4.74 -11.34 39.07
N VAL B 317 -4.94 -11.71 40.32
CA VAL B 317 -4.00 -11.42 41.43
C VAL B 317 -3.82 -12.79 42.08
N ASP B 318 -2.60 -13.32 42.00
CA ASP B 318 -2.33 -14.70 42.43
C ASP B 318 -3.30 -15.67 41.81
N GLY B 319 -3.56 -15.52 40.51
CA GLY B 319 -4.50 -16.40 39.81
C GLY B 319 -5.98 -16.22 40.05
N LYS B 320 -6.41 -15.27 40.86
CA LYS B 320 -7.83 -15.04 41.08
C LYS B 320 -8.27 -13.71 40.43
N LEU B 321 -9.28 -13.73 39.59
CA LEU B 321 -9.78 -12.55 38.97
C LEU B 321 -10.35 -11.62 40.02
N THR B 322 -9.85 -10.37 40.10
CA THR B 322 -10.09 -9.46 41.20
C THR B 322 -10.52 -8.05 40.68
N PRO B 323 -11.55 -7.44 41.28
CA PRO B 323 -11.90 -6.00 41.00
C PRO B 323 -10.88 -5.06 41.66
N LEU B 324 -10.21 -4.30 40.79
CA LEU B 324 -9.14 -3.40 41.18
C LEU B 324 -9.41 -1.95 40.87
N LEU B 325 -8.64 -1.10 41.55
CA LEU B 325 -8.37 0.27 41.12
C LEU B 325 -6.88 0.43 40.98
N THR B 326 -6.47 1.24 40.02
CA THR B 326 -5.10 1.62 39.79
C THR B 326 -4.98 3.15 39.74
N HIS B 327 -3.91 3.66 40.33
CA HIS B 327 -3.87 5.11 40.69
C HIS B 327 -2.42 5.54 40.66
N PRO B 328 -1.98 6.27 39.62
CA PRO B 328 -0.61 6.75 39.52
C PRO B 328 -0.48 8.05 40.30
N ASP B 329 0.12 8.04 41.46
CA ASP B 329 0.07 9.18 42.38
C ASP B 329 1.15 10.18 41.99
N ARG B 330 1.00 11.48 42.39
CA ARG B 330 2.09 12.44 42.31
C ARG B 330 3.37 11.97 42.93
N ASN B 331 3.24 11.18 43.97
CA ASN B 331 4.45 10.69 44.73
C ASN B 331 5.33 9.73 43.94
N GLY B 332 4.90 9.36 42.74
CA GLY B 332 5.74 8.53 41.93
C GLY B 332 5.49 7.07 42.07
N LEU B 333 4.53 6.70 42.91
CA LEU B 333 4.14 5.32 43.00
C LEU B 333 2.82 5.08 42.23
N VAL B 334 2.69 3.90 41.67
CA VAL B 334 1.45 3.45 41.05
C VAL B 334 0.81 2.41 41.98
N TYR B 335 -0.36 2.75 42.55
CA TYR B 335 -1.04 1.96 43.54
C TYR B 335 -2.09 1.13 42.84
N THR B 336 -2.13 -0.16 43.16
CA THR B 336 -3.26 -1.00 42.72
C THR B 336 -3.84 -1.63 44.00
N LEU B 337 -5.13 -1.40 44.22
CA LEU B 337 -5.86 -1.84 45.41
C LEU B 337 -7.00 -2.71 44.92
N ASN B 338 -7.34 -3.71 45.72
CA ASN B 338 -8.67 -4.36 45.60
C ASN B 338 -9.72 -3.30 45.95
N ARG B 339 -10.67 -3.09 45.05
CA ARG B 339 -11.60 -1.99 45.18
C ARG B 339 -12.81 -2.27 45.98
N GLU B 340 -12.94 -3.52 46.40
CA GLU B 340 -13.95 -3.91 47.37
C GLU B 340 -13.44 -3.81 48.79
N THR B 341 -12.32 -4.42 49.08
CA THR B 341 -11.75 -4.42 50.43
C THR B 341 -10.78 -3.30 50.80
N GLY B 342 -10.23 -2.64 49.78
CA GLY B 342 -9.18 -1.68 49.95
C GLY B 342 -7.77 -2.25 50.15
N ALA B 343 -7.63 -3.58 50.09
CA ALA B 343 -6.34 -4.25 50.30
C ALA B 343 -5.34 -3.80 49.23
N LEU B 344 -4.11 -3.54 49.65
CA LEU B 344 -3.05 -3.17 48.75
C LEU B 344 -2.60 -4.43 47.96
N VAL B 345 -2.58 -4.35 46.65
CA VAL B 345 -2.07 -5.42 45.76
C VAL B 345 -0.65 -5.07 45.27
N ASN B 346 -0.41 -3.84 44.82
CA ASN B 346 0.96 -3.39 44.54
C ASN B 346 1.06 -1.89 44.67
N ALA B 347 2.31 -1.44 44.80
CA ALA B 347 2.65 -0.02 44.84
C ALA B 347 4.05 0.07 44.33
N PHE B 348 4.22 0.34 43.05
CA PHE B 348 5.52 0.29 42.42
C PHE B 348 5.90 1.65 41.89
N LYS B 349 7.22 1.92 41.85
CA LYS B 349 7.71 3.18 41.32
C LYS B 349 7.46 3.32 39.80
N ILE B 350 6.85 4.42 39.38
CA ILE B 350 6.61 4.71 37.99
C ILE B 350 7.87 4.99 37.17
N ASP B 351 8.94 5.38 37.87
CA ASP B 351 10.26 5.50 37.35
C ASP B 351 11.21 5.18 38.52
N ASP B 352 12.33 4.53 38.27
CA ASP B 352 13.18 4.10 39.38
C ASP B 352 13.93 5.23 40.14
N THR B 353 13.87 6.42 39.62
CA THR B 353 14.56 7.52 40.25
C THR B 353 13.80 8.14 41.43
N VAL B 354 12.55 7.75 41.63
CA VAL B 354 11.81 8.14 42.86
C VAL B 354 12.67 7.90 44.09
N ASN B 355 12.84 8.91 44.97
CA ASN B 355 13.79 8.75 46.09
C ASN B 355 13.34 9.16 47.48
N TRP B 356 12.16 9.78 47.61
CA TRP B 356 11.65 10.12 48.95
C TRP B 356 11.31 8.92 49.80
N VAL B 357 10.97 7.84 49.12
CA VAL B 357 10.55 6.56 49.64
C VAL B 357 11.53 5.51 49.09
N LYS B 358 11.96 4.59 49.97
CA LYS B 358 12.77 3.43 49.55
C LYS B 358 11.90 2.40 48.80
N LYS B 359 10.84 1.97 49.46
CA LYS B 359 9.81 1.15 48.89
C LYS B 359 8.57 1.20 49.80
N VAL B 360 7.43 0.75 49.29
CA VAL B 360 6.24 0.54 50.10
C VAL B 360 6.31 -0.90 50.59
N ASP B 361 6.22 -1.08 51.90
CA ASP B 361 6.07 -2.43 52.45
C ASP B 361 4.61 -2.79 52.26
N LEU B 362 4.34 -3.77 51.39
CA LEU B 362 2.99 -4.05 51.03
C LEU B 362 2.21 -4.73 52.18
N LYS B 363 2.90 -5.35 53.11
CA LYS B 363 2.23 -5.96 54.26
C LYS B 363 1.77 -4.94 55.26
N THR B 364 2.60 -3.97 55.58
CA THR B 364 2.20 -2.94 56.55
C THR B 364 1.46 -1.77 55.87
N GLY B 365 1.64 -1.66 54.56
CA GLY B 365 1.13 -0.58 53.75
C GLY B 365 1.88 0.74 53.87
N LEU B 366 3.01 0.74 54.56
CA LEU B 366 3.74 1.99 54.86
C LEU B 366 4.87 2.24 53.86
N PRO B 367 4.98 3.48 53.39
CA PRO B 367 6.16 3.85 52.64
C PRO B 367 7.32 4.05 53.56
N ILE B 368 8.41 3.32 53.32
CA ILE B 368 9.64 3.44 54.11
C ILE B 368 10.38 4.65 53.63
N ARG B 369 10.43 5.67 54.45
CA ARG B 369 10.91 6.99 54.05
C ARG B 369 12.44 7.01 53.98
N ASP B 370 13.00 7.78 53.05
CA ASP B 370 14.44 8.00 53.03
C ASP B 370 14.70 9.37 53.63
N PRO B 371 15.27 9.44 54.84
CA PRO B 371 15.52 10.77 55.47
C PRO B 371 16.39 11.74 54.68
N GLU B 372 17.27 11.23 53.84
CA GLU B 372 18.10 12.10 53.00
C GLU B 372 17.24 12.94 52.01
N TYR B 373 16.02 12.51 51.74
CA TYR B 373 15.09 13.26 50.85
C TYR B 373 13.85 13.81 51.50
N SER B 374 13.96 14.03 52.80
CA SER B 374 12.88 14.68 53.58
C SER B 374 12.95 16.18 53.40
N THR B 375 11.89 16.87 53.80
CA THR B 375 11.95 18.34 53.90
C THR B 375 11.73 18.70 55.35
N ARG B 376 12.19 19.89 55.72
CA ARG B 376 12.11 20.33 57.10
C ARG B 376 12.68 21.75 57.18
N MET B 377 12.19 22.48 58.18
CA MET B 377 12.67 23.84 58.51
C MET B 377 14.18 23.87 58.67
N ASP B 378 14.75 24.97 58.19
CA ASP B 378 16.15 25.32 58.35
C ASP B 378 17.04 24.36 57.58
N HIS B 379 16.53 23.86 56.45
CA HIS B 379 17.30 22.94 55.60
C HIS B 379 16.84 23.12 54.15
N ASN B 380 17.74 23.25 53.22
CA ASN B 380 17.36 23.26 51.79
C ASN B 380 17.63 21.87 51.27
N ALA B 381 16.57 21.10 51.06
CA ALA B 381 16.68 19.72 50.62
C ALA B 381 16.90 19.71 49.12
N LYS B 382 17.94 19.01 48.68
CA LYS B 382 18.33 18.93 47.29
C LYS B 382 18.01 17.60 46.60
N GLY B 383 17.66 17.65 45.33
CA GLY B 383 17.56 16.43 44.47
C GLY B 383 16.42 15.50 44.85
N ILE B 384 15.28 16.03 45.32
CA ILE B 384 14.13 15.18 45.61
C ILE B 384 13.38 14.80 44.33
N CYS B 385 13.04 13.51 44.20
CA CYS B 385 12.29 13.01 43.04
C CYS B 385 11.10 12.21 43.60
N PRO B 386 9.89 12.53 43.22
CA PRO B 386 9.52 13.56 42.27
C PRO B 386 9.52 14.92 42.89
N SER B 387 9.46 15.95 42.06
CA SER B 387 9.09 17.27 42.54
C SER B 387 7.62 17.31 42.96
N ALA B 388 7.20 18.43 43.53
CA ALA B 388 5.80 18.74 43.79
C ALA B 388 4.85 18.59 42.60
N MET B 389 5.36 18.72 41.37
CA MET B 389 4.49 18.55 40.19
C MET B 389 4.19 17.07 39.95
N GLY B 390 4.91 16.21 40.64
CA GLY B 390 4.74 14.76 40.54
C GLY B 390 5.41 14.12 39.33
N TYR B 391 5.62 12.81 39.43
CA TYR B 391 5.94 12.07 38.24
C TYR B 391 4.64 11.74 37.48
N HIS B 392 3.49 12.02 38.07
CA HIS B 392 2.23 12.01 37.36
C HIS B 392 1.33 13.07 37.95
N ASN B 393 0.59 13.78 37.11
CA ASN B 393 -0.25 14.91 37.54
C ASN B 393 -1.70 14.56 37.12
N GLN B 394 -2.45 15.56 36.75
CA GLN B 394 -3.89 15.49 36.61
C GLN B 394 -4.39 14.77 35.35
N GLY B 395 -3.56 14.28 34.45
CA GLY B 395 -4.06 13.64 33.21
C GLY B 395 -4.80 12.34 33.49
N ILE B 396 -5.97 12.17 32.89
CA ILE B 396 -6.66 10.88 32.95
C ILE B 396 -5.99 9.95 32.00
N GLU B 397 -5.60 8.79 32.50
CA GLU B 397 -4.90 7.82 31.66
C GLU B 397 -5.82 6.71 31.11
N SER B 398 -5.21 5.70 30.49
CA SER B 398 -6.00 4.77 29.67
C SER B 398 -5.61 3.32 29.90
N TYR B 399 -6.54 2.42 29.62
CA TYR B 399 -6.35 0.99 29.90
C TYR B 399 -6.90 0.12 28.75
N ASP B 400 -6.01 -0.67 28.15
CA ASP B 400 -6.38 -1.65 27.12
C ASP B 400 -6.61 -2.99 27.82
N PRO B 401 -7.86 -3.43 27.85
CA PRO B 401 -8.20 -4.63 28.62
C PRO B 401 -7.80 -5.96 27.96
N ASP B 402 -7.49 -5.99 26.67
CA ASP B 402 -6.95 -7.19 26.02
C ASP B 402 -5.48 -7.33 26.33
N LYS B 403 -4.76 -6.23 26.29
CA LYS B 403 -3.34 -6.22 26.56
C LYS B 403 -3.05 -6.16 28.06
N LYS B 404 -4.03 -5.79 28.85
CA LYS B 404 -3.86 -5.52 30.28
C LYS B 404 -2.72 -4.55 30.58
N LEU B 405 -2.70 -3.49 29.81
CA LEU B 405 -1.77 -2.38 29.98
C LEU B 405 -2.47 -1.05 30.22
N PHE B 406 -1.89 -0.29 31.16
CA PHE B 406 -2.14 1.11 31.34
C PHE B 406 -1.13 1.94 30.54
N PHE B 407 -1.60 3.00 29.86
CA PHE B 407 -0.73 3.91 29.10
C PHE B 407 -0.78 5.24 29.83
N MET B 408 0.36 5.77 30.15
CA MET B 408 0.47 7.02 30.95
C MET B 408 1.48 8.03 30.44
N GLY B 409 1.06 9.29 30.47
CA GLY B 409 1.96 10.41 30.32
C GLY B 409 2.55 10.71 31.66
N VAL B 410 3.88 10.81 31.65
CA VAL B 410 4.69 10.81 32.87
C VAL B 410 5.53 12.11 32.84
N ASN B 411 5.80 12.63 34.03
CA ASN B 411 6.67 13.77 34.19
C ASN B 411 7.97 13.29 34.83
N HIS B 412 9.08 13.91 34.47
CA HIS B 412 10.41 13.53 34.99
C HIS B 412 11.05 14.81 35.53
N ILE B 413 10.60 15.22 36.69
CA ILE B 413 10.92 16.58 37.23
C ILE B 413 11.28 16.36 38.69
N CYS B 414 12.36 16.94 39.14
CA CYS B 414 12.85 16.79 40.53
C CYS B 414 13.02 18.18 41.10
N MET B 415 13.41 18.31 42.36
CA MET B 415 13.36 19.61 43.01
C MET B 415 14.35 19.76 44.19
N ASP B 416 14.64 21.01 44.48
CA ASP B 416 15.12 21.45 45.76
C ASP B 416 13.95 22.14 46.48
N TRP B 417 13.97 22.07 47.81
CA TRP B 417 12.87 22.60 48.59
C TRP B 417 13.32 23.06 49.99
N GLU B 418 13.00 24.29 50.33
CA GLU B 418 13.18 24.81 51.72
C GLU B 418 11.91 25.48 52.25
N PRO B 419 11.41 25.02 53.39
CA PRO B 419 10.22 25.67 53.97
C PRO B 419 10.54 27.01 54.59
N PHE B 420 9.47 27.79 54.85
CA PHE B 420 9.58 29.00 55.70
C PHE B 420 8.32 29.10 56.55
N MET B 421 8.48 29.71 57.72
CA MET B 421 7.31 29.96 58.55
C MET B 421 6.48 31.11 58.01
N LEU B 422 5.16 31.01 58.18
CA LEU B 422 4.22 32.03 57.78
C LEU B 422 2.93 31.90 58.56
N PRO B 423 2.17 33.00 58.72
CA PRO B 423 0.88 32.95 59.38
C PRO B 423 -0.19 32.49 58.42
N TYR B 424 -1.23 31.94 58.98
CA TYR B 424 -2.46 31.68 58.24
C TYR B 424 -3.36 32.90 58.34
N ARG B 425 -3.74 33.45 57.19
CA ARG B 425 -4.82 34.48 57.12
C ARG B 425 -5.77 34.07 55.98
N ALA B 426 -7.03 33.88 56.30
CA ALA B 426 -8.02 33.40 55.35
C ALA B 426 -8.10 34.30 54.16
N GLY B 427 -7.98 33.70 52.98
CA GLY B 427 -8.01 34.39 51.72
C GLY B 427 -6.62 34.65 51.18
N GLN B 428 -5.56 34.44 51.98
CA GLN B 428 -4.20 34.66 51.49
C GLN B 428 -3.56 33.28 51.30
N PHE B 429 -2.55 33.21 50.45
CA PHE B 429 -1.78 31.98 50.26
C PHE B 429 -1.08 31.50 51.55
N PHE B 430 -0.95 30.17 51.70
CA PHE B 430 -0.48 29.53 52.89
C PHE B 430 0.36 28.36 52.44
N VAL B 431 1.39 28.66 51.65
CA VAL B 431 2.31 27.64 51.09
C VAL B 431 3.50 27.36 52.01
N GLY B 432 4.34 28.37 52.20
CA GLY B 432 5.49 28.25 53.09
C GLY B 432 6.60 27.30 52.67
N ALA B 433 6.88 27.26 51.37
CA ALA B 433 8.09 26.66 50.88
C ALA B 433 8.55 27.33 49.63
N THR B 434 9.86 27.26 49.41
CA THR B 434 10.54 27.79 48.22
C THR B 434 11.15 26.64 47.47
N LEU B 435 10.77 26.53 46.20
CA LEU B 435 11.22 25.41 45.37
C LEU B 435 11.96 25.82 44.09
N ASN B 436 12.88 24.94 43.67
CA ASN B 436 13.54 25.03 42.38
C ASN B 436 13.32 23.66 41.68
N MET B 437 12.86 23.62 40.44
CA MET B 437 12.59 22.34 39.73
C MET B 437 13.41 22.24 38.50
N TYR B 438 13.68 20.99 38.10
CA TYR B 438 14.58 20.72 36.98
C TYR B 438 14.37 19.31 36.54
N PRO B 439 14.93 18.92 35.37
CA PRO B 439 14.70 17.56 34.91
C PRO B 439 15.26 16.55 35.84
N GLY B 440 14.62 15.40 35.90
CA GLY B 440 15.11 14.30 36.69
C GLY B 440 16.39 13.66 36.07
N PRO B 441 16.94 12.60 36.70
CA PRO B 441 18.31 12.15 36.41
C PRO B 441 18.50 11.65 34.95
N LYS B 442 17.46 11.25 34.28
CA LYS B 442 17.54 10.74 32.89
C LYS B 442 17.65 11.86 31.88
N GLY B 443 17.40 13.13 32.30
CA GLY B 443 17.65 14.27 31.47
C GLY B 443 16.52 14.97 30.73
N MET B 444 15.46 14.27 30.49
CA MET B 444 14.30 14.84 29.81
C MET B 444 13.23 15.18 30.85
N LEU B 445 12.21 15.92 30.44
CA LEU B 445 11.12 16.30 31.35
C LEU B 445 9.88 15.46 31.27
N GLY B 446 9.73 14.65 30.22
CA GLY B 446 8.55 13.79 30.11
C GLY B 446 8.85 12.39 29.63
N GLN B 447 7.89 11.52 29.80
CA GLN B 447 7.95 10.17 29.20
C GLN B 447 6.57 9.72 28.89
N VAL B 448 6.45 8.70 28.03
CA VAL B 448 5.19 7.96 27.87
C VAL B 448 5.55 6.50 28.18
N LYS B 449 4.73 5.83 29.00
CA LYS B 449 5.01 4.48 29.41
C LYS B 449 3.76 3.61 29.36
N ALA B 450 3.97 2.33 29.09
CA ALA B 450 2.92 1.30 29.10
C ALA B 450 3.30 0.27 30.12
N MET B 451 2.38 -0.04 31.03
CA MET B 451 2.67 -0.88 32.20
C MET B 451 1.53 -1.80 32.59
N ASN B 452 1.92 -2.97 33.14
CA ASN B 452 1.01 -3.87 33.82
C ASN B 452 0.91 -3.42 35.28
N ALA B 453 -0.30 -3.09 35.73
CA ALA B 453 -0.43 -2.48 37.09
C ALA B 453 -0.38 -3.52 38.24
N VAL B 454 -0.55 -4.80 37.94
CA VAL B 454 -0.40 -5.83 38.94
C VAL B 454 1.04 -6.18 39.17
N THR B 455 1.79 -6.50 38.12
CA THR B 455 3.22 -6.88 38.20
C THR B 455 4.18 -5.70 38.23
N GLY B 456 3.75 -4.52 37.76
CA GLY B 456 4.70 -3.43 37.54
C GLY B 456 5.55 -3.50 36.29
N LYS B 457 5.36 -4.51 35.43
CA LYS B 457 6.22 -4.70 34.27
C LYS B 457 5.91 -3.60 33.22
N MET B 458 6.92 -2.81 32.90
CA MET B 458 6.83 -1.82 31.81
C MET B 458 6.98 -2.49 30.42
N GLU B 459 5.97 -2.37 29.61
CA GLU B 459 6.03 -2.94 28.30
C GLU B 459 6.90 -2.10 27.39
N TRP B 460 6.84 -0.79 27.56
CA TRP B 460 7.59 0.16 26.76
C TRP B 460 7.66 1.50 27.45
N GLU B 461 8.76 2.18 27.19
CA GLU B 461 8.98 3.54 27.70
C GLU B 461 9.65 4.35 26.64
N VAL B 462 9.14 5.56 26.38
CA VAL B 462 9.74 6.48 25.44
C VAL B 462 9.87 7.88 26.06
N PRO B 463 10.90 8.64 25.71
CA PRO B 463 11.11 10.01 26.24
C PRO B 463 10.27 11.07 25.49
N GLU B 464 9.97 12.17 26.14
CA GLU B 464 9.33 13.31 25.57
C GLU B 464 10.07 14.57 26.08
N LYS B 465 10.09 15.59 25.23
CA LYS B 465 10.84 16.82 25.50
C LYS B 465 10.26 17.53 26.71
N PHE B 466 8.92 17.58 26.82
CA PHE B 466 8.27 18.16 27.99
C PHE B 466 7.46 17.10 28.74
N ALA B 467 7.20 17.38 30.00
CA ALA B 467 6.27 16.55 30.85
C ALA B 467 4.96 16.33 30.07
N VAL B 468 4.44 15.12 30.04
CA VAL B 468 3.19 14.81 29.39
C VAL B 468 2.04 14.93 30.40
N TRP B 469 1.29 16.03 30.30
CA TRP B 469 0.43 16.51 31.37
C TRP B 469 -1.01 16.11 31.21
N GLY B 470 -1.47 15.95 29.95
CA GLY B 470 -2.87 15.95 29.68
C GLY B 470 -3.58 14.62 29.68
N GLY B 471 -2.85 13.52 29.86
CA GLY B 471 -3.48 12.20 29.84
C GLY B 471 -3.59 11.64 28.43
N THR B 472 -4.25 10.48 28.33
CA THR B 472 -4.16 9.68 27.14
C THR B 472 -5.48 9.08 26.78
N LEU B 473 -5.57 8.68 25.53
CA LEU B 473 -6.73 7.96 25.00
C LEU B 473 -6.15 6.72 24.27
N ALA B 474 -6.66 5.55 24.56
CA ALA B 474 -6.19 4.31 23.89
C ALA B 474 -7.37 3.69 23.15
N THR B 475 -7.05 3.00 22.04
CA THR B 475 -8.07 2.38 21.23
C THR B 475 -7.69 1.00 20.78
N ALA B 476 -8.73 0.32 20.33
CA ALA B 476 -8.66 -1.03 19.74
C ALA B 476 -8.00 -1.05 18.41
N GLY B 477 -7.68 0.12 17.84
CA GLY B 477 -6.78 0.21 16.69
C GLY B 477 -5.29 0.13 17.02
N ASP B 478 -4.94 -0.25 18.26
CA ASP B 478 -3.57 -0.38 18.73
C ASP B 478 -2.88 0.95 18.74
N LEU B 479 -3.60 1.98 19.19
CA LEU B 479 -3.02 3.32 19.27
C LEU B 479 -3.32 3.96 20.62
N VAL B 480 -2.39 4.80 21.07
CA VAL B 480 -2.62 5.67 22.21
C VAL B 480 -2.30 7.07 21.67
N PHE B 481 -3.25 7.99 21.88
CA PHE B 481 -3.16 9.36 21.52
C PHE B 481 -2.93 10.21 22.78
N TYR B 482 -2.19 11.30 22.58
CA TYR B 482 -1.99 12.27 23.66
C TYR B 482 -1.51 13.54 23.06
N GLY B 483 -1.63 14.61 23.85
CA GLY B 483 -1.10 15.92 23.46
C GLY B 483 0.10 16.30 24.27
N THR B 484 0.92 17.18 23.73
CA THR B 484 2.17 17.63 24.42
C THR B 484 2.11 19.10 24.77
N LEU B 485 2.93 19.50 25.75
CA LEU B 485 3.01 20.88 26.18
C LEU B 485 3.54 21.80 25.07
N ASP B 486 4.38 21.22 24.22
CA ASP B 486 4.93 21.97 23.08
C ASP B 486 3.99 22.08 21.87
N GLY B 487 2.80 21.55 21.95
CA GLY B 487 1.82 21.79 20.96
C GLY B 487 1.66 20.74 19.89
N PHE B 488 1.81 19.48 20.21
CA PHE B 488 1.53 18.40 19.23
C PHE B 488 0.42 17.53 19.74
N ILE B 489 -0.30 16.88 18.83
CA ILE B 489 -1.05 15.69 19.17
C ILE B 489 -0.30 14.57 18.49
N LYS B 490 -0.17 13.45 19.18
CA LYS B 490 0.68 12.34 18.74
C LYS B 490 -0.03 11.05 18.94
N ALA B 491 0.26 10.05 18.09
CA ALA B 491 -0.29 8.72 18.24
C ALA B 491 0.86 7.73 18.21
N ARG B 492 0.89 6.82 19.20
CA ARG B 492 1.90 5.75 19.30
C ARG B 492 1.22 4.38 19.22
N ASP B 493 1.96 3.41 18.67
CA ASP B 493 1.46 2.05 18.63
C ASP B 493 1.44 1.56 20.07
N THR B 494 0.33 1.01 20.55
CA THR B 494 0.28 0.52 21.95
C THR B 494 1.09 -0.76 22.24
N ARG B 495 1.55 -1.46 21.20
CA ARG B 495 2.45 -2.61 21.41
C ARG B 495 3.91 -2.26 21.73
N THR B 496 4.41 -1.22 21.20
CA THR B 496 5.80 -0.79 21.11
C THR B 496 6.09 0.63 21.58
N GLY B 497 5.16 1.51 21.54
CA GLY B 497 5.42 2.96 21.75
C GLY B 497 5.92 3.68 20.52
N GLU B 498 6.00 2.99 19.38
CA GLU B 498 6.47 3.59 18.14
C GLU B 498 5.55 4.75 17.74
N LEU B 499 6.15 5.91 17.43
CA LEU B 499 5.42 7.07 16.97
C LEU B 499 4.89 6.82 15.53
N LYS B 500 3.58 6.88 15.38
CA LYS B 500 2.94 6.60 14.12
C LYS B 500 2.39 7.89 13.42
N TRP B 501 2.15 8.96 14.17
CA TRP B 501 1.56 10.16 13.61
C TRP B 501 1.75 11.31 14.57
N GLN B 502 1.84 12.50 14.02
CA GLN B 502 1.85 13.70 14.85
C GLN B 502 1.30 14.90 14.05
N PHE B 503 0.74 15.89 14.72
CA PHE B 503 0.24 17.10 14.08
C PHE B 503 0.55 18.29 15.01
N GLN B 504 0.99 19.39 14.41
CA GLN B 504 1.34 20.63 15.06
C GLN B 504 0.08 21.50 15.25
N LEU B 505 -0.44 21.44 16.45
CA LEU B 505 -1.52 22.26 16.94
C LEU B 505 -1.06 23.70 17.20
N PRO B 506 -1.99 24.63 17.37
CA PRO B 506 -1.53 26.01 17.53
C PRO B 506 -0.72 26.16 18.84
N SER B 507 -1.26 25.55 19.90
CA SER B 507 -0.81 25.78 21.24
C SER B 507 -0.66 24.45 21.97
N GLY B 508 0.15 24.46 23.04
CA GLY B 508 0.32 23.28 23.87
C GLY B 508 -0.98 22.71 24.41
N VAL B 509 -0.90 21.44 24.82
CA VAL B 509 -2.06 20.68 25.28
C VAL B 509 -1.85 20.30 26.71
N ILE B 510 -2.88 20.57 27.54
CA ILE B 510 -2.91 20.09 28.91
C ILE B 510 -4.15 19.25 29.27
N GLY B 511 -4.99 18.92 28.30
CA GLY B 511 -6.14 18.08 28.44
C GLY B 511 -5.97 16.80 27.58
N HIS B 512 -6.97 15.96 27.59
CA HIS B 512 -6.88 14.64 26.95
C HIS B 512 -7.60 14.63 25.62
N PRO B 513 -7.23 13.69 24.75
CA PRO B 513 -8.05 13.50 23.52
C PRO B 513 -9.30 12.68 23.81
N ILE B 514 -10.31 12.89 22.99
CA ILE B 514 -11.51 12.05 23.00
C ILE B 514 -11.64 11.43 21.59
N THR B 515 -12.46 10.41 21.50
CA THR B 515 -12.87 9.89 20.17
C THR B 515 -14.36 9.51 20.25
N TYR B 516 -15.06 9.63 19.14
CA TYR B 516 -16.47 9.33 19.09
C TYR B 516 -16.80 9.09 17.65
N GLN B 517 -17.95 8.45 17.42
CA GLN B 517 -18.43 8.34 16.01
C GLN B 517 -19.62 9.27 15.77
N HIS B 518 -19.61 9.94 14.62
CA HIS B 518 -20.72 10.72 14.18
C HIS B 518 -21.00 10.44 12.71
N ASN B 519 -22.26 10.19 12.46
CA ASN B 519 -22.74 9.77 11.11
C ASN B 519 -21.81 8.76 10.45
N GLY B 520 -21.45 7.76 11.23
CA GLY B 520 -20.75 6.61 10.72
C GLY B 520 -19.24 6.66 10.67
N LYS B 521 -18.67 7.81 11.03
CA LYS B 521 -17.26 8.09 10.89
C LYS B 521 -16.63 8.34 12.27
N GLN B 522 -15.44 7.77 12.50
CA GLN B 522 -14.68 8.03 13.73
C GLN B 522 -13.90 9.38 13.67
N TYR B 523 -14.06 10.18 14.71
CA TYR B 523 -13.38 11.43 14.92
C TYR B 523 -12.55 11.39 16.23
N ILE B 524 -11.42 12.09 16.21
CA ILE B 524 -10.64 12.35 17.42
C ILE B 524 -10.69 13.85 17.69
N ALA B 525 -10.91 14.27 18.91
CA ALA B 525 -10.91 15.71 19.23
C ALA B 525 -10.06 16.04 20.45
N ILE B 526 -9.58 17.27 20.52
CA ILE B 526 -8.71 17.71 21.59
C ILE B 526 -8.72 19.24 21.71
N TYR B 527 -8.57 19.73 22.95
CA TYR B 527 -8.29 21.13 23.18
C TYR B 527 -6.87 21.49 22.88
N SER B 528 -6.65 22.66 22.29
CA SER B 528 -5.28 23.23 22.18
C SER B 528 -5.29 24.54 22.95
N GLY B 529 -4.42 24.69 23.94
CA GLY B 529 -4.43 25.94 24.75
C GLY B 529 -3.64 25.70 26.01
N VAL B 530 -2.39 26.13 25.99
CA VAL B 530 -1.45 25.78 27.01
C VAL B 530 -1.65 26.65 28.25
N GLY B 531 -1.25 26.09 29.38
CA GLY B 531 -1.30 26.80 30.66
C GLY B 531 -1.16 25.82 31.78
N GLY B 532 -2.03 25.96 32.76
CA GLY B 532 -1.93 25.17 33.93
C GLY B 532 -0.60 25.39 34.64
N TRP B 533 -0.22 24.47 35.50
CA TRP B 533 1.00 24.70 36.27
C TRP B 533 2.25 24.77 35.41
N PRO B 534 2.43 23.85 34.46
CA PRO B 534 3.67 23.94 33.62
C PRO B 534 3.72 25.22 32.81
N GLY B 535 2.56 25.73 32.37
CA GLY B 535 2.50 26.94 31.58
C GLY B 535 2.43 28.28 32.34
N VAL B 536 2.52 28.24 33.67
CA VAL B 536 2.34 29.46 34.48
C VAL B 536 3.35 30.58 34.10
N GLY B 537 4.60 30.22 33.82
CA GLY B 537 5.63 31.15 33.37
C GLY B 537 5.24 31.90 32.12
N LEU B 538 4.79 31.17 31.11
CA LEU B 538 4.46 31.87 29.91
C LEU B 538 3.12 32.55 30.01
N VAL B 539 2.16 31.97 30.71
CA VAL B 539 0.85 32.60 30.85
C VAL B 539 0.94 33.96 31.57
N PHE B 540 1.71 34.04 32.63
CA PHE B 540 1.81 35.27 33.48
C PHE B 540 3.11 36.03 33.32
N ASP B 541 3.90 35.66 32.33
CA ASP B 541 5.12 36.34 32.06
C ASP B 541 6.05 36.39 33.28
N LEU B 542 6.32 35.23 33.86
CA LEU B 542 7.14 35.15 35.06
C LEU B 542 8.56 34.79 34.68
N LYS B 543 9.52 35.32 35.44
CA LYS B 543 10.94 35.07 35.14
C LYS B 543 11.73 34.41 36.26
N ASP B 544 11.35 34.67 37.50
CA ASP B 544 12.07 34.14 38.65
C ASP B 544 11.89 32.62 38.61
N PRO B 545 13.00 31.86 38.66
CA PRO B 545 12.91 30.39 38.61
C PRO B 545 12.10 29.74 39.71
N THR B 546 12.03 30.36 40.89
CA THR B 546 11.20 29.87 41.97
C THR B 546 9.76 30.27 41.91
N ALA B 547 9.35 31.16 40.97
CA ALA B 547 7.97 31.56 40.86
C ALA B 547 7.13 30.38 40.27
N GLY B 548 5.83 30.53 40.26
CA GLY B 548 4.92 29.42 39.92
C GLY B 548 5.14 28.17 40.79
N LEU B 549 5.45 28.43 42.09
CA LEU B 549 5.71 27.37 43.03
C LEU B 549 6.82 26.44 42.54
N GLY B 550 7.85 27.02 41.95
CA GLY B 550 8.95 26.29 41.38
C GLY B 550 8.89 25.86 39.92
N ALA B 551 7.73 25.96 39.27
CA ALA B 551 7.59 25.47 37.91
C ALA B 551 8.30 26.33 36.89
N VAL B 552 8.42 27.63 37.19
CA VAL B 552 8.92 28.57 36.17
C VAL B 552 10.32 28.23 35.67
N GLY B 553 11.28 27.93 36.59
CA GLY B 553 12.62 27.47 36.20
C GLY B 553 12.61 26.20 35.33
N ALA B 554 11.83 25.22 35.69
CA ALA B 554 11.82 23.97 34.94
C ALA B 554 11.31 24.15 33.49
N PHE B 555 10.34 25.04 33.29
CA PHE B 555 9.60 25.11 32.02
C PHE B 555 9.93 26.34 31.18
N ARG B 556 11.07 26.95 31.49
CA ARG B 556 11.47 28.20 30.86
C ARG B 556 11.55 28.09 29.33
N GLU B 557 11.90 26.95 28.76
CA GLU B 557 12.01 26.77 27.33
C GLU B 557 10.69 26.59 26.60
N LEU B 558 9.60 26.43 27.33
CA LEU B 558 8.34 26.11 26.69
C LEU B 558 7.92 27.26 25.80
N ALA B 559 8.19 28.49 26.23
CA ALA B 559 7.79 29.67 25.48
C ALA B 559 8.51 29.82 24.17
N HIS B 560 9.57 29.06 23.90
CA HIS B 560 10.17 29.02 22.56
C HIS B 560 9.30 28.25 21.54
N TYR B 561 8.36 27.45 22.02
CA TYR B 561 7.58 26.60 21.11
C TYR B 561 6.09 26.94 21.03
N THR B 562 5.54 27.55 22.08
CA THR B 562 4.10 27.78 22.15
C THR B 562 3.79 29.07 22.83
N GLN B 563 2.75 29.70 22.30
CA GLN B 563 2.04 30.82 22.93
C GLN B 563 0.75 30.24 23.52
N MET B 564 0.03 31.08 24.22
CA MET B 564 -1.32 30.71 24.68
C MET B 564 -2.25 30.60 23.48
N GLY B 565 -3.37 29.93 23.68
CA GLY B 565 -4.37 29.76 22.66
C GLY B 565 -5.62 29.19 23.23
N GLY B 566 -6.60 28.89 22.40
CA GLY B 566 -7.82 28.24 22.89
C GLY B 566 -8.67 27.77 21.71
N SER B 567 -8.55 26.51 21.30
CA SER B 567 -9.31 25.95 20.22
C SER B 567 -9.60 24.47 20.39
N VAL B 568 -10.53 23.96 19.61
CA VAL B 568 -10.90 22.54 19.58
C VAL B 568 -10.53 22.06 18.23
N PHE B 569 -9.70 21.01 18.13
CA PHE B 569 -9.36 20.45 16.82
C PHE B 569 -10.01 19.10 16.71
N VAL B 570 -10.59 18.81 15.57
CA VAL B 570 -11.26 17.52 15.35
C VAL B 570 -10.68 16.92 14.10
N PHE B 571 -10.29 15.65 14.17
CA PHE B 571 -9.58 14.98 13.09
C PHE B 571 -10.39 13.74 12.65
N SER B 572 -10.25 13.35 11.39
CA SER B 572 -10.88 12.10 10.83
C SER B 572 -10.02 11.63 9.67
N LEU B 573 -10.29 10.40 9.28
CA LEU B 573 -9.82 9.94 8.03
C LEU B 573 -10.89 10.47 7.02
N ASN C 1 23.83 -13.68 43.70
CA ASN C 1 23.09 -12.33 43.91
C ASN C 1 21.66 -12.53 43.49
N SER C 2 20.75 -12.48 44.46
CA SER C 2 19.37 -12.86 44.17
C SER C 2 18.65 -11.79 43.28
N GLU C 3 18.94 -10.49 43.41
CA GLU C 3 18.37 -9.50 42.48
C GLU C 3 18.96 -9.69 41.02
N LEU C 4 20.25 -9.94 40.92
CA LEU C 4 20.83 -10.27 39.55
C LEU C 4 20.12 -11.48 38.96
N ASP C 5 19.88 -12.50 39.77
CA ASP C 5 19.20 -13.71 39.32
C ASP C 5 17.78 -13.36 38.83
N ARG C 6 17.12 -12.53 39.61
CA ARG C 6 15.79 -12.10 39.22
C ARG C 6 15.78 -11.29 37.91
N LEU C 7 16.69 -10.31 37.78
CA LEU C 7 16.83 -9.57 36.56
C LEU C 7 17.13 -10.45 35.34
N SER C 8 17.85 -11.56 35.53
CA SER C 8 18.20 -12.48 34.45
C SER C 8 16.96 -13.22 33.87
N LYS C 9 15.87 -13.29 34.62
CA LYS C 9 14.68 -14.01 34.21
C LYS C 9 13.76 -13.11 33.41
N ASP C 10 14.08 -11.81 33.27
CA ASP C 10 13.28 -10.88 32.50
C ASP C 10 13.90 -10.84 31.12
N ASP C 11 13.07 -11.08 30.09
CA ASP C 11 13.56 -11.15 28.68
C ASP C 11 13.90 -9.81 28.05
N ARG C 12 13.67 -8.71 28.78
CA ARG C 12 14.24 -7.40 28.42
C ARG C 12 15.73 -7.28 28.72
N ASN C 13 16.31 -8.20 29.52
CA ASN C 13 17.68 -8.07 29.96
C ASN C 13 18.58 -9.21 29.42
N TRP C 14 19.87 -8.91 29.33
CA TRP C 14 20.94 -9.90 29.17
C TRP C 14 22.02 -9.43 30.16
N VAL C 15 21.94 -9.95 31.39
CA VAL C 15 22.63 -9.35 32.55
C VAL C 15 24.02 -9.89 32.81
N MET C 16 24.39 -11.00 32.17
CA MET C 16 25.76 -11.51 32.30
C MET C 16 26.09 -12.25 31.01
N GLN C 17 27.39 -12.44 30.77
CA GLN C 17 27.81 -13.09 29.48
C GLN C 17 27.10 -14.40 29.26
N THR C 18 26.96 -15.17 30.33
CA THR C 18 26.29 -16.49 30.28
C THR C 18 24.75 -16.44 30.30
N LYS C 19 24.15 -15.23 30.25
CA LYS C 19 22.70 -14.95 30.31
C LYS C 19 22.16 -15.07 31.72
N ASP C 20 22.46 -16.18 32.37
CA ASP C 20 21.94 -16.51 33.67
C ASP C 20 22.90 -17.40 34.36
N TYR C 21 22.67 -17.65 35.65
CA TYR C 21 23.63 -18.37 36.46
C TYR C 21 23.85 -19.81 36.06
N SER C 22 22.88 -20.39 35.37
CA SER C 22 22.99 -21.73 34.79
C SER C 22 23.65 -21.78 33.42
N ALA C 23 24.00 -20.59 32.89
CA ALA C 23 24.54 -20.45 31.54
C ALA C 23 23.74 -21.19 30.50
N THR C 24 22.42 -20.98 30.52
CA THR C 24 21.54 -21.65 29.54
C THR C 24 21.68 -21.11 28.13
N HIS C 25 22.01 -19.83 28.02
CA HIS C 25 21.95 -19.13 26.75
C HIS C 25 20.67 -19.44 26.01
N PHE C 26 19.55 -19.52 26.74
CA PHE C 26 18.30 -19.91 26.13
C PHE C 26 17.29 -18.84 26.42
N SER C 27 16.67 -18.34 25.39
CA SER C 27 15.60 -17.36 25.49
C SER C 27 14.24 -17.95 25.19
N ARG C 28 13.28 -17.59 26.02
CA ARG C 28 11.87 -17.84 25.77
C ARG C 28 11.20 -16.97 24.72
N LEU C 29 11.88 -15.92 24.21
CA LEU C 29 11.27 -15.03 23.15
C LEU C 29 11.01 -15.83 21.89
N THR C 30 9.86 -15.63 21.29
CA THR C 30 9.43 -16.41 20.11
C THR C 30 9.05 -15.54 18.94
N GLU C 31 9.21 -14.22 19.07
CA GLU C 31 8.82 -13.31 17.96
C GLU C 31 9.60 -13.68 16.72
N ILE C 32 10.91 -13.92 16.90
CA ILE C 32 11.75 -14.39 15.84
C ILE C 32 11.76 -15.94 15.99
N ASN C 33 11.42 -16.67 14.94
CA ASN C 33 11.23 -18.12 15.04
C ASN C 33 11.60 -18.78 13.72
N SER C 34 11.59 -20.12 13.70
CA SER C 34 12.10 -20.85 12.60
C SER C 34 11.35 -20.53 11.30
N HIS C 35 10.11 -20.10 11.41
CA HIS C 35 9.27 -19.88 10.26
C HIS C 35 9.33 -18.46 9.72
N ASN C 36 9.97 -17.52 10.43
CA ASN C 36 10.16 -16.17 9.90
C ASN C 36 11.55 -15.54 9.96
N VAL C 37 12.51 -16.25 10.55
CA VAL C 37 13.88 -15.81 10.64
C VAL C 37 14.49 -15.43 9.27
N LYS C 38 14.05 -16.06 8.18
CA LYS C 38 14.47 -15.65 6.87
C LYS C 38 14.26 -14.14 6.57
N ASN C 39 13.35 -13.48 7.26
CA ASN C 39 13.09 -12.05 7.09
C ASN C 39 13.84 -11.15 8.08
N LEU C 40 14.75 -11.68 8.88
CA LEU C 40 15.49 -10.91 9.82
C LEU C 40 16.41 -9.95 9.07
N LYS C 41 16.41 -8.69 9.47
CA LYS C 41 17.22 -7.64 8.84
C LYS C 41 18.03 -6.85 9.85
N VAL C 42 19.06 -6.16 9.39
CA VAL C 42 19.88 -5.32 10.27
C VAL C 42 19.06 -4.14 10.68
N ALA C 43 18.95 -3.88 11.98
CA ALA C 43 18.15 -2.77 12.54
C ALA C 43 19.02 -1.54 12.71
N TRP C 44 20.20 -1.76 13.31
CA TRP C 44 21.15 -0.69 13.52
C TRP C 44 22.49 -1.30 13.93
N THR C 45 23.50 -0.46 13.90
CA THR C 45 24.86 -0.90 14.14
C THR C 45 25.68 0.16 14.92
N LEU C 46 26.77 -0.30 15.55
CA LEU C 46 27.73 0.56 16.25
C LEU C 46 29.16 0.17 15.87
N SER C 47 30.09 1.08 15.91
CA SER C 47 31.53 0.72 15.79
C SER C 47 32.11 0.72 17.18
N THR C 48 33.01 -0.25 17.45
CA THR C 48 33.69 -0.28 18.70
C THR C 48 34.91 0.58 18.73
N GLY C 49 35.37 1.06 17.57
CA GLY C 49 36.58 1.86 17.49
C GLY C 49 37.90 1.13 17.67
N THR C 50 37.92 -0.20 17.72
CA THR C 50 39.18 -0.95 17.82
C THR C 50 39.13 -2.09 16.80
N LEU C 51 40.27 -2.68 16.52
CA LEU C 51 40.36 -3.91 15.72
C LEU C 51 40.72 -5.05 16.72
N HIS C 52 41.30 -6.15 16.27
CA HIS C 52 41.57 -7.34 17.11
C HIS C 52 40.25 -8.03 17.49
N GLY C 53 40.40 -9.20 18.07
CA GLY C 53 39.28 -10.08 18.31
C GLY C 53 38.31 -9.57 19.34
N HIS C 54 37.01 -9.68 19.03
CA HIS C 54 35.93 -9.20 19.90
C HIS C 54 35.18 -10.40 20.50
N GLU C 55 35.65 -10.85 21.64
CA GLU C 55 34.99 -11.95 22.34
C GLU C 55 33.88 -11.43 23.25
N GLY C 56 33.16 -12.35 23.86
CA GLY C 56 31.98 -12.07 24.65
C GLY C 56 30.92 -11.45 23.78
N ALA C 57 30.04 -10.67 24.40
CA ALA C 57 28.95 -9.94 23.69
C ALA C 57 28.50 -8.82 24.60
N PRO C 58 27.62 -7.96 24.09
CA PRO C 58 27.09 -6.89 24.94
C PRO C 58 26.23 -7.44 26.11
N LEU C 59 26.13 -6.64 27.16
CA LEU C 59 25.13 -6.79 28.20
C LEU C 59 23.99 -5.77 27.92
N VAL C 60 22.78 -6.11 28.35
CA VAL C 60 21.65 -5.19 28.30
C VAL C 60 20.95 -5.24 29.67
N VAL C 61 20.85 -4.11 30.37
CA VAL C 61 20.07 -4.13 31.61
C VAL C 61 19.34 -2.80 31.72
N ASP C 62 18.04 -2.85 32.07
CA ASP C 62 17.20 -1.64 32.35
C ASP C 62 17.30 -0.65 31.16
N GLY C 63 17.27 -1.18 29.94
CA GLY C 63 17.23 -0.38 28.77
C GLY C 63 18.51 0.21 28.27
N ILE C 64 19.65 -0.23 28.81
CA ILE C 64 20.96 0.24 28.40
C ILE C 64 21.78 -0.96 27.92
N MET C 65 22.44 -0.76 26.79
CA MET C 65 23.32 -1.77 26.24
C MET C 65 24.77 -1.35 26.58
N TYR C 66 25.59 -2.32 27.00
CA TYR C 66 26.96 -2.09 27.38
C TYR C 66 27.87 -2.88 26.43
N ILE C 67 28.89 -2.18 25.89
CA ILE C 67 29.83 -2.70 24.89
C ILE C 67 31.21 -2.69 25.47
N HIS C 68 32.02 -3.65 25.10
CA HIS C 68 33.44 -3.64 25.49
C HIS C 68 34.28 -4.09 24.33
N THR C 69 35.67 -3.74 24.41
CA THR C 69 36.58 -4.00 23.31
C THR C 69 37.72 -4.96 23.74
N PRO C 70 38.44 -5.43 22.80
CA PRO C 70 39.80 -5.88 23.11
C PRO C 70 40.71 -4.72 23.55
N PHE C 71 41.97 -5.03 23.83
CA PHE C 71 42.92 -4.05 24.44
C PHE C 71 42.83 -2.76 23.67
N PRO C 72 42.68 -1.60 24.31
CA PRO C 72 42.84 -1.33 25.72
C PRO C 72 41.54 -1.44 26.57
N ASN C 73 40.55 -2.19 26.07
CA ASN C 73 39.36 -2.55 26.84
C ASN C 73 38.50 -1.33 27.16
N ASN C 74 38.24 -0.53 26.16
CA ASN C 74 37.21 0.51 26.23
C ASN C 74 35.81 -0.03 26.48
N VAL C 75 35.04 0.74 27.22
CA VAL C 75 33.70 0.39 27.56
C VAL C 75 32.81 1.56 27.23
N TYR C 76 31.67 1.23 26.68
CA TYR C 76 30.67 2.25 26.55
C TYR C 76 29.22 1.77 26.72
N ALA C 77 28.38 2.72 27.10
CA ALA C 77 26.97 2.51 27.35
C ALA C 77 26.09 3.23 26.31
N VAL C 78 25.00 2.57 25.91
CA VAL C 78 24.11 3.08 24.87
C VAL C 78 22.67 2.91 25.39
N ASP C 79 21.93 4.01 25.49
CA ASP C 79 20.49 3.96 25.86
C ASP C 79 19.77 3.43 24.65
N LEU C 80 19.02 2.38 24.82
CA LEU C 80 18.31 1.75 23.69
C LEU C 80 17.20 2.61 23.03
N ASN C 81 16.79 3.65 23.71
CA ASN C 81 15.87 4.65 23.11
C ASN C 81 16.62 5.75 22.31
N ASP C 82 17.96 5.73 22.28
CA ASP C 82 18.76 6.72 21.51
C ASP C 82 20.04 6.01 21.07
N THR C 83 19.90 5.11 20.09
CA THR C 83 20.94 4.14 19.74
C THR C 83 22.18 4.78 19.09
N ARG C 84 22.10 6.02 18.62
CA ARG C 84 23.23 6.67 17.97
C ARG C 84 24.15 7.34 18.96
N LYS C 85 23.69 7.62 20.19
CA LYS C 85 24.47 8.42 21.18
C LYS C 85 25.10 7.52 22.19
N MET C 86 26.32 7.80 22.58
CA MET C 86 26.95 7.07 23.68
C MET C 86 26.61 7.76 24.98
N LEU C 87 25.94 7.04 25.87
CA LEU C 87 25.56 7.61 27.16
C LEU C 87 26.83 7.93 27.99
N TRP C 88 27.81 7.04 27.99
CA TRP C 88 29.05 7.27 28.70
C TRP C 88 30.12 6.37 28.13
N GLN C 89 31.34 6.73 28.37
CA GLN C 89 32.45 5.83 27.97
C GLN C 89 33.53 5.80 29.00
N TYR C 90 34.28 4.70 29.05
CA TYR C 90 35.43 4.53 29.92
C TYR C 90 36.55 4.04 29.08
N LYS C 91 37.65 4.74 29.13
CA LYS C 91 38.83 4.46 28.25
C LYS C 91 40.07 4.19 29.08
N PRO C 92 40.35 2.94 29.37
CA PRO C 92 41.52 2.67 30.25
C PRO C 92 42.85 3.14 29.73
N LYS C 93 43.72 3.56 30.64
CA LYS C 93 45.09 3.82 30.31
C LYS C 93 45.90 2.64 30.81
N GLN C 94 46.51 1.91 29.88
CA GLN C 94 47.22 0.71 30.23
C GLN C 94 48.58 0.67 29.58
N ASN C 95 49.50 -0.04 30.21
CA ASN C 95 50.86 -0.15 29.69
C ASN C 95 50.76 -1.02 28.41
N PRO C 96 51.18 -0.49 27.26
CA PRO C 96 51.11 -1.30 25.99
C PRO C 96 51.99 -2.58 25.97
N ALA C 97 52.92 -2.67 26.92
CA ALA C 97 53.63 -3.92 27.17
C ALA C 97 52.75 -5.11 27.50
N ALA C 98 51.53 -4.84 27.98
CA ALA C 98 50.58 -5.94 28.25
C ALA C 98 50.31 -6.76 27.00
N ARG C 99 50.34 -6.11 25.84
CA ARG C 99 50.10 -6.81 24.61
C ARG C 99 51.12 -7.92 24.38
N ALA C 100 52.34 -7.71 24.84
CA ALA C 100 53.41 -8.64 24.52
C ALA C 100 53.36 -9.97 25.30
N VAL C 101 52.60 -10.02 26.37
CA VAL C 101 52.43 -11.27 27.11
C VAL C 101 51.08 -11.92 26.94
N ALA C 102 50.34 -11.53 25.90
CA ALA C 102 49.12 -12.24 25.50
C ALA C 102 49.50 -13.27 24.43
N CYS C 103 49.35 -14.56 24.67
CA CYS C 103 49.75 -15.52 23.64
C CYS C 103 48.91 -15.46 22.33
N CYS C 104 47.61 -15.19 22.47
CA CYS C 104 46.63 -15.57 21.46
C CYS C 104 45.60 -14.43 21.13
N ASP C 105 46.15 -13.27 20.86
CA ASP C 105 45.44 -12.04 20.61
C ASP C 105 45.03 -11.41 21.94
N VAL C 106 44.78 -10.13 21.89
CA VAL C 106 44.43 -9.36 23.05
C VAL C 106 42.91 -9.25 23.31
N VAL C 107 42.29 -10.39 23.24
CA VAL C 107 40.89 -10.58 23.53
C VAL C 107 40.53 -10.34 25.03
N ASN C 108 39.24 -10.04 25.17
CA ASN C 108 38.61 -9.77 26.49
C ASN C 108 37.18 -10.30 26.40
N ARG C 109 36.78 -11.15 27.37
CA ARG C 109 35.54 -11.85 27.27
C ARG C 109 34.36 -11.11 27.88
N GLY C 110 34.62 -9.93 28.42
CA GLY C 110 33.50 -8.98 28.63
C GLY C 110 33.15 -8.56 30.04
N LEU C 111 32.12 -7.75 30.08
CA LEU C 111 31.72 -7.07 31.28
C LEU C 111 30.83 -7.95 32.11
N ALA C 112 30.74 -7.57 33.40
CA ALA C 112 29.68 -8.07 34.25
C ALA C 112 28.95 -6.89 34.91
N TYR C 113 27.86 -7.24 35.56
CA TYR C 113 26.92 -6.29 36.08
C TYR C 113 26.36 -6.74 37.42
N VAL C 114 26.17 -5.75 38.30
CA VAL C 114 25.38 -5.98 39.54
C VAL C 114 24.40 -4.82 39.73
N PRO C 115 23.14 -5.13 40.12
CA PRO C 115 22.22 -4.03 40.39
C PRO C 115 22.56 -3.29 41.68
N ALA C 116 21.90 -2.15 41.89
CA ALA C 116 22.08 -1.32 43.06
C ALA C 116 21.61 -2.05 44.30
N GLY C 117 22.24 -1.77 45.43
CA GLY C 117 21.90 -2.43 46.69
C GLY C 117 22.62 -1.69 47.83
N GLU C 118 22.82 -2.37 48.98
CA GLU C 118 23.50 -1.74 50.13
C GLU C 118 24.95 -1.37 49.84
N HIS C 119 25.50 -2.07 48.87
CA HIS C 119 26.80 -1.68 48.35
C HIS C 119 27.10 -0.32 47.59
N GLY C 120 26.45 0.66 46.97
CA GLY C 120 25.25 1.11 46.59
C GLY C 120 24.98 1.06 45.10
N PRO C 121 25.45 2.02 44.22
CA PRO C 121 24.77 2.03 42.91
C PRO C 121 25.09 0.82 42.06
N ALA C 122 24.25 0.58 41.03
CA ALA C 122 24.52 -0.45 40.04
C ALA C 122 25.91 -0.26 39.45
N LYS C 123 26.58 -1.38 39.18
CA LYS C 123 27.99 -1.33 38.74
C LYS C 123 28.21 -2.22 37.52
N ILE C 124 29.10 -1.75 36.66
CA ILE C 124 29.71 -2.55 35.61
C ILE C 124 31.10 -2.96 36.06
N PHE C 125 31.49 -4.20 35.81
CA PHE C 125 32.83 -4.61 36.15
C PHE C 125 33.58 -4.99 34.90
N LEU C 126 34.85 -4.59 34.85
CA LEU C 126 35.74 -4.87 33.73
C LEU C 126 37.02 -5.47 34.23
N ASN C 127 37.46 -6.55 33.62
CA ASN C 127 38.85 -7.07 33.86
C ASN C 127 39.69 -6.52 32.69
N GLN C 128 40.76 -5.82 32.98
CA GLN C 128 41.65 -5.26 31.96
C GLN C 128 42.76 -6.26 31.68
N LEU C 129 43.26 -6.24 30.47
CA LEU C 129 44.39 -7.14 30.12
C LEU C 129 45.54 -6.95 31.10
N ASP C 130 45.79 -5.70 31.51
CA ASP C 130 46.95 -5.45 32.42
C ASP C 130 46.74 -5.90 33.85
N GLY C 131 45.67 -6.62 34.12
CA GLY C 131 45.48 -7.34 35.36
C GLY C 131 44.72 -6.61 36.45
N HIS C 132 44.08 -5.49 36.10
CA HIS C 132 43.18 -4.84 37.03
C HIS C 132 41.72 -5.25 36.88
N ILE C 133 41.02 -5.28 38.01
CA ILE C 133 39.58 -5.39 38.09
C ILE C 133 39.08 -3.96 38.45
N VAL C 134 38.16 -3.43 37.65
CA VAL C 134 37.63 -2.10 37.77
C VAL C 134 36.10 -2.18 37.96
N ALA C 135 35.59 -1.41 38.91
CA ALA C 135 34.16 -1.21 39.13
C ALA C 135 33.78 0.19 38.68
N LEU C 136 32.77 0.27 37.79
CA LEU C 136 32.28 1.51 37.20
C LEU C 136 30.83 1.66 37.56
N ASN C 137 30.42 2.89 37.78
CA ASN C 137 29.00 3.16 37.95
C ASN C 137 28.23 2.81 36.68
N ALA C 138 27.24 1.96 36.75
CA ALA C 138 26.55 1.52 35.51
C ALA C 138 25.76 2.61 34.74
N LYS C 139 25.36 3.64 35.45
CA LYS C 139 24.56 4.70 34.79
C LYS C 139 25.38 5.87 34.34
N THR C 140 26.54 6.10 34.95
CA THR C 140 27.37 7.24 34.64
C THR C 140 28.77 6.94 34.09
N GLY C 141 29.28 5.75 34.33
CA GLY C 141 30.62 5.41 33.88
C GLY C 141 31.73 5.82 34.84
N GLU C 142 31.42 6.51 35.93
CA GLU C 142 32.44 6.92 36.88
C GLU C 142 33.14 5.69 37.50
N GLU C 143 34.44 5.78 37.61
CA GLU C 143 35.26 4.75 38.23
C GLU C 143 35.08 4.78 39.73
N ILE C 144 34.57 3.69 40.29
CA ILE C 144 34.32 3.59 41.72
C ILE C 144 35.52 2.98 42.45
N TRP C 145 36.06 1.88 41.95
CA TRP C 145 37.30 1.31 42.56
C TRP C 145 38.07 0.52 41.52
N LYS C 146 39.36 0.29 41.79
CA LYS C 146 40.24 -0.39 40.87
C LYS C 146 41.33 -1.06 41.70
N MET C 147 41.49 -2.37 41.53
CA MET C 147 42.43 -3.22 42.29
C MET C 147 43.31 -3.99 41.34
N GLU C 148 44.50 -4.28 41.80
CA GLU C 148 45.50 -5.09 41.05
C GLU C 148 45.34 -6.56 41.32
N ASN C 149 45.00 -7.35 40.29
CA ASN C 149 44.84 -8.78 40.52
C ASN C 149 46.07 -9.55 39.99
N SER C 150 46.51 -9.18 38.80
CA SER C 150 47.52 -9.90 38.04
C SER C 150 48.63 -8.92 37.60
N ASP C 151 49.85 -9.42 37.55
CA ASP C 151 51.02 -8.61 37.18
C ASP C 151 51.58 -9.00 35.81
N ILE C 152 51.47 -8.07 34.86
CA ILE C 152 52.06 -8.34 33.54
C ILE C 152 53.55 -8.60 33.48
N ALA C 153 54.32 -8.10 34.47
CA ALA C 153 55.75 -8.39 34.53
C ALA C 153 56.04 -9.90 34.76
N MET C 154 55.09 -10.65 35.30
CA MET C 154 55.20 -12.07 35.45
C MET C 154 54.56 -12.87 34.30
N GLY C 155 54.12 -12.21 33.23
CA GLY C 155 53.34 -12.85 32.16
C GLY C 155 51.88 -13.13 32.52
N SER C 156 51.36 -12.41 33.52
CA SER C 156 50.08 -12.68 34.15
C SER C 156 49.14 -11.57 33.73
N THR C 157 48.07 -11.94 33.03
CA THR C 157 47.11 -10.99 32.42
C THR C 157 45.70 -11.40 32.84
N LEU C 158 44.71 -10.62 32.42
CA LEU C 158 43.32 -11.03 32.50
C LEU C 158 42.65 -11.02 31.12
N THR C 159 41.95 -12.09 30.83
CA THR C 159 41.12 -12.18 29.64
C THR C 159 39.70 -12.59 29.87
N GLY C 160 39.43 -13.44 30.87
CA GLY C 160 38.07 -13.89 31.14
C GLY C 160 37.25 -12.85 31.88
N ALA C 161 35.93 -12.92 31.74
CA ALA C 161 35.03 -11.91 32.30
C ALA C 161 34.88 -12.04 33.81
N PRO C 162 34.65 -10.91 34.49
CA PRO C 162 34.31 -10.99 35.90
C PRO C 162 33.00 -11.72 36.08
N PHE C 163 32.74 -12.25 37.27
CA PHE C 163 31.52 -12.93 37.57
C PHE C 163 31.03 -12.56 38.96
N VAL C 164 29.75 -12.11 39.03
CA VAL C 164 29.17 -11.52 40.24
C VAL C 164 28.34 -12.60 40.94
N VAL C 165 28.63 -12.81 42.22
CA VAL C 165 27.88 -13.72 43.09
C VAL C 165 27.74 -13.06 44.47
N LYS C 166 26.48 -12.91 44.88
CA LYS C 166 26.06 -12.16 46.06
C LYS C 166 26.71 -10.78 46.10
N ASP C 167 27.53 -10.52 47.10
CA ASP C 167 28.23 -9.24 47.21
C ASP C 167 29.70 -9.36 46.77
N LYS C 168 30.00 -10.36 45.94
CA LYS C 168 31.36 -10.53 45.42
C LYS C 168 31.46 -10.53 43.93
N VAL C 169 32.63 -10.12 43.47
CA VAL C 169 32.95 -10.25 42.05
C VAL C 169 34.21 -11.13 41.96
N LEU C 170 34.09 -12.20 41.17
CA LEU C 170 35.17 -13.16 40.95
C LEU C 170 36.04 -12.76 39.74
N VAL C 171 37.36 -12.84 39.89
CA VAL C 171 38.31 -12.48 38.87
C VAL C 171 39.22 -13.65 38.70
N GLY C 172 39.34 -14.12 37.48
CA GLY C 172 40.19 -15.28 37.20
C GLY C 172 41.63 -14.91 36.94
N SER C 173 42.25 -15.62 36.02
CA SER C 173 43.69 -15.46 35.80
C SER C 173 44.01 -15.93 34.39
N ALA C 174 45.23 -15.66 33.95
CA ALA C 174 45.67 -15.98 32.59
C ALA C 174 47.19 -15.85 32.51
N GLY C 175 47.78 -16.65 31.64
CA GLY C 175 49.20 -16.70 31.50
C GLY C 175 49.84 -18.05 31.72
N ALA C 176 49.10 -19.15 31.55
CA ALA C 176 49.70 -20.48 31.73
C ALA C 176 50.83 -20.72 30.68
N GLU C 177 50.69 -20.11 29.50
CA GLU C 177 51.75 -20.21 28.47
C GLU C 177 53.03 -19.49 28.87
N LEU C 178 52.97 -18.77 29.98
CA LEU C 178 54.11 -18.07 30.58
C LEU C 178 54.41 -18.55 32.02
N GLY C 179 53.94 -19.74 32.38
CA GLY C 179 54.25 -20.32 33.65
C GLY C 179 53.53 -19.70 34.84
N VAL C 180 52.37 -19.08 34.58
CA VAL C 180 51.62 -18.47 35.65
C VAL C 180 50.87 -19.56 36.39
N ARG C 181 50.98 -19.56 37.74
CA ARG C 181 50.23 -20.45 38.57
C ARG C 181 48.86 -19.86 38.75
N GLY C 182 47.81 -20.64 38.42
CA GLY C 182 46.44 -20.07 38.38
C GLY C 182 45.84 -19.82 39.74
N TYR C 183 45.04 -18.80 39.79
CA TYR C 183 44.28 -18.51 40.97
C TYR C 183 43.05 -17.72 40.57
N VAL C 184 42.01 -17.95 41.34
CA VAL C 184 40.71 -17.20 41.24
C VAL C 184 40.53 -16.45 42.58
N THR C 185 39.98 -15.25 42.44
CA THR C 185 39.95 -14.28 43.55
C THR C 185 38.54 -13.70 43.65
N ALA C 186 37.98 -13.61 44.87
CA ALA C 186 36.71 -12.90 45.14
C ALA C 186 36.99 -11.57 45.81
N TYR C 187 36.41 -10.50 45.25
CA TYR C 187 36.49 -9.14 45.78
C TYR C 187 35.13 -8.64 46.23
N ASN C 188 35.09 -7.96 47.37
CA ASN C 188 33.81 -7.41 47.80
C ASN C 188 33.38 -6.24 46.89
N ILE C 189 32.16 -6.29 46.41
CA ILE C 189 31.77 -5.31 45.42
C ILE C 189 31.65 -3.84 45.90
N LYS C 190 31.44 -3.63 47.20
CA LYS C 190 31.42 -2.28 47.80
C LYS C 190 32.74 -1.57 47.73
N ASP C 191 33.82 -2.24 48.14
CA ASP C 191 35.12 -1.53 48.35
C ASP C 191 36.32 -2.15 47.64
N GLY C 192 36.09 -3.26 46.91
CA GLY C 192 37.16 -3.97 46.25
C GLY C 192 38.10 -4.77 47.16
N LYS C 193 37.65 -5.06 48.36
CA LYS C 193 38.49 -5.79 49.30
C LYS C 193 38.53 -7.28 48.92
N GLN C 194 39.72 -7.82 48.90
CA GLN C 194 39.90 -9.20 48.61
C GLN C 194 39.33 -10.09 49.69
N GLU C 195 38.43 -10.97 49.34
CA GLU C 195 37.74 -11.81 50.35
C GLU C 195 38.38 -13.20 50.42
N TRP C 196 38.66 -13.84 49.27
CA TRP C 196 39.37 -15.11 49.28
C TRP C 196 40.06 -15.29 47.91
N ARG C 197 41.04 -16.18 47.92
CA ARG C 197 41.86 -16.46 46.79
C ARG C 197 42.26 -17.92 46.83
N ALA C 198 41.88 -18.66 45.81
CA ALA C 198 42.14 -20.06 45.68
C ALA C 198 43.09 -20.34 44.48
N TYR C 199 44.19 -21.01 44.78
CA TYR C 199 45.19 -21.41 43.77
C TYR C 199 44.90 -22.80 43.15
N ALA C 200 45.41 -23.06 41.95
CA ALA C 200 45.09 -24.33 41.29
C ALA C 200 46.11 -25.45 41.59
N THR C 201 47.23 -25.09 42.16
CA THR C 201 48.29 -26.01 42.49
C THR C 201 48.89 -25.62 43.84
N GLY C 202 49.68 -26.52 44.38
CA GLY C 202 50.40 -26.22 45.60
C GLY C 202 49.77 -26.77 46.87
N PRO C 203 50.20 -26.20 48.00
CA PRO C 203 49.69 -26.70 49.29
C PRO C 203 48.20 -26.53 49.48
N ASP C 204 47.63 -27.43 50.25
CA ASP C 204 46.19 -27.47 50.44
C ASP C 204 45.64 -26.14 50.95
N GLU C 205 46.40 -25.43 51.80
CA GLU C 205 45.92 -24.15 52.28
C GLU C 205 45.75 -23.15 51.12
N ASP C 206 46.60 -23.24 50.12
CA ASP C 206 46.45 -22.38 48.89
C ASP C 206 45.29 -22.75 47.99
N LEU C 207 45.04 -24.05 47.90
CA LEU C 207 43.99 -24.61 47.08
C LEU C 207 42.60 -24.25 47.61
N LEU C 208 42.54 -24.04 48.93
CA LEU C 208 41.33 -23.65 49.65
C LEU C 208 40.28 -24.73 49.58
N LEU C 209 40.47 -25.78 50.37
CA LEU C 209 39.64 -26.95 50.30
C LEU C 209 38.72 -27.00 51.49
N ASP C 210 37.50 -27.47 51.31
CA ASP C 210 36.62 -27.68 52.42
C ASP C 210 37.17 -28.90 53.21
N LYS C 211 36.89 -28.98 54.52
CA LYS C 211 37.32 -30.20 55.26
C LYS C 211 36.64 -31.50 54.71
N ASP C 212 35.49 -31.40 54.07
CA ASP C 212 34.83 -32.52 53.40
C ASP C 212 35.06 -32.59 51.84
N PHE C 213 36.13 -31.98 51.38
CA PHE C 213 36.46 -31.99 49.91
C PHE C 213 36.46 -33.39 49.36
N ASN C 214 35.67 -33.59 48.31
CA ASN C 214 35.58 -34.87 47.59
C ASN C 214 35.16 -36.02 48.52
N LYS C 215 34.39 -35.69 49.56
CA LYS C 215 33.87 -36.75 50.46
C LYS C 215 32.98 -37.74 49.69
N ASP C 216 32.21 -37.27 48.70
CA ASP C 216 31.34 -38.12 47.90
C ASP C 216 32.07 -38.97 46.88
N ASN C 217 33.27 -38.53 46.48
CA ASN C 217 34.06 -39.24 45.44
C ASN C 217 35.57 -39.26 45.86
N PRO C 218 35.89 -39.98 46.94
CA PRO C 218 37.28 -39.93 47.48
C PRO C 218 38.33 -40.45 46.50
N HIS C 219 37.91 -41.29 45.58
CA HIS C 219 38.73 -41.82 44.47
C HIS C 219 39.17 -40.74 43.46
N TYR C 220 38.53 -39.58 43.45
CA TYR C 220 39.06 -38.42 42.71
C TYR C 220 40.38 -37.93 43.27
N GLY C 221 40.69 -38.27 44.55
CA GLY C 221 41.73 -37.66 45.30
C GLY C 221 41.24 -36.58 46.25
N GLN C 222 41.92 -36.39 47.36
CA GLN C 222 41.53 -35.43 48.33
C GLN C 222 42.69 -34.54 48.72
N PHE C 223 43.41 -34.85 49.81
CA PHE C 223 44.40 -33.91 50.39
C PHE C 223 45.84 -34.19 49.98
N GLY C 224 46.65 -33.15 49.89
CA GLY C 224 48.08 -33.24 49.66
C GLY C 224 48.42 -33.33 48.18
N LEU C 225 47.45 -33.32 47.28
CA LEU C 225 47.76 -33.68 45.85
C LEU C 225 48.28 -32.50 45.01
N GLY C 226 48.01 -31.28 45.47
CA GLY C 226 48.57 -30.10 44.85
C GLY C 226 50.09 -29.98 45.00
N LEU C 227 50.65 -30.76 45.95
CA LEU C 227 52.10 -31.01 46.07
C LEU C 227 52.60 -32.39 45.58
N SER C 228 51.91 -33.45 45.97
CA SER C 228 52.43 -34.79 45.79
C SER C 228 52.35 -35.23 44.30
N THR C 229 51.57 -34.52 43.45
CA THR C 229 51.52 -34.91 42.02
C THR C 229 52.42 -34.01 41.17
N TRP C 230 53.41 -33.37 41.78
CA TRP C 230 54.43 -32.57 41.14
C TRP C 230 55.76 -33.04 41.71
N GLU C 231 56.83 -32.84 40.95
CA GLU C 231 58.19 -33.09 41.48
C GLU C 231 58.74 -31.82 42.00
N GLY C 232 59.05 -31.79 43.28
CA GLY C 232 59.70 -30.59 43.85
C GLY C 232 58.77 -29.36 43.74
N ASP C 233 59.35 -28.21 43.42
CA ASP C 233 58.67 -26.93 43.38
C ASP C 233 58.06 -26.61 42.01
N ALA C 234 57.93 -27.60 41.11
CA ALA C 234 57.47 -27.30 39.72
C ALA C 234 56.05 -26.71 39.72
N TRP C 235 55.27 -27.00 40.77
CA TRP C 235 53.88 -26.45 40.96
C TRP C 235 53.89 -24.94 41.07
N LYS C 236 55.02 -24.35 41.47
CA LYS C 236 55.10 -22.88 41.57
C LYS C 236 54.84 -22.09 40.30
N ILE C 237 55.14 -22.70 39.15
CA ILE C 237 55.00 -22.12 37.83
C ILE C 237 54.10 -23.08 37.02
N GLY C 238 53.17 -23.67 37.73
CA GLY C 238 52.45 -24.85 37.25
C GLY C 238 51.20 -24.69 36.42
N GLY C 239 50.80 -23.47 36.08
CA GLY C 239 49.60 -23.29 35.28
C GLY C 239 48.33 -23.39 36.09
N GLY C 240 47.28 -23.80 35.41
CA GLY C 240 45.93 -23.91 36.01
C GLY C 240 45.17 -22.61 36.07
N THR C 241 45.58 -21.62 35.31
CA THR C 241 44.83 -20.35 35.20
C THR C 241 43.41 -20.58 34.75
N ASN C 242 42.53 -19.69 35.19
CA ASN C 242 41.07 -19.85 34.86
C ASN C 242 40.55 -18.60 34.16
N TRP C 243 40.51 -18.69 32.85
CA TRP C 243 40.22 -17.58 31.94
C TRP C 243 38.89 -17.80 31.19
N GLY C 244 38.15 -18.83 31.59
CA GLY C 244 36.86 -19.13 30.99
C GLY C 244 35.68 -18.65 31.81
N TRP C 245 34.72 -19.52 32.00
CA TRP C 245 33.37 -19.11 32.43
C TRP C 245 32.97 -19.80 33.74
N TYR C 246 31.98 -19.27 34.41
CA TYR C 246 31.51 -19.82 35.67
C TYR C 246 30.06 -20.13 35.60
N ALA C 247 29.60 -20.88 36.60
CA ALA C 247 28.17 -21.05 36.84
C ALA C 247 27.92 -21.02 38.35
N TYR C 248 26.66 -20.91 38.73
CA TYR C 248 26.34 -20.70 40.16
C TYR C 248 24.99 -21.31 40.41
N ASP C 249 24.86 -22.09 41.48
CA ASP C 249 23.60 -22.61 41.93
C ASP C 249 23.31 -21.94 43.30
N PRO C 250 22.36 -21.02 43.35
CA PRO C 250 22.05 -20.29 44.59
C PRO C 250 21.47 -21.19 45.70
N LYS C 251 20.84 -22.31 45.34
CA LYS C 251 20.25 -23.28 46.30
C LYS C 251 21.39 -24.02 47.05
N LEU C 252 22.50 -24.31 46.36
CA LEU C 252 23.62 -24.98 46.97
C LEU C 252 24.66 -23.97 47.42
N ASP C 253 24.55 -22.73 46.97
CA ASP C 253 25.49 -21.66 47.19
C ASP C 253 26.90 -22.08 46.73
N MET C 254 26.96 -22.67 45.54
CA MET C 254 28.16 -23.19 44.92
C MET C 254 28.43 -22.56 43.54
N ILE C 255 29.73 -22.33 43.31
CA ILE C 255 30.29 -21.75 42.09
C ILE C 255 31.05 -22.88 41.39
N TYR C 256 30.91 -22.98 40.05
CA TYR C 256 31.56 -23.98 39.25
C TYR C 256 32.39 -23.28 38.17
N TYR C 257 33.60 -23.83 37.92
CA TYR C 257 34.50 -23.34 36.85
C TYR C 257 35.57 -24.36 36.69
N GLY C 258 36.30 -24.25 35.59
CA GLY C 258 37.41 -25.15 35.33
C GLY C 258 38.75 -24.46 35.42
N SER C 259 39.75 -25.19 35.93
CA SER C 259 41.16 -24.73 35.93
C SER C 259 41.89 -25.25 34.65
N GLY C 260 42.79 -24.43 34.17
CA GLY C 260 43.49 -24.57 32.90
C GLY C 260 44.63 -25.55 32.93
N ASN C 261 45.41 -25.49 31.86
CA ASN C 261 46.47 -26.47 31.63
C ASN C 261 47.67 -26.23 32.55
N PRO C 262 48.43 -27.30 32.86
CA PRO C 262 49.70 -27.21 33.53
C PRO C 262 50.78 -26.67 32.61
N ALA C 263 51.74 -25.99 33.22
CA ALA C 263 52.83 -25.44 32.49
C ALA C 263 54.12 -26.22 32.88
N PRO C 264 55.05 -26.39 31.94
CA PRO C 264 54.97 -25.93 30.58
C PRO C 264 54.18 -26.90 29.69
N TRP C 265 54.05 -26.63 28.38
CA TRP C 265 53.35 -27.61 27.50
C TRP C 265 54.20 -28.90 27.41
N ASN C 266 55.51 -28.76 27.59
CA ASN C 266 56.49 -29.91 27.59
C ASN C 266 56.26 -30.80 28.77
N GLU C 267 55.56 -31.91 28.53
CA GLU C 267 55.08 -32.80 29.61
C GLU C 267 56.19 -33.47 30.39
N THR C 268 57.32 -33.60 29.74
CA THR C 268 58.38 -34.39 30.28
C THR C 268 59.06 -33.52 31.32
N MET C 269 58.94 -32.20 31.26
CA MET C 269 59.52 -31.36 32.30
C MET C 269 58.70 -31.31 33.62
N ARG C 270 57.55 -32.00 33.67
CA ARG C 270 56.67 -31.94 34.85
C ARG C 270 55.96 -33.28 35.09
N PRO C 271 56.75 -34.35 35.37
CA PRO C 271 56.17 -35.61 35.78
C PRO C 271 55.12 -35.47 36.92
N GLY C 272 54.05 -36.22 36.81
CA GLY C 272 52.98 -36.35 37.85
C GLY C 272 51.62 -35.96 37.30
N ASP C 273 50.56 -36.22 38.04
CA ASP C 273 49.21 -35.84 37.60
C ASP C 273 49.03 -34.32 37.51
N ASN C 274 49.90 -33.55 38.17
CA ASN C 274 49.86 -32.07 38.05
C ASN C 274 48.53 -31.46 38.57
N LYS C 275 47.99 -32.04 39.62
CA LYS C 275 46.79 -31.51 40.24
C LYS C 275 47.06 -30.15 40.91
N TRP C 276 46.07 -29.26 40.94
CA TRP C 276 44.71 -29.46 40.37
C TRP C 276 44.46 -28.62 39.11
N THR C 277 45.39 -28.73 38.19
CA THR C 277 45.19 -28.23 36.84
C THR C 277 44.12 -29.15 36.23
N MET C 278 43.44 -28.65 35.21
CA MET C 278 42.45 -29.38 34.43
C MET C 278 41.31 -29.93 35.24
N THR C 279 40.85 -29.15 36.21
CA THR C 279 39.92 -29.64 37.17
C THR C 279 38.57 -28.90 37.11
N ILE C 280 37.49 -29.66 37.22
CA ILE C 280 36.15 -29.07 37.35
C ILE C 280 35.93 -28.86 38.90
N TRP C 281 35.78 -27.60 39.32
CA TRP C 281 35.61 -27.26 40.70
C TRP C 281 34.15 -26.95 41.08
N GLY C 282 33.80 -27.27 42.32
CA GLY C 282 32.56 -26.84 42.94
C GLY C 282 32.99 -26.19 44.20
N ARG C 283 32.92 -24.85 44.28
CA ARG C 283 33.42 -24.10 45.47
C ARG C 283 32.27 -23.40 46.21
N ASP C 284 32.39 -23.35 47.53
CA ASP C 284 31.42 -22.60 48.35
C ASP C 284 31.58 -21.11 47.98
N ALA C 285 30.47 -20.41 47.75
CA ALA C 285 30.53 -18.99 47.36
C ALA C 285 31.11 -18.05 48.41
N ASP C 286 30.70 -18.21 49.69
CA ASP C 286 31.19 -17.32 50.75
C ASP C 286 32.67 -17.47 51.03
N THR C 287 33.14 -18.72 51.17
CA THR C 287 34.47 -18.99 51.64
C THR C 287 35.46 -19.34 50.50
N GLY C 288 34.93 -19.72 49.33
CA GLY C 288 35.78 -20.21 48.25
C GLY C 288 36.23 -21.65 48.47
N ARG C 289 35.83 -22.31 49.55
CA ARG C 289 36.31 -23.67 49.82
C ARG C 289 35.69 -24.70 48.88
N ALA C 290 36.56 -25.49 48.29
CA ALA C 290 36.12 -26.53 47.37
C ALA C 290 35.45 -27.69 48.05
N LYS C 291 34.26 -28.01 47.56
CA LYS C 291 33.49 -29.15 48.00
C LYS C 291 33.77 -30.33 47.11
N PHE C 292 34.02 -30.08 45.84
CA PHE C 292 34.47 -31.14 44.94
C PHE C 292 35.48 -30.58 43.92
N GLY C 293 36.25 -31.49 43.38
CA GLY C 293 37.27 -31.19 42.37
C GLY C 293 37.46 -32.49 41.56
N TYR C 294 37.19 -32.44 40.26
CA TYR C 294 37.34 -33.60 39.40
C TYR C 294 38.37 -33.26 38.36
N GLN C 295 39.53 -33.95 38.40
CA GLN C 295 40.57 -33.69 37.41
C GLN C 295 40.24 -34.46 36.07
N LYS C 296 39.92 -33.69 35.03
CA LYS C 296 39.54 -34.28 33.74
C LYS C 296 40.72 -34.89 32.97
N THR C 297 41.85 -34.16 32.97
CA THR C 297 43.00 -34.54 32.16
C THR C 297 44.27 -34.55 33.06
N PRO C 298 44.50 -35.63 33.78
CA PRO C 298 45.72 -35.80 34.61
C PRO C 298 46.96 -35.77 33.75
N HIS C 299 47.99 -35.10 34.19
CA HIS C 299 49.21 -34.99 33.47
C HIS C 299 48.98 -34.63 32.01
N ASP C 300 48.40 -33.46 31.78
CA ASP C 300 48.09 -33.02 30.42
C ASP C 300 49.33 -33.10 29.51
N GLU C 301 49.15 -33.62 28.31
CA GLU C 301 50.19 -33.67 27.29
C GLU C 301 49.85 -32.88 26.05
N TRP C 302 48.71 -32.16 26.03
CA TRP C 302 48.10 -31.63 24.82
C TRP C 302 47.64 -30.20 24.90
N ASP C 303 47.90 -29.49 26.01
CA ASP C 303 47.27 -28.19 26.26
C ASP C 303 45.70 -28.24 26.11
N TYR C 304 45.05 -29.20 26.74
CA TYR C 304 43.58 -29.26 26.73
C TYR C 304 43.06 -28.38 27.89
N ALA C 305 43.44 -27.11 27.87
CA ALA C 305 43.19 -26.20 28.98
C ALA C 305 41.72 -26.29 29.41
N GLY C 306 41.50 -26.62 30.68
CA GLY C 306 40.22 -27.01 31.17
C GLY C 306 39.22 -25.95 31.56
N VAL C 307 39.21 -24.88 30.79
CA VAL C 307 38.51 -23.62 31.19
C VAL C 307 37.15 -23.41 30.55
N ASN C 308 36.63 -24.41 29.80
CA ASN C 308 35.42 -24.17 29.04
C ASN C 308 34.18 -24.00 29.92
N TYR C 309 33.07 -23.57 29.33
CA TYR C 309 31.93 -23.23 30.11
C TYR C 309 31.22 -24.42 30.82
N MET C 310 30.43 -24.07 31.84
CA MET C 310 29.63 -24.98 32.66
C MET C 310 28.17 -24.61 32.47
N GLY C 311 27.41 -25.50 31.85
CA GLY C 311 25.98 -25.34 31.65
C GLY C 311 25.21 -26.17 32.63
N LEU C 312 24.37 -25.55 33.45
CA LEU C 312 23.60 -26.29 34.50
C LEU C 312 22.25 -26.65 33.97
N SER C 313 21.78 -27.84 34.33
CA SER C 313 20.46 -28.28 33.96
C SER C 313 19.99 -29.28 35.03
N GLU C 314 18.71 -29.60 34.96
CA GLU C 314 18.09 -30.64 35.85
C GLU C 314 17.47 -31.67 34.93
N GLN C 315 18.02 -32.86 34.92
CA GLN C 315 17.56 -33.91 34.01
C GLN C 315 17.51 -35.27 34.76
N GLU C 316 16.81 -36.23 34.18
CA GLU C 316 16.68 -37.57 34.78
C GLU C 316 17.91 -38.38 34.56
N VAL C 317 18.47 -38.93 35.63
CA VAL C 317 19.56 -39.90 35.56
C VAL C 317 19.05 -41.20 36.29
N ASP C 318 18.97 -42.26 35.54
CA ASP C 318 18.34 -43.53 35.98
C ASP C 318 16.98 -43.31 36.60
N GLY C 319 16.16 -42.51 35.93
CA GLY C 319 14.82 -42.22 36.42
C GLY C 319 14.71 -41.26 37.56
N LYS C 320 15.81 -40.59 37.96
CA LYS C 320 15.71 -39.63 39.02
C LYS C 320 16.15 -38.25 38.55
N LEU C 321 15.33 -37.25 38.87
CA LEU C 321 15.58 -35.86 38.51
C LEU C 321 16.75 -35.35 39.30
N THR C 322 17.84 -34.96 38.64
CA THR C 322 19.10 -34.64 39.33
C THR C 322 19.63 -33.31 38.88
N PRO C 323 20.25 -32.54 39.79
CA PRO C 323 20.91 -31.29 39.41
C PRO C 323 22.27 -31.56 38.78
N LEU C 324 22.45 -31.14 37.52
CA LEU C 324 23.66 -31.45 36.76
C LEU C 324 24.47 -30.19 36.36
N LEU C 325 25.75 -30.39 36.07
CA LEU C 325 26.54 -29.50 35.20
C LEU C 325 26.95 -30.28 34.00
N THR C 326 27.09 -29.58 32.88
CA THR C 326 27.56 -30.16 31.63
C THR C 326 28.65 -29.25 31.06
N HIS C 327 29.72 -29.87 30.57
CA HIS C 327 30.99 -29.14 30.31
C HIS C 327 31.72 -29.82 29.12
N PRO C 328 31.68 -29.22 27.92
CA PRO C 328 32.39 -29.69 26.77
C PRO C 328 33.85 -29.21 26.84
N ASP C 329 34.76 -30.10 27.19
CA ASP C 329 36.14 -29.74 27.38
C ASP C 329 36.91 -29.66 26.09
N ARG C 330 38.00 -28.92 26.12
CA ARG C 330 39.04 -28.95 25.08
C ARG C 330 39.47 -30.37 24.65
N ASN C 331 39.47 -31.31 25.61
CA ASN C 331 39.98 -32.64 25.36
C ASN C 331 39.01 -33.46 24.51
N GLY C 332 37.89 -32.87 24.16
CA GLY C 332 36.88 -33.51 23.30
C GLY C 332 35.91 -34.42 23.98
N LEU C 333 35.93 -34.44 25.30
CA LEU C 333 34.89 -35.17 26.09
C LEU C 333 33.87 -34.17 26.57
N VAL C 334 32.59 -34.58 26.56
CA VAL C 334 31.50 -33.81 27.20
C VAL C 334 31.21 -34.44 28.57
N TYR C 335 31.54 -33.69 29.60
CA TYR C 335 31.37 -34.13 30.96
C TYR C 335 30.05 -33.69 31.54
N THR C 336 29.37 -34.63 32.15
CA THR C 336 28.14 -34.29 32.95
C THR C 336 28.35 -34.86 34.33
N LEU C 337 28.31 -33.96 35.33
CA LEU C 337 28.43 -34.31 36.69
C LEU C 337 27.20 -33.95 37.47
N ASN C 338 26.94 -34.65 38.55
CA ASN C 338 26.01 -34.21 39.58
C ASN C 338 26.63 -32.98 40.27
N ARG C 339 25.93 -31.86 40.26
CA ARG C 339 26.58 -30.60 40.69
C ARG C 339 26.52 -30.33 42.19
N GLU C 340 25.83 -31.22 42.93
CA GLU C 340 25.90 -31.23 44.39
C GLU C 340 27.06 -32.11 44.89
N THR C 341 27.15 -33.33 44.41
CA THR C 341 28.13 -34.34 44.89
C THR C 341 29.42 -34.38 44.11
N GLY C 342 29.35 -33.97 42.84
CA GLY C 342 30.51 -34.02 41.93
C GLY C 342 30.62 -35.36 41.21
N ALA C 343 29.65 -36.24 41.45
CA ALA C 343 29.74 -37.55 40.88
C ALA C 343 29.60 -37.48 39.36
N LEU C 344 30.34 -38.33 38.68
CA LEU C 344 30.38 -38.42 37.25
C LEU C 344 29.15 -39.12 36.76
N VAL C 345 28.39 -38.48 35.86
CA VAL C 345 27.23 -39.08 35.23
C VAL C 345 27.56 -39.60 33.84
N ASN C 346 28.26 -38.81 33.04
CA ASN C 346 28.73 -39.28 31.76
C ASN C 346 29.94 -38.45 31.29
N ALA C 347 30.69 -39.04 30.39
CA ALA C 347 31.81 -38.36 29.75
C ALA C 347 31.95 -38.98 28.40
N PHE C 348 31.40 -38.37 27.38
CA PHE C 348 31.35 -39.02 26.05
C PHE C 348 32.08 -38.14 25.07
N LYS C 349 32.53 -38.74 23.99
CA LYS C 349 33.26 -38.03 22.94
C LYS C 349 32.35 -37.11 22.14
N ILE C 350 32.74 -35.84 22.05
CA ILE C 350 31.96 -34.88 21.25
C ILE C 350 32.03 -35.17 19.75
N ASP C 351 33.08 -35.90 19.34
CA ASP C 351 33.23 -36.42 17.96
C ASP C 351 34.05 -37.73 18.09
N ASP C 352 33.67 -38.76 17.32
CA ASP C 352 34.29 -40.09 17.51
C ASP C 352 35.77 -40.14 17.11
N THR C 353 36.32 -39.11 16.50
CA THR C 353 37.71 -39.08 16.17
C THR C 353 38.68 -38.70 17.29
N VAL C 354 38.17 -38.30 18.46
CA VAL C 354 39.01 -38.08 19.60
C VAL C 354 39.87 -39.39 19.88
N ASN C 355 41.16 -39.25 20.04
CA ASN C 355 42.04 -40.45 20.08
C ASN C 355 43.11 -40.46 21.20
N TRP C 356 43.34 -39.34 21.89
CA TRP C 356 44.29 -39.34 23.03
C TRP C 356 43.79 -40.29 24.15
N VAL C 357 42.46 -40.48 24.19
CA VAL C 357 41.77 -41.28 25.20
C VAL C 357 40.91 -42.31 24.43
N LYS C 358 40.94 -43.53 24.92
CA LYS C 358 40.06 -44.60 24.41
C LYS C 358 38.64 -44.39 24.90
N LYS C 359 38.50 -44.25 26.23
CA LYS C 359 37.23 -43.90 26.85
C LYS C 359 37.48 -43.47 28.27
N VAL C 360 36.47 -42.87 28.91
CA VAL C 360 36.61 -42.63 30.34
C VAL C 360 35.92 -43.78 31.06
N ASP C 361 36.61 -44.36 32.05
CA ASP C 361 35.99 -45.37 32.88
C ASP C 361 35.12 -44.60 33.92
N LEU C 362 33.79 -44.74 33.83
CA LEU C 362 32.94 -43.85 34.67
C LEU C 362 33.00 -44.21 36.15
N LYS C 363 33.25 -45.50 36.43
CA LYS C 363 33.41 -45.95 37.82
C LYS C 363 34.66 -45.41 38.48
N THR C 364 35.79 -45.45 37.78
CA THR C 364 37.01 -44.91 38.38
C THR C 364 37.21 -43.43 38.15
N GLY C 365 36.45 -42.86 37.23
CA GLY C 365 36.66 -41.47 36.89
C GLY C 365 37.90 -41.23 35.93
N LEU C 366 38.63 -42.25 35.50
CA LEU C 366 39.93 -42.02 34.85
C LEU C 366 39.84 -42.19 33.34
N PRO C 367 40.40 -41.23 32.58
CA PRO C 367 40.53 -41.42 31.14
C PRO C 367 41.60 -42.44 30.79
N ILE C 368 41.21 -43.47 30.02
CA ILE C 368 42.20 -44.51 29.64
C ILE C 368 42.95 -44.03 28.42
N ARG C 369 44.22 -43.76 28.63
CA ARG C 369 45.08 -43.09 27.65
C ARG C 369 45.48 -44.06 26.56
N ASP C 370 45.55 -43.57 25.32
CA ASP C 370 46.14 -44.33 24.24
C ASP C 370 47.55 -43.86 24.05
N PRO C 371 48.53 -44.71 24.38
CA PRO C 371 49.91 -44.29 24.24
C PRO C 371 50.34 -43.90 22.83
N GLU C 372 49.63 -44.37 21.82
CA GLU C 372 49.97 -44.05 20.47
C GLU C 372 49.78 -42.50 20.24
N TYR C 373 48.99 -41.80 21.07
CA TYR C 373 48.70 -40.37 20.85
C TYR C 373 49.16 -39.55 22.07
N SER C 374 50.16 -40.09 22.77
CA SER C 374 50.86 -39.32 23.83
C SER C 374 51.80 -38.25 23.26
N THR C 375 52.21 -37.32 24.09
CA THR C 375 53.33 -36.49 23.71
C THR C 375 54.45 -36.68 24.72
N ARG C 376 55.67 -36.35 24.32
CA ARG C 376 56.87 -36.71 25.10
C ARG C 376 58.14 -36.20 24.39
N MET C 377 59.13 -35.85 25.16
CA MET C 377 60.40 -35.44 24.63
C MET C 377 60.96 -36.50 23.65
N ASP C 378 61.66 -35.99 22.65
CA ASP C 378 62.36 -36.76 21.64
C ASP C 378 61.44 -37.55 20.75
N HIS C 379 60.25 -36.98 20.48
CA HIS C 379 59.27 -37.59 19.66
C HIS C 379 58.41 -36.51 19.05
N ASN C 380 58.09 -36.66 17.78
CA ASN C 380 57.08 -35.82 17.11
C ASN C 380 55.84 -36.62 16.98
N ALA C 381 54.87 -36.37 17.88
CA ALA C 381 53.66 -37.17 17.90
C ALA C 381 52.79 -36.71 16.75
N LYS C 382 52.22 -37.65 16.04
CA LYS C 382 51.43 -37.31 14.84
C LYS C 382 49.98 -37.68 14.93
N GLY C 383 49.09 -36.81 14.43
CA GLY C 383 47.69 -37.15 14.22
C GLY C 383 46.88 -37.26 15.52
N ILE C 384 47.22 -36.44 16.52
CA ILE C 384 46.48 -36.37 17.78
C ILE C 384 45.19 -35.52 17.58
N CYS C 385 44.04 -36.07 18.02
CA CYS C 385 42.80 -35.40 18.07
C CYS C 385 42.23 -35.41 19.54
N PRO C 386 41.83 -34.24 20.08
CA PRO C 386 41.88 -32.94 19.40
C PRO C 386 43.29 -32.34 19.42
N SER C 387 43.48 -31.30 18.62
CA SER C 387 44.62 -30.46 18.82
C SER C 387 44.50 -29.66 20.11
N ALA C 388 45.53 -28.87 20.38
CA ALA C 388 45.52 -27.93 21.51
C ALA C 388 44.38 -26.89 21.50
N MET C 389 43.88 -26.53 20.31
CA MET C 389 42.77 -25.59 20.24
C MET C 389 41.47 -26.23 20.72
N GLY C 390 41.50 -27.56 20.87
CA GLY C 390 40.41 -28.38 21.34
C GLY C 390 39.39 -28.75 20.26
N TYR C 391 38.53 -29.70 20.57
CA TYR C 391 37.27 -29.87 19.82
C TYR C 391 36.19 -28.94 20.34
N HIS C 392 36.44 -28.33 21.48
CA HIS C 392 35.65 -27.22 21.94
C HIS C 392 36.54 -26.20 22.63
N ASN C 393 36.29 -24.91 22.43
CA ASN C 393 37.11 -23.86 23.05
C ASN C 393 36.20 -22.96 23.87
N GLN C 394 36.49 -21.68 23.91
CA GLN C 394 35.86 -20.69 24.82
C GLN C 394 34.39 -20.29 24.55
N GLY C 395 33.75 -20.78 23.48
CA GLY C 395 32.36 -20.38 23.24
C GLY C 395 31.38 -20.82 24.35
N ILE C 396 30.51 -19.94 24.77
CA ILE C 396 29.43 -20.29 25.75
C ILE C 396 28.31 -20.94 24.93
N GLU C 397 27.91 -22.15 25.33
CA GLU C 397 26.93 -22.89 24.54
C GLU C 397 25.52 -22.78 25.16
N SER C 398 24.55 -23.50 24.58
CA SER C 398 23.15 -23.26 24.85
C SER C 398 22.42 -24.56 25.05
N TYR C 399 21.34 -24.43 25.82
CA TYR C 399 20.54 -25.59 26.28
C TYR C 399 19.03 -25.26 26.17
N ASP C 400 18.33 -26.01 25.35
CA ASP C 400 16.88 -25.99 25.29
C ASP C 400 16.30 -27.02 26.31
N PRO C 401 15.68 -26.53 27.39
CA PRO C 401 15.16 -27.38 28.48
C PRO C 401 13.94 -28.20 28.06
N ASP C 402 13.29 -27.80 26.99
CA ASP C 402 12.15 -28.57 26.48
C ASP C 402 12.60 -29.81 25.74
N LYS C 403 13.58 -29.60 24.88
CA LYS C 403 14.16 -30.62 24.13
C LYS C 403 15.19 -31.48 24.92
N LYS C 404 15.74 -30.94 26.00
CA LYS C 404 16.87 -31.55 26.71
C LYS C 404 18.04 -31.69 25.75
N LEU C 405 18.31 -30.66 24.95
CA LEU C 405 19.47 -30.68 24.05
C LEU C 405 20.39 -29.48 24.31
N PHE C 406 21.70 -29.76 24.27
CA PHE C 406 22.70 -28.73 24.19
C PHE C 406 23.07 -28.54 22.73
N PHE C 407 23.32 -27.30 22.37
CA PHE C 407 23.70 -26.96 20.97
C PHE C 407 25.06 -26.39 21.10
N MET C 408 26.00 -26.90 20.32
CA MET C 408 27.38 -26.48 20.46
C MET C 408 28.06 -26.24 19.14
N GLY C 409 28.82 -25.17 19.12
CA GLY C 409 29.82 -24.92 18.10
C GLY C 409 31.09 -25.70 18.42
N VAL C 410 31.48 -26.54 17.48
CA VAL C 410 32.54 -27.52 17.65
C VAL C 410 33.71 -27.24 16.68
N ASN C 411 34.91 -27.64 17.08
CA ASN C 411 36.13 -27.50 16.26
C ASN C 411 36.52 -28.90 15.84
N HIS C 412 37.02 -29.04 14.62
CA HIS C 412 37.49 -30.31 14.12
C HIS C 412 38.94 -30.15 13.63
N ILE C 413 39.86 -30.07 14.58
CA ILE C 413 41.25 -29.67 14.36
C ILE C 413 42.11 -30.73 15.10
N CYS C 414 43.08 -31.28 14.38
CA CYS C 414 44.07 -32.29 14.87
C CYS C 414 45.47 -31.74 14.76
N MET C 415 46.46 -32.43 15.32
CA MET C 415 47.80 -31.88 15.39
C MET C 415 48.94 -32.90 15.41
N ASP C 416 50.10 -32.40 15.02
CA ASP C 416 51.37 -32.96 15.40
C ASP C 416 52.00 -32.13 16.51
N TRP C 417 52.83 -32.73 17.39
CA TRP C 417 53.39 -32.03 18.52
C TRP C 417 54.72 -32.65 18.93
N GLU C 418 55.75 -31.82 19.02
CA GLU C 418 57.07 -32.20 19.49
C GLU C 418 57.54 -31.21 20.57
N PRO C 419 57.84 -31.69 21.78
CA PRO C 419 58.28 -30.78 22.81
C PRO C 419 59.76 -30.38 22.65
N PHE C 420 60.18 -29.37 23.41
CA PHE C 420 61.56 -29.04 23.50
C PHE C 420 61.85 -28.47 24.88
N MET C 421 63.05 -28.71 25.36
CA MET C 421 63.52 -28.17 26.66
C MET C 421 63.69 -26.69 26.62
N LEU C 422 63.31 -26.00 27.71
CA LEU C 422 63.51 -24.60 27.82
C LEU C 422 63.53 -24.13 29.27
N PRO C 423 64.23 -23.03 29.56
CA PRO C 423 64.18 -22.48 30.93
C PRO C 423 62.94 -21.70 31.22
N TYR C 424 62.65 -21.53 32.50
CA TYR C 424 61.63 -20.61 32.97
C TYR C 424 62.30 -19.34 33.35
N ARG C 425 61.87 -18.25 32.75
CA ARG C 425 62.23 -16.88 33.17
C ARG C 425 60.92 -16.06 33.25
N ALA C 426 60.66 -15.51 34.44
CA ALA C 426 59.42 -14.80 34.70
C ALA C 426 59.28 -13.64 33.76
N GLY C 427 58.12 -13.54 33.13
CA GLY C 427 57.86 -12.58 32.11
C GLY C 427 58.03 -13.04 30.68
N GLN C 428 58.69 -14.18 30.48
CA GLN C 428 58.91 -14.74 29.14
C GLN C 428 57.96 -15.91 28.95
N PHE C 429 57.73 -16.26 27.68
CA PHE C 429 56.98 -17.42 27.31
C PHE C 429 57.65 -18.69 27.80
N PHE C 430 56.82 -19.67 28.12
CA PHE C 430 57.23 -20.89 28.79
C PHE C 430 56.40 -22.05 28.22
N VAL C 431 56.47 -22.20 26.90
CA VAL C 431 55.60 -23.17 26.18
C VAL C 431 56.36 -24.47 25.98
N GLY C 432 57.36 -24.49 25.10
CA GLY C 432 58.14 -25.74 24.99
C GLY C 432 57.58 -26.86 24.13
N ALA C 433 56.81 -26.48 23.10
CA ALA C 433 56.39 -27.45 22.10
C ALA C 433 56.21 -26.77 20.80
N THR C 434 56.40 -27.56 19.75
CA THR C 434 56.19 -27.09 18.39
C THR C 434 55.06 -27.90 17.82
N LEU C 435 54.04 -27.18 17.30
CA LEU C 435 52.85 -27.78 16.78
C LEU C 435 52.61 -27.46 15.34
N ASN C 436 52.01 -28.43 14.66
CA ASN C 436 51.36 -28.17 13.38
C ASN C 436 49.91 -28.68 13.49
N MET C 437 48.95 -27.88 13.00
CA MET C 437 47.51 -28.20 13.09
C MET C 437 46.85 -28.23 11.74
N TYR C 438 45.77 -28.97 11.65
CA TYR C 438 45.13 -29.27 10.38
C TYR C 438 43.75 -29.86 10.64
N PRO C 439 42.87 -29.89 9.61
CA PRO C 439 41.55 -30.45 9.83
C PRO C 439 41.57 -31.89 10.34
N GLY C 440 40.54 -32.27 11.11
CA GLY C 440 40.37 -33.62 11.57
C GLY C 440 39.97 -34.53 10.41
N PRO C 441 39.77 -35.78 10.72
CA PRO C 441 39.63 -36.79 9.62
C PRO C 441 38.40 -36.61 8.72
N LYS C 442 37.40 -35.91 9.20
CA LYS C 442 36.21 -35.55 8.39
C LYS C 442 36.46 -34.44 7.38
N GLY C 443 37.58 -33.74 7.46
CA GLY C 443 38.07 -32.85 6.41
C GLY C 443 37.69 -31.39 6.55
N MET C 444 36.72 -31.05 7.38
CA MET C 444 36.44 -29.60 7.57
C MET C 444 36.94 -29.18 8.99
N LEU C 445 36.93 -27.90 9.30
CA LEU C 445 37.48 -27.39 10.57
C LEU C 445 36.44 -27.12 11.65
N GLY C 446 35.17 -27.13 11.32
CA GLY C 446 34.09 -26.91 12.31
C GLY C 446 32.88 -27.80 12.10
N GLN C 447 32.03 -27.86 13.14
CA GLN C 447 30.69 -28.44 13.13
C GLN C 447 29.78 -27.71 14.06
N VAL C 448 28.51 -27.86 13.86
CA VAL C 448 27.53 -27.54 14.91
C VAL C 448 26.75 -28.82 15.22
N LYS C 449 26.56 -29.11 16.51
CA LYS C 449 26.00 -30.36 16.94
C LYS C 449 24.98 -30.09 18.01
N ALA C 450 23.94 -30.91 18.02
CA ALA C 450 22.94 -30.93 19.09
C ALA C 450 23.01 -32.25 19.80
N MET C 451 22.97 -32.24 21.13
CA MET C 451 23.17 -33.51 21.83
C MET C 451 22.49 -33.55 23.16
N ASN C 452 22.18 -34.78 23.61
CA ASN C 452 21.64 -35.00 24.94
C ASN C 452 22.87 -35.30 25.79
N ALA C 453 23.08 -34.53 26.83
CA ALA C 453 24.34 -34.69 27.62
C ALA C 453 24.35 -35.85 28.62
N VAL C 454 23.21 -36.40 28.96
CA VAL C 454 23.13 -37.55 29.89
C VAL C 454 23.35 -38.83 29.12
N THR C 455 22.71 -38.97 27.94
CA THR C 455 22.78 -40.20 27.13
C THR C 455 23.93 -40.18 26.15
N GLY C 456 24.42 -38.98 25.78
CA GLY C 456 25.39 -38.82 24.72
C GLY C 456 24.85 -38.93 23.30
N LYS C 457 23.54 -39.03 23.14
CA LYS C 457 22.97 -39.19 21.83
C LYS C 457 23.00 -37.87 21.07
N MET C 458 23.55 -37.96 19.88
CA MET C 458 23.65 -36.83 18.96
C MET C 458 22.36 -36.72 18.23
N GLU C 459 21.68 -35.57 18.29
CA GLU C 459 20.44 -35.37 17.56
C GLU C 459 20.70 -35.01 16.10
N TRP C 460 21.66 -34.13 15.86
CA TRP C 460 22.09 -33.80 14.52
C TRP C 460 23.45 -33.16 14.58
N GLU C 461 24.10 -33.17 13.44
CA GLU C 461 25.48 -32.71 13.29
C GLU C 461 25.62 -32.13 11.89
N VAL C 462 26.17 -30.91 11.75
CA VAL C 462 26.34 -30.31 10.41
C VAL C 462 27.78 -29.79 10.31
N PRO C 463 28.36 -29.80 9.12
CA PRO C 463 29.74 -29.28 8.95
C PRO C 463 29.80 -27.77 8.80
N GLU C 464 30.91 -27.18 9.19
CA GLU C 464 31.17 -25.77 8.95
C GLU C 464 32.57 -25.66 8.38
N LYS C 465 32.77 -24.68 7.48
CA LYS C 465 34.09 -24.46 6.88
C LYS C 465 35.24 -24.14 7.89
N PHE C 466 34.93 -23.33 8.89
CA PHE C 466 35.88 -23.01 9.91
C PHE C 466 35.34 -23.44 11.27
N ALA C 467 36.24 -23.64 12.22
CA ALA C 467 35.88 -23.97 13.59
C ALA C 467 34.85 -22.97 14.10
N VAL C 468 33.82 -23.45 14.79
CA VAL C 468 32.84 -22.58 15.37
C VAL C 468 33.23 -22.21 16.81
N TRP C 469 33.70 -20.96 17.00
CA TRP C 469 34.47 -20.57 18.17
C TRP C 469 33.71 -19.80 19.19
N GLY C 470 32.70 -19.05 18.74
CA GLY C 470 32.08 -18.06 19.57
C GLY C 470 30.91 -18.47 20.41
N GLY C 471 30.43 -19.69 20.31
CA GLY C 471 29.31 -20.18 21.08
C GLY C 471 28.00 -19.86 20.41
N THR C 472 26.90 -20.15 21.12
CA THR C 472 25.55 -20.20 20.54
C THR C 472 24.53 -19.61 21.49
N LEU C 473 23.39 -19.27 20.88
CA LEU C 473 22.20 -18.81 21.54
C LEU C 473 21.06 -19.64 20.98
N ALA C 474 20.24 -20.20 21.86
CA ALA C 474 19.09 -20.96 21.46
C ALA C 474 17.84 -20.28 21.98
N THR C 475 16.75 -20.48 21.27
CA THR C 475 15.48 -19.85 21.62
C THR C 475 14.27 -20.77 21.42
N ALA C 476 13.16 -20.41 22.10
CA ALA C 476 11.92 -21.17 22.03
C ALA C 476 11.21 -20.96 20.70
N GLY C 477 11.79 -20.15 19.82
CA GLY C 477 11.41 -20.15 18.42
C GLY C 477 11.96 -21.30 17.58
N ASP C 478 12.58 -22.26 18.24
CA ASP C 478 13.23 -23.40 17.65
C ASP C 478 14.42 -23.06 16.81
N LEU C 479 15.25 -22.12 17.30
CA LEU C 479 16.43 -21.64 16.55
C LEU C 479 17.65 -21.62 17.40
N VAL C 480 18.77 -21.95 16.76
CA VAL C 480 20.05 -21.65 17.36
C VAL C 480 20.81 -20.73 16.43
N PHE C 481 21.39 -19.66 17.03
CA PHE C 481 22.15 -18.62 16.33
C PHE C 481 23.59 -18.76 16.74
N TYR C 482 24.48 -18.46 15.83
CA TYR C 482 25.94 -18.48 16.11
C TYR C 482 26.63 -17.70 15.01
N GLY C 483 27.80 -17.17 15.31
CA GLY C 483 28.65 -16.58 14.28
C GLY C 483 29.79 -17.51 13.83
N THR C 484 30.37 -17.23 12.66
CA THR C 484 31.43 -18.03 12.15
C THR C 484 32.67 -17.18 11.93
N LEU C 485 33.82 -17.83 11.98
CA LEU C 485 35.13 -17.17 11.80
C LEU C 485 35.27 -16.50 10.45
N ASP C 486 34.55 -17.02 9.43
CA ASP C 486 34.59 -16.39 8.08
C ASP C 486 33.59 -15.24 7.94
N GLY C 487 32.84 -14.92 9.01
CA GLY C 487 32.10 -13.66 9.07
C GLY C 487 30.65 -13.74 8.64
N PHE C 488 29.97 -14.81 9.03
CA PHE C 488 28.52 -14.89 9.00
C PHE C 488 27.92 -14.93 10.36
N ILE C 489 26.68 -14.48 10.46
CA ILE C 489 25.80 -14.95 11.55
C ILE C 489 24.77 -15.85 10.88
N LYS C 490 24.45 -16.95 11.57
CA LYS C 490 23.59 -18.00 11.02
C LYS C 490 22.59 -18.45 12.03
N ALA C 491 21.47 -18.92 11.54
CA ALA C 491 20.45 -19.51 12.37
C ALA C 491 20.00 -20.87 11.81
N ARG C 492 19.95 -21.87 12.67
CA ARG C 492 19.52 -23.22 12.31
C ARG C 492 18.29 -23.61 13.15
N ASP C 493 17.45 -24.42 12.51
CA ASP C 493 16.37 -25.08 13.19
C ASP C 493 16.92 -26.06 14.22
N THR C 494 16.51 -25.89 15.47
CA THR C 494 16.98 -26.72 16.58
C THR C 494 16.52 -28.17 16.55
N ARG C 495 15.46 -28.46 15.86
CA ARG C 495 14.99 -29.88 15.77
C ARG C 495 15.87 -30.69 14.81
N THR C 496 16.34 -30.09 13.72
CA THR C 496 16.96 -30.82 12.59
C THR C 496 18.37 -30.36 12.21
N GLY C 497 18.72 -29.11 12.60
CA GLY C 497 19.93 -28.49 12.09
C GLY C 497 19.86 -27.74 10.79
N GLU C 498 18.68 -27.68 10.20
CA GLU C 498 18.51 -27.06 8.93
C GLU C 498 18.86 -25.56 9.00
N LEU C 499 19.64 -25.06 8.02
CA LEU C 499 20.02 -23.64 7.95
C LEU C 499 18.80 -22.87 7.51
N LYS C 500 18.39 -21.88 8.29
CA LYS C 500 17.22 -21.06 7.99
C LYS C 500 17.57 -19.63 7.61
N TRP C 501 18.76 -19.14 7.97
CA TRP C 501 19.08 -17.74 7.67
C TRP C 501 20.56 -17.53 7.86
N GLN C 502 21.11 -16.60 7.09
CA GLN C 502 22.49 -16.22 7.26
C GLN C 502 22.69 -14.79 6.78
N PHE C 503 23.62 -14.07 7.40
CA PHE C 503 23.89 -12.70 7.03
C PHE C 503 25.40 -12.50 7.04
N GLN C 504 25.91 -11.79 6.03
CA GLN C 504 27.34 -11.52 5.92
C GLN C 504 27.73 -10.28 6.70
N LEU C 505 28.34 -10.51 7.86
CA LEU C 505 28.90 -9.46 8.70
C LEU C 505 30.23 -8.95 8.12
N PRO C 506 30.75 -7.84 8.66
CA PRO C 506 31.95 -7.32 8.07
C PRO C 506 33.18 -8.26 8.31
N SER C 507 33.30 -8.80 9.52
CA SER C 507 34.46 -9.52 9.94
C SER C 507 33.99 -10.80 10.70
N GLY C 508 34.89 -11.77 10.79
CA GLY C 508 34.65 -13.01 11.50
C GLY C 508 34.19 -12.78 12.91
N VAL C 509 33.47 -13.78 13.46
CA VAL C 509 32.87 -13.70 14.77
C VAL C 509 33.57 -14.68 15.73
N ILE C 510 33.94 -14.19 16.90
CA ILE C 510 34.51 -15.03 17.97
C ILE C 510 33.79 -14.94 19.33
N GLY C 511 32.68 -14.22 19.34
CA GLY C 511 31.81 -14.09 20.46
C GLY C 511 30.45 -14.66 20.17
N HIS C 512 29.55 -14.55 21.13
CA HIS C 512 28.23 -15.18 21.05
C HIS C 512 27.14 -14.17 20.71
N PRO C 513 26.00 -14.63 20.15
CA PRO C 513 24.86 -13.77 19.94
C PRO C 513 24.07 -13.57 21.24
N ILE C 514 23.40 -12.45 21.37
CA ILE C 514 22.43 -12.25 22.45
C ILE C 514 21.12 -11.98 21.88
N THR C 515 20.08 -12.15 22.70
CA THR C 515 18.79 -11.58 22.34
C THR C 515 18.10 -10.92 23.55
N TYR C 516 17.24 -9.97 23.26
CA TYR C 516 16.52 -9.20 24.27
C TYR C 516 15.30 -8.57 23.65
N GLN C 517 14.34 -8.21 24.51
CA GLN C 517 13.16 -7.46 24.09
C GLN C 517 13.35 -6.02 24.55
N HIS C 518 13.16 -5.10 23.61
CA HIS C 518 13.09 -3.70 23.94
C HIS C 518 11.85 -3.08 23.35
N ASN C 519 11.04 -2.48 24.22
CA ASN C 519 9.84 -1.78 23.84
C ASN C 519 8.96 -2.66 22.99
N GLY C 520 8.79 -3.85 23.47
CA GLY C 520 7.94 -4.79 22.80
C GLY C 520 8.38 -5.51 21.58
N LYS C 521 9.65 -5.43 21.25
CA LYS C 521 10.20 -6.02 20.06
C LYS C 521 11.46 -6.77 20.38
N GLN C 522 11.62 -7.91 19.73
CA GLN C 522 12.82 -8.73 19.90
C GLN C 522 13.96 -8.35 18.98
N TYR C 523 15.17 -8.28 19.56
CA TYR C 523 16.39 -7.95 18.85
C TYR C 523 17.38 -9.07 19.07
N ILE C 524 18.24 -9.27 18.07
CA ILE C 524 19.43 -10.15 18.22
C ILE C 524 20.64 -9.32 17.99
N ALA C 525 21.67 -9.44 18.85
CA ALA C 525 22.89 -8.63 18.70
C ALA C 525 24.15 -9.48 18.78
N ILE C 526 25.21 -9.06 18.10
CA ILE C 526 26.47 -9.80 18.08
C ILE C 526 27.61 -8.83 17.73
N TYR C 527 28.81 -9.15 18.23
CA TYR C 527 30.03 -8.51 17.77
C TYR C 527 30.54 -9.08 16.47
N SER C 528 31.09 -8.21 15.62
CA SER C 528 31.88 -8.64 14.47
C SER C 528 33.30 -8.10 14.59
N GLY C 529 34.27 -8.97 14.49
CA GLY C 529 35.66 -8.55 14.66
C GLY C 529 36.52 -9.76 14.97
N VAL C 530 37.15 -10.28 13.93
CA VAL C 530 37.87 -11.53 14.06
C VAL C 530 39.19 -11.41 14.79
N GLY C 531 39.61 -12.51 15.39
CA GLY C 531 40.88 -12.47 16.09
C GLY C 531 40.93 -13.68 16.99
N GLY C 532 41.48 -13.49 18.16
CA GLY C 532 41.66 -14.60 19.07
C GLY C 532 42.64 -15.62 18.52
N TRP C 533 42.61 -16.82 19.03
CA TRP C 533 43.63 -17.78 18.60
C TRP C 533 43.54 -18.18 17.14
N PRO C 534 42.32 -18.45 16.60
CA PRO C 534 42.24 -18.73 15.16
C PRO C 534 42.70 -17.58 14.26
N GLY C 535 42.48 -16.34 14.69
CA GLY C 535 42.85 -15.18 13.94
C GLY C 535 44.27 -14.68 14.06
N VAL C 536 45.11 -15.34 14.87
CA VAL C 536 46.43 -14.78 15.16
C VAL C 536 47.26 -14.58 13.90
N GLY C 537 47.16 -15.49 12.92
CA GLY C 537 47.85 -15.35 11.65
C GLY C 537 47.52 -14.07 10.89
N LEU C 538 46.22 -13.79 10.79
CA LEU C 538 45.82 -12.63 10.05
C LEU C 538 45.97 -11.36 10.85
N VAL C 539 45.76 -11.42 12.16
CA VAL C 539 45.92 -10.24 13.00
C VAL C 539 47.38 -9.78 13.04
N PHE C 540 48.30 -10.71 13.20
CA PHE C 540 49.73 -10.38 13.31
C PHE C 540 50.62 -10.58 12.09
N ASP C 541 50.00 -10.91 10.97
CA ASP C 541 50.67 -11.14 9.66
C ASP C 541 51.79 -12.19 9.77
N LEU C 542 51.39 -13.33 10.33
CA LEU C 542 52.28 -14.46 10.54
C LEU C 542 52.13 -15.39 9.35
N LYS C 543 53.21 -16.08 9.02
CA LYS C 543 53.31 -16.98 7.90
C LYS C 543 53.79 -18.38 8.23
N ASP C 544 54.74 -18.48 9.17
CA ASP C 544 55.21 -19.82 9.60
C ASP C 544 54.05 -20.72 10.10
N PRO C 545 53.82 -21.89 9.49
CA PRO C 545 52.66 -22.65 9.92
C PRO C 545 52.70 -23.08 11.41
N THR C 546 53.89 -23.12 12.00
CA THR C 546 54.01 -23.41 13.44
C THR C 546 53.87 -22.22 14.35
N ALA C 547 53.77 -21.01 13.82
CA ALA C 547 53.58 -19.85 14.69
C ALA C 547 52.14 -19.78 15.18
N GLY C 548 51.90 -18.87 16.10
CA GLY C 548 50.64 -18.78 16.82
C GLY C 548 50.33 -20.10 17.50
N LEU C 549 51.36 -20.70 18.09
CA LEU C 549 51.26 -21.95 18.79
C LEU C 549 50.60 -23.03 17.93
N GLY C 550 50.90 -23.04 16.65
CA GLY C 550 50.35 -24.02 15.76
C GLY C 550 49.11 -23.65 14.98
N ALA C 551 48.48 -22.56 15.34
CA ALA C 551 47.20 -22.17 14.74
C ALA C 551 47.40 -21.63 13.33
N VAL C 552 48.60 -21.06 13.03
CA VAL C 552 48.78 -20.31 11.78
C VAL C 552 48.54 -21.21 10.58
N GLY C 553 49.11 -22.40 10.61
CA GLY C 553 48.96 -23.32 9.51
C GLY C 553 47.53 -23.73 9.31
N ALA C 554 46.87 -24.08 10.38
CA ALA C 554 45.48 -24.62 10.25
C ALA C 554 44.58 -23.52 9.69
N PHE C 555 44.84 -22.25 10.07
CA PHE C 555 43.88 -21.17 9.71
C PHE C 555 44.31 -20.28 8.56
N ARG C 556 45.21 -20.81 7.71
CA ARG C 556 45.88 -19.97 6.72
C ARG C 556 44.91 -19.45 5.63
N GLU C 557 43.79 -20.14 5.40
CA GLU C 557 42.79 -19.66 4.49
C GLU C 557 41.85 -18.61 5.04
N LEU C 558 41.84 -18.38 6.32
CA LEU C 558 40.85 -17.48 6.94
C LEU C 558 40.97 -16.03 6.40
N ALA C 559 42.19 -15.58 6.19
CA ALA C 559 42.47 -14.30 5.62
C ALA C 559 41.98 -14.11 4.19
N HIS C 560 41.61 -15.16 3.45
CA HIS C 560 40.93 -15.00 2.17
C HIS C 560 39.49 -14.52 2.30
N TYR C 561 38.93 -14.61 3.52
CA TYR C 561 37.49 -14.34 3.75
C TYR C 561 37.26 -13.18 4.66
N THR C 562 38.19 -12.90 5.54
CA THR C 562 37.91 -11.80 6.52
C THR C 562 39.16 -11.00 6.84
N GLN C 563 38.95 -9.71 7.06
CA GLN C 563 39.93 -8.82 7.67
C GLN C 563 39.51 -8.63 9.14
N MET C 564 40.35 -7.92 9.87
CA MET C 564 39.97 -7.42 11.18
C MET C 564 38.86 -6.37 11.07
N GLY C 565 38.18 -6.17 12.16
CA GLY C 565 37.11 -5.25 12.24
C GLY C 565 36.69 -5.09 13.69
N GLY C 566 35.65 -4.27 13.94
CA GLY C 566 35.13 -4.06 15.29
C GLY C 566 33.78 -3.34 15.26
N SER C 567 32.71 -4.14 15.28
CA SER C 567 31.36 -3.56 15.19
C SER C 567 30.38 -4.39 16.01
N VAL C 568 29.23 -3.79 16.29
CA VAL C 568 28.09 -4.44 16.90
C VAL C 568 26.97 -4.36 15.92
N PHE C 569 26.38 -5.51 15.58
CA PHE C 569 25.25 -5.56 14.67
C PHE C 569 24.03 -5.95 15.47
N VAL C 570 22.92 -5.25 15.23
CA VAL C 570 21.63 -5.53 15.90
C VAL C 570 20.60 -5.82 14.83
N PHE C 571 19.89 -6.97 14.95
CA PHE C 571 18.91 -7.41 13.97
C PHE C 571 17.51 -7.38 14.58
N SER C 572 16.48 -7.23 13.72
CA SER C 572 15.12 -7.36 14.10
C SER C 572 14.28 -7.70 12.91
N LEU C 573 13.03 -8.06 13.17
CA LEU C 573 12.02 -8.12 12.09
C LEU C 573 11.43 -6.71 11.90
N ASN D 1 39.68 8.50 -22.29
CA ASN D 1 39.77 7.04 -22.67
C ASN D 1 38.37 6.65 -23.14
N SER D 2 38.19 6.38 -24.45
CA SER D 2 36.90 6.00 -24.99
C SER D 2 36.25 4.80 -24.42
N GLU D 3 37.02 3.77 -24.21
CA GLU D 3 36.44 2.51 -23.65
C GLU D 3 36.03 2.70 -22.17
N LEU D 4 36.78 3.50 -21.42
CA LEU D 4 36.42 3.85 -20.03
C LEU D 4 35.11 4.61 -20.01
N ASP D 5 34.96 5.56 -20.93
CA ASP D 5 33.72 6.31 -21.03
C ASP D 5 32.56 5.38 -21.38
N ARG D 6 32.77 4.51 -22.35
CA ARG D 6 31.76 3.51 -22.68
C ARG D 6 31.35 2.64 -21.50
N LEU D 7 32.34 2.15 -20.73
CA LEU D 7 32.06 1.33 -19.56
C LEU D 7 31.25 2.08 -18.54
N SER D 8 31.47 3.39 -18.47
CA SER D 8 30.76 4.21 -17.50
C SER D 8 29.26 4.29 -17.83
N LYS D 9 28.88 4.00 -19.08
CA LYS D 9 27.49 4.06 -19.53
C LYS D 9 26.75 2.77 -19.24
N ASP D 10 27.44 1.75 -18.72
CA ASP D 10 26.82 0.50 -18.29
C ASP D 10 26.48 0.59 -16.79
N ASP D 11 25.20 0.47 -16.43
CA ASP D 11 24.84 0.63 -15.01
C ASP D 11 25.29 -0.50 -14.07
N ARG D 12 25.87 -1.56 -14.63
CA ARG D 12 26.59 -2.55 -13.84
C ARG D 12 27.88 -2.00 -13.21
N ASN D 13 28.38 -0.84 -13.68
CA ASN D 13 29.69 -0.36 -13.31
C ASN D 13 29.63 0.98 -12.63
N TRP D 14 30.66 1.21 -11.86
CA TRP D 14 30.99 2.48 -11.30
C TRP D 14 32.51 2.60 -11.47
N VAL D 15 32.93 3.16 -12.59
CA VAL D 15 34.30 2.92 -13.08
C VAL D 15 35.34 3.93 -12.59
N MET D 16 34.90 5.02 -11.97
CA MET D 16 35.80 6.02 -11.44
C MET D 16 35.09 6.70 -10.26
N GLN D 17 35.85 7.37 -9.39
CA GLN D 17 35.25 7.95 -8.18
C GLN D 17 34.09 8.93 -8.48
N THR D 18 34.26 9.72 -9.54
CA THR D 18 33.29 10.69 -10.02
C THR D 18 32.13 10.09 -10.83
N LYS D 19 32.14 8.78 -11.01
CA LYS D 19 31.19 7.99 -11.80
C LYS D 19 31.51 8.06 -13.28
N ASP D 20 31.68 9.27 -13.81
CA ASP D 20 31.81 9.47 -15.24
C ASP D 20 32.67 10.69 -15.41
N TYR D 21 33.08 10.92 -16.67
CA TYR D 21 33.97 12.03 -16.91
C TYR D 21 33.35 13.42 -16.59
N SER D 22 32.05 13.51 -16.56
CA SER D 22 31.39 14.76 -16.23
C SER D 22 31.17 14.89 -14.71
N ALA D 23 31.53 13.86 -13.93
CA ALA D 23 31.28 13.81 -12.51
C ALA D 23 29.81 14.12 -12.17
N THR D 24 28.88 13.48 -12.89
CA THR D 24 27.49 13.76 -12.62
C THR D 24 27.03 13.11 -11.31
N HIS D 25 27.69 12.02 -10.90
CA HIS D 25 27.23 11.25 -9.77
C HIS D 25 25.75 10.96 -9.84
N PHE D 26 25.28 10.67 -11.05
CA PHE D 26 23.87 10.51 -11.29
C PHE D 26 23.66 9.18 -11.94
N SER D 27 22.79 8.38 -11.33
CA SER D 27 22.42 7.05 -11.90
C SER D 27 21.01 7.10 -12.48
N ARG D 28 20.90 6.61 -13.69
CA ARG D 28 19.63 6.42 -14.36
C ARG D 28 18.78 5.28 -13.84
N LEU D 29 19.30 4.48 -12.94
CA LEU D 29 18.58 3.38 -12.43
C LEU D 29 17.37 3.81 -11.61
N THR D 30 16.21 3.17 -11.84
CA THR D 30 14.95 3.62 -11.25
C THR D 30 14.38 2.57 -10.28
N GLU D 31 15.01 1.39 -10.12
CA GLU D 31 14.40 0.37 -9.26
C GLU D 31 14.21 0.86 -7.81
N ILE D 32 15.24 1.47 -7.24
CA ILE D 32 15.11 2.09 -5.92
C ILE D 32 14.60 3.53 -6.13
N ASN D 33 13.48 3.90 -5.51
CA ASN D 33 12.87 5.21 -5.82
C ASN D 33 12.18 5.78 -4.59
N SER D 34 11.66 7.01 -4.69
CA SER D 34 11.11 7.66 -3.53
C SER D 34 9.94 6.89 -2.91
N HIS D 35 9.26 6.04 -3.69
CA HIS D 35 8.13 5.31 -3.17
C HIS D 35 8.52 4.08 -2.39
N ASN D 36 9.68 3.48 -2.66
CA ASN D 36 10.05 2.22 -2.03
C ASN D 36 11.31 2.24 -1.22
N VAL D 37 12.00 3.35 -1.18
CA VAL D 37 13.29 3.41 -0.48
C VAL D 37 13.15 3.13 1.00
N LYS D 38 11.97 3.44 1.56
CA LYS D 38 11.67 3.03 2.94
C LYS D 38 11.99 1.54 3.21
N ASN D 39 11.91 0.69 2.20
CA ASN D 39 12.18 -0.74 2.37
C ASN D 39 13.60 -1.16 2.12
N LEU D 40 14.52 -0.20 1.96
CA LEU D 40 15.93 -0.59 1.73
C LEU D 40 16.52 -1.28 2.97
N LYS D 41 17.20 -2.38 2.76
CA LYS D 41 17.84 -3.16 3.86
C LYS D 41 19.28 -3.45 3.56
N VAL D 42 20.05 -3.73 4.62
CA VAL D 42 21.43 -4.15 4.41
C VAL D 42 21.44 -5.53 3.73
N ALA D 43 22.15 -5.64 2.63
CA ALA D 43 22.30 -6.88 1.87
C ALA D 43 23.53 -7.72 2.29
N TRP D 44 24.64 -7.06 2.36
CA TRP D 44 25.88 -7.62 2.84
C TRP D 44 26.89 -6.51 3.24
N THR D 45 27.96 -6.89 3.91
CA THR D 45 28.94 -5.95 4.40
C THR D 45 30.34 -6.57 4.37
N LEU D 46 31.36 -5.71 4.47
CA LEU D 46 32.75 -6.10 4.47
C LEU D 46 33.47 -5.18 5.43
N SER D 47 34.50 -5.66 6.10
CA SER D 47 35.35 -4.82 6.90
C SER D 47 36.59 -4.47 6.05
N THR D 48 37.13 -3.26 6.21
CA THR D 48 38.30 -2.85 5.49
C THR D 48 39.56 -3.24 6.24
N GLY D 49 39.48 -3.54 7.52
CA GLY D 49 40.66 -3.89 8.29
C GLY D 49 41.50 -2.74 8.77
N THR D 50 41.02 -1.49 8.60
CA THR D 50 41.72 -0.33 9.13
C THR D 50 40.73 0.57 9.84
N LEU D 51 41.28 1.48 10.63
CA LEU D 51 40.46 2.60 11.21
C LEU D 51 40.85 3.87 10.46
N HIS D 52 40.59 5.05 11.01
CA HIS D 52 40.83 6.32 10.30
C HIS D 52 39.77 6.55 9.19
N GLY D 53 39.79 7.76 8.69
CA GLY D 53 38.81 8.22 7.72
C GLY D 53 38.83 7.44 6.41
N HIS D 54 37.64 6.99 5.97
CA HIS D 54 37.47 6.35 4.68
C HIS D 54 36.80 7.27 3.64
N GLU D 55 37.61 7.96 2.87
CA GLU D 55 37.13 8.86 1.78
C GLU D 55 37.00 8.06 0.49
N GLY D 56 36.46 8.71 -0.54
CA GLY D 56 36.06 8.05 -1.79
C GLY D 56 35.05 6.97 -1.49
N ALA D 57 35.05 5.95 -2.35
CA ALA D 57 34.09 4.88 -2.31
C ALA D 57 34.66 3.76 -3.18
N PRO D 58 34.07 2.57 -3.11
CA PRO D 58 34.46 1.48 -4.02
C PRO D 58 34.31 1.83 -5.49
N LEU D 59 35.01 1.10 -6.35
CA LEU D 59 34.70 1.02 -7.76
C LEU D 59 34.09 -0.33 -8.05
N VAL D 60 33.31 -0.42 -9.14
CA VAL D 60 32.76 -1.69 -9.57
C VAL D 60 32.97 -1.75 -11.11
N VAL D 61 33.68 -2.77 -11.58
CA VAL D 61 33.86 -2.91 -13.05
C VAL D 61 33.81 -4.39 -13.36
N ASP D 62 33.02 -4.75 -14.36
CA ASP D 62 32.98 -6.09 -14.91
C ASP D 62 32.81 -7.15 -13.79
N GLY D 63 31.84 -6.92 -12.91
CA GLY D 63 31.51 -7.81 -11.83
C GLY D 63 32.43 -7.91 -10.65
N ILE D 64 33.41 -7.03 -10.56
CA ILE D 64 34.30 -7.00 -9.42
C ILE D 64 34.19 -5.66 -8.73
N MET D 65 34.11 -5.71 -7.42
CA MET D 65 34.21 -4.51 -6.56
C MET D 65 35.63 -4.33 -6.04
N TYR D 66 36.14 -3.10 -6.12
CA TYR D 66 37.48 -2.74 -5.61
C TYR D 66 37.38 -1.79 -4.41
N ILE D 67 38.01 -2.16 -3.31
CA ILE D 67 37.98 -1.45 -2.04
C ILE D 67 39.35 -0.89 -1.73
N HIS D 68 39.40 0.31 -1.12
CA HIS D 68 40.64 0.90 -0.68
C HIS D 68 40.54 1.44 0.73
N THR D 69 41.82 1.60 1.36
CA THR D 69 41.72 2.10 2.73
C THR D 69 42.49 3.41 2.87
N PRO D 70 42.31 4.04 4.10
CA PRO D 70 43.31 5.04 4.50
C PRO D 70 44.66 4.34 4.78
N PHE D 71 45.65 5.10 5.19
CA PHE D 71 47.00 4.59 5.31
C PHE D 71 47.06 3.32 6.13
N PRO D 72 47.74 2.27 5.70
CA PRO D 72 48.71 2.17 4.59
C PRO D 72 48.14 1.92 3.17
N ASN D 73 46.86 2.20 2.95
CA ASN D 73 46.28 2.18 1.59
C ASN D 73 46.21 0.77 0.99
N ASN D 74 45.74 -0.18 1.79
CA ASN D 74 45.40 -1.51 1.28
C ASN D 74 44.27 -1.49 0.25
N VAL D 75 44.38 -2.44 -0.69
CA VAL D 75 43.45 -2.57 -1.78
C VAL D 75 42.99 -3.99 -1.78
N TYR D 76 41.70 -4.17 -1.97
CA TYR D 76 41.26 -5.47 -2.34
C TYR D 76 40.11 -5.57 -3.29
N ALA D 77 40.01 -6.73 -3.92
CA ALA D 77 39.05 -6.99 -4.97
C ALA D 77 38.07 -8.10 -4.57
N VAL D 78 36.78 -7.89 -4.81
CA VAL D 78 35.74 -8.83 -4.49
C VAL D 78 34.94 -9.19 -5.73
N ASP D 79 34.84 -10.47 -6.04
CA ASP D 79 33.89 -10.94 -7.08
C ASP D 79 32.47 -10.83 -6.52
N LEU D 80 31.62 -10.05 -7.15
CA LEU D 80 30.23 -9.85 -6.71
C LEU D 80 29.32 -11.10 -6.76
N ASN D 81 29.77 -12.18 -7.38
CA ASN D 81 29.12 -13.47 -7.27
C ASN D 81 29.57 -14.29 -6.01
N ASP D 82 30.60 -13.83 -5.26
CA ASP D 82 31.10 -14.51 -4.08
C ASP D 82 31.58 -13.41 -3.12
N THR D 83 30.65 -12.74 -2.49
CA THR D 83 30.97 -11.49 -1.80
C THR D 83 31.70 -11.72 -0.48
N ARG D 84 31.83 -12.97 -0.03
CA ARG D 84 32.54 -13.21 1.23
C ARG D 84 34.04 -13.36 1.02
N LYS D 85 34.47 -13.64 -0.22
CA LYS D 85 35.89 -13.91 -0.52
C LYS D 85 36.60 -12.76 -1.16
N MET D 86 37.86 -12.58 -0.81
CA MET D 86 38.69 -11.58 -1.45
C MET D 86 39.41 -12.25 -2.62
N LEU D 87 39.15 -11.77 -3.83
CA LEU D 87 39.77 -12.24 -5.04
C LEU D 87 41.25 -12.00 -5.07
N TRP D 88 41.68 -10.83 -4.60
CA TRP D 88 43.09 -10.58 -4.37
C TRP D 88 43.21 -9.36 -3.45
N GLN D 89 44.40 -9.15 -2.94
CA GLN D 89 44.74 -8.04 -2.08
C GLN D 89 46.06 -7.45 -2.46
N TYR D 90 46.24 -6.18 -2.19
CA TYR D 90 47.54 -5.57 -2.27
C TYR D 90 47.76 -4.76 -1.03
N LYS D 91 48.91 -4.94 -0.35
CA LYS D 91 49.14 -4.37 0.97
C LYS D 91 50.42 -3.59 0.95
N PRO D 92 50.37 -2.27 0.74
CA PRO D 92 51.62 -1.51 0.61
C PRO D 92 52.46 -1.51 1.84
N LYS D 93 53.80 -1.51 1.63
CA LYS D 93 54.75 -1.25 2.73
C LYS D 93 55.20 0.17 2.58
N GLN D 94 54.84 1.03 3.53
CA GLN D 94 55.15 2.45 3.43
C GLN D 94 55.84 2.87 4.68
N ASN D 95 56.65 3.88 4.58
CA ASN D 95 57.24 4.49 5.77
C ASN D 95 56.18 5.06 6.71
N PRO D 96 56.16 4.67 8.01
CA PRO D 96 55.16 5.26 8.93
C PRO D 96 55.33 6.74 9.13
N ALA D 97 56.50 7.30 8.82
CA ALA D 97 56.73 8.75 8.89
C ALA D 97 55.79 9.54 7.94
N ALA D 98 55.22 8.89 6.94
CA ALA D 98 54.25 9.57 6.09
C ALA D 98 53.04 10.14 6.84
N ARG D 99 52.67 9.46 7.91
CA ARG D 99 51.52 9.84 8.71
C ARG D 99 51.81 11.18 9.35
N ALA D 100 53.07 11.49 9.65
CA ALA D 100 53.40 12.68 10.37
C ALA D 100 53.36 13.96 9.53
N VAL D 101 53.33 13.85 8.20
CA VAL D 101 53.20 15.03 7.35
C VAL D 101 51.76 15.16 6.72
N ALA D 102 50.80 14.42 7.28
CA ALA D 102 49.34 14.57 6.93
C ALA D 102 48.76 15.54 7.97
N CYS D 103 48.28 16.72 7.58
CA CYS D 103 47.72 17.67 8.59
C CYS D 103 46.43 17.16 9.25
N CYS D 104 45.61 16.45 8.48
CA CYS D 104 44.17 16.31 8.76
C CYS D 104 43.69 14.87 8.53
N ASP D 105 44.35 13.91 9.17
CA ASP D 105 44.08 12.46 8.99
C ASP D 105 44.72 11.91 7.67
N VAL D 106 44.95 10.63 7.71
CA VAL D 106 45.61 9.90 6.66
C VAL D 106 44.60 9.31 5.65
N VAL D 107 43.69 10.16 5.18
CA VAL D 107 42.69 9.76 4.24
C VAL D 107 43.28 9.59 2.82
N ASN D 108 42.57 8.81 2.02
CA ASN D 108 42.90 8.55 0.61
C ASN D 108 41.60 8.52 -0.18
N ARG D 109 41.57 9.25 -1.28
CA ARG D 109 40.29 9.44 -2.02
C ARG D 109 40.02 8.37 -3.09
N GLY D 110 40.92 7.39 -3.20
CA GLY D 110 40.53 6.16 -3.87
C GLY D 110 41.20 5.77 -5.14
N LEU D 111 40.72 4.64 -5.62
CA LEU D 111 41.28 3.99 -6.80
C LEU D 111 40.76 4.62 -8.12
N ALA D 112 41.53 4.37 -9.19
CA ALA D 112 41.10 4.56 -10.54
C ALA D 112 41.29 3.26 -11.29
N TYR D 113 40.67 3.20 -12.44
CA TYR D 113 40.64 2.01 -13.32
C TYR D 113 40.81 2.37 -14.80
N VAL D 114 41.52 1.53 -15.54
CA VAL D 114 41.51 1.61 -17.00
C VAL D 114 41.25 0.19 -17.58
N PRO D 115 40.43 0.08 -18.62
CA PRO D 115 40.25 -1.21 -19.25
C PRO D 115 41.49 -1.64 -20.07
N ALA D 116 41.54 -2.90 -20.45
CA ALA D 116 42.60 -3.40 -21.38
C ALA D 116 42.49 -2.61 -22.72
N GLY D 117 43.48 -2.19 -23.49
CA GLY D 117 44.77 -2.38 -23.37
C GLY D 117 45.62 -2.43 -24.64
N GLU D 118 45.82 -1.43 -25.55
CA GLU D 118 47.15 -1.46 -26.29
C GLU D 118 48.27 -1.40 -25.26
N HIS D 119 48.02 -0.69 -24.18
CA HIS D 119 48.89 -0.72 -23.01
C HIS D 119 49.19 -1.96 -22.05
N GLY D 120 48.75 -3.20 -21.81
CA GLY D 120 47.89 -4.17 -22.18
C GLY D 120 46.77 -4.34 -21.14
N PRO D 121 46.89 -5.17 -20.08
CA PRO D 121 45.66 -5.55 -19.40
C PRO D 121 45.04 -4.42 -18.55
N ALA D 122 43.78 -4.65 -18.17
CA ALA D 122 43.05 -3.71 -17.28
C ALA D 122 43.87 -3.48 -16.07
N LYS D 123 43.89 -2.24 -15.62
CA LYS D 123 44.63 -1.84 -14.43
C LYS D 123 43.80 -1.06 -13.38
N ILE D 124 44.18 -1.26 -12.13
CA ILE D 124 43.75 -0.42 -10.98
C ILE D 124 44.93 0.46 -10.65
N PHE D 125 44.69 1.75 -10.39
CA PHE D 125 45.71 2.70 -9.97
C PHE D 125 45.46 3.17 -8.56
N LEU D 126 46.54 3.24 -7.79
CA LEU D 126 46.49 3.64 -6.40
C LEU D 126 47.50 4.73 -6.17
N ASN D 127 47.10 5.85 -5.58
CA ASN D 127 48.05 6.85 -5.09
C ASN D 127 48.27 6.56 -3.60
N GLN D 128 49.51 6.43 -3.20
CA GLN D 128 49.82 6.14 -1.82
C GLN D 128 50.12 7.43 -1.07
N LEU D 129 49.80 7.42 0.22
CA LEU D 129 50.20 8.56 1.08
C LEU D 129 51.67 8.92 0.91
N ASP D 130 52.53 7.88 0.86
CA ASP D 130 53.98 8.12 0.77
C ASP D 130 54.46 8.63 -0.62
N GLY D 131 53.55 8.93 -1.54
CA GLY D 131 53.88 9.70 -2.71
C GLY D 131 54.11 8.89 -3.97
N HIS D 132 53.84 7.60 -3.90
CA HIS D 132 53.96 6.72 -5.09
C HIS D 132 52.63 6.58 -5.81
N ILE D 133 52.69 6.50 -7.14
CA ILE D 133 51.62 6.02 -8.01
C ILE D 133 51.93 4.58 -8.39
N VAL D 134 50.96 3.70 -8.17
CA VAL D 134 51.06 2.28 -8.43
C VAL D 134 50.02 1.79 -9.40
N ALA D 135 50.43 0.95 -10.37
CA ALA D 135 49.53 0.30 -11.28
C ALA D 135 49.50 -1.19 -10.94
N LEU D 136 48.29 -1.72 -10.76
CA LEU D 136 48.03 -3.13 -10.44
C LEU D 136 47.23 -3.70 -11.56
N ASN D 137 47.42 -4.98 -11.85
CA ASN D 137 46.50 -5.74 -12.69
C ASN D 137 45.14 -5.84 -12.06
N ALA D 138 44.10 -5.42 -12.77
CA ALA D 138 42.77 -5.34 -12.20
C ALA D 138 42.19 -6.74 -11.83
N LYS D 139 42.64 -7.74 -12.55
CA LYS D 139 42.16 -9.10 -12.36
C LYS D 139 42.96 -9.90 -11.33
N THR D 140 44.23 -9.65 -11.17
CA THR D 140 45.05 -10.47 -10.33
C THR D 140 45.68 -9.73 -9.18
N GLY D 141 45.62 -8.40 -9.16
CA GLY D 141 46.37 -7.63 -8.16
C GLY D 141 47.88 -7.49 -8.27
N GLU D 142 48.50 -8.10 -9.29
CA GLU D 142 49.97 -8.06 -9.47
C GLU D 142 50.44 -6.60 -9.66
N GLU D 143 51.52 -6.20 -9.00
CA GLU D 143 52.08 -4.87 -9.20
C GLU D 143 52.73 -4.80 -10.59
N ILE D 144 52.27 -3.91 -11.45
CA ILE D 144 52.80 -3.79 -12.81
C ILE D 144 53.92 -2.77 -12.81
N TRP D 145 53.69 -1.58 -12.23
CA TRP D 145 54.74 -0.61 -12.06
C TRP D 145 54.40 0.30 -10.90
N LYS D 146 55.39 1.08 -10.49
CA LYS D 146 55.35 1.97 -9.34
C LYS D 146 56.38 3.07 -9.48
N MET D 147 55.95 4.33 -9.41
CA MET D 147 56.83 5.48 -9.60
C MET D 147 56.70 6.40 -8.44
N GLU D 148 57.76 7.15 -8.19
CA GLU D 148 57.79 8.16 -7.11
C GLU D 148 57.28 9.47 -7.65
N ASN D 149 56.17 9.99 -7.11
CA ASN D 149 55.64 11.28 -7.56
C ASN D 149 56.03 12.38 -6.61
N SER D 150 55.93 12.09 -5.32
CA SER D 150 56.01 13.06 -4.24
C SER D 150 56.86 12.53 -3.10
N ASP D 151 57.57 13.43 -2.47
CA ASP D 151 58.60 13.08 -1.50
C ASP D 151 58.20 13.51 -0.09
N ILE D 152 57.94 12.53 0.77
CA ILE D 152 57.46 12.85 2.12
C ILE D 152 58.47 13.66 2.97
N ALA D 153 59.75 13.58 2.62
CA ALA D 153 60.79 14.35 3.33
C ALA D 153 60.68 15.83 3.09
N MET D 154 60.01 16.23 2.01
CA MET D 154 59.65 17.62 1.78
C MET D 154 58.25 18.01 2.28
N GLY D 155 57.58 17.12 3.00
CA GLY D 155 56.20 17.37 3.38
C GLY D 155 55.20 17.09 2.29
N SER D 156 55.60 16.34 1.24
CA SER D 156 54.81 16.16 0.03
C SER D 156 54.23 14.74 -0.01
N THR D 157 52.90 14.65 -0.03
CA THR D 157 52.14 13.38 0.08
C THR D 157 51.16 13.29 -1.10
N LEU D 158 50.41 12.18 -1.13
CA LEU D 158 49.32 12.07 -2.04
C LEU D 158 48.08 11.71 -1.21
N THR D 159 46.98 12.36 -1.56
CA THR D 159 45.63 12.03 -0.98
C THR D 159 44.54 11.94 -2.01
N GLY D 160 44.60 12.75 -3.06
CA GLY D 160 43.63 12.66 -4.17
C GLY D 160 43.77 11.43 -5.03
N ALA D 161 42.67 11.01 -5.62
CA ALA D 161 42.60 9.84 -6.47
C ALA D 161 43.30 10.07 -7.82
N PRO D 162 43.93 9.03 -8.36
CA PRO D 162 44.37 9.12 -9.74
C PRO D 162 43.23 9.32 -10.70
N PHE D 163 43.53 9.72 -11.94
CA PHE D 163 42.46 10.09 -12.93
C PHE D 163 42.99 9.66 -14.31
N VAL D 164 42.27 8.75 -14.95
CA VAL D 164 42.70 8.17 -16.21
C VAL D 164 42.08 8.93 -17.35
N VAL D 165 42.90 9.34 -18.33
CA VAL D 165 42.44 9.98 -19.57
C VAL D 165 43.31 9.43 -20.70
N LYS D 166 42.65 8.85 -21.69
CA LYS D 166 43.27 8.11 -22.81
C LYS D 166 44.22 7.05 -22.25
N ASP D 167 45.51 7.07 -22.59
CA ASP D 167 46.46 6.13 -22.05
C ASP D 167 47.41 6.81 -21.05
N LYS D 168 46.85 7.78 -20.32
CA LYS D 168 47.56 8.52 -19.29
C LYS D 168 46.82 8.40 -17.97
N VAL D 169 47.57 8.36 -16.88
CA VAL D 169 47.00 8.49 -15.54
C VAL D 169 47.54 9.75 -14.88
N LEU D 170 46.66 10.64 -14.44
CA LEU D 170 47.05 11.91 -13.79
C LEU D 170 47.15 11.73 -12.26
N VAL D 171 48.17 12.28 -11.68
CA VAL D 171 48.50 12.20 -10.30
C VAL D 171 48.72 13.67 -9.81
N GLY D 172 48.03 13.99 -8.74
CA GLY D 172 48.10 15.26 -8.16
C GLY D 172 49.20 15.41 -7.16
N SER D 173 48.93 16.29 -6.19
CA SER D 173 49.87 16.66 -5.17
C SER D 173 49.18 17.05 -3.86
N ALA D 174 49.96 17.17 -2.79
CA ALA D 174 49.42 17.48 -1.46
C ALA D 174 50.57 17.95 -0.60
N GLY D 175 50.23 18.77 0.34
CA GLY D 175 51.22 19.34 1.22
C GLY D 175 51.32 20.84 1.26
N ALA D 176 50.26 21.54 0.91
CA ALA D 176 50.37 22.99 0.89
C ALA D 176 50.62 23.54 2.31
N GLU D 177 50.12 22.80 3.31
CA GLU D 177 50.35 23.14 4.74
C GLU D 177 51.81 23.02 5.17
N LEU D 178 52.64 22.39 4.34
CA LEU D 178 54.09 22.22 4.53
C LEU D 178 54.91 22.97 3.43
N GLY D 179 54.33 23.96 2.77
CA GLY D 179 54.99 24.71 1.74
C GLY D 179 55.34 23.93 0.49
N VAL D 180 54.54 22.92 0.14
CA VAL D 180 54.84 22.21 -1.11
C VAL D 180 54.25 22.99 -2.31
N ARG D 181 55.07 23.20 -3.34
CA ARG D 181 54.61 23.85 -4.58
C ARG D 181 53.89 22.83 -5.41
N GLY D 182 52.67 23.17 -5.77
CA GLY D 182 51.82 22.18 -6.41
C GLY D 182 52.19 21.80 -7.82
N TYR D 183 51.86 20.58 -8.18
CA TYR D 183 52.07 20.09 -9.53
C TYR D 183 51.16 18.90 -9.80
N VAL D 184 50.73 18.80 -11.04
CA VAL D 184 50.02 17.66 -11.56
C VAL D 184 50.86 16.99 -12.65
N THR D 185 50.81 15.68 -12.71
CA THR D 185 51.67 14.87 -13.54
C THR D 185 50.86 13.85 -14.30
N ALA D 186 51.11 13.71 -15.57
CA ALA D 186 50.58 12.62 -16.40
C ALA D 186 51.62 11.57 -16.64
N TYR D 187 51.25 10.33 -16.33
CA TYR D 187 52.10 9.16 -16.56
C TYR D 187 51.48 8.25 -17.63
N ASN D 188 52.34 7.71 -18.48
CA ASN D 188 51.90 6.70 -19.44
C ASN D 188 51.47 5.44 -18.74
N ILE D 189 50.33 4.90 -19.10
CA ILE D 189 49.72 3.78 -18.33
C ILE D 189 50.40 2.43 -18.61
N LYS D 190 51.08 2.29 -19.74
CA LYS D 190 51.79 1.04 -20.01
C LYS D 190 52.98 0.81 -19.03
N ASP D 191 53.76 1.85 -18.79
CA ASP D 191 55.05 1.68 -18.12
C ASP D 191 55.39 2.75 -17.10
N GLY D 192 54.48 3.68 -16.86
CA GLY D 192 54.73 4.67 -15.81
C GLY D 192 55.67 5.81 -16.25
N LYS D 193 55.89 5.94 -17.53
CA LYS D 193 56.78 7.03 -18.03
C LYS D 193 56.12 8.34 -17.91
N GLN D 194 56.82 9.31 -17.35
CA GLN D 194 56.25 10.62 -17.16
C GLN D 194 56.10 11.38 -18.49
N GLU D 195 54.89 11.86 -18.79
CA GLU D 195 54.63 12.56 -20.04
C GLU D 195 54.68 14.02 -19.95
N TRP D 196 54.03 14.55 -18.94
CA TRP D 196 54.07 15.98 -18.71
C TRP D 196 53.81 16.32 -17.26
N ARG D 197 54.24 17.50 -16.86
CA ARG D 197 54.15 17.92 -15.43
C ARG D 197 53.90 19.41 -15.41
N ALA D 198 52.79 19.83 -14.80
CA ALA D 198 52.41 21.24 -14.73
C ALA D 198 52.34 21.77 -13.29
N TYR D 199 53.15 22.81 -13.03
CA TYR D 199 53.22 23.46 -11.73
C TYR D 199 52.15 24.55 -11.58
N ALA D 200 51.84 24.87 -10.33
CA ALA D 200 50.82 25.84 -10.05
C ALA D 200 51.37 27.24 -9.86
N THR D 201 52.68 27.37 -9.69
CA THR D 201 53.32 28.69 -9.49
C THR D 201 54.61 28.71 -10.29
N GLY D 202 55.18 29.90 -10.45
CA GLY D 202 56.49 29.99 -11.03
C GLY D 202 56.52 30.32 -12.52
N PRO D 203 57.69 30.09 -13.16
CA PRO D 203 57.79 30.52 -14.55
C PRO D 203 56.80 29.86 -15.47
N ASP D 204 56.47 30.55 -16.56
CA ASP D 204 55.49 30.04 -17.52
C ASP D 204 55.78 28.68 -18.08
N GLU D 205 57.06 28.35 -18.31
CA GLU D 205 57.48 27.02 -18.78
C GLU D 205 56.99 25.92 -17.83
N ASP D 206 57.10 26.20 -16.52
CA ASP D 206 56.66 25.23 -15.47
C ASP D 206 55.13 25.16 -15.38
N LEU D 207 54.43 26.27 -15.51
CA LEU D 207 52.92 26.31 -15.49
C LEU D 207 52.30 25.54 -16.65
N LEU D 208 53.05 25.41 -17.75
CA LEU D 208 52.64 24.68 -18.96
C LEU D 208 51.36 25.29 -19.60
N LEU D 209 51.56 26.44 -20.27
CA LEU D 209 50.52 27.24 -20.88
C LEU D 209 50.48 27.07 -22.37
N ASP D 210 49.29 27.02 -22.94
CA ASP D 210 49.12 27.12 -24.40
C ASP D 210 49.56 28.52 -24.83
N LYS D 211 50.01 28.66 -26.08
CA LYS D 211 50.38 29.99 -26.56
C LYS D 211 49.15 30.87 -26.54
N ASP D 212 47.97 30.30 -26.64
CA ASP D 212 46.70 31.07 -26.56
C ASP D 212 45.97 31.01 -25.18
N PHE D 213 46.75 30.81 -24.13
CA PHE D 213 46.20 30.78 -22.76
C PHE D 213 45.42 32.00 -22.45
N ASN D 214 44.15 31.79 -22.01
CA ASN D 214 43.21 32.82 -21.67
C ASN D 214 42.96 33.86 -22.79
N LYS D 215 43.09 33.44 -24.06
CA LYS D 215 42.78 34.33 -25.22
C LYS D 215 41.33 34.80 -25.11
N ASP D 216 40.45 33.97 -24.57
CA ASP D 216 39.01 34.30 -24.47
C ASP D 216 38.70 35.27 -23.35
N ASN D 217 39.55 35.27 -22.33
CA ASN D 217 39.33 36.15 -21.18
C ASN D 217 40.69 36.73 -20.72
N PRO D 218 41.23 37.62 -21.52
CA PRO D 218 42.61 38.04 -21.20
C PRO D 218 42.66 38.82 -19.91
N HIS D 219 41.53 39.39 -19.49
CA HIS D 219 41.45 40.07 -18.19
C HIS D 219 41.64 39.14 -16.97
N TYR D 220 41.57 37.82 -17.15
CA TYR D 220 41.98 36.86 -16.07
C TYR D 220 43.45 36.89 -15.77
N GLY D 221 44.26 37.42 -16.69
CA GLY D 221 45.69 37.42 -16.63
C GLY D 221 46.22 36.38 -17.61
N GLN D 222 47.38 36.62 -18.16
CA GLN D 222 47.93 35.64 -19.12
C GLN D 222 49.35 35.25 -18.72
N PHE D 223 50.39 35.93 -19.27
CA PHE D 223 51.77 35.43 -19.13
C PHE D 223 52.54 36.14 -18.06
N GLY D 224 53.51 35.41 -17.47
CA GLY D 224 54.43 35.92 -16.43
C GLY D 224 53.90 36.02 -14.99
N LEU D 225 52.63 35.67 -14.76
CA LEU D 225 51.99 35.89 -13.47
C LEU D 225 52.34 34.90 -12.38
N GLY D 226 52.84 33.72 -12.73
CA GLY D 226 53.34 32.78 -11.74
C GLY D 226 54.59 33.29 -11.05
N LEU D 227 55.25 34.28 -11.64
CA LEU D 227 56.35 34.99 -10.98
C LEU D 227 56.00 36.40 -10.47
N SER D 228 55.30 37.21 -11.30
CA SER D 228 55.09 38.64 -11.01
C SER D 228 54.09 38.87 -9.87
N THR D 229 53.27 37.88 -9.54
CA THR D 229 52.34 38.06 -8.42
C THR D 229 52.88 37.50 -7.11
N TRP D 230 54.19 37.33 -7.05
CA TRP D 230 54.89 36.93 -5.87
C TRP D 230 56.06 37.87 -5.69
N GLU D 231 56.55 37.99 -4.45
CA GLU D 231 57.74 38.77 -4.15
C GLU D 231 58.93 37.80 -4.12
N GLY D 232 59.86 38.02 -5.06
CA GLY D 232 61.05 37.20 -5.19
C GLY D 232 60.72 35.73 -5.42
N ASP D 233 61.42 34.89 -4.70
CA ASP D 233 61.29 33.46 -4.89
C ASP D 233 60.26 32.79 -3.95
N ALA D 234 59.31 33.56 -3.39
CA ALA D 234 58.31 32.93 -2.49
C ALA D 234 57.42 31.92 -3.16
N TRP D 235 57.29 32.03 -4.48
CA TRP D 235 56.55 31.03 -5.27
C TRP D 235 57.12 29.61 -5.18
N LYS D 236 58.40 29.47 -4.83
CA LYS D 236 59.04 28.13 -4.82
C LYS D 236 58.45 27.20 -3.70
N ILE D 237 57.95 27.81 -2.63
CA ILE D 237 57.28 27.10 -1.52
C ILE D 237 55.83 27.52 -1.47
N GLY D 238 55.25 27.79 -2.63
CA GLY D 238 54.04 28.56 -2.71
C GLY D 238 52.67 27.91 -2.65
N GLY D 239 52.59 26.59 -2.44
CA GLY D 239 51.34 25.88 -2.42
C GLY D 239 50.75 25.65 -3.79
N GLY D 240 49.42 25.61 -3.86
CA GLY D 240 48.77 25.29 -5.12
C GLY D 240 48.67 23.82 -5.45
N THR D 241 48.89 22.94 -4.47
CA THR D 241 48.74 21.51 -4.64
C THR D 241 47.32 21.14 -5.01
N ASN D 242 47.19 20.07 -5.80
CA ASN D 242 45.89 19.61 -6.32
C ASN D 242 45.54 18.26 -5.80
N TRP D 243 44.72 18.22 -4.72
CA TRP D 243 44.36 16.94 -4.06
C TRP D 243 42.86 16.54 -4.17
N GLY D 244 42.11 17.26 -5.02
CA GLY D 244 40.73 17.03 -5.26
C GLY D 244 40.49 16.22 -6.54
N TRP D 245 39.54 16.70 -7.33
CA TRP D 245 38.92 15.88 -8.38
C TRP D 245 39.09 16.55 -9.75
N TYR D 246 38.89 15.75 -10.77
CA TYR D 246 38.98 16.17 -12.14
C TYR D 246 37.70 15.88 -12.86
N ALA D 247 37.55 16.55 -14.02
CA ALA D 247 36.59 16.19 -15.04
C ALA D 247 37.32 16.25 -16.41
N TYR D 248 36.66 15.68 -17.40
CA TYR D 248 37.22 15.59 -18.75
C TYR D 248 36.08 15.69 -19.75
N ASP D 249 36.27 16.54 -20.76
CA ASP D 249 35.36 16.61 -21.89
C ASP D 249 36.13 16.02 -23.12
N PRO D 250 35.71 14.85 -23.62
CA PRO D 250 36.49 14.25 -24.72
C PRO D 250 36.28 14.96 -26.05
N LYS D 251 35.19 15.70 -26.24
CA LYS D 251 34.98 16.45 -27.48
C LYS D 251 35.96 17.62 -27.55
N LEU D 252 36.17 18.32 -26.45
CA LEU D 252 37.16 19.40 -26.37
C LEU D 252 38.57 18.92 -26.10
N ASP D 253 38.69 17.68 -25.63
CA ASP D 253 39.93 17.07 -25.22
C ASP D 253 40.60 17.86 -24.10
N MET D 254 39.77 18.29 -23.13
CA MET D 254 40.22 19.12 -22.03
C MET D 254 39.91 18.48 -20.68
N ILE D 255 40.90 18.61 -19.78
CA ILE D 255 40.87 18.18 -18.40
C ILE D 255 40.66 19.42 -17.53
N TYR D 256 39.84 19.31 -16.50
CA TYR D 256 39.51 20.40 -15.58
C TYR D 256 39.85 19.97 -14.16
N TYR D 257 40.42 20.92 -13.39
CA TYR D 257 40.71 20.68 -11.97
C TYR D 257 41.04 22.04 -11.33
N GLY D 258 41.05 22.06 -10.02
CA GLY D 258 41.42 23.25 -9.24
C GLY D 258 42.73 23.09 -8.49
N SER D 259 43.53 24.16 -8.49
CA SER D 259 44.74 24.22 -7.64
C SER D 259 44.44 24.83 -6.28
N GLY D 260 45.19 24.37 -5.29
CA GLY D 260 44.90 24.66 -3.94
C GLY D 260 45.43 26.00 -3.42
N ASN D 261 45.47 26.08 -2.10
CA ASN D 261 45.83 27.33 -1.43
C ASN D 261 47.31 27.67 -1.52
N PRO D 262 47.61 28.95 -1.48
CA PRO D 262 49.02 29.36 -1.37
C PRO D 262 49.54 29.11 0.03
N ALA D 263 50.85 28.90 0.12
CA ALA D 263 51.52 28.81 1.40
C ALA D 263 52.45 30.01 1.68
N PRO D 264 52.66 30.37 2.92
CA PRO D 264 51.96 29.80 4.11
C PRO D 264 50.54 30.34 4.25
N TRP D 265 49.81 29.93 5.29
CA TRP D 265 48.50 30.50 5.55
C TRP D 265 48.59 31.98 5.97
N ASN D 266 49.71 32.38 6.57
CA ASN D 266 49.97 33.79 6.95
C ASN D 266 50.14 34.60 5.67
N GLU D 267 49.09 35.37 5.32
CA GLU D 267 49.04 36.12 4.08
C GLU D 267 50.13 37.20 4.01
N THR D 268 50.51 37.71 5.18
CA THR D 268 51.44 38.85 5.22
C THR D 268 52.85 38.47 4.75
N MET D 269 53.20 37.16 4.84
CA MET D 269 54.47 36.65 4.34
C MET D 269 54.55 36.41 2.81
N ARG D 270 53.44 36.61 2.09
CA ARG D 270 53.38 36.39 0.66
C ARG D 270 52.54 37.45 -0.04
N PRO D 271 52.99 38.71 0.03
CA PRO D 271 52.24 39.68 -0.77
C PRO D 271 52.16 39.26 -2.24
N GLY D 272 51.00 39.60 -2.83
CA GLY D 272 50.74 39.49 -4.24
C GLY D 272 49.57 38.55 -4.50
N ASP D 273 49.10 38.53 -5.75
CA ASP D 273 47.90 37.68 -6.06
C ASP D 273 48.22 36.18 -5.90
N ASN D 274 49.50 35.82 -5.93
CA ASN D 274 49.92 34.42 -5.66
C ASN D 274 49.41 33.45 -6.72
N LYS D 275 49.43 33.92 -7.97
CA LYS D 275 49.02 33.07 -9.05
C LYS D 275 50.01 31.93 -9.29
N TRP D 276 49.56 30.76 -9.75
CA TRP D 276 48.18 30.40 -10.04
C TRP D 276 47.61 29.38 -9.02
N THR D 277 47.77 29.72 -7.76
CA THR D 277 47.02 29.10 -6.69
C THR D 277 45.56 29.45 -6.85
N MET D 278 44.69 28.62 -6.27
CA MET D 278 43.26 28.90 -6.25
C MET D 278 42.66 29.07 -7.64
N THR D 279 43.08 28.23 -8.57
CA THR D 279 42.78 28.43 -9.99
C THR D 279 41.96 27.27 -10.57
N ILE D 280 40.92 27.60 -11.34
CA ILE D 280 40.21 26.63 -12.16
C ILE D 280 40.95 26.54 -13.48
N TRP D 281 41.44 25.35 -13.80
CA TRP D 281 42.22 25.07 -15.03
C TRP D 281 41.42 24.30 -16.05
N GLY D 282 41.65 24.63 -17.34
CA GLY D 282 41.24 23.83 -18.46
C GLY D 282 42.49 23.51 -19.27
N ARG D 283 42.93 22.27 -19.24
CA ARG D 283 44.22 21.85 -19.85
C ARG D 283 43.99 20.87 -20.97
N ASP D 284 44.77 21.03 -22.05
CA ASP D 284 44.80 20.02 -23.12
C ASP D 284 45.26 18.67 -22.57
N ALA D 285 44.55 17.60 -22.96
CA ALA D 285 44.82 16.29 -22.42
C ALA D 285 46.15 15.74 -22.82
N ASP D 286 46.46 15.78 -24.12
CA ASP D 286 47.73 15.18 -24.61
C ASP D 286 48.96 15.89 -24.11
N THR D 287 48.93 17.21 -24.00
CA THR D 287 50.14 17.98 -23.69
C THR D 287 50.20 18.63 -22.31
N GLY D 288 49.04 18.73 -21.66
CA GLY D 288 48.94 19.39 -20.38
C GLY D 288 48.81 20.89 -20.49
N ARG D 289 48.85 21.42 -21.73
CA ARG D 289 48.98 22.87 -21.87
C ARG D 289 47.66 23.56 -21.49
N ALA D 290 47.72 24.58 -20.65
CA ALA D 290 46.54 25.24 -20.18
C ALA D 290 45.95 26.15 -21.29
N LYS D 291 44.67 25.95 -21.59
CA LYS D 291 43.91 26.84 -22.46
C LYS D 291 43.24 27.96 -21.70
N PHE D 292 42.79 27.69 -20.47
CA PHE D 292 42.26 28.76 -19.60
C PHE D 292 42.61 28.50 -18.16
N GLY D 293 42.67 29.58 -17.40
CA GLY D 293 43.00 29.59 -15.98
C GLY D 293 42.28 30.72 -15.31
N TYR D 294 41.34 30.44 -14.39
CA TYR D 294 40.62 31.50 -13.72
C TYR D 294 40.98 31.42 -12.23
N GLN D 295 41.58 32.48 -11.68
CA GLN D 295 41.88 32.47 -10.24
C GLN D 295 40.67 32.95 -9.42
N LYS D 296 40.14 32.07 -8.61
CA LYS D 296 38.89 32.32 -7.87
C LYS D 296 39.18 33.22 -6.67
N THR D 297 40.33 32.97 -6.01
CA THR D 297 40.63 33.65 -4.75
C THR D 297 42.05 34.21 -4.79
N PRO D 298 42.19 35.40 -5.39
CA PRO D 298 43.53 35.99 -5.43
C PRO D 298 44.01 36.32 -4.02
N HIS D 299 45.29 36.11 -3.81
CA HIS D 299 45.89 36.40 -2.52
C HIS D 299 45.07 35.83 -1.37
N ASP D 300 44.95 34.49 -1.35
CA ASP D 300 44.18 33.85 -0.33
C ASP D 300 44.58 34.30 1.09
N GLU D 301 43.58 34.53 1.93
CA GLU D 301 43.80 34.90 3.32
C GLU D 301 43.12 33.95 4.28
N TRP D 302 42.55 32.88 3.75
CA TRP D 302 41.61 32.07 4.54
C TRP D 302 41.78 30.55 4.39
N ASP D 303 42.80 30.06 3.65
CA ASP D 303 42.90 28.64 3.24
C ASP D 303 41.60 28.14 2.58
N TYR D 304 41.12 28.89 1.59
CA TYR D 304 40.01 28.43 0.77
C TYR D 304 40.52 27.53 -0.39
N ALA D 305 41.23 26.48 -0.02
CA ALA D 305 41.94 25.65 -1.00
C ALA D 305 41.01 25.27 -2.13
N GLY D 306 41.45 25.59 -3.35
CA GLY D 306 40.61 25.54 -4.51
C GLY D 306 40.48 24.23 -5.27
N VAL D 307 40.47 23.14 -4.52
CA VAL D 307 40.56 21.80 -5.05
C VAL D 307 39.23 21.11 -5.22
N ASN D 308 38.08 21.76 -4.98
CA ASN D 308 36.81 21.01 -5.01
C ASN D 308 36.44 20.49 -6.40
N TYR D 309 35.45 19.60 -6.45
CA TYR D 309 35.13 18.87 -7.67
C TYR D 309 34.57 19.79 -8.78
N MET D 310 34.63 19.26 -10.01
CA MET D 310 34.14 19.97 -11.20
C MET D 310 33.05 19.12 -11.79
N GLY D 311 31.83 19.64 -11.85
CA GLY D 311 30.69 18.95 -12.40
C GLY D 311 30.27 19.54 -13.72
N LEU D 312 30.36 18.72 -14.78
CA LEU D 312 30.11 19.28 -16.11
C LEU D 312 28.64 19.07 -16.43
N SER D 313 28.12 20.00 -17.22
CA SER D 313 26.73 19.92 -17.66
C SER D 313 26.53 20.72 -18.91
N GLU D 314 25.40 20.52 -19.61
CA GLU D 314 25.05 21.38 -20.74
C GLU D 314 23.72 22.05 -20.46
N GLN D 315 23.68 23.36 -20.33
CA GLN D 315 22.46 24.08 -19.92
C GLN D 315 22.35 25.36 -20.73
N GLU D 316 21.14 25.91 -20.79
CA GLU D 316 20.93 27.21 -21.47
C GLU D 316 21.47 28.40 -20.67
N VAL D 317 22.21 29.26 -21.35
CA VAL D 317 22.75 30.51 -20.81
C VAL D 317 22.26 31.60 -21.81
N ASP D 318 21.39 32.49 -21.35
CA ASP D 318 20.76 33.51 -22.21
C ASP D 318 20.19 32.87 -23.51
N GLY D 319 19.44 31.79 -23.35
CA GLY D 319 18.81 31.11 -24.50
C GLY D 319 19.65 30.11 -25.27
N LYS D 320 20.95 29.99 -25.05
CA LYS D 320 21.79 29.11 -25.90
C LYS D 320 22.38 27.93 -25.10
N LEU D 321 22.17 26.71 -25.57
CA LEU D 321 22.70 25.51 -24.90
C LEU D 321 24.24 25.58 -24.85
N THR D 322 24.85 25.61 -23.66
CA THR D 322 26.28 25.89 -23.51
C THR D 322 26.95 24.71 -22.73
N PRO D 323 28.18 24.29 -23.12
CA PRO D 323 28.99 23.35 -22.29
C PRO D 323 29.60 24.08 -21.08
N LEU D 324 29.27 23.61 -19.88
CA LEU D 324 29.56 24.29 -18.66
C LEU D 324 30.32 23.37 -17.70
N LEU D 325 31.04 23.99 -16.78
CA LEU D 325 31.48 23.33 -15.56
C LEU D 325 30.89 24.10 -14.38
N THR D 326 30.63 23.37 -13.30
CA THR D 326 30.11 23.97 -12.07
C THR D 326 30.99 23.43 -10.94
N HIS D 327 31.33 24.32 -10.03
CA HIS D 327 32.37 24.06 -9.07
C HIS D 327 32.09 24.81 -7.75
N PRO D 328 31.68 24.06 -6.70
CA PRO D 328 31.39 24.70 -5.43
C PRO D 328 32.66 24.86 -4.64
N ASP D 329 33.21 26.07 -4.56
CA ASP D 329 34.48 26.26 -3.90
C ASP D 329 34.41 26.31 -2.39
N ARG D 330 35.50 25.97 -1.73
CA ARG D 330 35.68 26.26 -0.28
C ARG D 330 35.32 27.66 0.11
N ASN D 331 35.62 28.62 -0.78
CA ASN D 331 35.30 30.03 -0.50
C ASN D 331 33.77 30.42 -0.40
N GLY D 332 32.90 29.46 -0.69
CA GLY D 332 31.50 29.67 -0.48
C GLY D 332 30.78 30.17 -1.68
N LEU D 333 31.49 30.32 -2.79
CA LEU D 333 30.93 30.66 -4.09
C LEU D 333 30.75 29.35 -4.96
N VAL D 334 29.68 29.27 -5.70
CA VAL D 334 29.48 28.24 -6.70
C VAL D 334 29.75 28.88 -8.05
N TYR D 335 30.80 28.41 -8.71
CA TYR D 335 31.27 28.91 -10.00
C TYR D 335 30.70 28.08 -11.11
N THR D 336 30.13 28.76 -12.11
CA THR D 336 29.79 28.15 -13.39
C THR D 336 30.50 28.88 -14.51
N LEU D 337 31.25 28.12 -15.28
CA LEU D 337 32.04 28.64 -16.35
C LEU D 337 31.69 27.90 -17.61
N ASN D 338 31.84 28.61 -18.73
CA ASN D 338 31.85 27.95 -20.07
C ASN D 338 33.10 27.14 -20.09
N ARG D 339 32.99 25.83 -20.35
CA ARG D 339 34.12 24.95 -20.23
C ARG D 339 34.96 24.83 -21.50
N GLU D 340 34.54 25.52 -22.56
CA GLU D 340 35.41 25.71 -23.73
C GLU D 340 36.22 26.99 -23.63
N THR D 341 35.57 28.10 -23.32
CA THR D 341 36.22 29.42 -23.33
C THR D 341 36.77 29.87 -21.98
N GLY D 342 36.34 29.22 -20.90
CA GLY D 342 36.64 29.66 -19.55
C GLY D 342 35.82 30.85 -19.06
N ALA D 343 34.90 31.40 -19.87
CA ALA D 343 34.19 32.58 -19.48
C ALA D 343 33.28 32.29 -18.27
N LEU D 344 33.21 33.27 -17.38
CA LEU D 344 32.42 33.19 -16.19
C LEU D 344 30.94 33.35 -16.54
N VAL D 345 30.10 32.40 -16.12
CA VAL D 345 28.66 32.47 -16.32
C VAL D 345 27.98 32.95 -15.04
N ASN D 346 28.35 32.37 -13.91
CA ASN D 346 27.87 32.88 -12.62
C ASN D 346 28.83 32.47 -11.53
N ALA D 347 28.74 33.20 -10.43
CA ALA D 347 29.50 32.89 -9.23
C ALA D 347 28.62 33.39 -8.10
N PHE D 348 27.84 32.51 -7.50
CA PHE D 348 26.86 32.92 -6.49
C PHE D 348 27.17 32.32 -5.13
N LYS D 349 26.70 32.95 -4.06
CA LYS D 349 26.98 32.42 -2.71
C LYS D 349 26.17 31.18 -2.42
N ILE D 350 26.84 30.11 -1.96
CA ILE D 350 26.18 28.86 -1.62
C ILE D 350 25.25 29.05 -0.40
N ASP D 351 25.57 30.05 0.40
CA ASP D 351 24.77 30.48 1.55
C ASP D 351 25.03 31.96 1.71
N ASP D 352 23.99 32.68 2.06
CA ASP D 352 24.10 34.14 2.09
C ASP D 352 25.04 34.73 3.17
N THR D 353 25.47 33.91 4.10
CA THR D 353 26.34 34.35 5.20
C THR D 353 27.83 34.47 4.82
N VAL D 354 28.20 34.03 3.61
CA VAL D 354 29.53 34.27 3.11
C VAL D 354 29.86 35.76 3.24
N ASN D 355 30.98 36.09 3.88
CA ASN D 355 31.27 37.52 4.14
C ASN D 355 32.63 38.03 3.77
N TRP D 356 33.54 37.16 3.38
CA TRP D 356 34.90 37.62 2.95
C TRP D 356 34.83 38.44 1.69
N VAL D 357 33.80 38.15 0.90
CA VAL D 357 33.60 38.72 -0.37
C VAL D 357 32.20 39.32 -0.34
N LYS D 358 32.04 40.52 -0.92
CA LYS D 358 30.72 41.13 -1.07
C LYS D 358 29.94 40.44 -2.20
N LYS D 359 30.54 40.41 -3.37
CA LYS D 359 30.04 39.71 -4.53
C LYS D 359 31.21 39.55 -5.48
N VAL D 360 31.02 38.67 -6.45
CA VAL D 360 31.93 38.60 -7.57
C VAL D 360 31.35 39.46 -8.73
N ASP D 361 32.16 40.38 -9.23
CA ASP D 361 31.77 41.22 -10.36
C ASP D 361 32.00 40.31 -11.55
N LEU D 362 30.91 39.92 -12.21
CA LEU D 362 30.97 38.90 -13.27
C LEU D 362 31.65 39.45 -14.49
N LYS D 363 31.59 40.76 -14.66
CA LYS D 363 32.28 41.34 -15.81
C LYS D 363 33.78 41.28 -15.67
N THR D 364 34.28 41.71 -14.54
CA THR D 364 35.73 41.74 -14.30
C THR D 364 36.29 40.41 -13.81
N GLY D 365 35.42 39.57 -13.32
CA GLY D 365 35.78 38.30 -12.76
C GLY D 365 36.38 38.40 -11.36
N LEU D 366 36.35 39.57 -10.75
CA LEU D 366 37.05 39.75 -9.50
C LEU D 366 36.09 39.65 -8.32
N PRO D 367 36.53 38.95 -7.25
CA PRO D 367 35.78 39.04 -6.03
C PRO D 367 36.07 40.36 -5.34
N ILE D 368 35.02 41.10 -5.08
CA ILE D 368 35.13 42.36 -4.33
C ILE D 368 35.26 42.05 -2.84
N ARG D 369 36.41 42.31 -2.27
CA ARG D 369 36.77 41.88 -0.92
C ARG D 369 36.15 42.80 0.13
N ASP D 370 35.76 42.25 1.28
CA ASP D 370 35.29 43.06 2.44
C ASP D 370 36.44 43.08 3.42
N PRO D 371 37.12 44.24 3.54
CA PRO D 371 38.25 44.32 4.47
C PRO D 371 37.90 44.01 5.90
N GLU D 372 36.64 44.13 6.30
CA GLU D 372 36.30 43.74 7.69
C GLU D 372 36.57 42.25 7.96
N TYR D 373 36.61 41.44 6.90
CA TYR D 373 36.82 39.97 7.05
C TYR D 373 38.10 39.45 6.40
N SER D 374 39.08 40.36 6.31
CA SER D 374 40.43 40.05 5.86
C SER D 374 41.23 39.42 7.02
N THR D 375 42.34 38.80 6.69
CA THR D 375 43.26 38.35 7.74
C THR D 375 44.59 39.04 7.46
N ARG D 376 45.37 39.16 8.50
CA ARG D 376 46.61 39.96 8.47
C ARG D 376 47.37 39.85 9.78
N MET D 377 48.69 39.94 9.72
CA MET D 377 49.52 39.95 10.89
C MET D 377 49.05 40.98 11.94
N ASP D 378 49.22 40.58 13.19
CA ASP D 378 48.97 41.41 14.37
C ASP D 378 47.53 41.75 14.52
N HIS D 379 46.62 40.89 14.04
CA HIS D 379 45.19 41.12 14.16
C HIS D 379 44.51 39.74 14.28
N ASN D 380 43.62 39.62 15.23
CA ASN D 380 42.78 38.43 15.31
C ASN D 380 41.47 38.75 14.64
N ALA D 381 41.26 38.18 13.45
CA ALA D 381 40.05 38.51 12.68
C ALA D 381 38.91 37.59 13.17
N LYS D 382 37.73 38.14 13.42
CA LYS D 382 36.65 37.37 14.00
C LYS D 382 35.47 37.26 13.04
N GLY D 383 34.81 36.13 13.08
CA GLY D 383 33.53 35.97 12.40
C GLY D 383 33.62 35.83 10.90
N ILE D 384 34.71 35.24 10.38
CA ILE D 384 34.83 35.06 8.98
C ILE D 384 34.06 33.83 8.53
N CYS D 385 33.26 34.00 7.48
CA CYS D 385 32.51 32.92 6.83
C CYS D 385 32.84 32.85 5.34
N PRO D 386 33.16 31.66 4.79
CA PRO D 386 33.39 30.43 5.52
C PRO D 386 34.64 30.41 6.35
N SER D 387 34.73 29.42 7.23
CA SER D 387 36.02 29.03 7.78
C SER D 387 36.89 28.35 6.71
N ALA D 388 38.17 28.10 7.04
CA ALA D 388 39.09 27.34 6.19
C ALA D 388 38.55 25.97 5.78
N MET D 389 37.63 25.36 6.53
CA MET D 389 37.04 24.05 6.08
C MET D 389 36.11 24.21 4.91
N GLY D 390 35.69 25.47 4.69
CA GLY D 390 34.89 25.83 3.57
C GLY D 390 33.43 25.66 3.86
N TYR D 391 32.58 26.33 3.08
CA TYR D 391 31.17 25.93 3.00
C TYR D 391 31.00 24.75 2.12
N HIS D 392 32.03 24.38 1.38
CA HIS D 392 32.00 23.10 0.70
C HIS D 392 33.40 22.56 0.73
N ASN D 393 33.55 21.25 0.95
CA ASN D 393 34.88 20.64 0.97
C ASN D 393 34.97 19.53 -0.11
N GLN D 394 35.61 18.43 0.20
CA GLN D 394 36.04 17.48 -0.81
C GLN D 394 34.97 16.57 -1.40
N GLY D 395 33.74 16.60 -0.91
CA GLY D 395 32.71 15.71 -1.43
C GLY D 395 32.42 15.90 -2.89
N ILE D 396 32.28 14.77 -3.61
CA ILE D 396 31.81 14.86 -4.99
C ILE D 396 30.28 14.97 -4.99
N GLU D 397 29.72 16.00 -5.68
CA GLU D 397 28.30 16.19 -5.70
C GLU D 397 27.65 15.67 -6.95
N SER D 398 26.35 15.90 -7.09
CA SER D 398 25.58 15.21 -8.10
C SER D 398 24.70 16.15 -8.88
N TYR D 399 24.33 15.74 -10.09
CA TYR D 399 23.53 16.51 -10.99
C TYR D 399 22.43 15.69 -11.66
N ASP D 400 21.20 16.13 -11.48
CA ASP D 400 20.04 15.50 -12.15
C ASP D 400 19.78 16.30 -13.46
N PRO D 401 20.05 15.69 -14.61
CA PRO D 401 19.96 16.49 -15.85
C PRO D 401 18.52 16.84 -16.33
N ASP D 402 17.50 16.15 -15.83
CA ASP D 402 16.13 16.47 -16.15
C ASP D 402 15.62 17.59 -15.29
N LYS D 403 15.99 17.61 -14.01
CA LYS D 403 15.61 18.74 -13.11
C LYS D 403 16.51 19.96 -13.26
N LYS D 404 17.68 19.75 -13.86
CA LYS D 404 18.78 20.70 -13.91
C LYS D 404 19.11 21.23 -12.52
N LEU D 405 19.25 20.33 -11.57
CA LEU D 405 19.65 20.70 -10.21
C LEU D 405 20.92 19.94 -9.83
N PHE D 406 21.81 20.65 -9.14
CA PHE D 406 22.93 20.05 -8.42
C PHE D 406 22.47 19.82 -6.99
N PHE D 407 22.87 18.70 -6.38
CA PHE D 407 22.58 18.42 -5.00
C PHE D 407 23.89 18.41 -4.23
N MET D 408 23.97 19.21 -3.17
CA MET D 408 25.22 19.37 -2.46
C MET D 408 25.08 19.26 -0.93
N GLY D 409 26.01 18.54 -0.35
CA GLY D 409 26.30 18.54 1.06
C GLY D 409 27.14 19.75 1.36
N VAL D 410 26.64 20.58 2.27
CA VAL D 410 27.25 21.88 2.59
C VAL D 410 27.65 21.92 4.07
N ASN D 411 28.64 22.75 4.34
CA ASN D 411 29.12 22.98 5.67
C ASN D 411 28.69 24.42 6.05
N HIS D 412 28.46 24.64 7.36
CA HIS D 412 28.06 25.96 7.85
C HIS D 412 28.96 26.25 9.06
N ILE D 413 30.19 26.64 8.74
CA ILE D 413 31.27 26.74 9.74
C ILE D 413 31.96 28.08 9.51
N CYS D 414 32.18 28.84 10.57
CA CYS D 414 32.82 30.17 10.51
C CYS D 414 34.04 30.15 11.47
N MET D 415 34.85 31.21 11.41
CA MET D 415 36.10 31.18 12.15
C MET D 415 36.61 32.53 12.65
N ASP D 416 37.50 32.41 13.63
CA ASP D 416 38.45 33.46 13.94
C ASP D 416 39.82 32.98 13.50
N TRP D 417 40.65 33.97 13.13
CA TRP D 417 41.96 33.69 12.55
C TRP D 417 43.00 34.79 12.90
N GLU D 418 44.12 34.36 13.42
CA GLU D 418 45.25 35.21 13.61
C GLU D 418 46.52 34.56 13.08
N PRO D 419 47.26 35.23 12.15
CA PRO D 419 48.50 34.63 11.69
C PRO D 419 49.65 34.78 12.67
N PHE D 420 50.73 34.07 12.37
CA PHE D 420 51.99 34.24 13.06
C PHE D 420 53.19 34.02 12.12
N MET D 421 54.31 34.74 12.36
CA MET D 421 55.54 34.56 11.56
C MET D 421 56.21 33.22 11.92
N LEU D 422 56.76 32.55 10.94
CA LEU D 422 57.45 31.30 11.17
C LEU D 422 58.39 31.06 9.99
N PRO D 423 59.47 30.31 10.21
CA PRO D 423 60.39 29.99 9.13
C PRO D 423 59.91 28.80 8.31
N TYR D 424 60.37 28.70 7.07
CA TYR D 424 60.13 27.52 6.23
C TYR D 424 61.34 26.58 6.46
N ARG D 425 61.11 25.34 6.84
CA ARG D 425 62.16 24.31 6.80
C ARG D 425 61.51 23.09 6.14
N ALA D 426 62.12 22.63 5.04
CA ALA D 426 61.57 21.54 4.21
C ALA D 426 61.31 20.36 5.09
N GLY D 427 60.11 19.81 5.03
CA GLY D 427 59.70 18.68 5.83
C GLY D 427 58.96 19.00 7.10
N GLN D 428 58.94 20.27 7.52
CA GLN D 428 58.18 20.74 8.67
C GLN D 428 56.91 21.52 8.23
N PHE D 429 55.94 21.61 9.11
CA PHE D 429 54.70 22.37 8.82
C PHE D 429 55.01 23.83 8.62
N PHE D 430 54.19 24.47 7.78
CA PHE D 430 54.38 25.85 7.34
C PHE D 430 53.04 26.50 7.22
N VAL D 431 52.31 26.50 8.34
CA VAL D 431 50.96 27.02 8.36
C VAL D 431 50.98 28.49 8.77
N GLY D 432 51.37 28.78 10.02
CA GLY D 432 51.46 30.16 10.49
C GLY D 432 50.13 30.91 10.70
N ALA D 433 49.11 30.22 11.20
CA ALA D 433 47.86 30.82 11.60
C ALA D 433 47.25 29.98 12.72
N THR D 434 46.56 30.65 13.64
CA THR D 434 45.82 30.00 14.73
C THR D 434 44.34 30.33 14.51
N LEU D 435 43.53 29.27 14.45
CA LEU D 435 42.15 29.34 14.16
C LEU D 435 41.28 28.76 15.27
N ASN D 436 40.09 29.33 15.38
CA ASN D 436 39.00 28.80 16.20
C ASN D 436 37.77 28.71 15.29
N MET D 437 37.09 27.57 15.25
CA MET D 437 35.92 27.41 14.37
C MET D 437 34.66 27.11 15.14
N TYR D 438 33.53 27.42 14.55
CA TYR D 438 32.21 27.31 15.21
C TYR D 438 31.14 27.35 14.19
N PRO D 439 29.90 27.02 14.60
CA PRO D 439 28.81 27.12 13.65
C PRO D 439 28.62 28.50 13.03
N GLY D 440 28.13 28.50 11.80
CA GLY D 440 27.73 29.74 11.15
C GLY D 440 26.48 30.34 11.78
N PRO D 441 26.10 31.55 11.33
CA PRO D 441 25.04 32.33 11.97
C PRO D 441 23.66 31.64 12.03
N LYS D 442 23.36 30.69 11.15
CA LYS D 442 22.11 29.93 11.21
C LYS D 442 22.09 28.89 12.32
N GLY D 443 23.22 28.57 12.93
CA GLY D 443 23.27 27.71 14.12
C GLY D 443 23.59 26.24 13.98
N MET D 444 23.39 25.67 12.80
CA MET D 444 23.74 24.25 12.55
C MET D 444 25.13 24.17 11.85
N LEU D 445 25.71 22.98 11.77
CA LEU D 445 27.01 22.81 11.14
C LEU D 445 26.93 22.29 9.70
N GLY D 446 25.79 21.75 9.30
CA GLY D 446 25.60 21.29 7.93
C GLY D 446 24.28 21.69 7.30
N GLN D 447 24.18 21.48 5.98
CA GLN D 447 22.97 21.68 5.21
C GLN D 447 23.07 20.70 4.01
N VAL D 448 21.93 20.38 3.44
CA VAL D 448 21.83 19.78 2.10
C VAL D 448 21.02 20.72 1.25
N LYS D 449 21.50 21.04 0.04
CA LYS D 449 20.85 22.03 -0.84
C LYS D 449 20.80 21.52 -2.27
N ALA D 450 19.74 21.90 -2.96
CA ALA D 450 19.50 21.59 -4.34
C ALA D 450 19.40 22.91 -5.08
N MET D 451 20.17 23.06 -6.18
CA MET D 451 20.29 24.37 -6.78
C MET D 451 20.46 24.31 -8.28
N ASN D 452 20.00 25.39 -8.93
CA ASN D 452 20.30 25.60 -10.33
C ASN D 452 21.59 26.41 -10.44
N ALA D 453 22.55 25.85 -11.13
CA ALA D 453 23.87 26.48 -11.11
C ALA D 453 23.98 27.70 -12.04
N VAL D 454 23.09 27.82 -13.01
CA VAL D 454 23.11 29.00 -13.91
C VAL D 454 22.50 30.16 -13.19
N THR D 455 21.30 29.97 -12.63
CA THR D 455 20.58 31.07 -11.97
C THR D 455 20.88 31.30 -10.52
N GLY D 456 21.43 30.28 -9.88
CA GLY D 456 21.63 30.25 -8.45
C GLY D 456 20.38 29.97 -7.59
N LYS D 457 19.26 29.63 -8.20
CA LYS D 457 17.98 29.41 -7.47
C LYS D 457 18.04 28.10 -6.67
N MET D 458 17.87 28.23 -5.36
CA MET D 458 17.81 27.07 -4.45
C MET D 458 16.44 26.45 -4.51
N GLU D 459 16.35 25.22 -5.03
CA GLU D 459 15.07 24.54 -5.04
C GLU D 459 14.64 24.12 -3.62
N TRP D 460 15.60 23.74 -2.80
CA TRP D 460 15.34 23.40 -1.43
C TRP D 460 16.61 23.40 -0.65
N GLU D 461 16.45 23.60 0.66
CA GLU D 461 17.52 23.59 1.61
C GLU D 461 17.00 22.98 2.89
N VAL D 462 17.82 22.13 3.52
CA VAL D 462 17.49 21.46 4.78
C VAL D 462 18.73 21.46 5.68
N PRO D 463 18.52 21.54 6.99
CA PRO D 463 19.63 21.55 7.97
C PRO D 463 20.13 20.12 8.34
N GLU D 464 21.38 20.04 8.74
CA GLU D 464 21.98 18.82 9.21
C GLU D 464 22.79 19.17 10.48
N LYS D 465 22.80 18.21 11.43
CA LYS D 465 23.46 18.39 12.71
C LYS D 465 24.96 18.65 12.55
N PHE D 466 25.61 17.93 11.62
CA PHE D 466 27.03 18.11 11.30
C PHE D 466 27.23 18.46 9.86
N ALA D 467 28.35 19.10 9.55
CA ALA D 467 28.77 19.33 8.16
C ALA D 467 28.59 18.07 7.31
N VAL D 468 28.09 18.21 6.09
CA VAL D 468 27.89 17.09 5.20
C VAL D 468 29.09 17.01 4.27
N TRP D 469 29.96 16.05 4.55
CA TRP D 469 31.37 16.10 4.07
C TRP D 469 31.61 15.25 2.88
N GLY D 470 30.86 14.15 2.77
CA GLY D 470 31.23 13.08 1.83
C GLY D 470 30.67 13.10 0.45
N GLY D 471 29.84 14.09 0.13
CA GLY D 471 29.27 14.29 -1.18
C GLY D 471 28.05 13.41 -1.36
N THR D 472 27.52 13.37 -2.58
CA THR D 472 26.18 12.84 -2.83
C THR D 472 26.09 11.93 -4.06
N LEU D 473 25.04 11.14 -4.09
CA LEU D 473 24.63 10.33 -5.22
C LEU D 473 23.18 10.69 -5.53
N ALA D 474 22.85 11.06 -6.77
CA ALA D 474 21.45 11.26 -7.14
C ALA D 474 21.03 10.23 -8.15
N THR D 475 19.73 9.92 -8.15
CA THR D 475 19.20 8.93 -9.07
C THR D 475 17.87 9.33 -9.68
N ALA D 476 17.56 8.66 -10.79
CA ALA D 476 16.30 8.84 -11.54
C ALA D 476 15.13 8.30 -10.80
N GLY D 477 15.35 7.66 -9.66
CA GLY D 477 14.27 7.43 -8.69
C GLY D 477 13.82 8.58 -7.82
N ASP D 478 14.29 9.79 -8.13
CA ASP D 478 13.94 11.02 -7.41
C ASP D 478 14.53 10.97 -5.98
N LEU D 479 15.76 10.49 -5.88
CA LEU D 479 16.48 10.39 -4.59
C LEU D 479 17.90 10.92 -4.66
N VAL D 480 18.30 11.51 -3.54
CA VAL D 480 19.71 11.87 -3.32
C VAL D 480 20.10 11.17 -2.01
N PHE D 481 21.16 10.40 -2.12
CA PHE D 481 21.74 9.67 -0.99
C PHE D 481 23.06 10.36 -0.54
N TYR D 482 23.28 10.36 0.74
CA TYR D 482 24.54 10.82 1.31
C TYR D 482 24.74 10.23 2.69
N GLY D 483 25.99 10.30 3.17
CA GLY D 483 26.31 9.87 4.50
C GLY D 483 26.57 11.11 5.37
N THR D 484 26.39 10.96 6.69
CA THR D 484 26.71 12.03 7.62
C THR D 484 27.89 11.66 8.56
N LEU D 485 28.48 12.68 9.14
CA LEU D 485 29.61 12.54 10.06
C LEU D 485 29.18 11.81 11.32
N ASP D 486 27.93 11.95 11.70
CA ASP D 486 27.44 11.21 12.92
C ASP D 486 26.99 9.77 12.64
N GLY D 487 27.12 9.28 11.41
CA GLY D 487 27.06 7.86 11.12
C GLY D 487 25.70 7.41 10.64
N PHE D 488 25.09 8.22 9.79
CA PHE D 488 23.91 7.76 9.05
C PHE D 488 24.19 7.76 7.57
N ILE D 489 23.52 6.86 6.87
CA ILE D 489 23.27 7.07 5.45
C ILE D 489 21.82 7.47 5.31
N LYS D 490 21.55 8.49 4.48
CA LYS D 490 20.18 9.04 4.33
C LYS D 490 19.81 9.20 2.86
N ALA D 491 18.50 9.15 2.59
CA ALA D 491 18.02 9.41 1.25
C ALA D 491 16.91 10.45 1.34
N ARG D 492 16.98 11.46 0.50
CA ARG D 492 15.99 12.47 0.46
C ARG D 492 15.37 12.52 -0.96
N ASP D 493 14.12 12.96 -1.02
CA ASP D 493 13.42 13.22 -2.28
C ASP D 493 14.07 14.42 -2.95
N THR D 494 14.50 14.24 -4.19
CA THR D 494 15.16 15.30 -4.97
C THR D 494 14.29 16.50 -5.34
N ARG D 495 12.99 16.34 -5.29
CA ARG D 495 12.06 17.43 -5.57
C ARG D 495 11.91 18.39 -4.41
N THR D 496 12.02 17.89 -3.17
CA THR D 496 11.63 18.65 -2.01
C THR D 496 12.64 18.65 -0.85
N GLY D 497 13.59 17.73 -0.90
CA GLY D 497 14.48 17.48 0.25
C GLY D 497 13.91 16.65 1.37
N GLU D 498 12.69 16.13 1.23
CA GLU D 498 12.06 15.42 2.32
C GLU D 498 12.87 14.19 2.64
N LEU D 499 13.10 13.92 3.93
CA LEU D 499 13.85 12.67 4.31
C LEU D 499 12.95 11.46 4.11
N LYS D 500 13.41 10.50 3.33
CA LYS D 500 12.62 9.31 3.02
C LYS D 500 13.14 8.03 3.70
N TRP D 501 14.41 8.03 4.06
CA TRP D 501 15.03 6.83 4.64
C TRP D 501 16.31 7.20 5.34
N GLN D 502 16.64 6.45 6.38
CA GLN D 502 17.88 6.63 7.08
C GLN D 502 18.32 5.29 7.69
N PHE D 503 19.62 5.03 7.75
CA PHE D 503 20.11 3.83 8.42
C PHE D 503 21.30 4.19 9.25
N GLN D 504 21.37 3.62 10.47
CA GLN D 504 22.47 3.82 11.42
C GLN D 504 23.69 2.91 11.12
N LEU D 505 24.68 3.48 10.47
CA LEU D 505 25.95 2.80 10.16
C LEU D 505 26.83 2.76 11.40
N PRO D 506 27.91 1.99 11.37
CA PRO D 506 28.68 1.88 12.64
C PRO D 506 29.35 3.19 13.00
N SER D 507 29.96 3.82 11.98
CA SER D 507 30.78 5.02 12.14
C SER D 507 30.37 6.06 11.13
N GLY D 508 30.79 7.31 11.41
CA GLY D 508 30.60 8.41 10.49
C GLY D 508 31.09 8.19 9.08
N VAL D 509 30.53 8.96 8.14
CA VAL D 509 30.80 8.85 6.71
C VAL D 509 31.48 10.10 6.17
N ILE D 510 32.63 9.93 5.48
CA ILE D 510 33.33 11.02 4.84
C ILE D 510 33.55 10.83 3.33
N GLY D 511 33.01 9.73 2.79
CA GLY D 511 33.03 9.39 1.38
C GLY D 511 31.63 9.44 0.81
N HIS D 512 31.48 9.15 -0.47
CA HIS D 512 30.18 9.20 -1.14
C HIS D 512 29.55 7.81 -1.29
N PRO D 513 28.24 7.76 -1.53
CA PRO D 513 27.62 6.52 -1.88
C PRO D 513 27.82 6.20 -3.34
N ILE D 514 27.69 4.94 -3.68
CA ILE D 514 27.66 4.50 -5.09
C ILE D 514 26.44 3.64 -5.31
N THR D 515 26.08 3.47 -6.59
CA THR D 515 25.06 2.50 -6.92
C THR D 515 25.44 1.76 -8.17
N TYR D 516 24.97 0.52 -8.31
CA TYR D 516 25.30 -0.29 -9.47
C TYR D 516 24.31 -1.41 -9.50
N GLN D 517 24.23 -2.04 -10.65
CA GLN D 517 23.37 -3.20 -10.86
C GLN D 517 24.26 -4.45 -10.84
N HIS D 518 23.88 -5.50 -10.09
CA HIS D 518 24.56 -6.78 -10.20
C HIS D 518 23.51 -7.92 -10.22
N ASN D 519 23.66 -8.79 -11.23
CA ASN D 519 22.66 -9.83 -11.54
C ASN D 519 21.20 -9.34 -11.43
N GLY D 520 20.95 -8.25 -12.08
CA GLY D 520 19.63 -7.74 -12.25
C GLY D 520 19.02 -6.89 -11.12
N LYS D 521 19.77 -6.68 -10.06
CA LYS D 521 19.30 -5.97 -8.90
C LYS D 521 20.17 -4.73 -8.62
N GLN D 522 19.53 -3.65 -8.20
CA GLN D 522 20.23 -2.43 -7.83
C GLN D 522 20.71 -2.47 -6.39
N TYR D 523 21.96 -2.10 -6.18
CA TYR D 523 22.59 -2.02 -4.85
C TYR D 523 23.03 -0.60 -4.63
N ILE D 524 23.12 -0.17 -3.37
CA ILE D 524 23.79 1.09 -2.95
C ILE D 524 24.89 0.70 -1.99
N ALA D 525 26.08 1.28 -2.13
CA ALA D 525 27.20 0.91 -1.26
C ALA D 525 27.88 2.19 -0.78
N ILE D 526 28.48 2.11 0.41
CA ILE D 526 29.17 3.23 1.00
C ILE D 526 30.19 2.74 2.02
N TYR D 527 31.24 3.52 2.25
CA TYR D 527 32.16 3.30 3.37
C TYR D 527 31.62 3.92 4.64
N SER D 528 31.78 3.24 5.78
CA SER D 528 31.60 3.82 7.11
C SER D 528 32.94 3.83 7.80
N GLY D 529 33.36 5.00 8.25
CA GLY D 529 34.67 5.13 8.87
C GLY D 529 35.09 6.57 9.00
N VAL D 530 34.81 7.16 10.16
CA VAL D 530 34.91 8.60 10.29
C VAL D 530 36.37 9.01 10.42
N GLY D 531 36.65 10.26 10.09
CA GLY D 531 37.95 10.81 10.22
C GLY D 531 38.04 12.05 9.34
N GLY D 532 39.19 12.18 8.65
CA GLY D 532 39.50 13.35 7.89
C GLY D 532 39.50 14.56 8.80
N TRP D 533 39.35 15.74 8.22
CA TRP D 533 39.53 16.98 8.97
C TRP D 533 38.50 17.11 10.09
N PRO D 534 37.19 16.84 9.82
CA PRO D 534 36.20 17.00 10.89
C PRO D 534 36.44 16.01 12.03
N GLY D 535 36.99 14.86 11.70
CA GLY D 535 37.24 13.81 12.69
C GLY D 535 38.58 13.79 13.41
N VAL D 536 39.42 14.77 13.12
CA VAL D 536 40.76 14.82 13.64
C VAL D 536 40.75 14.81 15.21
N GLY D 537 39.77 15.44 15.86
CA GLY D 537 39.70 15.50 17.34
C GLY D 537 39.47 14.11 17.93
N LEU D 538 38.56 13.36 17.33
CA LEU D 538 38.32 12.06 17.88
C LEU D 538 39.30 11.02 17.43
N VAL D 539 39.82 11.14 16.22
CA VAL D 539 40.85 10.20 15.73
C VAL D 539 42.18 10.28 16.53
N PHE D 540 42.61 11.50 16.87
CA PHE D 540 43.86 11.71 17.56
C PHE D 540 43.73 12.13 19.01
N ASP D 541 42.51 12.05 19.55
CA ASP D 541 42.18 12.39 20.94
C ASP D 541 42.72 13.78 21.32
N LEU D 542 42.38 14.77 20.51
CA LEU D 542 42.80 16.17 20.72
C LEU D 542 41.78 16.90 21.50
N LYS D 543 42.22 17.87 22.30
CA LYS D 543 41.33 18.60 23.22
C LYS D 543 41.30 20.13 23.05
N ASP D 544 42.45 20.68 22.72
CA ASP D 544 42.63 22.08 22.42
C ASP D 544 41.73 22.50 21.27
N PRO D 545 40.82 23.45 21.48
CA PRO D 545 39.91 23.85 20.41
C PRO D 545 40.61 24.39 19.16
N THR D 546 41.84 24.94 19.29
CA THR D 546 42.59 25.44 18.15
C THR D 546 43.37 24.35 17.41
N ALA D 547 43.42 23.15 17.97
CA ALA D 547 44.16 22.03 17.36
C ALA D 547 43.40 21.50 16.13
N GLY D 548 44.06 20.64 15.36
CA GLY D 548 43.46 20.21 14.08
C GLY D 548 43.19 21.38 13.15
N LEU D 549 44.08 22.38 13.23
CA LEU D 549 43.97 23.65 12.45
C LEU D 549 42.58 24.32 12.65
N GLY D 550 42.11 24.31 13.90
CA GLY D 550 40.87 24.89 14.31
C GLY D 550 39.65 23.99 14.27
N ALA D 551 39.73 22.80 13.68
CA ALA D 551 38.55 21.95 13.61
C ALA D 551 38.08 21.37 14.96
N VAL D 552 39.00 21.16 15.90
CA VAL D 552 38.71 20.37 17.09
C VAL D 552 37.61 21.04 17.89
N GLY D 553 37.70 22.35 18.05
CA GLY D 553 36.63 23.13 18.69
C GLY D 553 35.25 22.93 18.11
N ALA D 554 35.16 23.08 16.79
CA ALA D 554 33.87 23.04 16.10
C ALA D 554 33.22 21.64 16.20
N PHE D 555 34.06 20.61 16.18
CA PHE D 555 33.55 19.23 16.10
C PHE D 555 33.61 18.44 17.39
N ARG D 556 33.70 19.16 18.52
CA ARG D 556 33.89 18.45 19.79
C ARG D 556 32.74 17.50 20.12
N GLU D 557 31.54 17.77 19.68
CA GLU D 557 30.43 16.86 20.00
C GLU D 557 30.37 15.61 19.14
N LEU D 558 31.18 15.49 18.11
CA LEU D 558 31.03 14.38 17.20
C LEU D 558 31.33 13.04 17.92
N ALA D 559 32.29 13.08 18.82
CA ALA D 559 32.72 11.85 19.57
C ALA D 559 31.62 11.32 20.49
N HIS D 560 30.56 12.08 20.76
CA HIS D 560 29.35 11.55 21.47
C HIS D 560 28.56 10.54 20.62
N TYR D 561 28.74 10.58 19.32
CA TYR D 561 27.89 9.79 18.40
C TYR D 561 28.64 8.65 17.67
N THR D 562 29.93 8.85 17.41
CA THR D 562 30.69 7.94 16.60
C THR D 562 32.11 7.72 17.14
N GLN D 563 32.55 6.46 16.99
CA GLN D 563 33.91 6.02 17.14
C GLN D 563 34.47 5.86 15.70
N MET D 564 35.78 5.58 15.60
CA MET D 564 36.42 5.16 14.36
C MET D 564 35.84 3.84 13.95
N GLY D 565 35.96 3.53 12.69
CA GLY D 565 35.58 2.26 12.13
C GLY D 565 36.17 2.06 10.73
N GLY D 566 35.77 1.02 10.06
CA GLY D 566 36.15 0.81 8.67
C GLY D 566 35.38 -0.35 8.09
N SER D 567 34.32 -0.06 7.34
CA SER D 567 33.52 -1.10 6.73
C SER D 567 32.89 -0.57 5.47
N VAL D 568 32.40 -1.51 4.65
CA VAL D 568 31.65 -1.25 3.48
C VAL D 568 30.27 -1.84 3.67
N PHE D 569 29.25 -0.99 3.55
CA PHE D 569 27.88 -1.40 3.63
C PHE D 569 27.20 -1.40 2.27
N VAL D 570 26.49 -2.47 1.96
CA VAL D 570 25.79 -2.63 0.69
C VAL D 570 24.33 -2.91 1.00
N PHE D 571 23.43 -2.11 0.41
CA PHE D 571 22.01 -2.15 0.62
C PHE D 571 21.29 -2.56 -0.65
N SER D 572 20.13 -3.20 -0.54
CA SER D 572 19.24 -3.46 -1.72
C SER D 572 17.80 -3.58 -1.25
N LEU D 573 16.90 -3.61 -2.18
CA LEU D 573 15.56 -3.99 -1.85
C LEU D 573 15.59 -5.55 -1.89
N TYR E 1 -28.90 70.37 -4.21
CA TYR E 1 -27.47 70.00 -4.21
C TYR E 1 -27.31 68.64 -4.87
N ASP E 2 -26.96 68.64 -6.15
CA ASP E 2 -26.60 67.39 -6.83
C ASP E 2 -25.13 67.20 -7.12
N GLY E 3 -24.29 68.08 -6.65
CA GLY E 3 -22.82 67.99 -6.79
C GLY E 3 -22.26 68.46 -8.11
N THR E 4 -23.13 68.94 -9.03
CA THR E 4 -22.70 69.25 -10.42
C THR E 4 -22.63 70.76 -10.73
N HIS E 5 -22.97 71.63 -9.78
CA HIS E 5 -22.92 73.12 -9.99
C HIS E 5 -21.74 73.66 -9.23
N CYS E 6 -20.71 74.02 -9.98
CA CYS E 6 -19.42 74.34 -9.39
C CYS E 6 -19.10 75.82 -9.44
N LYS E 7 -18.88 76.36 -8.27
CA LYS E 7 -18.39 77.73 -8.11
C LYS E 7 -16.98 77.94 -8.70
N ALA E 8 -16.14 76.91 -8.68
CA ALA E 8 -14.75 77.01 -9.19
C ALA E 8 -14.33 75.54 -9.45
N PRO E 9 -13.34 75.27 -10.31
CA PRO E 9 -12.86 73.88 -10.45
C PRO E 9 -12.53 73.25 -9.05
N GLY E 10 -13.10 72.09 -8.82
CA GLY E 10 -12.90 71.38 -7.55
C GLY E 10 -13.70 71.89 -6.38
N ASN E 11 -14.69 72.77 -6.64
CA ASN E 11 -15.45 73.38 -5.57
C ASN E 11 -16.90 73.44 -5.99
N CYS E 12 -17.65 72.39 -5.67
CA CYS E 12 -19.07 72.26 -6.10
C CYS E 12 -20.07 72.19 -4.99
N TRP E 13 -19.64 72.45 -3.73
CA TRP E 13 -20.55 72.37 -2.61
C TRP E 13 -21.67 73.43 -2.73
N GLU E 14 -22.89 73.01 -2.41
CA GLU E 14 -24.00 73.90 -2.19
C GLU E 14 -24.68 73.52 -0.91
N PRO E 15 -25.27 74.52 -0.21
CA PRO E 15 -26.23 74.16 0.87
C PRO E 15 -27.46 73.41 0.41
N LYS E 16 -27.93 72.49 1.24
CA LYS E 16 -29.19 71.80 0.92
C LYS E 16 -30.35 72.83 1.15
N PRO E 17 -31.54 72.58 0.53
CA PRO E 17 -32.69 73.52 0.66
C PRO E 17 -32.97 73.76 2.12
N GLY E 18 -32.97 75.02 2.52
CA GLY E 18 -33.30 75.40 3.90
C GLY E 18 -32.12 75.45 4.84
N TYR E 19 -30.90 75.10 4.36
CA TYR E 19 -29.73 75.09 5.26
C TYR E 19 -28.88 76.29 4.90
N PRO E 20 -27.99 76.70 5.79
CA PRO E 20 -27.22 77.92 5.54
C PRO E 20 -25.97 77.80 4.66
N ASP E 21 -25.56 78.89 3.99
CA ASP E 21 -24.29 78.97 3.21
C ASP E 21 -23.06 78.86 4.09
N LYS E 22 -23.15 79.45 5.26
CA LYS E 22 -22.14 79.45 6.27
C LYS E 22 -22.74 79.03 7.60
N VAL E 23 -22.02 78.19 8.32
CA VAL E 23 -22.46 77.76 9.61
C VAL E 23 -22.23 78.69 10.77
N ALA E 24 -21.21 79.54 10.69
CA ALA E 24 -20.91 80.44 11.78
C ALA E 24 -22.13 81.37 12.00
N GLY E 25 -22.56 81.44 13.24
CA GLY E 25 -23.69 82.30 13.57
C GLY E 25 -25.04 81.64 13.30
N SER E 26 -25.07 80.43 12.71
CA SER E 26 -26.29 79.66 12.44
C SER E 26 -26.60 78.72 13.63
N LYS E 27 -27.78 78.07 13.56
CA LYS E 27 -28.17 77.09 14.55
C LYS E 27 -27.21 75.86 14.50
N TYR E 28 -26.45 75.67 13.40
CA TYR E 28 -25.51 74.56 13.24
C TYR E 28 -24.06 75.00 13.45
N ASP E 29 -23.86 76.16 14.07
CA ASP E 29 -22.50 76.65 14.34
C ASP E 29 -21.77 75.63 15.21
N PRO E 30 -20.63 75.11 14.73
CA PRO E 30 -19.93 74.14 15.59
C PRO E 30 -19.23 74.78 16.78
N LYS E 31 -19.03 76.10 16.76
CA LYS E 31 -18.43 76.83 17.87
C LYS E 31 -17.16 76.15 18.42
N HIS E 32 -16.19 75.83 17.54
CA HIS E 32 -14.98 75.12 17.97
C HIS E 32 -14.08 76.05 18.77
N ASP E 33 -13.47 75.52 19.82
CA ASP E 33 -12.52 76.25 20.64
C ASP E 33 -11.18 76.25 19.85
N PRO E 34 -10.69 77.45 19.42
CA PRO E 34 -9.45 77.53 18.59
C PRO E 34 -8.27 76.83 19.27
N ASN E 35 -8.31 76.87 20.60
CA ASN E 35 -7.35 76.14 21.38
C ASN E 35 -7.36 74.63 21.36
N GLU E 36 -8.54 74.05 21.37
CA GLU E 36 -8.70 72.63 21.07
C GLU E 36 -8.27 72.31 19.64
N LEU E 37 -8.65 73.14 18.67
CA LEU E 37 -8.30 72.87 17.29
C LEU E 37 -6.81 72.75 17.09
N ASN E 38 -6.05 73.57 17.82
CA ASN E 38 -4.63 73.64 17.62
C ASN E 38 -3.82 72.56 18.33
N LYS E 39 -4.48 71.75 19.15
CA LYS E 39 -3.71 70.80 20.00
C LYS E 39 -2.95 69.71 19.20
N GLN E 40 -3.55 69.18 18.12
CA GLN E 40 -2.89 68.06 17.45
C GLN E 40 -1.65 68.48 16.68
N ALA E 41 -1.68 69.69 16.10
CA ALA E 41 -0.50 70.26 15.43
C ALA E 41 0.61 70.53 16.41
N GLU E 42 0.28 70.98 17.63
CA GLU E 42 1.30 71.22 18.69
C GLU E 42 1.95 69.89 19.13
N SER E 43 1.09 68.88 19.27
CA SER E 43 1.56 67.52 19.58
C SER E 43 2.49 66.96 18.47
N ILE E 44 2.13 67.18 17.22
CA ILE E 44 3.01 66.76 16.12
C ILE E 44 4.39 67.45 16.15
N LYS E 45 4.43 68.76 16.37
CA LYS E 45 5.69 69.49 16.53
C LYS E 45 6.54 68.90 17.62
N ALA E 46 5.94 68.54 18.74
CA ALA E 46 6.68 67.95 19.86
C ALA E 46 7.24 66.57 19.55
N MET E 47 6.44 65.72 18.89
CA MET E 47 6.96 64.39 18.39
C MET E 47 8.10 64.57 17.38
N GLU E 48 7.91 65.46 16.43
CA GLU E 48 8.93 65.74 15.43
C GLU E 48 10.25 66.20 16.08
N ALA E 49 10.14 67.05 17.10
CA ALA E 49 11.35 67.50 17.81
C ALA E 49 12.03 66.37 18.60
N ARG E 50 11.27 65.54 19.33
CA ARG E 50 11.85 64.34 19.93
C ARG E 50 12.47 63.38 18.95
N ASN E 51 11.77 63.12 17.83
CA ASN E 51 12.36 62.22 16.84
C ASN E 51 13.71 62.80 16.30
N GLN E 52 13.76 64.10 16.07
CA GLN E 52 15.01 64.73 15.56
C GLN E 52 16.16 64.59 16.57
N LYS E 53 15.84 64.70 17.85
CA LYS E 53 16.79 64.34 18.88
C LYS E 53 17.32 62.90 18.82
N ARG E 54 16.45 61.96 18.53
CA ARG E 54 16.85 60.56 18.46
C ARG E 54 17.73 60.39 17.25
N VAL E 55 17.37 61.01 16.14
CA VAL E 55 18.19 60.94 14.90
C VAL E 55 19.61 61.52 15.08
N GLU E 56 19.68 62.69 15.68
CA GLU E 56 20.93 63.39 15.93
C GLU E 56 21.84 62.59 16.82
N ASN E 57 21.26 62.01 17.86
CA ASN E 57 22.03 61.16 18.76
C ASN E 57 22.56 59.94 18.06
N TYR E 58 21.75 59.34 17.19
CA TYR E 58 22.22 58.19 16.37
C TYR E 58 23.37 58.60 15.43
N ALA E 59 23.25 59.73 14.76
CA ALA E 59 24.37 60.24 13.93
C ALA E 59 25.67 60.56 14.72
N LYS E 60 25.54 60.90 15.97
CA LYS E 60 26.65 61.34 16.79
C LYS E 60 27.36 60.17 17.42
N THR E 61 26.60 59.16 17.88
CA THR E 61 27.11 58.01 18.64
C THR E 61 27.12 56.70 17.87
N GLY E 62 26.34 56.61 16.79
CA GLY E 62 26.16 55.33 16.10
C GLY E 62 25.28 54.31 16.84
N LYS E 63 24.61 54.74 17.91
CA LYS E 63 23.74 53.84 18.72
C LYS E 63 22.36 54.49 18.90
N PHE E 64 21.31 53.73 18.63
CA PHE E 64 19.95 54.26 18.77
C PHE E 64 19.48 54.33 20.22
N VAL E 65 18.94 55.45 20.64
CA VAL E 65 18.36 55.62 21.99
C VAL E 65 17.00 56.30 21.83
N TYR E 66 15.93 55.61 22.27
CA TYR E 66 14.55 56.14 22.21
C TYR E 66 14.29 57.23 23.25
N LYS E 67 14.65 56.96 24.49
CA LYS E 67 14.27 57.86 25.55
C LYS E 67 15.07 59.17 25.48
N VAL E 68 14.42 60.27 25.18
CA VAL E 68 15.12 61.54 25.00
C VAL E 68 15.75 62.10 26.32
N GLU E 69 15.24 61.70 27.49
CA GLU E 69 15.91 62.01 28.80
C GLU E 69 17.23 61.29 28.97
N ASP E 70 17.39 60.13 28.33
CA ASP E 70 18.65 59.38 28.39
C ASP E 70 19.69 59.84 27.41
N ILE E 71 19.35 60.79 26.54
CA ILE E 71 20.32 61.49 25.71
C ILE E 71 20.60 62.79 26.47
N TYR F 1 13.21 9.10 61.45
CA TYR F 1 11.81 8.96 61.08
C TYR F 1 11.78 8.24 59.78
N ASP F 2 11.46 6.95 59.80
CA ASP F 2 11.29 6.21 58.55
C ASP F 2 9.87 5.88 58.22
N GLY F 3 8.93 6.33 59.06
CA GLY F 3 7.52 6.11 58.91
C GLY F 3 6.96 4.76 59.36
N THR F 4 7.80 3.94 59.99
CA THR F 4 7.47 2.58 60.28
C THR F 4 7.33 2.33 61.81
N HIS F 5 7.53 3.37 62.64
CA HIS F 5 7.32 3.23 64.11
C HIS F 5 5.95 3.75 64.45
N CYS F 6 5.02 2.86 64.76
CA CYS F 6 3.61 3.23 64.86
C CYS F 6 3.13 3.14 66.28
N LYS F 7 2.81 4.29 66.88
CA LYS F 7 2.27 4.26 68.25
C LYS F 7 0.86 3.67 68.28
N ALA F 8 0.17 3.65 67.14
CA ALA F 8 -1.20 3.14 67.05
C ALA F 8 -1.48 2.93 65.54
N PRO F 9 -2.37 2.03 65.17
CA PRO F 9 -2.70 1.86 63.75
C PRO F 9 -2.97 3.19 63.06
N GLY F 10 -2.26 3.45 61.95
CA GLY F 10 -2.48 4.70 61.26
C GLY F 10 -1.88 5.94 61.83
N ASN F 11 -1.04 5.78 62.84
CA ASN F 11 -0.35 6.92 63.50
C ASN F 11 1.13 6.55 63.68
N CYS F 12 1.94 6.90 62.68
CA CYS F 12 3.35 6.59 62.67
C CYS F 12 4.33 7.76 62.74
N TRP F 13 3.85 8.96 62.88
CA TRP F 13 4.69 10.13 62.80
C TRP F 13 5.67 10.17 63.97
N GLU F 14 6.87 10.61 63.67
CA GLU F 14 7.90 10.90 64.68
C GLU F 14 8.58 12.20 64.26
N PRO F 15 9.03 12.99 65.26
CA PRO F 15 9.90 14.11 64.92
C PRO F 15 11.23 13.66 64.33
N LYS F 16 11.77 14.44 63.44
CA LYS F 16 13.08 14.20 62.85
C LYS F 16 14.15 14.52 63.92
N PRO F 17 15.35 13.99 63.75
CA PRO F 17 16.39 14.28 64.76
C PRO F 17 16.58 15.79 64.99
N GLY F 18 16.47 16.20 66.22
CA GLY F 18 16.72 17.58 66.57
C GLY F 18 15.45 18.38 66.58
N TYR F 19 14.31 17.80 66.19
CA TYR F 19 13.06 18.56 66.13
C TYR F 19 12.15 18.22 67.28
N PRO F 20 11.21 19.09 67.60
CA PRO F 20 10.37 18.87 68.79
C PRO F 20 9.20 17.93 68.59
N ASP F 21 8.82 17.25 69.67
CA ASP F 21 7.68 16.37 69.66
C ASP F 21 6.37 17.15 69.45
N LYS F 22 6.30 18.37 69.97
CA LYS F 22 5.14 19.24 69.87
C LYS F 22 5.61 20.59 69.45
N VAL F 23 4.85 21.22 68.55
CA VAL F 23 5.29 22.54 68.07
C VAL F 23 4.93 23.69 69.00
N ALA F 24 3.82 23.53 69.74
CA ALA F 24 3.35 24.57 70.67
C ALA F 24 4.52 24.89 71.64
N GLY F 25 4.89 26.15 71.77
CA GLY F 25 5.97 26.60 72.64
C GLY F 25 7.37 26.41 72.09
N SER F 26 7.50 25.84 70.89
CA SER F 26 8.82 25.66 70.24
C SER F 26 9.08 26.84 69.28
N LYS F 27 10.27 26.90 68.73
CA LYS F 27 10.61 27.89 67.70
C LYS F 27 9.85 27.66 66.40
N TYR F 28 9.17 26.55 66.27
CA TYR F 28 8.31 26.29 65.11
C TYR F 28 6.85 26.41 65.42
N ASP F 29 6.49 27.05 66.53
CA ASP F 29 5.08 27.20 66.88
C ASP F 29 4.33 27.99 65.82
N PRO F 30 3.30 27.41 65.18
CA PRO F 30 2.60 28.18 64.16
C PRO F 30 1.81 29.38 64.79
N LYS F 31 1.42 29.28 66.07
CA LYS F 31 0.68 30.33 66.77
C LYS F 31 -0.53 30.84 65.96
N HIS F 32 -1.35 29.91 65.48
CA HIS F 32 -2.50 30.32 64.69
C HIS F 32 -3.55 31.05 65.53
N ASP F 33 -4.19 32.02 64.91
CA ASP F 33 -5.27 32.77 65.58
C ASP F 33 -6.53 31.93 65.52
N PRO F 34 -7.14 31.58 66.68
CA PRO F 34 -8.31 30.73 66.60
C PRO F 34 -9.47 31.31 65.81
N ASN F 35 -9.62 32.62 65.82
CA ASN F 35 -10.67 33.26 65.03
C ASN F 35 -10.37 33.16 63.54
N GLU F 36 -9.11 33.21 63.11
CA GLU F 36 -8.85 32.93 61.68
C GLU F 36 -9.17 31.47 61.31
N LEU F 37 -8.69 30.55 62.13
CA LEU F 37 -8.98 29.13 61.97
C LEU F 37 -10.42 28.78 61.69
N ASN F 38 -11.34 29.49 62.36
CA ASN F 38 -12.77 29.20 62.30
C ASN F 38 -13.50 29.85 61.15
N LYS F 39 -12.82 30.67 60.39
CA LYS F 39 -13.50 31.41 59.34
C LYS F 39 -14.12 30.57 58.24
N GLN F 40 -13.39 29.59 57.74
CA GLN F 40 -13.95 28.81 56.59
C GLN F 40 -15.15 27.97 56.96
N ALA F 41 -15.17 27.42 58.17
CA ALA F 41 -16.36 26.71 58.66
C ALA F 41 -17.57 27.60 58.84
N GLU F 42 -17.40 28.80 59.39
CA GLU F 42 -18.47 29.79 59.43
C GLU F 42 -18.97 30.15 58.01
N SER F 43 -18.03 30.42 57.08
CA SER F 43 -18.42 30.65 55.66
C SER F 43 -19.21 29.48 55.06
N ILE F 44 -18.82 28.24 55.33
CA ILE F 44 -19.58 27.08 54.82
C ILE F 44 -21.02 27.03 55.39
N LYS F 45 -21.16 27.27 56.69
CA LYS F 45 -22.50 27.34 57.27
C LYS F 45 -23.38 28.40 56.58
N ALA F 46 -22.84 29.56 56.28
CA ALA F 46 -23.58 30.63 55.61
C ALA F 46 -23.98 30.23 54.19
N MET F 47 -23.08 29.53 53.48
CA MET F 47 -23.39 29.03 52.14
C MET F 47 -24.47 27.99 52.20
N GLU F 48 -24.36 27.10 53.17
CA GLU F 48 -25.32 26.01 53.30
C GLU F 48 -26.73 26.57 53.59
N ALA F 49 -26.79 27.61 54.40
CA ALA F 49 -28.04 28.26 54.75
C ALA F 49 -28.63 28.96 53.53
N ARG F 50 -27.81 29.70 52.75
CA ARG F 50 -28.30 30.29 51.54
C ARG F 50 -28.77 29.27 50.49
N ASN F 51 -28.02 28.17 50.32
CA ASN F 51 -28.46 27.17 49.36
C ASN F 51 -29.81 26.57 49.80
N GLN F 52 -30.01 26.35 51.09
CA GLN F 52 -31.26 25.68 51.50
C GLN F 52 -32.44 26.62 51.17
N LYS F 53 -32.25 27.91 51.31
CA LYS F 53 -33.29 28.87 50.92
C LYS F 53 -33.63 28.82 49.43
N ARG F 54 -32.58 28.69 48.59
CA ARG F 54 -32.74 28.54 47.15
C ARG F 54 -33.52 27.29 46.83
N VAL F 55 -33.18 26.21 47.53
CA VAL F 55 -33.84 24.91 47.27
C VAL F 55 -35.35 25.03 47.60
N GLU F 56 -35.63 25.56 48.80
CA GLU F 56 -37.01 25.87 49.25
C GLU F 56 -37.77 26.77 48.30
N ASN F 57 -37.16 27.84 47.83
CA ASN F 57 -37.84 28.71 46.91
C ASN F 57 -38.15 28.01 45.57
N TYR F 58 -37.15 27.30 45.03
CA TYR F 58 -37.39 26.45 43.85
C TYR F 58 -38.55 25.43 43.98
N ALA F 59 -38.62 24.71 45.09
CA ALA F 59 -39.73 23.81 45.35
C ALA F 59 -41.11 24.55 45.32
N LYS F 60 -41.15 25.76 45.81
CA LYS F 60 -42.37 26.55 45.95
C LYS F 60 -42.85 27.05 44.61
N THR F 61 -41.95 27.63 43.81
CA THR F 61 -42.31 28.31 42.56
C THR F 61 -42.05 27.50 41.29
N GLY F 62 -41.15 26.53 41.37
CA GLY F 62 -40.64 25.88 40.19
C GLY F 62 -39.82 26.74 39.26
N LYS F 63 -39.36 27.90 39.72
CA LYS F 63 -38.52 28.79 38.93
C LYS F 63 -37.31 29.13 39.78
N PHE F 64 -36.11 28.83 39.29
CA PHE F 64 -34.96 28.95 40.18
C PHE F 64 -34.58 30.44 40.36
N VAL F 65 -34.28 30.85 41.59
CA VAL F 65 -33.83 32.23 41.81
C VAL F 65 -32.59 32.10 42.70
N TYR F 66 -31.44 32.52 42.15
CA TYR F 66 -30.18 32.49 42.90
C TYR F 66 -30.21 33.51 44.09
N LYS F 67 -30.65 34.74 43.83
CA LYS F 67 -30.54 35.78 44.87
C LYS F 67 -31.51 35.52 46.02
N VAL F 68 -30.95 35.48 47.23
CA VAL F 68 -31.71 35.18 48.44
C VAL F 68 -32.35 36.44 49.08
N GLU F 69 -31.79 37.62 48.79
CA GLU F 69 -32.48 38.91 49.11
C GLU F 69 -33.62 39.29 48.10
N ASP F 70 -33.90 38.43 47.12
CA ASP F 70 -35.06 38.53 46.21
C ASP F 70 -36.07 37.35 46.28
N ILE F 71 -35.83 36.37 47.15
CA ILE F 71 -36.51 35.04 47.07
C ILE F 71 -37.95 35.00 47.59
N ASN G 1 -1.78 -51.12 -3.10
CA ASN G 1 -1.64 -50.50 -4.46
C ASN G 1 -0.47 -49.58 -4.43
N SER G 2 0.57 -49.96 -5.18
CA SER G 2 1.80 -49.21 -5.05
C SER G 2 1.71 -47.76 -5.65
N GLU G 3 0.91 -47.53 -6.70
CA GLU G 3 0.74 -46.17 -7.20
C GLU G 3 -0.08 -45.32 -6.21
N LEU G 4 -1.16 -45.89 -5.64
CA LEU G 4 -1.87 -45.20 -4.57
C LEU G 4 -0.91 -44.81 -3.43
N ASP G 5 -0.05 -45.74 -3.01
CA ASP G 5 0.92 -45.44 -2.00
C ASP G 5 1.85 -44.27 -2.41
N ARG G 6 2.32 -44.30 -3.65
CA ARG G 6 3.19 -43.22 -4.15
C ARG G 6 2.44 -41.87 -4.14
N LEU G 7 1.18 -41.87 -4.58
CA LEU G 7 0.38 -40.66 -4.56
C LEU G 7 0.16 -40.13 -3.15
N SER G 8 0.08 -41.03 -2.17
CA SER G 8 -0.13 -40.65 -0.80
C SER G 8 1.01 -39.88 -0.20
N LYS G 9 2.20 -40.02 -0.76
CA LYS G 9 3.39 -39.34 -0.28
C LYS G 9 3.54 -37.94 -0.87
N ASP G 10 2.69 -37.56 -1.82
CA ASP G 10 2.69 -36.24 -2.46
C ASP G 10 1.75 -35.32 -1.68
N ASP G 11 2.27 -34.18 -1.23
CA ASP G 11 1.47 -33.24 -0.40
C ASP G 11 0.42 -32.43 -1.18
N ARG G 12 0.40 -32.57 -2.51
CA ARG G 12 -0.71 -32.09 -3.30
C ARG G 12 -2.01 -32.91 -3.11
N ASN G 13 -1.89 -34.14 -2.58
CA ASN G 13 -2.98 -35.09 -2.52
C ASN G 13 -3.39 -35.46 -1.11
N TRP G 14 -4.65 -35.93 -1.02
CA TRP G 14 -5.17 -36.59 0.19
C TRP G 14 -6.03 -37.71 -0.36
N VAL G 15 -5.40 -38.88 -0.53
CA VAL G 15 -5.92 -39.90 -1.47
C VAL G 15 -6.82 -40.93 -0.82
N MET G 16 -6.84 -40.96 0.52
CA MET G 16 -7.76 -41.86 1.21
C MET G 16 -8.10 -41.19 2.57
N GLN G 17 -9.15 -41.65 3.24
CA GLN G 17 -9.63 -40.97 4.47
C GLN G 17 -8.55 -40.89 5.52
N THR G 18 -7.82 -41.97 5.63
CA THR G 18 -6.68 -42.10 6.56
C THR G 18 -5.37 -41.43 6.11
N LYS G 19 -5.40 -40.71 5.00
CA LYS G 19 -4.30 -40.01 4.32
C LYS G 19 -3.35 -41.00 3.63
N ASP G 20 -2.91 -42.01 4.36
CA ASP G 20 -1.95 -42.96 3.83
C ASP G 20 -2.21 -44.31 4.48
N TYR G 21 -1.51 -45.33 3.97
CA TYR G 21 -1.80 -46.66 4.43
C TYR G 21 -1.47 -46.94 5.92
N SER G 22 -0.67 -46.09 6.53
CA SER G 22 -0.31 -46.20 7.91
C SER G 22 -1.23 -45.38 8.77
N ALA G 23 -2.20 -44.68 8.15
CA ALA G 23 -3.11 -43.79 8.85
C ALA G 23 -2.38 -42.78 9.75
N THR G 24 -1.36 -42.15 9.21
CA THR G 24 -0.63 -41.13 9.99
C THR G 24 -1.44 -39.85 10.26
N HIS G 25 -2.32 -39.45 9.34
CA HIS G 25 -2.95 -38.16 9.38
C HIS G 25 -1.89 -37.07 9.69
N PHE G 26 -0.71 -37.26 9.12
CA PHE G 26 0.42 -36.34 9.35
C PHE G 26 0.90 -35.72 8.10
N SER G 27 0.96 -34.40 8.01
CA SER G 27 1.45 -33.67 6.84
C SER G 27 2.77 -32.99 7.10
N ARG G 28 3.67 -33.11 6.12
CA ARG G 28 4.96 -32.38 6.15
C ARG G 28 4.84 -30.95 5.72
N LEU G 29 3.65 -30.52 5.29
CA LEU G 29 3.45 -29.11 4.93
C LEU G 29 3.64 -28.18 6.17
N THR G 30 4.36 -27.07 5.98
CA THR G 30 4.65 -26.12 7.01
C THR G 30 4.33 -24.69 6.76
N GLU G 31 3.75 -24.37 5.60
CA GLU G 31 3.30 -22.99 5.30
C GLU G 31 2.43 -22.47 6.43
N ILE G 32 1.50 -23.30 6.88
CA ILE G 32 0.68 -23.01 8.03
C ILE G 32 1.38 -23.65 9.24
N ASN G 33 1.73 -22.85 10.25
CA ASN G 33 2.53 -23.37 11.38
C ASN G 33 2.13 -22.69 12.68
N SER G 34 2.70 -23.14 13.77
CA SER G 34 2.25 -22.65 15.05
C SER G 34 2.38 -21.11 15.23
N HIS G 35 3.30 -20.49 14.49
CA HIS G 35 3.53 -19.05 14.62
C HIS G 35 2.71 -18.18 13.70
N ASN G 36 2.03 -18.75 12.70
CA ASN G 36 1.11 -17.89 11.89
C ASN G 36 -0.34 -18.42 11.78
N VAL G 37 -0.69 -19.48 12.52
CA VAL G 37 -2.02 -20.09 12.36
C VAL G 37 -3.08 -19.12 12.84
N LYS G 38 -2.71 -18.18 13.72
CA LYS G 38 -3.63 -17.17 14.15
C LYS G 38 -4.20 -16.35 12.94
N ASN G 39 -3.51 -16.32 11.82
CA ASN G 39 -3.92 -15.61 10.60
C ASN G 39 -4.70 -16.42 9.58
N LEU G 40 -5.03 -17.64 9.92
CA LEU G 40 -5.74 -18.52 9.02
C LEU G 40 -7.15 -17.98 8.79
N LYS G 41 -7.57 -17.91 7.54
CA LYS G 41 -8.87 -17.37 7.17
C LYS G 41 -9.61 -18.34 6.27
N VAL G 42 -10.93 -18.18 6.18
CA VAL G 42 -11.72 -19.02 5.25
C VAL G 42 -11.38 -18.59 3.83
N ALA G 43 -11.04 -19.55 2.97
CA ALA G 43 -10.70 -19.26 1.57
C ALA G 43 -11.95 -19.37 0.67
N TRP G 44 -12.72 -20.45 0.84
CA TRP G 44 -13.93 -20.67 0.12
C TRP G 44 -14.69 -21.79 0.81
N THR G 45 -15.96 -21.98 0.44
CA THR G 45 -16.86 -22.92 1.09
C THR G 45 -17.79 -23.52 0.07
N LEU G 46 -18.36 -24.69 0.40
CA LEU G 46 -19.32 -25.36 -0.49
C LEU G 46 -20.43 -25.96 0.36
N SER G 47 -21.66 -25.92 -0.11
CA SER G 47 -22.73 -26.60 0.59
C SER G 47 -22.84 -28.04 0.08
N THR G 48 -23.05 -28.98 0.99
CA THR G 48 -23.25 -30.36 0.57
C THR G 48 -24.66 -30.62 0.13
N GLY G 49 -25.61 -29.74 0.47
CA GLY G 49 -27.03 -29.92 0.12
C GLY G 49 -27.83 -30.92 0.94
N THR G 50 -27.28 -31.40 2.04
CA THR G 50 -27.99 -32.33 2.95
C THR G 50 -27.73 -31.85 4.35
N LEU G 51 -28.56 -32.35 5.25
CA LEU G 51 -28.39 -32.17 6.66
C LEU G 51 -27.90 -33.53 7.20
N HIS G 52 -28.01 -33.78 8.50
CA HIS G 52 -27.48 -34.95 9.17
C HIS G 52 -25.94 -34.93 9.27
N GLY G 53 -25.42 -35.89 9.99
CA GLY G 53 -23.98 -35.91 10.30
C GLY G 53 -23.09 -36.14 9.09
N HIS G 54 -22.02 -35.37 8.99
CA HIS G 54 -21.03 -35.46 7.90
C HIS G 54 -19.72 -36.00 8.44
N GLU G 55 -19.60 -37.31 8.44
CA GLU G 55 -18.35 -37.99 8.81
C GLU G 55 -17.39 -38.11 7.64
N GLY G 56 -16.23 -38.66 7.90
CA GLY G 56 -15.11 -38.52 7.01
C GLY G 56 -14.72 -37.13 6.61
N ALA G 57 -14.11 -37.01 5.47
CA ALA G 57 -13.71 -35.67 4.93
C ALA G 57 -13.50 -35.79 3.42
N PRO G 58 -13.17 -34.69 2.76
CA PRO G 58 -12.92 -34.82 1.32
C PRO G 58 -11.65 -35.63 0.99
N LEU G 59 -11.60 -36.08 -0.26
CA LEU G 59 -10.39 -36.54 -0.90
C LEU G 59 -9.91 -35.48 -1.88
N VAL G 60 -8.59 -35.46 -2.12
CA VAL G 60 -8.03 -34.55 -3.13
C VAL G 60 -7.02 -35.34 -3.93
N VAL G 61 -7.21 -35.45 -5.24
CA VAL G 61 -6.21 -36.14 -6.11
C VAL G 61 -6.14 -35.43 -7.46
N ASP G 62 -4.93 -35.16 -7.90
CA ASP G 62 -4.64 -34.67 -9.29
C ASP G 62 -5.44 -33.39 -9.52
N GLY G 63 -5.51 -32.53 -8.51
CA GLY G 63 -6.20 -31.25 -8.67
C GLY G 63 -7.70 -31.23 -8.51
N ILE G 64 -8.30 -32.36 -8.11
CA ILE G 64 -9.75 -32.49 -7.96
C ILE G 64 -10.10 -32.88 -6.51
N MET G 65 -11.08 -32.17 -5.94
CA MET G 65 -11.57 -32.47 -4.59
C MET G 65 -12.86 -33.28 -4.74
N TYR G 66 -12.98 -34.33 -3.94
CA TYR G 66 -14.16 -35.12 -3.94
C TYR G 66 -14.87 -35.04 -2.59
N ILE G 67 -16.19 -34.85 -2.62
CA ILE G 67 -17.03 -34.61 -1.45
C ILE G 67 -18.14 -35.66 -1.43
N HIS G 68 -18.59 -36.04 -0.25
CA HIS G 68 -19.70 -36.99 -0.10
C HIS G 68 -20.55 -36.58 1.07
N THR G 69 -21.87 -37.17 1.05
CA THR G 69 -22.82 -36.73 2.04
C THR G 69 -23.26 -37.92 2.92
N PRO G 70 -24.00 -37.57 3.93
CA PRO G 70 -24.82 -38.61 4.51
C PRO G 70 -25.97 -39.01 3.59
N PHE G 71 -26.82 -39.93 4.03
CA PHE G 71 -27.88 -40.49 3.16
C PHE G 71 -28.63 -39.41 2.41
N PRO G 72 -28.83 -39.48 1.09
CA PRO G 72 -28.61 -40.61 0.19
C PRO G 72 -27.22 -40.67 -0.43
N ASN G 73 -26.19 -40.09 0.21
CA ASN G 73 -24.78 -40.36 -0.18
C ASN G 73 -24.42 -39.83 -1.56
N ASN G 74 -24.81 -38.59 -1.82
CA ASN G 74 -24.41 -37.85 -3.01
C ASN G 74 -22.94 -37.64 -3.06
N VAL G 75 -22.44 -37.60 -4.20
CA VAL G 75 -21.01 -37.42 -4.40
C VAL G 75 -20.80 -36.27 -5.39
N TYR G 76 -19.80 -35.42 -5.20
CA TYR G 76 -19.49 -34.26 -6.07
C TYR G 76 -17.98 -34.19 -6.25
N ALA G 77 -17.56 -33.83 -7.44
CA ALA G 77 -16.16 -33.58 -7.75
C ALA G 77 -16.01 -32.11 -8.09
N VAL G 78 -14.94 -31.47 -7.59
CA VAL G 78 -14.69 -30.04 -7.75
C VAL G 78 -13.26 -29.83 -8.26
N ASP G 79 -13.08 -29.23 -9.43
CA ASP G 79 -11.76 -28.88 -9.94
C ASP G 79 -11.27 -27.69 -9.11
N LEU G 80 -10.13 -27.85 -8.49
CA LEU G 80 -9.59 -26.86 -7.56
C LEU G 80 -9.17 -25.56 -8.27
N ASN G 81 -9.13 -25.58 -9.60
CA ASN G 81 -9.02 -24.29 -10.33
C ASN G 81 -10.35 -23.60 -10.59
N ASP G 82 -11.44 -24.20 -10.20
CA ASP G 82 -12.78 -23.52 -10.38
C ASP G 82 -13.72 -24.03 -9.32
N THR G 83 -13.56 -23.47 -8.14
CA THR G 83 -14.14 -24.11 -6.93
C THR G 83 -15.64 -23.93 -6.80
N ARG G 84 -16.22 -23.06 -7.63
CA ARG G 84 -17.64 -22.78 -7.58
C ARG G 84 -18.45 -23.84 -8.41
N LYS G 85 -17.81 -24.53 -9.33
CA LYS G 85 -18.50 -25.39 -10.28
C LYS G 85 -18.30 -26.83 -9.83
N MET G 86 -19.34 -27.59 -10.01
CA MET G 86 -19.24 -28.99 -9.79
C MET G 86 -18.87 -29.68 -11.10
N LEU G 87 -17.69 -30.26 -11.14
CA LEU G 87 -17.20 -30.95 -12.31
C LEU G 87 -18.14 -32.15 -12.70
N TRP G 88 -18.60 -32.87 -11.70
CA TRP G 88 -19.58 -33.91 -11.88
C TRP G 88 -20.26 -34.23 -10.58
N GLN G 89 -21.40 -34.89 -10.68
CA GLN G 89 -22.22 -35.24 -9.51
C GLN G 89 -22.70 -36.68 -9.70
N TYR G 90 -22.83 -37.41 -8.61
CA TYR G 90 -23.47 -38.75 -8.62
C TYR G 90 -24.50 -38.72 -7.50
N LYS G 91 -25.76 -38.99 -7.86
CA LYS G 91 -26.89 -38.88 -6.93
C LYS G 91 -27.62 -40.22 -6.79
N PRO G 92 -27.29 -41.01 -5.77
CA PRO G 92 -27.89 -42.35 -5.64
C PRO G 92 -29.38 -42.29 -5.40
N LYS G 93 -30.05 -43.26 -6.01
CA LYS G 93 -31.47 -43.52 -5.75
C LYS G 93 -31.55 -44.74 -4.81
N GLN G 94 -31.87 -44.49 -3.58
CA GLN G 94 -31.90 -45.54 -2.56
C GLN G 94 -33.28 -45.61 -1.94
N ASN G 95 -33.66 -46.81 -1.51
CA ASN G 95 -34.89 -47.00 -0.72
C ASN G 95 -34.83 -46.24 0.61
N PRO G 96 -35.81 -45.38 0.87
CA PRO G 96 -35.72 -44.59 2.11
C PRO G 96 -35.87 -45.39 3.37
N ALA G 97 -36.35 -46.65 3.25
CA ALA G 97 -36.38 -47.56 4.39
C ALA G 97 -35.00 -47.90 4.94
N ALA G 98 -33.92 -47.70 4.16
CA ALA G 98 -32.53 -47.77 4.70
C ALA G 98 -32.33 -46.93 5.95
N ARG G 99 -32.98 -45.76 6.02
CA ARG G 99 -32.86 -44.86 7.16
C ARG G 99 -33.34 -45.50 8.46
N ALA G 100 -34.37 -46.35 8.41
CA ALA G 100 -34.98 -46.91 9.62
C ALA G 100 -34.14 -47.96 10.31
N VAL G 101 -33.17 -48.56 9.60
CA VAL G 101 -32.25 -49.53 10.20
C VAL G 101 -30.87 -48.96 10.51
N ALA G 102 -30.73 -47.63 10.52
CA ALA G 102 -29.48 -47.03 11.00
C ALA G 102 -29.70 -46.67 12.42
N CYS G 103 -28.93 -47.24 13.38
CA CYS G 103 -29.15 -46.93 14.79
C CYS G 103 -28.90 -45.49 15.19
N CYS G 104 -27.90 -44.86 14.58
CA CYS G 104 -27.28 -43.67 15.19
C CYS G 104 -26.92 -42.63 14.12
N ASP G 105 -27.91 -42.26 13.34
CA ASP G 105 -27.83 -41.31 12.27
C ASP G 105 -27.32 -41.97 11.01
N VAL G 106 -27.62 -41.36 9.90
CA VAL G 106 -27.34 -41.93 8.58
C VAL G 106 -26.00 -41.41 8.04
N VAL G 107 -24.99 -41.51 8.89
CA VAL G 107 -23.64 -41.02 8.53
C VAL G 107 -23.00 -41.96 7.52
N ASN G 108 -21.97 -41.45 6.88
CA ASN G 108 -21.17 -42.24 5.93
C ASN G 108 -19.75 -41.73 6.00
N ARG G 109 -18.79 -42.63 6.14
CA ARG G 109 -17.39 -42.26 6.42
C ARG G 109 -16.53 -41.94 5.16
N GLY G 110 -17.17 -41.98 3.99
CA GLY G 110 -16.58 -41.43 2.81
C GLY G 110 -16.03 -42.26 1.69
N LEU G 111 -15.39 -41.55 0.79
CA LEU G 111 -15.01 -42.12 -0.50
C LEU G 111 -13.67 -42.75 -0.40
N ALA G 112 -13.36 -43.66 -1.32
CA ALA G 112 -11.97 -44.01 -1.57
C ALA G 112 -11.70 -43.80 -3.08
N TYR G 113 -10.41 -43.91 -3.40
CA TYR G 113 -9.83 -43.66 -4.73
C TYR G 113 -8.78 -44.67 -5.10
N VAL G 114 -8.73 -44.99 -6.43
CA VAL G 114 -7.64 -45.74 -7.03
C VAL G 114 -7.23 -45.08 -8.35
N PRO G 115 -5.92 -44.93 -8.59
CA PRO G 115 -5.49 -44.34 -9.83
C PRO G 115 -5.68 -45.32 -10.99
N ALA G 116 -5.58 -44.83 -12.22
CA ALA G 116 -5.59 -45.71 -13.40
C ALA G 116 -4.40 -46.73 -13.28
N GLY G 117 -4.32 -47.96 -13.67
CA GLY G 117 -5.23 -48.86 -14.01
C GLY G 117 -4.85 -49.82 -15.14
N GLU G 118 -4.20 -50.97 -14.89
CA GLU G 118 -4.52 -52.15 -15.71
C GLU G 118 -6.00 -52.47 -15.64
N HIS G 119 -6.57 -52.25 -14.48
CA HIS G 119 -8.02 -52.31 -14.33
C HIS G 119 -9.06 -51.38 -15.06
N GLY G 120 -9.00 -50.29 -15.81
CA GLY G 120 -8.18 -49.28 -16.08
C GLY G 120 -8.48 -47.87 -15.57
N PRO G 121 -9.56 -47.07 -15.91
CA PRO G 121 -9.33 -45.64 -15.49
C PRO G 121 -9.40 -45.40 -13.97
N ALA G 122 -8.93 -44.25 -13.51
CA ALA G 122 -9.00 -43.94 -12.05
C ALA G 122 -10.46 -44.01 -11.60
N LYS G 123 -10.70 -44.48 -10.37
CA LYS G 123 -12.05 -44.65 -9.85
C LYS G 123 -12.18 -44.07 -8.47
N ILE G 124 -13.39 -43.60 -8.22
CA ILE G 124 -13.89 -43.26 -6.89
C ILE G 124 -14.85 -44.38 -6.43
N PHE G 125 -14.72 -44.80 -5.18
CA PHE G 125 -15.56 -45.84 -4.59
C PHE G 125 -16.43 -45.26 -3.48
N LEU G 126 -17.71 -45.60 -3.50
CA LEU G 126 -18.74 -45.17 -2.55
C LEU G 126 -19.39 -46.39 -1.95
N ASN G 127 -19.48 -46.48 -0.61
CA ASN G 127 -20.36 -47.40 0.03
C ASN G 127 -21.65 -46.68 0.33
N GLN G 128 -22.77 -47.20 -0.13
CA GLN G 128 -24.08 -46.60 0.15
C GLN G 128 -24.73 -47.17 1.41
N LEU G 129 -25.49 -46.34 2.15
CA LEU G 129 -26.29 -46.85 3.27
C LEU G 129 -27.06 -48.14 2.97
N ASP G 130 -27.65 -48.16 1.78
CA ASP G 130 -28.46 -49.33 1.34
C ASP G 130 -27.66 -50.58 0.97
N GLY G 131 -26.37 -50.57 1.24
CA GLY G 131 -25.56 -51.75 1.17
C GLY G 131 -24.85 -52.05 -0.16
N HIS G 132 -24.89 -51.11 -1.09
CA HIS G 132 -24.12 -51.21 -2.36
C HIS G 132 -22.74 -50.63 -2.28
N ILE G 133 -21.80 -51.29 -2.94
CA ILE G 133 -20.48 -50.73 -3.26
C ILE G 133 -20.57 -50.24 -4.69
N VAL G 134 -20.15 -49.02 -4.93
CA VAL G 134 -20.22 -48.42 -6.28
C VAL G 134 -18.88 -47.93 -6.74
N ALA G 135 -18.52 -48.22 -7.98
CA ALA G 135 -17.30 -47.69 -8.60
C ALA G 135 -17.67 -46.64 -9.67
N LEU G 136 -17.10 -45.43 -9.50
CA LEU G 136 -17.33 -44.25 -10.35
C LEU G 136 -16.07 -43.88 -11.08
N ASN G 137 -16.18 -43.40 -12.33
CA ASN G 137 -15.02 -42.89 -13.02
C ASN G 137 -14.60 -41.59 -12.32
N ALA G 138 -13.36 -41.49 -11.92
CA ALA G 138 -12.91 -40.38 -11.09
C ALA G 138 -12.97 -39.00 -11.79
N LYS G 139 -12.83 -39.02 -13.12
CA LYS G 139 -12.86 -37.80 -13.93
C LYS G 139 -14.21 -37.43 -14.44
N THR G 140 -15.13 -38.39 -14.65
CA THR G 140 -16.43 -38.08 -15.25
C THR G 140 -17.62 -38.34 -14.37
N GLY G 141 -17.43 -39.13 -13.33
CA GLY G 141 -18.55 -39.54 -12.51
C GLY G 141 -19.40 -40.68 -13.04
N GLU G 142 -19.07 -41.24 -14.20
CA GLU G 142 -19.89 -42.32 -14.77
C GLU G 142 -19.86 -43.56 -13.87
N GLU G 143 -21.00 -44.15 -13.66
CA GLU G 143 -21.05 -45.40 -12.89
C GLU G 143 -20.43 -46.54 -13.67
N ILE G 144 -19.36 -47.16 -13.16
CA ILE G 144 -18.68 -48.23 -13.86
C ILE G 144 -19.23 -49.59 -13.47
N TRP G 145 -19.39 -49.83 -12.17
CA TRP G 145 -20.02 -51.04 -11.67
C TRP G 145 -20.61 -50.78 -10.31
N LYS G 146 -21.55 -51.63 -9.91
CA LYS G 146 -22.27 -51.54 -8.66
C LYS G 146 -22.69 -52.95 -8.21
N MET G 147 -22.35 -53.29 -6.97
CA MET G 147 -22.68 -54.61 -6.40
C MET G 147 -23.38 -54.48 -5.07
N GLU G 148 -24.16 -55.49 -4.76
CA GLU G 148 -24.84 -55.61 -3.48
C GLU G 148 -23.98 -56.29 -2.48
N ASN G 149 -23.63 -55.58 -1.39
CA ASN G 149 -22.89 -56.19 -0.30
C ASN G 149 -23.75 -56.64 0.88
N SER G 150 -24.67 -55.77 1.26
CA SER G 150 -25.44 -55.86 2.51
C SER G 150 -26.91 -55.58 2.20
N ASP G 151 -27.79 -56.30 2.90
CA ASP G 151 -29.21 -56.26 2.69
C ASP G 151 -29.95 -55.55 3.82
N ILE G 152 -30.53 -54.39 3.51
CA ILE G 152 -31.25 -53.62 4.55
C ILE G 152 -32.43 -54.36 5.14
N ALA G 153 -33.00 -55.31 4.40
CA ALA G 153 -34.12 -56.10 4.93
C ALA G 153 -33.70 -56.93 6.15
N MET G 154 -32.41 -57.29 6.20
CA MET G 154 -31.83 -57.95 7.36
C MET G 154 -31.29 -56.96 8.45
N GLY G 155 -31.50 -55.66 8.32
CA GLY G 155 -30.87 -54.65 9.22
C GLY G 155 -29.41 -54.40 8.88
N SER G 156 -28.96 -54.83 7.69
CA SER G 156 -27.54 -54.74 7.29
C SER G 156 -27.32 -53.57 6.33
N THR G 157 -26.47 -52.63 6.75
CA THR G 157 -26.15 -51.42 6.04
C THR G 157 -24.68 -51.24 5.82
N LEU G 158 -24.27 -50.14 5.18
CA LEU G 158 -22.86 -49.76 5.17
C LEU G 158 -22.73 -48.34 5.64
N THR G 159 -21.76 -48.12 6.52
CA THR G 159 -21.41 -46.81 6.94
C THR G 159 -19.91 -46.52 6.84
N GLY G 160 -19.05 -47.52 6.97
CA GLY G 160 -17.62 -47.34 6.82
C GLY G 160 -17.16 -47.12 5.37
N ALA G 161 -16.04 -46.41 5.21
CA ALA G 161 -15.47 -46.10 3.86
C ALA G 161 -14.93 -47.40 3.21
N PRO G 162 -14.97 -47.48 1.90
CA PRO G 162 -14.22 -48.52 1.24
C PRO G 162 -12.72 -48.32 1.40
N PHE G 163 -11.94 -49.33 1.13
CA PHE G 163 -10.48 -49.24 1.33
C PHE G 163 -9.79 -50.01 0.19
N VAL G 164 -8.91 -49.33 -0.56
CA VAL G 164 -8.31 -49.88 -1.77
C VAL G 164 -6.96 -50.50 -1.43
N VAL G 165 -6.77 -51.75 -1.81
CA VAL G 165 -5.45 -52.44 -1.60
C VAL G 165 -5.18 -53.23 -2.88
N LYS G 166 -4.07 -52.92 -3.51
CA LYS G 166 -3.69 -53.50 -4.83
C LYS G 166 -4.80 -53.30 -5.84
N ASP G 167 -5.36 -54.35 -6.40
CA ASP G 167 -6.47 -54.19 -7.32
C ASP G 167 -7.76 -54.68 -6.71
N LYS G 168 -7.88 -54.48 -5.41
CA LYS G 168 -9.09 -54.81 -4.68
C LYS G 168 -9.62 -53.61 -3.91
N VAL G 169 -10.93 -53.60 -3.67
CA VAL G 169 -11.58 -52.63 -2.74
C VAL G 169 -12.29 -53.43 -1.67
N LEU G 170 -11.95 -53.12 -0.41
CA LEU G 170 -12.54 -53.77 0.74
C LEU G 170 -13.77 -53.01 1.19
N VAL G 171 -14.83 -53.76 1.53
CA VAL G 171 -16.13 -53.24 1.92
C VAL G 171 -16.49 -53.94 3.22
N GLY G 172 -16.81 -53.16 4.25
CA GLY G 172 -17.11 -53.69 5.58
C GLY G 172 -18.57 -54.03 5.75
N SER G 173 -19.04 -53.83 6.96
CA SER G 173 -20.40 -54.24 7.32
C SER G 173 -20.87 -53.36 8.48
N ALA G 174 -22.19 -53.36 8.71
CA ALA G 174 -22.81 -52.61 9.82
C ALA G 174 -24.14 -53.20 10.10
N GLY G 175 -24.61 -52.98 11.32
CA GLY G 175 -25.88 -53.53 11.75
C GLY G 175 -25.77 -54.43 12.96
N ALA G 176 -24.71 -54.32 13.77
CA ALA G 176 -24.62 -55.22 14.95
C ALA G 176 -25.78 -54.96 15.94
N GLU G 177 -26.35 -53.76 15.93
CA GLU G 177 -27.52 -53.45 16.77
C GLU G 177 -28.77 -54.14 16.28
N LEU G 178 -28.69 -54.78 15.09
CA LEU G 178 -29.78 -55.54 14.52
C LEU G 178 -29.42 -57.03 14.30
N GLY G 179 -28.41 -57.50 15.01
CA GLY G 179 -27.97 -58.87 15.00
C GLY G 179 -27.34 -59.31 13.69
N VAL G 180 -26.72 -58.38 12.94
CA VAL G 180 -26.01 -58.72 11.73
C VAL G 180 -24.66 -59.33 12.10
N ARG G 181 -24.39 -60.50 11.55
CA ARG G 181 -23.10 -61.16 11.68
C ARG G 181 -22.12 -60.52 10.71
N GLY G 182 -21.02 -60.08 11.28
CA GLY G 182 -20.03 -59.25 10.58
C GLY G 182 -19.29 -60.00 9.49
N TYR G 183 -19.00 -59.27 8.42
CA TYR G 183 -18.15 -59.73 7.36
C TYR G 183 -17.52 -58.58 6.62
N VAL G 184 -16.33 -58.86 6.10
CA VAL G 184 -15.56 -57.95 5.28
C VAL G 184 -15.35 -58.65 3.95
N THR G 185 -15.38 -57.90 2.86
CA THR G 185 -15.40 -58.46 1.50
C THR G 185 -14.42 -57.72 0.62
N ALA G 186 -13.63 -58.45 -0.20
CA ALA G 186 -12.74 -57.80 -1.17
C ALA G 186 -13.35 -57.98 -2.56
N TYR G 187 -13.50 -56.88 -3.31
CA TYR G 187 -14.01 -56.90 -4.68
C TYR G 187 -12.92 -56.50 -5.62
N ASN G 188 -12.85 -57.17 -6.76
CA ASN G 188 -11.92 -56.74 -7.79
C ASN G 188 -12.29 -55.36 -8.37
N ILE G 189 -11.30 -54.46 -8.49
CA ILE G 189 -11.61 -53.07 -8.87
C ILE G 189 -12.04 -52.93 -10.32
N LYS G 190 -11.60 -53.84 -11.17
CA LYS G 190 -11.99 -53.80 -12.61
C LYS G 190 -13.48 -53.97 -12.83
N ASP G 191 -14.09 -54.93 -12.16
CA ASP G 191 -15.47 -55.39 -12.52
C ASP G 191 -16.41 -55.72 -11.35
N GLY G 192 -15.91 -55.55 -10.13
CA GLY G 192 -16.67 -55.85 -8.93
C GLY G 192 -16.80 -57.32 -8.57
N LYS G 193 -15.92 -58.16 -9.12
CA LYS G 193 -15.94 -59.61 -8.81
C LYS G 193 -15.55 -59.83 -7.37
N GLN G 194 -16.36 -60.53 -6.62
CA GLN G 194 -16.04 -60.84 -5.24
C GLN G 194 -14.86 -61.79 -5.19
N GLU G 195 -13.81 -61.39 -4.51
CA GLU G 195 -12.56 -62.16 -4.41
C GLU G 195 -12.47 -63.00 -3.15
N TRP G 196 -12.82 -62.42 -2.02
CA TRP G 196 -12.90 -63.14 -0.78
C TRP G 196 -13.77 -62.47 0.22
N ARG G 197 -14.23 -63.24 1.22
CA ARG G 197 -15.16 -62.69 2.23
C ARG G 197 -14.87 -63.37 3.53
N ALA G 198 -14.64 -62.60 4.59
CA ALA G 198 -14.21 -63.17 5.86
C ALA G 198 -15.22 -62.71 6.95
N TYR G 199 -15.81 -63.68 7.65
CA TYR G 199 -16.83 -63.40 8.66
C TYR G 199 -16.19 -63.27 10.05
N ALA G 200 -16.90 -62.64 10.99
CA ALA G 200 -16.33 -62.36 12.34
C ALA G 200 -16.66 -63.44 13.39
N THR G 201 -17.58 -64.32 13.05
CA THR G 201 -17.99 -65.42 13.95
C THR G 201 -18.25 -66.65 13.13
N GLY G 202 -18.37 -67.81 13.79
CA GLY G 202 -18.80 -69.02 13.06
C GLY G 202 -17.65 -69.98 12.79
N PRO G 203 -17.88 -70.90 11.82
CA PRO G 203 -16.85 -71.89 11.54
C PRO G 203 -15.59 -71.29 10.97
N ASP G 204 -14.49 -71.98 11.19
CA ASP G 204 -13.19 -71.51 10.78
C ASP G 204 -13.14 -71.22 9.26
N GLU G 205 -13.86 -71.99 8.43
CA GLU G 205 -13.83 -71.66 6.99
C GLU G 205 -14.42 -70.29 6.65
N ASP G 206 -15.38 -69.83 7.43
CA ASP G 206 -16.01 -68.52 7.24
C ASP G 206 -15.12 -67.38 7.79
N LEU G 207 -14.39 -67.67 8.87
CA LEU G 207 -13.47 -66.73 9.54
C LEU G 207 -12.29 -66.46 8.61
N LEU G 208 -11.95 -67.43 7.75
CA LEU G 208 -10.89 -67.30 6.74
C LEU G 208 -9.52 -67.16 7.39
N LEU G 209 -9.07 -68.25 7.98
CA LEU G 209 -7.88 -68.27 8.77
C LEU G 209 -6.73 -68.89 8.02
N ASP G 210 -5.57 -68.28 8.15
CA ASP G 210 -4.34 -68.94 7.70
C ASP G 210 -4.10 -70.22 8.56
N LYS G 211 -3.44 -71.20 7.98
CA LYS G 211 -3.09 -72.40 8.76
C LYS G 211 -2.15 -72.04 9.92
N ASP G 212 -1.47 -70.90 9.82
CA ASP G 212 -0.60 -70.43 10.89
C ASP G 212 -1.21 -69.31 11.73
N PHE G 213 -2.53 -69.18 11.70
CA PHE G 213 -3.24 -68.18 12.48
C PHE G 213 -2.76 -68.25 13.93
N ASN G 214 -2.33 -67.11 14.41
CA ASN G 214 -1.91 -66.89 15.79
C ASN G 214 -0.76 -67.82 16.24
N LYS G 215 0.07 -68.27 15.28
CA LYS G 215 1.28 -69.03 15.59
C LYS G 215 2.15 -68.34 16.61
N ASP G 216 2.28 -67.03 16.51
CA ASP G 216 3.15 -66.32 17.42
C ASP G 216 2.59 -66.10 18.84
N ASN G 217 1.28 -66.20 18.99
CA ASN G 217 0.60 -65.96 20.24
C ASN G 217 -0.56 -66.95 20.29
N PRO G 218 -0.24 -68.26 20.45
CA PRO G 218 -1.28 -69.29 20.51
C PRO G 218 -2.22 -69.09 21.68
N HIS G 219 -1.75 -68.41 22.73
CA HIS G 219 -2.59 -68.16 23.90
C HIS G 219 -3.73 -67.16 23.62
N TYR G 220 -3.70 -66.49 22.45
CA TYR G 220 -4.87 -65.68 22.01
C TYR G 220 -6.04 -66.54 21.59
N GLY G 221 -5.74 -67.80 21.27
CA GLY G 221 -6.70 -68.73 20.74
C GLY G 221 -6.41 -68.98 19.29
N GLN G 222 -6.75 -70.16 18.80
CA GLN G 222 -6.53 -70.48 17.41
C GLN G 222 -7.82 -70.96 16.73
N PHE G 223 -7.98 -72.27 16.62
CA PHE G 223 -9.02 -72.88 15.80
C PHE G 223 -10.26 -73.25 16.55
N GLY G 224 -11.40 -73.19 15.86
CA GLY G 224 -12.68 -73.63 16.40
C GLY G 224 -13.43 -72.70 17.32
N LEU G 225 -12.84 -71.55 17.62
CA LEU G 225 -13.35 -70.65 18.65
C LEU G 225 -14.51 -69.75 18.18
N GLY G 226 -14.67 -69.60 16.86
CA GLY G 226 -15.80 -68.92 16.34
C GLY G 226 -17.13 -69.62 16.56
N LEU G 227 -17.02 -70.93 16.86
CA LEU G 227 -18.11 -71.78 17.30
C LEU G 227 -18.12 -72.08 18.79
N SER G 228 -16.98 -72.48 19.34
CA SER G 228 -16.90 -73.02 20.70
C SER G 228 -17.08 -71.96 21.76
N THR G 229 -16.97 -70.66 21.39
CA THR G 229 -17.15 -69.60 22.36
C THR G 229 -18.56 -69.00 22.30
N TRP G 230 -19.48 -69.77 21.70
CA TRP G 230 -20.90 -69.42 21.66
C TRP G 230 -21.66 -70.70 22.06
N GLU G 231 -22.92 -70.50 22.45
CA GLU G 231 -23.84 -71.58 22.77
C GLU G 231 -24.67 -71.79 21.55
N GLY G 232 -24.54 -72.97 20.94
CA GLY G 232 -25.39 -73.34 19.87
C GLY G 232 -25.15 -72.41 18.70
N ASP G 233 -26.24 -71.99 18.06
CA ASP G 233 -26.17 -71.19 16.85
C ASP G 233 -26.23 -69.65 17.10
N ALA G 234 -26.00 -69.18 18.33
CA ALA G 234 -26.10 -67.74 18.63
C ALA G 234 -25.13 -66.91 17.79
N TRP G 235 -24.01 -67.52 17.35
CA TRP G 235 -23.07 -66.84 16.41
C TRP G 235 -23.66 -66.36 15.11
N LYS G 236 -24.79 -66.98 14.66
CA LYS G 236 -25.38 -66.66 13.35
C LYS G 236 -25.85 -65.20 13.29
N ILE G 237 -26.19 -64.67 14.47
CA ILE G 237 -26.72 -63.30 14.60
C ILE G 237 -25.78 -62.53 15.55
N GLY G 238 -24.49 -62.88 15.51
CA GLY G 238 -23.58 -62.60 16.61
C GLY G 238 -22.83 -61.29 16.56
N GLY G 239 -23.13 -60.39 15.62
CA GLY G 239 -22.38 -59.09 15.51
C GLY G 239 -20.98 -59.24 14.93
N GLY G 240 -20.08 -58.32 15.30
CA GLY G 240 -18.73 -58.29 14.79
C GLY G 240 -18.63 -57.61 13.46
N THR G 241 -19.63 -56.83 13.07
CA THR G 241 -19.55 -55.95 11.93
C THR G 241 -18.32 -55.01 12.00
N ASN G 242 -17.78 -54.64 10.83
CA ASN G 242 -16.62 -53.78 10.76
C ASN G 242 -16.96 -52.52 9.99
N TRP G 243 -17.28 -51.46 10.73
CA TRP G 243 -17.66 -50.18 10.12
C TRP G 243 -16.63 -49.02 10.32
N GLY G 244 -15.45 -49.33 10.83
CA GLY G 244 -14.39 -48.38 11.05
C GLY G 244 -13.35 -48.34 9.92
N TRP G 245 -12.12 -48.34 10.33
CA TRP G 245 -11.01 -47.99 9.43
C TRP G 245 -9.99 -49.07 9.34
N TYR G 246 -9.17 -49.01 8.28
CA TYR G 246 -8.18 -50.05 8.01
C TYR G 246 -6.81 -49.44 7.90
N ALA G 247 -5.79 -50.27 8.07
CA ALA G 247 -4.44 -49.92 7.68
C ALA G 247 -3.84 -51.05 6.86
N TYR G 248 -2.73 -50.78 6.21
CA TYR G 248 -2.07 -51.78 5.32
C TYR G 248 -0.56 -51.53 5.38
N ASP G 249 0.21 -52.62 5.46
CA ASP G 249 1.65 -52.59 5.40
C ASP G 249 1.99 -53.36 4.11
N PRO G 250 2.46 -52.66 3.07
CA PRO G 250 2.79 -53.33 1.80
C PRO G 250 3.99 -54.29 1.85
N LYS G 251 4.94 -54.08 2.76
CA LYS G 251 6.11 -54.97 2.97
C LYS G 251 5.67 -56.35 3.47
N LEU G 252 4.77 -56.39 4.44
CA LEU G 252 4.18 -57.64 4.96
C LEU G 252 2.98 -58.12 4.17
N ASP G 253 2.41 -57.23 3.35
CA ASP G 253 1.22 -57.50 2.55
C ASP G 253 0.03 -57.86 3.46
N MET G 254 -0.15 -57.04 4.50
CA MET G 254 -1.14 -57.32 5.54
C MET G 254 -2.06 -56.11 5.75
N ILE G 255 -3.32 -56.43 5.91
CA ILE G 255 -4.42 -55.51 6.18
C ILE G 255 -4.84 -55.65 7.63
N TYR G 256 -5.05 -54.51 8.29
CA TYR G 256 -5.43 -54.44 9.70
C TYR G 256 -6.76 -53.72 9.89
N TYR G 257 -7.67 -54.28 10.72
CA TYR G 257 -8.90 -53.64 11.05
C TYR G 257 -9.45 -54.32 12.28
N GLY G 258 -10.49 -53.73 12.84
CA GLY G 258 -11.10 -54.28 14.02
C GLY G 258 -12.52 -54.71 13.78
N SER G 259 -12.92 -55.87 14.31
CA SER G 259 -14.33 -56.27 14.24
C SER G 259 -15.11 -55.74 15.50
N GLY G 260 -16.39 -55.51 15.31
CA GLY G 260 -17.24 -54.87 16.28
C GLY G 260 -17.82 -55.74 17.38
N ASN G 261 -18.83 -55.18 18.04
CA ASN G 261 -19.40 -55.79 19.21
C ASN G 261 -20.27 -57.01 18.85
N PRO G 262 -20.39 -57.94 19.83
CA PRO G 262 -21.33 -59.03 19.70
C PRO G 262 -22.77 -58.56 19.93
N ALA G 263 -23.72 -59.29 19.33
CA ALA G 263 -25.10 -59.03 19.44
C ALA G 263 -25.79 -60.19 20.18
N PRO G 264 -26.79 -59.91 21.01
CA PRO G 264 -27.35 -58.57 21.32
C PRO G 264 -26.48 -57.85 22.35
N TRP G 265 -26.87 -56.66 22.80
CA TRP G 265 -26.13 -55.97 23.86
C TRP G 265 -26.29 -56.68 25.21
N ASN G 266 -27.44 -57.32 25.38
CA ASN G 266 -27.74 -58.21 26.50
C ASN G 266 -26.79 -59.41 26.62
N GLU G 267 -25.79 -59.28 27.51
CA GLU G 267 -24.71 -60.25 27.58
C GLU G 267 -25.19 -61.63 28.01
N THR G 268 -26.23 -61.63 28.84
CA THR G 268 -26.76 -62.88 29.43
C THR G 268 -27.35 -63.80 28.38
N MET G 269 -27.80 -63.22 27.24
CA MET G 269 -28.37 -64.01 26.12
C MET G 269 -27.31 -64.69 25.22
N ARG G 270 -26.03 -64.42 25.48
CA ARG G 270 -24.95 -64.96 24.67
C ARG G 270 -23.71 -65.34 25.51
N PRO G 271 -23.89 -66.34 26.39
CA PRO G 271 -22.72 -66.82 27.15
C PRO G 271 -21.58 -67.19 26.25
N GLY G 272 -20.37 -66.90 26.72
CA GLY G 272 -19.16 -67.21 25.99
C GLY G 272 -18.32 -66.01 25.58
N ASP G 273 -17.06 -66.27 25.28
CA ASP G 273 -16.12 -65.26 24.78
C ASP G 273 -16.61 -64.55 23.50
N ASN G 274 -17.48 -65.17 22.74
CA ASN G 274 -18.09 -64.53 21.58
C ASN G 274 -17.06 -64.19 20.47
N LYS G 275 -16.05 -65.03 20.33
CA LYS G 275 -15.02 -64.79 19.29
C LYS G 275 -15.63 -64.94 17.88
N TRP G 276 -15.17 -64.20 16.89
CA TRP G 276 -14.09 -63.23 16.97
C TRP G 276 -14.60 -61.80 16.84
N THR G 277 -15.63 -61.50 17.60
CA THR G 277 -16.04 -60.12 17.82
C THR G 277 -14.95 -59.42 18.58
N MET G 278 -14.93 -58.09 18.49
CA MET G 278 -13.98 -57.31 19.30
C MET G 278 -12.50 -57.65 19.09
N THR G 279 -12.10 -57.93 17.85
CA THR G 279 -10.83 -58.46 17.53
C THR G 279 -10.01 -57.56 16.58
N ILE G 280 -8.74 -57.35 16.94
CA ILE G 280 -7.71 -56.79 16.07
C ILE G 280 -7.22 -57.88 15.07
N TRP G 281 -7.41 -57.63 13.80
CA TRP G 281 -7.06 -58.65 12.75
C TRP G 281 -5.87 -58.18 11.95
N GLY G 282 -5.03 -59.14 11.54
CA GLY G 282 -3.98 -58.95 10.55
C GLY G 282 -4.24 -59.97 9.46
N ARG G 283 -4.66 -59.52 8.28
CA ARG G 283 -5.11 -60.45 7.20
C ARG G 283 -4.18 -60.29 6.01
N ASP G 284 -3.80 -61.43 5.38
CA ASP G 284 -3.12 -61.41 4.04
C ASP G 284 -3.98 -60.64 3.02
N ALA G 285 -3.37 -59.75 2.25
CA ALA G 285 -4.19 -58.91 1.31
C ALA G 285 -4.82 -59.69 0.17
N ASP G 286 -4.05 -60.61 -0.42
CA ASP G 286 -4.50 -61.32 -1.60
C ASP G 286 -5.61 -62.34 -1.27
N THR G 287 -5.51 -63.05 -0.15
CA THR G 287 -6.39 -64.14 0.17
C THR G 287 -7.38 -63.85 1.28
N GLY G 288 -7.18 -62.76 1.99
CA GLY G 288 -7.92 -62.47 3.18
C GLY G 288 -7.63 -63.35 4.40
N ARG G 289 -6.69 -64.30 4.31
CA ARG G 289 -6.46 -65.23 5.41
C ARG G 289 -5.82 -64.54 6.62
N ALA G 290 -6.41 -64.75 7.76
CA ALA G 290 -5.94 -64.10 8.99
C ALA G 290 -4.64 -64.75 9.46
N LYS G 291 -3.62 -63.93 9.61
CA LYS G 291 -2.38 -64.33 10.30
C LYS G 291 -2.42 -64.17 11.78
N PHE G 292 -3.11 -63.14 12.26
CA PHE G 292 -3.32 -62.98 13.67
C PHE G 292 -4.68 -62.33 13.94
N GLY G 293 -5.13 -62.54 15.16
CA GLY G 293 -6.39 -62.10 15.66
C GLY G 293 -6.29 -61.98 17.18
N TYR G 294 -6.40 -60.77 17.70
CA TYR G 294 -6.32 -60.53 19.14
C TYR G 294 -7.66 -60.02 19.63
N GLN G 295 -8.34 -60.79 20.48
CA GLN G 295 -9.60 -60.36 21.01
C GLN G 295 -9.42 -59.42 22.22
N LYS G 296 -9.83 -58.17 22.04
CA LYS G 296 -9.59 -57.14 23.06
C LYS G 296 -10.57 -57.27 24.22
N THR G 297 -11.83 -57.52 23.90
CA THR G 297 -12.94 -57.49 24.85
C THR G 297 -13.70 -58.79 24.70
N PRO G 298 -13.19 -59.85 25.34
CA PRO G 298 -13.96 -61.11 25.38
C PRO G 298 -15.30 -60.96 26.07
N HIS G 299 -16.35 -61.59 25.52
CA HIS G 299 -17.67 -61.52 26.08
C HIS G 299 -18.03 -60.09 26.43
N ASP G 300 -18.13 -59.25 25.42
CA ASP G 300 -18.46 -57.84 25.67
C ASP G 300 -19.76 -57.68 26.49
N GLU G 301 -19.72 -56.76 27.44
CA GLU G 301 -20.90 -56.45 28.27
C GLU G 301 -21.29 -54.98 28.15
N TRP G 302 -20.68 -54.24 27.25
CA TRP G 302 -20.74 -52.75 27.28
C TRP G 302 -20.93 -52.11 25.92
N ASP G 303 -21.05 -52.89 24.83
CA ASP G 303 -20.93 -52.36 23.47
C ASP G 303 -19.63 -51.54 23.25
N TYR G 304 -18.49 -52.06 23.63
CA TYR G 304 -17.23 -51.39 23.25
C TYR G 304 -16.79 -51.79 21.82
N ALA G 305 -17.63 -51.54 20.82
CA ALA G 305 -17.43 -52.07 19.48
C ALA G 305 -16.03 -51.77 19.00
N GLY G 306 -15.31 -52.81 18.62
CA GLY G 306 -13.90 -52.77 18.37
C GLY G 306 -13.41 -52.27 17.04
N VAL G 307 -14.08 -51.27 16.50
CA VAL G 307 -13.90 -50.84 15.10
C VAL G 307 -13.00 -49.60 14.90
N ASN G 308 -12.38 -49.11 15.94
CA ASN G 308 -11.60 -47.87 15.82
C ASN G 308 -10.36 -47.98 14.96
N TYR G 309 -9.80 -46.83 14.60
CA TYR G 309 -8.73 -46.82 13.63
C TYR G 309 -7.42 -47.50 14.14
N MET G 310 -6.59 -47.83 13.15
CA MET G 310 -5.28 -48.48 13.34
C MET G 310 -4.23 -47.54 12.79
N GLY G 311 -3.35 -47.02 13.67
CA GLY G 311 -2.28 -46.08 13.25
C GLY G 311 -0.97 -46.83 13.26
N LEU G 312 -0.32 -46.97 12.12
CA LEU G 312 0.94 -47.72 12.08
C LEU G 312 2.12 -46.83 12.32
N SER G 313 3.16 -47.37 12.96
CA SER G 313 4.38 -46.59 13.17
C SER G 313 5.52 -47.56 13.37
N GLU G 314 6.73 -47.06 13.34
CA GLU G 314 7.91 -47.89 13.66
C GLU G 314 8.68 -47.23 14.81
N GLN G 315 8.72 -47.87 15.99
CA GLN G 315 9.28 -47.24 17.17
C GLN G 315 10.09 -48.28 17.91
N GLU G 316 10.96 -47.82 18.77
CA GLU G 316 11.78 -48.72 19.57
C GLU G 316 11.00 -49.35 20.66
N VAL G 317 11.14 -50.67 20.84
CA VAL G 317 10.55 -51.40 21.94
C VAL G 317 11.70 -52.17 22.59
N ASP G 318 11.96 -51.91 23.87
CA ASP G 318 13.18 -52.41 24.54
C ASP G 318 14.42 -52.22 23.73
N GLY G 319 14.58 -51.03 23.17
CA GLY G 319 15.73 -50.75 22.32
C GLY G 319 15.74 -51.27 20.92
N LYS G 320 14.72 -52.00 20.45
CA LYS G 320 14.72 -52.50 19.09
C LYS G 320 13.63 -51.81 18.21
N LEU G 321 14.02 -51.29 17.04
CA LEU G 321 13.06 -50.65 16.15
C LEU G 321 12.07 -51.71 15.60
N THR G 322 10.78 -51.50 15.84
CA THR G 322 9.77 -52.51 15.62
C THR G 322 8.56 -51.92 14.85
N PRO G 323 8.04 -52.66 13.85
CA PRO G 323 6.81 -52.22 13.14
C PRO G 323 5.58 -52.51 14.05
N LEU G 324 4.81 -51.45 14.31
CA LEU G 324 3.75 -51.45 15.28
C LEU G 324 2.44 -51.03 14.60
N LEU G 325 1.34 -51.42 15.22
CA LEU G 325 0.04 -50.73 15.09
C LEU G 325 -0.36 -50.19 16.45
N THR G 326 -1.06 -49.07 16.44
CA THR G 326 -1.60 -48.45 17.64
C THR G 326 -3.10 -48.21 17.41
N HIS G 327 -3.90 -48.54 18.41
CA HIS G 327 -5.34 -48.67 18.23
C HIS G 327 -6.09 -48.24 19.50
N PRO G 328 -6.65 -46.98 19.53
CA PRO G 328 -7.38 -46.56 20.75
C PRO G 328 -8.78 -47.13 20.71
N ASP G 329 -9.06 -48.13 21.53
CA ASP G 329 -10.37 -48.80 21.51
C ASP G 329 -11.46 -48.04 22.26
N ARG G 330 -12.71 -48.28 21.86
CA ARG G 330 -13.89 -47.86 22.64
C ARG G 330 -13.77 -48.22 24.14
N ASN G 331 -13.15 -49.34 24.41
CA ASN G 331 -13.05 -49.80 25.81
C ASN G 331 -12.11 -48.97 26.70
N GLY G 332 -11.52 -47.92 26.12
CA GLY G 332 -10.66 -47.01 26.90
C GLY G 332 -9.24 -47.45 27.04
N LEU G 333 -8.88 -48.55 26.41
CA LEU G 333 -7.49 -48.94 26.31
C LEU G 333 -6.88 -48.56 24.98
N VAL G 334 -5.65 -48.12 25.01
CA VAL G 334 -4.83 -47.90 23.79
C VAL G 334 -3.89 -49.11 23.60
N TYR G 335 -4.15 -49.87 22.55
CA TYR G 335 -3.40 -51.10 22.27
C TYR G 335 -2.29 -50.83 21.31
N THR G 336 -1.08 -51.32 21.61
CA THR G 336 0.01 -51.27 20.66
C THR G 336 0.49 -52.69 20.50
N LEU G 337 0.46 -53.17 19.27
CA LEU G 337 0.89 -54.52 18.90
C LEU G 337 2.02 -54.47 17.88
N ASN G 338 2.90 -55.46 17.92
CA ASN G 338 3.77 -55.78 16.81
C ASN G 338 2.89 -56.17 15.63
N ARG G 339 2.99 -55.47 14.50
CA ARG G 339 2.04 -55.66 13.39
C ARG G 339 2.41 -56.78 12.47
N GLU G 340 3.59 -57.34 12.70
CA GLU G 340 4.04 -58.54 12.03
C GLU G 340 3.58 -59.79 12.77
N THR G 341 3.85 -59.86 14.08
CA THR G 341 3.56 -61.07 14.89
C THR G 341 2.22 -61.05 15.62
N GLY G 342 1.61 -59.87 15.75
CA GLY G 342 0.46 -59.71 16.57
C GLY G 342 0.72 -59.63 18.06
N ALA G 343 1.98 -59.72 18.51
CA ALA G 343 2.35 -59.71 19.97
C ALA G 343 2.01 -58.33 20.62
N LEU G 344 1.50 -58.38 21.83
CA LEU G 344 1.07 -57.22 22.57
C LEU G 344 2.30 -56.48 23.08
N VAL G 345 2.40 -55.20 22.81
CA VAL G 345 3.53 -54.37 23.30
C VAL G 345 3.07 -53.62 24.52
N ASN G 346 1.95 -52.95 24.39
CA ASN G 346 1.30 -52.28 25.50
C ASN G 346 -0.22 -52.18 25.34
N ALA G 347 -0.90 -51.90 26.43
CA ALA G 347 -2.34 -51.69 26.45
C ALA G 347 -2.55 -50.85 27.68
N PHE G 348 -2.67 -49.54 27.52
CA PHE G 348 -2.76 -48.66 28.68
C PHE G 348 -4.08 -47.89 28.63
N LYS G 349 -4.54 -47.43 29.80
CA LYS G 349 -5.75 -46.69 29.84
C LYS G 349 -5.59 -45.31 29.23
N ILE G 350 -6.52 -44.94 28.33
CA ILE G 350 -6.48 -43.60 27.73
C ILE G 350 -6.82 -42.50 28.74
N ASP G 351 -7.52 -42.87 29.81
CA ASP G 351 -7.80 -42.00 30.93
C ASP G 351 -7.86 -42.94 32.12
N ASP G 352 -7.35 -42.47 33.27
CA ASP G 352 -7.27 -43.38 34.43
C ASP G 352 -8.64 -43.76 35.05
N THR G 353 -9.71 -43.07 34.68
CA THR G 353 -11.03 -43.42 35.19
C THR G 353 -11.69 -44.69 34.60
N VAL G 354 -11.13 -45.26 33.54
CA VAL G 354 -11.63 -46.51 32.95
C VAL G 354 -11.73 -47.51 34.10
N ASN G 355 -12.87 -48.19 34.24
CA ASN G 355 -13.06 -49.09 35.41
C ASN G 355 -13.65 -50.49 35.15
N TRP G 356 -14.09 -50.81 33.94
CA TRP G 356 -14.63 -52.17 33.67
C TRP G 356 -13.50 -53.21 33.80
N VAL G 357 -12.27 -52.73 33.52
CA VAL G 357 -11.04 -53.49 33.51
C VAL G 357 -10.11 -52.87 34.58
N LYS G 358 -9.43 -53.71 35.36
CA LYS G 358 -8.36 -53.26 36.26
C LYS G 358 -7.09 -52.96 35.46
N LYS G 359 -6.62 -53.95 34.70
CA LYS G 359 -5.55 -53.77 33.75
C LYS G 359 -5.56 -54.92 32.77
N VAL G 360 -4.81 -54.74 31.70
CA VAL G 360 -4.54 -55.84 30.80
C VAL G 360 -3.21 -56.49 31.23
N ASP G 361 -3.23 -57.80 31.45
CA ASP G 361 -1.99 -58.50 31.77
C ASP G 361 -1.30 -58.73 30.43
N LEU G 362 -0.18 -58.08 30.21
CA LEU G 362 0.43 -58.07 28.87
C LEU G 362 0.98 -59.45 28.44
N LYS G 363 1.38 -60.27 29.37
CA LYS G 363 1.89 -61.61 29.00
C LYS G 363 0.78 -62.63 28.74
N THR G 364 -0.37 -62.57 29.41
CA THR G 364 -1.51 -63.45 29.07
C THR G 364 -2.39 -62.85 28.01
N GLY G 365 -2.34 -61.52 27.88
CA GLY G 365 -3.19 -60.84 26.91
C GLY G 365 -4.61 -60.58 27.37
N LEU G 366 -4.91 -60.90 28.61
CA LEU G 366 -6.29 -60.85 29.07
C LEU G 366 -6.59 -59.59 29.90
N PRO G 367 -7.76 -58.99 29.66
CA PRO G 367 -8.18 -57.86 30.47
C PRO G 367 -8.74 -58.44 31.73
N ILE G 368 -8.20 -58.01 32.86
CA ILE G 368 -8.64 -58.49 34.16
C ILE G 368 -9.87 -57.68 34.53
N ARG G 369 -11.01 -58.34 34.56
CA ARG G 369 -12.26 -57.62 34.65
C ARG G 369 -12.57 -57.28 36.12
N ASP G 370 -13.23 -56.15 36.36
CA ASP G 370 -13.67 -55.75 37.71
C ASP G 370 -15.16 -56.07 37.78
N PRO G 371 -15.53 -57.11 38.54
CA PRO G 371 -16.96 -57.50 38.53
C PRO G 371 -17.91 -56.45 39.02
N GLU G 372 -17.42 -55.43 39.77
CA GLU G 372 -18.25 -54.34 40.17
C GLU G 372 -18.79 -53.48 38.99
N TYR G 373 -18.17 -53.55 37.83
CA TYR G 373 -18.62 -52.77 36.66
C TYR G 373 -19.05 -53.66 35.51
N SER G 374 -19.42 -54.90 35.85
CA SER G 374 -20.02 -55.81 34.88
C SER G 374 -21.45 -55.45 34.57
N THR G 375 -21.97 -56.04 33.49
CA THR G 375 -23.39 -55.97 33.22
C THR G 375 -23.96 -57.40 33.14
N ARG G 376 -25.26 -57.47 33.43
CA ARG G 376 -25.97 -58.74 33.57
C ARG G 376 -27.44 -58.51 33.76
N MET G 377 -28.21 -59.49 33.31
CA MET G 377 -29.67 -59.52 33.51
C MET G 377 -30.03 -59.34 34.98
N ASP G 378 -31.11 -58.64 35.17
CA ASP G 378 -31.67 -58.37 36.52
C ASP G 378 -30.79 -57.58 37.43
N HIS G 379 -30.00 -56.69 36.86
CA HIS G 379 -29.16 -55.81 37.67
C HIS G 379 -29.01 -54.50 36.90
N ASN G 380 -29.19 -53.36 37.56
CA ASN G 380 -28.89 -52.05 36.89
C ASN G 380 -27.52 -51.62 37.30
N ALA G 381 -26.55 -51.80 36.39
CA ALA G 381 -25.15 -51.49 36.62
C ALA G 381 -24.95 -49.98 36.66
N LYS G 382 -24.21 -49.47 37.66
CA LYS G 382 -23.99 -48.03 37.76
C LYS G 382 -22.57 -47.61 37.63
N GLY G 383 -22.36 -46.47 36.96
CA GLY G 383 -21.07 -45.79 36.96
C GLY G 383 -19.93 -46.51 36.18
N ILE G 384 -20.25 -47.22 35.09
CA ILE G 384 -19.27 -47.86 34.26
C ILE G 384 -18.62 -46.85 33.33
N CYS G 385 -17.30 -46.85 33.31
CA CYS G 385 -16.49 -46.03 32.46
C CYS G 385 -15.57 -46.95 31.62
N PRO G 386 -15.48 -46.76 30.29
CA PRO G 386 -16.34 -45.86 29.51
C PRO G 386 -17.81 -46.29 29.34
N SER G 387 -18.64 -45.35 28.88
CA SER G 387 -19.94 -45.75 28.28
C SER G 387 -19.75 -46.51 26.95
N ALA G 388 -20.86 -47.02 26.43
CA ALA G 388 -20.88 -47.59 25.12
C ALA G 388 -20.34 -46.68 24.03
N MET G 389 -20.39 -45.36 24.24
CA MET G 389 -19.86 -44.44 23.23
C MET G 389 -18.34 -44.46 23.16
N GLY G 390 -17.72 -45.08 24.18
CA GLY G 390 -16.31 -45.24 24.33
C GLY G 390 -15.64 -43.97 24.88
N TYR G 391 -14.40 -44.16 25.38
CA TYR G 391 -13.46 -43.05 25.59
C TYR G 391 -12.80 -42.68 24.29
N HIS G 392 -12.98 -43.51 23.26
CA HIS G 392 -12.59 -43.15 21.90
C HIS G 392 -13.62 -43.77 20.97
N ASN G 393 -14.02 -43.04 19.91
CA ASN G 393 -14.96 -43.58 18.91
C ASN G 393 -14.28 -43.54 17.51
N GLN G 394 -15.06 -43.30 16.47
CA GLN G 394 -14.69 -43.41 15.07
C GLN G 394 -13.71 -42.40 14.48
N GLY G 395 -13.25 -41.39 15.24
CA GLY G 395 -12.29 -40.42 14.69
C GLY G 395 -10.97 -41.09 14.32
N ILE G 396 -10.45 -40.73 13.17
CA ILE G 396 -9.11 -41.11 12.78
C ILE G 396 -8.15 -40.11 13.41
N GLU G 397 -7.20 -40.65 14.15
CA GLU G 397 -6.19 -39.85 14.85
C GLU G 397 -4.84 -39.70 14.09
N SER G 398 -3.85 -39.03 14.73
CA SER G 398 -2.70 -38.59 14.00
C SER G 398 -1.44 -38.91 14.79
N TYR G 399 -0.34 -38.96 14.07
CA TYR G 399 0.93 -39.37 14.62
C TYR G 399 2.04 -38.52 14.05
N ASP G 400 2.79 -37.83 14.94
CA ASP G 400 3.95 -37.07 14.56
C ASP G 400 5.16 -37.94 14.75
N PRO G 401 5.78 -38.38 13.64
CA PRO G 401 6.88 -39.36 13.73
C PRO G 401 8.19 -38.74 14.25
N ASP G 402 8.34 -37.42 14.25
CA ASP G 402 9.51 -36.75 14.86
C ASP G 402 9.40 -36.76 16.38
N LYS G 403 8.21 -36.47 16.88
CA LYS G 403 7.91 -36.42 18.31
C LYS G 403 7.61 -37.79 18.94
N LYS G 404 7.25 -38.77 18.10
CA LYS G 404 6.70 -40.07 18.50
C LYS G 404 5.48 -39.89 19.39
N LEU G 405 4.60 -38.96 19.03
CA LEU G 405 3.39 -38.79 19.72
C LEU G 405 2.17 -38.97 18.82
N PHE G 406 1.16 -39.62 19.38
CA PHE G 406 -0.22 -39.67 18.87
C PHE G 406 -1.02 -38.61 19.51
N PHE G 407 -1.85 -37.94 18.71
CA PHE G 407 -2.74 -36.89 19.18
C PHE G 407 -4.16 -37.40 18.94
N MET G 408 -4.97 -37.41 20.00
CA MET G 408 -6.30 -38.00 19.96
C MET G 408 -7.37 -37.12 20.56
N GLY G 409 -8.53 -37.07 19.92
CA GLY G 409 -9.77 -36.56 20.47
C GLY G 409 -10.38 -37.69 21.29
N VAL G 410 -10.72 -37.39 22.54
CA VAL G 410 -11.10 -38.42 23.56
C VAL G 410 -12.46 -38.01 24.09
N ASN G 411 -13.22 -39.02 24.52
CA ASN G 411 -14.53 -38.84 25.08
C ASN G 411 -14.41 -39.20 26.58
N HIS G 412 -15.17 -38.47 27.40
CA HIS G 412 -15.17 -38.70 28.84
C HIS G 412 -16.63 -38.91 29.22
N ILE G 413 -17.17 -40.09 28.96
CA ILE G 413 -18.62 -40.37 29.10
C ILE G 413 -18.72 -41.68 29.85
N CYS G 414 -19.58 -41.76 30.87
CA CYS G 414 -19.81 -43.00 31.66
C CYS G 414 -21.29 -43.32 31.64
N MET G 415 -21.70 -44.50 32.16
CA MET G 415 -23.07 -44.97 32.04
C MET G 415 -23.59 -45.88 33.16
N ASP G 416 -24.91 -45.90 33.24
CA ASP G 416 -25.68 -47.01 33.82
C ASP G 416 -26.25 -47.90 32.72
N TRP G 417 -26.43 -49.16 33.04
CA TRP G 417 -26.80 -50.16 32.04
C TRP G 417 -27.58 -51.25 32.67
N GLU G 418 -28.78 -51.52 32.14
CA GLU G 418 -29.55 -52.70 32.53
C GLU G 418 -30.06 -53.44 31.28
N PRO G 419 -29.80 -54.73 31.15
CA PRO G 419 -30.28 -55.47 29.95
C PRO G 419 -31.75 -55.91 30.06
N PHE G 420 -32.37 -56.31 28.97
CA PHE G 420 -33.68 -56.95 29.05
C PHE G 420 -33.75 -58.02 27.93
N MET G 421 -34.60 -59.03 28.14
CA MET G 421 -34.78 -60.11 27.16
C MET G 421 -35.54 -59.56 25.98
N LEU G 422 -35.24 -60.04 24.80
CA LEU G 422 -36.01 -59.74 23.65
C LEU G 422 -35.74 -60.81 22.58
N PRO G 423 -36.65 -60.92 21.60
CA PRO G 423 -36.45 -61.89 20.50
C PRO G 423 -35.68 -61.26 19.37
N TYR G 424 -35.05 -62.11 18.58
CA TYR G 424 -34.47 -61.70 17.30
C TYR G 424 -35.49 -61.90 16.23
N ARG G 425 -35.76 -60.83 15.50
CA ARG G 425 -36.52 -60.91 14.28
C ARG G 425 -35.74 -60.14 13.22
N ALA G 426 -35.42 -60.79 12.09
CA ALA G 426 -34.52 -60.17 11.11
C ALA G 426 -35.20 -58.92 10.59
N GLY G 427 -34.45 -57.84 10.54
CA GLY G 427 -34.92 -56.56 10.08
C GLY G 427 -35.31 -55.62 11.21
N GLN G 428 -35.44 -56.15 12.43
CA GLN G 428 -35.80 -55.39 13.61
C GLN G 428 -34.57 -55.18 14.49
N PHE G 429 -34.59 -54.12 15.28
CA PHE G 429 -33.52 -53.92 16.22
C PHE G 429 -33.37 -55.09 17.23
N PHE G 430 -32.17 -55.29 17.71
CA PHE G 430 -31.80 -56.43 18.56
C PHE G 430 -30.75 -55.96 19.55
N VAL G 431 -31.17 -54.94 20.32
CA VAL G 431 -30.26 -54.30 21.32
C VAL G 431 -30.42 -54.98 22.68
N GLY G 432 -31.54 -54.75 23.35
CA GLY G 432 -31.75 -55.44 24.63
C GLY G 432 -31.02 -54.88 25.85
N ALA G 433 -30.87 -53.56 25.89
CA ALA G 433 -30.32 -52.87 27.07
C ALA G 433 -30.81 -51.45 27.11
N THR G 434 -30.95 -50.96 28.33
CA THR G 434 -31.36 -49.58 28.56
C THR G 434 -30.20 -48.86 29.23
N LEU G 435 -29.75 -47.74 28.62
CA LEU G 435 -28.56 -47.00 29.06
C LEU G 435 -28.91 -45.57 29.44
N ASN G 436 -28.22 -45.02 30.43
CA ASN G 436 -28.27 -43.60 30.71
C ASN G 436 -26.82 -43.17 30.86
N MET G 437 -26.46 -42.05 30.24
CA MET G 437 -25.03 -41.62 30.11
C MET G 437 -24.83 -40.24 30.66
N TYR G 438 -23.61 -39.98 31.06
CA TYR G 438 -23.25 -38.73 31.72
C TYR G 438 -21.76 -38.54 31.67
N PRO G 439 -21.26 -37.33 32.03
CA PRO G 439 -19.84 -37.15 32.02
C PRO G 439 -19.11 -38.07 32.95
N GLY G 440 -17.88 -38.35 32.60
CA GLY G 440 -17.02 -39.07 33.52
C GLY G 440 -16.63 -38.27 34.73
N PRO G 441 -15.82 -38.88 35.59
CA PRO G 441 -15.51 -38.25 36.88
C PRO G 441 -14.88 -36.84 36.87
N LYS G 442 -14.14 -36.50 35.81
CA LYS G 442 -13.53 -35.18 35.66
C LYS G 442 -14.51 -34.11 35.31
N GLY G 443 -15.73 -34.46 34.88
CA GLY G 443 -16.84 -33.54 34.80
C GLY G 443 -17.14 -32.96 33.44
N MET G 444 -16.17 -33.02 32.53
CA MET G 444 -16.44 -32.63 31.12
C MET G 444 -16.64 -33.84 30.25
N LEU G 445 -17.13 -33.61 29.03
CA LEU G 445 -17.43 -34.73 28.10
C LEU G 445 -16.30 -35.08 27.09
N GLY G 446 -15.31 -34.19 26.94
CA GLY G 446 -14.20 -34.46 26.01
C GLY G 446 -12.86 -34.07 26.50
N GLN G 447 -11.85 -34.55 25.80
CA GLN G 447 -10.44 -34.14 26.03
C GLN G 447 -9.68 -34.19 24.74
N VAL G 448 -8.52 -33.56 24.64
CA VAL G 448 -7.58 -33.87 23.58
C VAL G 448 -6.28 -34.22 24.31
N LYS G 449 -5.60 -35.27 23.87
CA LYS G 449 -4.44 -35.79 24.55
C LYS G 449 -3.36 -36.11 23.55
N ALA G 450 -2.13 -35.90 23.97
CA ALA G 450 -0.94 -36.33 23.22
C ALA G 450 -0.21 -37.39 24.03
N MET G 451 0.18 -38.52 23.40
CA MET G 451 0.71 -39.66 24.11
C MET G 451 1.74 -40.44 23.33
N ASN G 452 2.71 -41.02 24.04
CA ASN G 452 3.59 -42.02 23.48
C ASN G 452 2.91 -43.39 23.64
N ALA G 453 2.75 -44.11 22.55
CA ALA G 453 1.95 -45.32 22.60
C ALA G 453 2.74 -46.53 23.07
N VAL G 454 4.06 -46.51 23.01
CA VAL G 454 4.86 -47.58 23.52
C VAL G 454 4.95 -47.46 25.05
N THR G 455 5.27 -46.28 25.60
CA THR G 455 5.44 -46.15 27.03
C THR G 455 4.17 -45.76 27.78
N GLY G 456 3.14 -45.33 27.05
CA GLY G 456 1.96 -44.76 27.68
C GLY G 456 2.09 -43.39 28.27
N LYS G 457 3.21 -42.75 28.10
CA LYS G 457 3.38 -41.44 28.78
C LYS G 457 2.53 -40.37 28.08
N MET G 458 1.76 -39.65 28.88
CA MET G 458 0.90 -38.55 28.38
C MET G 458 1.76 -37.31 28.35
N GLU G 459 1.90 -36.70 27.17
CA GLU G 459 2.67 -35.46 27.03
C GLU G 459 1.88 -34.27 27.49
N TRP G 460 0.58 -34.22 27.13
CA TRP G 460 -0.30 -33.15 27.56
C TRP G 460 -1.71 -33.58 27.41
N GLU G 461 -2.62 -32.99 28.20
CA GLU G 461 -4.06 -33.37 28.12
C GLU G 461 -4.82 -32.11 28.36
N VAL G 462 -5.84 -31.82 27.58
CA VAL G 462 -6.62 -30.64 27.81
C VAL G 462 -8.12 -31.05 27.76
N PRO G 463 -8.99 -30.34 28.48
CA PRO G 463 -10.45 -30.57 28.46
C PRO G 463 -11.19 -29.95 27.28
N GLU G 464 -12.31 -30.51 26.89
CA GLU G 464 -13.18 -29.95 25.86
C GLU G 464 -14.61 -30.08 26.42
N LYS G 465 -15.45 -29.11 26.13
CA LYS G 465 -16.80 -29.13 26.65
C LYS G 465 -17.59 -30.40 26.18
N PHE G 466 -17.45 -30.78 24.93
CA PHE G 466 -18.05 -31.99 24.37
C PHE G 466 -16.99 -33.03 23.92
N ALA G 467 -17.41 -34.31 23.85
CA ALA G 467 -16.60 -35.38 23.32
C ALA G 467 -15.99 -34.92 21.97
N VAL G 468 -14.70 -35.25 21.72
CA VAL G 468 -14.02 -34.85 20.50
C VAL G 468 -14.09 -36.11 19.60
N TRP G 469 -14.97 -36.05 18.62
CA TRP G 469 -15.51 -37.19 17.94
C TRP G 469 -14.89 -37.43 16.59
N GLY G 470 -14.41 -36.37 15.95
CA GLY G 470 -14.13 -36.46 14.53
C GLY G 470 -12.68 -36.77 14.13
N GLY G 471 -11.76 -36.88 15.09
CA GLY G 471 -10.42 -37.20 14.78
C GLY G 471 -9.59 -35.93 14.59
N THR G 472 -8.33 -36.12 14.23
CA THR G 472 -7.33 -35.11 14.18
C THR G 472 -6.42 -35.16 12.97
N LEU G 473 -5.80 -34.00 12.69
CA LEU G 473 -4.76 -33.82 11.68
C LEU G 473 -3.56 -33.17 12.36
N ALA G 474 -2.39 -33.76 12.18
CA ALA G 474 -1.16 -33.17 12.75
C ALA G 474 -0.23 -32.77 11.63
N THR G 475 0.55 -31.71 11.85
CA THR G 475 1.48 -31.26 10.82
C THR G 475 2.81 -30.91 11.37
N ALA G 476 3.77 -30.84 10.43
CA ALA G 476 5.15 -30.47 10.70
C ALA G 476 5.26 -28.99 11.06
N GLY G 477 4.16 -28.26 10.93
CA GLY G 477 4.10 -26.92 11.49
C GLY G 477 3.89 -26.88 12.98
N ASP G 478 3.91 -28.04 13.64
CA ASP G 478 3.74 -28.14 15.08
C ASP G 478 2.33 -27.86 15.51
N LEU G 479 1.38 -28.35 14.73
CA LEU G 479 -0.07 -28.08 14.99
C LEU G 479 -0.85 -29.36 14.87
N VAL G 480 -1.85 -29.49 15.75
CA VAL G 480 -2.90 -30.50 15.57
C VAL G 480 -4.22 -29.78 15.42
N PHE G 481 -4.95 -30.14 14.35
CA PHE G 481 -6.21 -29.55 14.07
C PHE G 481 -7.33 -30.55 14.36
N TYR G 482 -8.49 -30.05 14.76
CA TYR G 482 -9.66 -30.91 15.00
C TYR G 482 -10.87 -30.07 15.08
N GLY G 483 -12.01 -30.70 14.80
CA GLY G 483 -13.30 -30.10 14.98
C GLY G 483 -14.02 -30.55 16.23
N THR G 484 -14.93 -29.73 16.72
CA THR G 484 -15.71 -30.06 17.91
C THR G 484 -17.15 -30.14 17.62
N LEU G 485 -17.83 -30.87 18.50
CA LEU G 485 -19.27 -31.10 18.36
C LEU G 485 -20.07 -29.82 18.48
N ASP G 486 -19.54 -28.88 19.25
CA ASP G 486 -20.20 -27.61 19.38
C ASP G 486 -19.96 -26.60 18.22
N GLY G 487 -19.19 -26.96 17.21
CA GLY G 487 -19.10 -26.14 15.98
C GLY G 487 -17.86 -25.25 15.87
N PHE G 488 -16.74 -25.70 16.40
CA PHE G 488 -15.43 -25.08 16.13
C PHE G 488 -14.47 -26.00 15.36
N ILE G 489 -13.60 -25.40 14.58
CA ILE G 489 -12.33 -26.02 14.24
C ILE G 489 -11.27 -25.28 15.08
N LYS G 490 -10.34 -26.06 15.63
CA LYS G 490 -9.29 -25.60 16.56
C LYS G 490 -7.94 -26.14 16.15
N ALA G 491 -6.91 -25.35 16.47
CA ALA G 491 -5.49 -25.73 16.25
C ALA G 491 -4.74 -25.56 17.55
N ARG G 492 -4.11 -26.64 18.03
CA ARG G 492 -3.23 -26.57 19.21
C ARG G 492 -1.79 -26.85 18.81
N ASP G 493 -0.89 -26.18 19.53
CA ASP G 493 0.53 -26.47 19.48
C ASP G 493 0.79 -27.88 19.96
N THR G 494 1.41 -28.68 19.09
CA THR G 494 1.69 -30.11 19.38
C THR G 494 2.70 -30.42 20.50
N ARG G 495 3.53 -29.45 20.80
CA ARG G 495 4.46 -29.60 21.91
C ARG G 495 3.79 -29.44 23.26
N THR G 496 2.83 -28.53 23.40
CA THR G 496 2.31 -28.19 24.67
C THR G 496 0.82 -28.33 24.85
N GLY G 497 0.05 -28.48 23.76
CA GLY G 497 -1.43 -28.40 23.88
C GLY G 497 -2.02 -27.01 23.82
N GLU G 498 -1.19 -25.96 23.76
CA GLU G 498 -1.70 -24.60 23.81
C GLU G 498 -2.62 -24.29 22.63
N LEU G 499 -3.82 -23.77 22.88
CA LEU G 499 -4.76 -23.37 21.82
C LEU G 499 -4.20 -22.18 21.05
N LYS G 500 -4.04 -22.33 19.74
CA LYS G 500 -3.43 -21.26 18.90
C LYS G 500 -4.42 -20.57 17.99
N TRP G 501 -5.49 -21.25 17.65
CA TRP G 501 -6.50 -20.72 16.72
C TRP G 501 -7.76 -21.44 16.88
N GLN G 502 -8.84 -20.72 16.61
CA GLN G 502 -10.17 -21.35 16.55
C GLN G 502 -11.09 -20.57 15.65
N PHE G 503 -12.00 -21.27 14.99
CA PHE G 503 -12.95 -20.61 14.12
C PHE G 503 -14.32 -21.30 14.27
N GLN G 504 -15.35 -20.45 14.28
CA GLN G 504 -16.77 -20.87 14.46
C GLN G 504 -17.38 -21.26 13.14
N LEU G 505 -17.46 -22.57 12.92
CA LEU G 505 -18.16 -23.19 11.78
C LEU G 505 -19.69 -23.11 11.99
N PRO G 506 -20.47 -23.39 10.96
CA PRO G 506 -21.91 -23.25 11.10
C PRO G 506 -22.48 -24.27 12.09
N SER G 507 -21.99 -25.49 12.00
CA SER G 507 -22.51 -26.65 12.73
C SER G 507 -21.34 -27.47 13.32
N GLY G 508 -21.67 -28.27 14.31
CA GLY G 508 -20.74 -29.22 14.85
C GLY G 508 -20.04 -30.11 13.80
N VAL G 509 -18.89 -30.63 14.21
CA VAL G 509 -18.01 -31.44 13.39
C VAL G 509 -17.89 -32.83 13.93
N ILE G 510 -18.12 -33.80 13.03
CA ILE G 510 -17.93 -35.20 13.38
C ILE G 510 -16.94 -35.96 12.46
N GLY G 511 -16.33 -35.26 11.48
CA GLY G 511 -15.23 -35.77 10.67
C GLY G 511 -13.90 -35.11 10.99
N HIS G 512 -12.90 -35.44 10.18
CA HIS G 512 -11.54 -34.98 10.43
C HIS G 512 -11.16 -33.89 9.43
N PRO G 513 -10.20 -33.03 9.82
CA PRO G 513 -9.64 -32.11 8.85
C PRO G 513 -8.66 -32.77 7.92
N ILE G 514 -8.49 -32.14 6.75
CA ILE G 514 -7.45 -32.54 5.80
C ILE G 514 -6.61 -31.33 5.47
N THR G 515 -5.43 -31.58 4.90
CA THR G 515 -4.61 -30.49 4.36
C THR G 515 -4.01 -30.97 3.02
N TYR G 516 -3.78 -30.03 2.11
CA TYR G 516 -3.20 -30.36 0.78
C TYR G 516 -2.63 -29.09 0.21
N GLN G 517 -1.74 -29.24 -0.78
CA GLN G 517 -1.17 -28.10 -1.47
C GLN G 517 -1.82 -28.07 -2.87
N HIS G 518 -2.31 -26.91 -3.28
CA HIS G 518 -2.77 -26.70 -4.64
C HIS G 518 -2.09 -25.43 -5.17
N ASN G 519 -1.48 -25.57 -6.35
CA ASN G 519 -0.78 -24.46 -7.00
C ASN G 519 0.10 -23.70 -6.05
N GLY G 520 0.93 -24.45 -5.33
CA GLY G 520 1.89 -23.83 -4.40
C GLY G 520 1.42 -23.25 -3.09
N LYS G 521 0.19 -23.47 -2.71
CA LYS G 521 -0.40 -22.93 -1.52
C LYS G 521 -1.04 -24.05 -0.67
N GLN G 522 -0.82 -23.98 0.63
CA GLN G 522 -1.44 -24.97 1.56
C GLN G 522 -2.87 -24.55 1.94
N TYR G 523 -3.78 -25.54 1.92
CA TYR G 523 -5.13 -25.40 2.38
C TYR G 523 -5.47 -26.42 3.43
N ILE G 524 -6.44 -26.08 4.26
CA ILE G 524 -7.06 -26.98 5.26
C ILE G 524 -8.53 -27.02 5.01
N ALA G 525 -9.08 -28.23 4.98
CA ALA G 525 -10.51 -28.43 4.66
C ALA G 525 -11.18 -29.36 5.69
N ILE G 526 -12.45 -29.14 5.94
CA ILE G 526 -13.22 -29.91 6.92
C ILE G 526 -14.69 -29.83 6.61
N TYR G 527 -15.44 -30.88 6.98
CA TYR G 527 -16.89 -30.84 6.95
C TYR G 527 -17.45 -30.21 8.17
N SER G 528 -18.55 -29.47 8.00
CA SER G 528 -19.30 -28.96 9.14
C SER G 528 -20.72 -29.53 8.96
N GLY G 529 -21.18 -30.23 9.97
CA GLY G 529 -22.51 -30.82 9.90
C GLY G 529 -22.65 -31.88 10.98
N VAL G 530 -23.29 -31.48 12.08
CA VAL G 530 -23.27 -32.34 13.28
C VAL G 530 -24.32 -33.49 13.13
N GLY G 531 -24.08 -34.57 13.85
CA GLY G 531 -25.05 -35.69 13.81
C GLY G 531 -24.30 -36.84 14.38
N GLY G 532 -24.47 -37.98 13.75
CA GLY G 532 -23.93 -39.23 14.30
C GLY G 532 -24.51 -39.52 15.66
N TRP G 533 -23.82 -40.37 16.43
CA TRP G 533 -24.39 -40.79 17.68
C TRP G 533 -24.58 -39.64 18.71
N PRO G 534 -23.58 -38.76 18.85
CA PRO G 534 -23.77 -37.68 19.82
C PRO G 534 -24.88 -36.71 19.43
N GLY G 535 -25.05 -36.55 18.12
CA GLY G 535 -26.10 -35.70 17.60
C GLY G 535 -27.49 -36.30 17.46
N VAL G 536 -27.72 -37.55 17.87
CA VAL G 536 -29.06 -38.15 17.59
C VAL G 536 -30.23 -37.44 18.21
N GLY G 537 -30.04 -36.94 19.44
CA GLY G 537 -31.04 -36.12 20.13
C GLY G 537 -31.48 -34.86 19.35
N LEU G 538 -30.53 -34.07 18.85
CA LEU G 538 -30.94 -32.90 18.11
C LEU G 538 -31.35 -33.20 16.70
N VAL G 539 -30.76 -34.22 16.08
CA VAL G 539 -31.19 -34.64 14.73
C VAL G 539 -32.60 -35.14 14.69
N PHE G 540 -32.98 -35.96 15.67
CA PHE G 540 -34.32 -36.64 15.62
C PHE G 540 -35.30 -36.07 16.65
N ASP G 541 -34.95 -34.95 17.27
CA ASP G 541 -35.80 -34.28 18.27
C ASP G 541 -36.22 -35.23 19.39
N LEU G 542 -35.25 -35.96 19.95
CA LEU G 542 -35.46 -36.97 21.00
C LEU G 542 -35.38 -36.29 22.37
N LYS G 543 -36.15 -36.80 23.33
CA LYS G 543 -36.26 -36.20 24.66
C LYS G 543 -36.00 -37.17 25.83
N ASP G 544 -36.32 -38.44 25.63
CA ASP G 544 -36.13 -39.42 26.72
C ASP G 544 -34.61 -39.57 26.91
N PRO G 545 -34.11 -39.45 28.16
CA PRO G 545 -32.64 -39.47 28.35
C PRO G 545 -31.98 -40.80 27.93
N THR G 546 -32.75 -41.86 27.92
CA THR G 546 -32.24 -43.20 27.53
C THR G 546 -32.44 -43.46 26.02
N ALA G 547 -33.09 -42.55 25.28
CA ALA G 547 -33.25 -42.71 23.84
C ALA G 547 -31.89 -42.57 23.12
N GLY G 548 -31.83 -42.90 21.84
CA GLY G 548 -30.57 -42.80 21.12
C GLY G 548 -29.52 -43.74 21.73
N LEU G 549 -30.00 -44.92 22.17
CA LEU G 549 -29.13 -45.90 22.84
C LEU G 549 -28.32 -45.30 23.96
N GLY G 550 -28.97 -44.43 24.70
CA GLY G 550 -28.38 -43.79 25.82
C GLY G 550 -27.68 -42.48 25.65
N ALA G 551 -27.58 -41.99 24.43
CA ALA G 551 -26.78 -40.77 24.15
C ALA G 551 -27.58 -39.51 24.48
N VAL G 552 -28.91 -39.59 24.46
CA VAL G 552 -29.72 -38.39 24.45
C VAL G 552 -29.53 -37.56 25.73
N GLY G 553 -29.57 -38.21 26.87
CA GLY G 553 -29.45 -37.43 28.09
C GLY G 553 -28.11 -36.75 28.25
N ALA G 554 -27.04 -37.49 27.92
CA ALA G 554 -25.65 -37.00 28.02
C ALA G 554 -25.40 -35.79 27.17
N PHE G 555 -25.96 -35.83 25.96
CA PHE G 555 -25.80 -34.75 24.98
C PHE G 555 -26.89 -33.71 24.84
N ARG G 556 -27.75 -33.61 25.85
CA ARG G 556 -28.90 -32.72 25.84
C ARG G 556 -28.55 -31.28 25.63
N GLU G 557 -27.40 -30.84 26.10
CA GLU G 557 -26.99 -29.44 25.93
C GLU G 557 -26.45 -29.11 24.55
N LEU G 558 -26.16 -30.12 23.73
CA LEU G 558 -25.52 -29.83 22.43
C LEU G 558 -26.35 -28.90 21.55
N ALA G 559 -27.68 -29.04 21.59
CA ALA G 559 -28.61 -28.25 20.75
C ALA G 559 -28.69 -26.81 21.18
N HIS G 560 -28.19 -26.45 22.35
CA HIS G 560 -27.97 -25.04 22.68
C HIS G 560 -26.87 -24.37 21.87
N TYR G 561 -25.97 -25.16 21.26
CA TYR G 561 -24.82 -24.63 20.58
C TYR G 561 -24.89 -24.80 19.07
N THR G 562 -25.55 -25.84 18.55
CA THR G 562 -25.46 -26.16 17.14
C THR G 562 -26.78 -26.71 16.68
N GLN G 563 -27.14 -26.30 15.48
CA GLN G 563 -28.16 -26.97 14.68
C GLN G 563 -27.45 -27.90 13.66
N MET G 564 -28.27 -28.67 12.93
CA MET G 564 -27.77 -29.41 11.79
C MET G 564 -27.27 -28.45 10.70
N GLY G 565 -26.45 -28.98 9.83
CA GLY G 565 -25.93 -28.29 8.64
C GLY G 565 -25.23 -29.26 7.71
N GLY G 566 -24.53 -28.75 6.74
CA GLY G 566 -23.84 -29.56 5.78
C GLY G 566 -23.02 -28.68 4.83
N SER G 567 -21.75 -28.42 5.16
CA SER G 567 -20.87 -27.63 4.30
C SER G 567 -19.46 -28.12 4.35
N VAL G 568 -18.64 -27.64 3.39
CA VAL G 568 -17.19 -27.91 3.37
C VAL G 568 -16.54 -26.54 3.52
N PHE G 569 -15.68 -26.38 4.51
CA PHE G 569 -14.93 -25.13 4.69
C PHE G 569 -13.47 -25.40 4.31
N VAL G 570 -12.89 -24.47 3.53
CA VAL G 570 -11.54 -24.55 3.11
C VAL G 570 -10.87 -23.25 3.62
N PHE G 571 -9.78 -23.42 4.36
CA PHE G 571 -8.99 -22.34 4.94
C PHE G 571 -7.64 -22.20 4.31
N SER G 572 -7.12 -20.97 4.32
CA SER G 572 -5.75 -20.73 3.87
C SER G 572 -5.22 -19.47 4.51
N LEU G 573 -3.94 -19.28 4.32
CA LEU G 573 -3.34 -17.95 4.63
C LEU G 573 -3.52 -17.01 3.43
N ASN H 1 -43.53 4.12 14.66
CA ASN H 1 -43.08 3.92 16.02
C ASN H 1 -41.83 4.74 16.16
N SER H 2 -41.97 5.86 16.91
CA SER H 2 -40.86 6.78 17.17
C SER H 2 -39.59 6.14 17.73
N GLU H 3 -39.77 5.23 18.66
CA GLU H 3 -38.64 4.59 19.36
C GLU H 3 -37.87 3.62 18.39
N LEU H 4 -38.63 2.90 17.60
CA LEU H 4 -38.07 2.00 16.60
C LEU H 4 -37.31 2.83 15.55
N ASP H 5 -37.89 3.96 15.12
CA ASP H 5 -37.20 4.87 14.19
C ASP H 5 -35.86 5.37 14.79
N ARG H 6 -35.92 5.73 16.05
CA ARG H 6 -34.74 6.15 16.79
C ARG H 6 -33.67 5.05 16.88
N LEU H 7 -34.10 3.84 17.18
CA LEU H 7 -33.19 2.71 17.22
C LEU H 7 -32.54 2.39 15.87
N SER H 8 -33.25 2.69 14.77
CA SER H 8 -32.73 2.48 13.41
C SER H 8 -31.58 3.46 13.11
N LYS H 9 -31.52 4.57 13.84
CA LYS H 9 -30.46 5.51 13.65
C LYS H 9 -29.17 5.16 14.40
N ASP H 10 -29.17 4.05 15.13
CA ASP H 10 -27.97 3.58 15.85
C ASP H 10 -27.37 2.51 14.91
N ASP H 11 -26.10 2.68 14.52
CA ASP H 11 -25.40 1.74 13.61
C ASP H 11 -25.05 0.38 14.25
N ARG H 12 -25.28 0.25 15.56
CA ARG H 12 -25.28 -1.08 16.27
C ARG H 12 -26.44 -1.96 15.85
N ASN H 13 -27.48 -1.35 15.30
CA ASN H 13 -28.77 -2.03 15.09
C ASN H 13 -29.13 -2.15 13.58
N TRP H 14 -29.90 -3.19 13.29
CA TRP H 14 -30.61 -3.38 12.01
C TRP H 14 -32.00 -3.88 12.46
N VAL H 15 -32.94 -2.96 12.59
CA VAL H 15 -34.08 -3.17 13.43
C VAL H 15 -35.31 -3.63 12.59
N MET H 16 -35.18 -3.62 11.29
CA MET H 16 -36.26 -4.17 10.43
C MET H 16 -35.65 -4.59 9.14
N GLN H 17 -36.35 -5.40 8.35
CA GLN H 17 -35.73 -5.96 7.16
C GLN H 17 -35.23 -4.86 6.19
N THR H 18 -36.02 -3.80 6.11
CA THR H 18 -35.73 -2.66 5.25
C THR H 18 -34.73 -1.66 5.85
N LYS H 19 -34.10 -2.02 6.98
CA LYS H 19 -33.20 -1.20 7.75
C LYS H 19 -33.92 -0.03 8.48
N ASP H 20 -34.67 0.77 7.72
CA ASP H 20 -35.37 1.89 8.28
C ASP H 20 -36.65 2.11 7.53
N TYR H 21 -37.44 3.03 8.06
CA TYR H 21 -38.77 3.22 7.51
C TYR H 21 -38.77 3.71 6.05
N SER H 22 -37.67 4.29 5.60
CA SER H 22 -37.50 4.67 4.19
C SER H 22 -37.00 3.61 3.28
N ALA H 23 -36.68 2.46 3.85
CA ALA H 23 -36.05 1.34 3.13
C ALA H 23 -34.83 1.78 2.34
N THR H 24 -33.98 2.57 2.98
CA THR H 24 -32.79 3.07 2.31
C THR H 24 -31.78 1.92 2.10
N HIS H 25 -31.75 0.92 3.00
CA HIS H 25 -30.66 -0.10 2.96
C HIS H 25 -29.29 0.56 2.81
N PHE H 26 -29.13 1.70 3.46
CA PHE H 26 -27.91 2.50 3.37
C PHE H 26 -27.33 2.66 4.78
N SER H 27 -26.09 2.24 4.92
CA SER H 27 -25.34 2.41 6.17
C SER H 27 -24.32 3.52 5.98
N ARG H 28 -24.33 4.45 6.93
CA ARG H 28 -23.30 5.46 7.02
C ARG H 28 -21.94 4.96 7.52
N LEU H 29 -21.85 3.71 7.99
CA LEU H 29 -20.56 3.18 8.39
C LEU H 29 -19.53 3.27 7.28
N THR H 30 -18.35 3.78 7.64
CA THR H 30 -17.26 3.99 6.70
C THR H 30 -16.04 3.09 6.92
N GLU H 31 -16.06 2.25 7.94
CA GLU H 31 -14.87 1.46 8.28
C GLU H 31 -14.51 0.50 7.13
N ILE H 32 -15.49 -0.22 6.65
CA ILE H 32 -15.30 -1.06 5.47
C ILE H 32 -15.57 -0.20 4.22
N ASN H 33 -14.57 -0.02 3.36
CA ASN H 33 -14.70 0.84 2.20
C ASN H 33 -14.03 0.29 0.97
N SER H 34 -14.13 1.03 -0.13
CA SER H 34 -13.59 0.55 -1.40
C SER H 34 -12.10 0.32 -1.38
N HIS H 35 -11.37 1.02 -0.53
CA HIS H 35 -9.93 0.81 -0.45
C HIS H 35 -9.49 -0.39 0.34
N ASN H 36 -10.32 -0.89 1.28
CA ASN H 36 -9.88 -2.03 2.14
C ASN H 36 -10.78 -3.27 2.08
N VAL H 37 -11.88 -3.22 1.36
CA VAL H 37 -12.82 -4.33 1.30
C VAL H 37 -12.17 -5.62 0.77
N LYS H 38 -11.12 -5.46 -0.04
CA LYS H 38 -10.34 -6.62 -0.48
C LYS H 38 -9.82 -7.47 0.69
N ASN H 39 -9.68 -6.87 1.86
CA ASN H 39 -9.30 -7.62 3.09
C ASN H 39 -10.41 -8.16 3.97
N LEU H 40 -11.65 -8.05 3.54
CA LEU H 40 -12.76 -8.61 4.33
C LEU H 40 -12.64 -10.13 4.49
N LYS H 41 -12.83 -10.64 5.68
CA LYS H 41 -12.73 -12.09 5.90
C LYS H 41 -13.92 -12.57 6.70
N VAL H 42 -14.14 -13.88 6.66
CA VAL H 42 -15.21 -14.46 7.49
C VAL H 42 -14.86 -14.36 8.98
N ALA H 43 -15.74 -13.78 9.80
CA ALA H 43 -15.45 -13.64 11.21
C ALA H 43 -16.02 -14.83 12.00
N TRP H 44 -17.26 -15.14 11.70
CA TRP H 44 -17.97 -16.32 12.27
C TRP H 44 -19.19 -16.70 11.42
N THR H 45 -19.70 -17.88 11.71
CA THR H 45 -20.81 -18.48 10.97
C THR H 45 -21.76 -19.25 11.86
N LEU H 46 -23.00 -19.43 11.38
CA LEU H 46 -24.01 -20.15 12.14
C LEU H 46 -24.85 -20.98 11.17
N SER H 47 -25.29 -22.18 11.53
CA SER H 47 -26.16 -22.93 10.66
C SER H 47 -27.56 -22.67 11.09
N THR H 48 -28.51 -22.60 10.13
CA THR H 48 -29.93 -22.38 10.47
C THR H 48 -30.60 -23.72 10.78
N GLY H 49 -29.97 -24.82 10.44
CA GLY H 49 -30.66 -26.12 10.56
C GLY H 49 -31.73 -26.50 9.56
N THR H 50 -31.98 -25.70 8.55
CA THR H 50 -32.96 -26.09 7.49
C THR H 50 -32.30 -25.95 6.16
N LEU H 51 -32.93 -26.55 5.13
CA LEU H 51 -32.53 -26.30 3.75
C LEU H 51 -33.59 -25.38 3.19
N HIS H 52 -33.82 -25.33 1.87
CA HIS H 52 -34.79 -24.38 1.24
C HIS H 52 -34.30 -22.95 1.30
N GLY H 53 -34.96 -22.10 0.54
CA GLY H 53 -34.50 -20.73 0.33
C GLY H 53 -34.57 -19.91 1.60
N HIS H 54 -33.50 -19.15 1.86
CA HIS H 54 -33.42 -18.23 2.98
C HIS H 54 -33.55 -16.81 2.53
N GLU H 55 -34.78 -16.28 2.49
CA GLU H 55 -35.00 -14.86 2.14
C GLU H 55 -34.93 -13.97 3.38
N GLY H 56 -34.99 -12.69 3.14
CA GLY H 56 -34.75 -11.65 4.14
C GLY H 56 -33.32 -11.75 4.66
N ALA H 57 -33.15 -11.37 5.92
CA ALA H 57 -31.85 -11.42 6.61
C ALA H 57 -32.07 -11.31 8.12
N PRO H 58 -31.02 -11.50 8.89
CA PRO H 58 -31.14 -11.24 10.35
C PRO H 58 -31.53 -9.82 10.69
N LEU H 59 -32.04 -9.68 11.93
CA LEU H 59 -32.21 -8.41 12.58
C LEU H 59 -31.15 -8.34 13.64
N VAL H 60 -30.75 -7.15 14.02
CA VAL H 60 -29.84 -7.01 15.17
C VAL H 60 -30.41 -5.86 16.00
N VAL H 61 -30.70 -6.09 17.28
CA VAL H 61 -31.13 -5.02 18.17
C VAL H 61 -30.52 -5.21 19.54
N ASP H 62 -29.97 -4.13 20.08
CA ASP H 62 -29.47 -4.16 21.46
C ASP H 62 -28.60 -5.40 21.77
N GLY H 63 -27.62 -5.66 20.89
CA GLY H 63 -26.65 -6.68 21.06
C GLY H 63 -27.06 -8.11 20.80
N ILE H 64 -28.25 -8.31 20.27
CA ILE H 64 -28.79 -9.65 19.95
C ILE H 64 -29.07 -9.71 18.46
N MET H 65 -28.68 -10.82 17.80
CA MET H 65 -29.04 -11.06 16.38
C MET H 65 -30.15 -12.08 16.40
N TYR H 66 -31.14 -11.87 15.54
CA TYR H 66 -32.29 -12.71 15.40
C TYR H 66 -32.27 -13.32 14.01
N ILE H 67 -32.44 -14.61 13.94
CA ILE H 67 -32.36 -15.42 12.73
C ILE H 67 -33.69 -16.11 12.52
N HIS H 68 -34.06 -16.26 11.26
CA HIS H 68 -35.27 -16.99 10.87
C HIS H 68 -35.00 -17.93 9.71
N THR H 69 -35.96 -19.07 9.58
CA THR H 69 -35.74 -20.01 8.51
C THR H 69 -36.94 -20.01 7.56
N PRO H 70 -36.78 -20.69 6.47
CA PRO H 70 -37.97 -21.18 5.70
C PRO H 70 -38.76 -22.20 6.52
N PHE H 71 -39.87 -22.71 5.97
CA PHE H 71 -40.75 -23.61 6.72
C PHE H 71 -39.94 -24.65 7.46
N PRO H 72 -40.17 -24.94 8.74
CA PRO H 72 -41.28 -24.47 9.58
C PRO H 72 -41.06 -23.15 10.35
N ASN H 73 -40.15 -22.28 9.88
CA ASN H 73 -40.00 -20.92 10.39
C ASN H 73 -39.52 -20.85 11.87
N ASN H 74 -38.52 -21.63 12.16
CA ASN H 74 -37.77 -21.54 13.41
C ASN H 74 -37.14 -20.15 13.51
N VAL H 75 -37.08 -19.69 14.74
CA VAL H 75 -36.49 -18.42 15.15
C VAL H 75 -35.46 -18.67 16.22
N TYR H 76 -34.28 -18.03 16.09
CA TYR H 76 -33.19 -18.13 17.08
C TYR H 76 -32.65 -16.74 17.39
N ALA H 77 -32.27 -16.54 18.67
CA ALA H 77 -31.64 -15.32 19.12
C ALA H 77 -30.23 -15.70 19.58
N VAL H 78 -29.26 -14.84 19.22
CA VAL H 78 -27.86 -15.02 19.47
C VAL H 78 -27.31 -13.74 20.13
N ASP H 79 -26.73 -13.90 21.31
CA ASP H 79 -26.05 -12.78 21.97
C ASP H 79 -24.72 -12.56 21.21
N LEU H 80 -24.50 -11.34 20.67
CA LEU H 80 -23.29 -11.06 19.84
C LEU H 80 -21.96 -11.13 20.64
N ASN H 81 -22.03 -11.24 21.96
CA ASN H 81 -20.86 -11.45 22.79
C ASN H 81 -20.63 -12.92 23.06
N ASP H 82 -21.52 -13.79 22.59
CA ASP H 82 -21.25 -15.21 22.61
C ASP H 82 -21.92 -15.93 21.49
N THR H 83 -21.31 -15.87 20.34
CA THR H 83 -21.99 -16.17 19.09
C THR H 83 -22.24 -17.66 18.87
N ARG H 84 -21.61 -18.49 19.69
CA ARG H 84 -21.80 -19.95 19.54
C ARG H 84 -23.08 -20.51 20.20
N LYS H 85 -23.68 -19.76 21.13
CA LYS H 85 -24.80 -20.22 21.92
C LYS H 85 -26.07 -19.55 21.41
N MET H 86 -27.16 -20.31 21.39
CA MET H 86 -28.43 -19.73 21.08
C MET H 86 -29.04 -19.26 22.40
N LEU H 87 -29.31 -17.97 22.49
CA LEU H 87 -29.88 -17.42 23.71
C LEU H 87 -31.26 -17.97 23.92
N TRP H 88 -32.04 -18.08 22.83
CA TRP H 88 -33.36 -18.73 22.90
C TRP H 88 -33.79 -19.19 21.50
N GLN H 89 -34.78 -20.09 21.45
CA GLN H 89 -35.24 -20.67 20.19
C GLN H 89 -36.75 -20.67 20.23
N TYR H 90 -37.42 -20.46 19.09
CA TYR H 90 -38.84 -20.76 18.98
C TYR H 90 -39.02 -21.69 17.78
N LYS H 91 -39.66 -22.83 17.99
CA LYS H 91 -39.80 -23.87 16.94
C LYS H 91 -41.28 -24.15 16.68
N PRO H 92 -41.91 -23.49 15.70
CA PRO H 92 -43.35 -23.62 15.45
C PRO H 92 -43.74 -25.04 15.07
N LYS H 93 -44.96 -25.41 15.49
CA LYS H 93 -45.55 -26.65 15.12
C LYS H 93 -46.58 -26.26 14.10
N GLN H 94 -46.34 -26.58 12.83
CA GLN H 94 -47.23 -26.22 11.75
C GLN H 94 -47.66 -27.46 10.97
N ASN H 95 -48.87 -27.43 10.47
CA ASN H 95 -49.34 -28.48 9.57
C ASN H 95 -48.46 -28.59 8.33
N PRO H 96 -47.86 -29.78 8.08
CA PRO H 96 -47.04 -29.88 6.86
C PRO H 96 -47.78 -29.63 5.54
N ALA H 97 -49.09 -29.80 5.56
CA ALA H 97 -49.88 -29.48 4.36
C ALA H 97 -49.69 -28.02 3.88
N ALA H 98 -49.24 -27.11 4.73
CA ALA H 98 -48.95 -25.73 4.29
C ALA H 98 -47.91 -25.70 3.14
N ARG H 99 -46.97 -26.65 3.13
CA ARG H 99 -45.96 -26.71 2.05
C ARG H 99 -46.62 -26.90 0.72
N ALA H 100 -47.76 -27.60 0.68
CA ALA H 100 -48.35 -27.94 -0.63
C ALA H 100 -49.10 -26.78 -1.30
N VAL H 101 -49.31 -25.66 -0.59
CA VAL H 101 -49.97 -24.48 -1.20
C VAL H 101 -48.99 -23.32 -1.39
N ALA H 102 -47.70 -23.63 -1.37
CA ALA H 102 -46.65 -22.64 -1.67
C ALA H 102 -46.23 -22.94 -3.13
N CYS H 103 -46.43 -21.99 -4.06
CA CYS H 103 -46.10 -22.26 -5.49
C CYS H 103 -44.60 -22.49 -5.71
N CYS H 104 -43.77 -21.66 -5.03
CA CYS H 104 -42.39 -21.35 -5.45
C CYS H 104 -41.38 -21.40 -4.27
N ASP H 105 -41.42 -22.51 -3.58
CA ASP H 105 -40.60 -22.79 -2.35
C ASP H 105 -41.19 -22.13 -1.13
N VAL H 106 -40.83 -22.67 0.02
CA VAL H 106 -41.44 -22.28 1.31
C VAL H 106 -40.60 -21.19 2.02
N VAL H 107 -40.29 -20.15 1.28
CA VAL H 107 -39.47 -19.04 1.85
C VAL H 107 -40.28 -18.19 2.82
N ASN H 108 -39.56 -17.34 3.52
CA ASN H 108 -40.15 -16.43 4.52
C ASN H 108 -39.24 -15.26 4.63
N ARG H 109 -39.79 -14.06 4.54
CA ARG H 109 -38.98 -12.89 4.32
C ARG H 109 -38.60 -12.22 5.65
N GLY H 110 -39.00 -12.80 6.77
CA GLY H 110 -38.32 -12.55 8.04
C GLY H 110 -39.06 -11.87 9.14
N LEU H 111 -38.31 -11.61 10.21
CA LEU H 111 -38.85 -11.10 11.49
C LEU H 111 -39.07 -9.59 11.42
N ALA H 112 -39.87 -9.10 12.34
CA ALA H 112 -39.88 -7.69 12.68
C ALA H 112 -39.71 -7.57 14.19
N TYR H 113 -39.53 -6.31 14.63
CA TYR H 113 -39.22 -5.99 16.02
C TYR H 113 -39.88 -4.68 16.43
N VAL H 114 -40.31 -4.63 17.69
CA VAL H 114 -40.75 -3.43 18.34
C VAL H 114 -40.10 -3.32 19.72
N PRO H 115 -39.58 -2.12 20.08
CA PRO H 115 -39.01 -1.93 21.42
C PRO H 115 -40.11 -1.93 22.54
N ALA H 116 -39.71 -2.08 23.81
CA ALA H 116 -40.69 -1.98 24.91
C ALA H 116 -41.29 -0.56 24.93
N GLY H 117 -42.43 -0.20 25.47
CA GLY H 117 -43.74 -0.45 25.12
C GLY H 117 -44.68 -0.02 26.23
N GLU H 118 -45.58 0.95 26.03
CA GLU H 118 -46.86 0.89 26.82
C GLU H 118 -47.56 -0.49 26.58
N HIS H 119 -47.36 -1.03 25.38
CA HIS H 119 -47.74 -2.41 25.05
C HIS H 119 -47.21 -3.71 25.77
N GLY H 120 -46.33 -3.99 26.71
CA GLY H 120 -45.08 -3.66 27.12
C GLY H 120 -43.76 -4.21 26.67
N PRO H 121 -43.29 -5.48 26.95
CA PRO H 121 -41.88 -5.70 26.57
C PRO H 121 -41.56 -5.72 25.10
N ALA H 122 -40.28 -5.49 24.76
CA ALA H 122 -39.86 -5.61 23.35
C ALA H 122 -40.27 -6.95 22.79
N LYS H 123 -40.67 -6.95 21.50
CA LYS H 123 -41.23 -8.16 20.86
C LYS H 123 -40.58 -8.41 19.52
N ILE H 124 -40.47 -9.69 19.20
CA ILE H 124 -40.15 -10.15 17.84
C ILE H 124 -41.46 -10.65 17.23
N PHE H 125 -41.71 -10.33 15.95
CA PHE H 125 -42.93 -10.80 15.24
C PHE H 125 -42.53 -11.74 14.13
N LEU H 126 -43.29 -12.81 13.97
CA LEU H 126 -43.06 -13.83 12.97
C LEU H 126 -44.35 -14.05 12.21
N ASN H 127 -44.32 -13.98 10.89
CA ASN H 127 -45.37 -14.52 10.12
C ASN H 127 -45.07 -15.96 9.70
N GLN H 128 -45.94 -16.91 10.01
CA GLN H 128 -45.68 -18.32 9.75
C GLN H 128 -46.37 -18.67 8.39
N LEU H 129 -45.79 -19.63 7.65
CA LEU H 129 -46.35 -20.04 6.34
C LEU H 129 -47.86 -20.40 6.53
N ASP H 130 -48.18 -21.07 7.65
CA ASP H 130 -49.55 -21.49 7.96
C ASP H 130 -50.49 -20.39 8.32
N GLY H 131 -50.11 -19.11 8.19
CA GLY H 131 -51.07 -18.07 8.28
C GLY H 131 -51.21 -17.38 9.60
N HIS H 132 -50.35 -17.69 10.57
CA HIS H 132 -50.40 -17.04 11.87
C HIS H 132 -49.38 -15.93 11.97
N ILE H 133 -49.77 -14.88 12.64
CA ILE H 133 -48.91 -13.85 13.20
C ILE H 133 -48.64 -14.16 14.67
N VAL H 134 -47.34 -14.22 15.05
CA VAL H 134 -46.92 -14.61 16.38
C VAL H 134 -46.06 -13.48 16.93
N ALA H 135 -46.32 -13.08 18.20
CA ALA H 135 -45.51 -12.12 18.94
C ALA H 135 -44.78 -12.89 19.99
N LEU H 136 -43.45 -12.76 20.01
CA LEU H 136 -42.53 -13.39 20.93
C LEU H 136 -41.85 -12.33 21.78
N ASN H 137 -41.59 -12.62 23.04
CA ASN H 137 -40.72 -11.75 23.84
C ASN H 137 -39.29 -11.72 23.25
N ALA H 138 -38.79 -10.53 22.95
CA ALA H 138 -37.50 -10.40 22.26
C ALA H 138 -36.27 -10.85 23.07
N LYS H 139 -36.39 -10.80 24.38
CA LYS H 139 -35.31 -11.21 25.30
C LYS H 139 -35.37 -12.64 25.69
N THR H 140 -36.56 -13.27 25.76
CA THR H 140 -36.73 -14.61 26.29
C THR H 140 -37.25 -15.60 25.28
N GLY H 141 -37.90 -15.15 24.21
CA GLY H 141 -38.45 -16.07 23.24
C GLY H 141 -39.83 -16.59 23.61
N GLU H 142 -40.34 -16.20 24.79
CA GLU H 142 -41.68 -16.62 25.24
C GLU H 142 -42.78 -16.18 24.22
N GLU H 143 -43.69 -17.09 23.89
CA GLU H 143 -44.83 -16.77 23.05
C GLU H 143 -45.79 -15.88 23.82
N ILE H 144 -46.01 -14.66 23.33
CA ILE H 144 -46.91 -13.70 24.00
C ILE H 144 -48.34 -13.79 23.47
N TRP H 145 -48.49 -13.72 22.15
CA TRP H 145 -49.80 -13.93 21.53
C TRP H 145 -49.64 -14.49 20.12
N LYS H 146 -50.73 -15.03 19.57
CA LYS H 146 -50.71 -15.76 18.26
C LYS H 146 -52.14 -15.65 17.70
N MET H 147 -52.26 -15.09 16.48
CA MET H 147 -53.55 -14.92 15.82
C MET H 147 -53.55 -15.56 14.47
N GLU H 148 -54.74 -15.97 14.05
CA GLU H 148 -54.96 -16.48 12.72
C GLU H 148 -55.21 -15.38 11.72
N ASN H 149 -54.30 -15.23 10.75
CA ASN H 149 -54.49 -14.24 9.69
C ASN H 149 -55.05 -14.86 8.40
N SER H 150 -54.49 -15.99 8.00
CA SER H 150 -54.63 -16.56 6.66
C SER H 150 -54.89 -18.04 6.82
N ASP H 151 -55.79 -18.58 6.02
CA ASP H 151 -56.19 -20.00 6.09
C ASP H 151 -55.62 -20.85 4.96
N ILE H 152 -54.80 -21.83 5.30
CA ILE H 152 -54.11 -22.66 4.27
C ILE H 152 -55.10 -23.55 3.49
N ALA H 153 -56.24 -23.89 4.11
CA ALA H 153 -57.30 -24.64 3.37
C ALA H 153 -57.85 -23.88 2.19
N MET H 154 -57.78 -22.54 2.20
CA MET H 154 -58.12 -21.72 1.04
C MET H 154 -56.90 -21.39 0.15
N GLY H 155 -55.75 -21.97 0.39
CA GLY H 155 -54.58 -21.69 -0.41
C GLY H 155 -53.90 -20.39 0.04
N SER H 156 -54.22 -19.97 1.23
CA SER H 156 -53.82 -18.63 1.73
C SER H 156 -52.76 -18.87 2.80
N THR H 157 -51.56 -18.29 2.55
CA THR H 157 -50.36 -18.42 3.43
C THR H 157 -49.78 -17.05 3.79
N LEU H 158 -48.68 -17.04 4.55
CA LEU H 158 -47.92 -15.83 4.68
C LEU H 158 -46.46 -16.13 4.24
N THR H 159 -45.88 -15.18 3.53
CA THR H 159 -44.46 -15.23 3.24
C THR H 159 -43.75 -13.90 3.47
N GLY H 160 -44.43 -12.76 3.26
CA GLY H 160 -43.82 -11.47 3.58
C GLY H 160 -43.65 -11.17 5.06
N ALA H 161 -42.65 -10.34 5.38
CA ALA H 161 -42.38 -10.00 6.76
C ALA H 161 -43.44 -9.09 7.38
N PRO H 162 -43.65 -9.21 8.68
CA PRO H 162 -44.51 -8.24 9.38
C PRO H 162 -43.85 -6.86 9.38
N PHE H 163 -44.62 -5.80 9.67
CA PHE H 163 -44.12 -4.45 9.57
C PHE H 163 -44.72 -3.66 10.73
N VAL H 164 -43.86 -3.13 11.56
CA VAL H 164 -44.31 -2.40 12.77
C VAL H 164 -44.40 -0.91 12.50
N VAL H 165 -45.54 -0.36 12.89
CA VAL H 165 -45.80 1.07 12.81
C VAL H 165 -46.61 1.53 14.02
N LYS H 166 -46.08 2.52 14.73
CA LYS H 166 -46.62 2.82 16.06
C LYS H 166 -46.81 1.60 16.93
N ASP H 167 -48.02 1.33 17.42
CA ASP H 167 -48.29 0.18 18.25
C ASP H 167 -49.17 -0.83 17.50
N LYS H 168 -48.93 -0.89 16.20
CA LYS H 168 -49.54 -1.87 15.33
C LYS H 168 -48.46 -2.68 14.59
N VAL H 169 -48.82 -3.90 14.26
CA VAL H 169 -47.99 -4.71 13.37
C VAL H 169 -48.87 -5.10 12.17
N LEU H 170 -48.39 -4.80 10.96
CA LEU H 170 -49.09 -5.12 9.71
C LEU H 170 -48.62 -6.48 9.16
N VAL H 171 -49.62 -7.23 8.70
CA VAL H 171 -49.50 -8.59 8.18
C VAL H 171 -50.13 -8.55 6.79
N GLY H 172 -49.37 -9.02 5.81
CA GLY H 172 -49.87 -9.10 4.44
C GLY H 172 -50.58 -10.37 4.13
N SER H 173 -50.44 -10.84 2.92
CA SER H 173 -51.20 -12.00 2.43
C SER H 173 -50.41 -12.64 1.29
N ALA H 174 -50.82 -13.84 0.90
CA ALA H 174 -50.13 -14.59 -0.16
C ALA H 174 -51.07 -15.69 -0.63
N GLY H 175 -50.81 -16.19 -1.84
CA GLY H 175 -51.65 -17.18 -2.47
C GLY H 175 -52.47 -16.67 -3.66
N ALA H 176 -52.04 -15.59 -4.32
CA ALA H 176 -52.68 -15.21 -5.61
C ALA H 176 -52.70 -16.34 -6.66
N GLU H 177 -51.72 -17.24 -6.58
CA GLU H 177 -51.67 -18.40 -7.52
C GLU H 177 -52.75 -19.43 -7.22
N LEU H 178 -53.43 -19.28 -6.09
CA LEU H 178 -54.52 -20.17 -5.70
C LEU H 178 -55.83 -19.38 -5.58
N GLY H 179 -55.90 -18.22 -6.18
CA GLY H 179 -57.12 -17.41 -6.20
C GLY H 179 -57.43 -16.68 -4.90
N VAL H 180 -56.40 -16.37 -4.08
CA VAL H 180 -56.65 -15.66 -2.82
C VAL H 180 -56.80 -14.17 -3.10
N ARG H 181 -57.89 -13.56 -2.61
CA ARG H 181 -58.08 -12.12 -2.66
C ARG H 181 -57.23 -11.47 -1.55
N GLY H 182 -56.42 -10.48 -1.96
CA GLY H 182 -55.44 -9.82 -1.14
C GLY H 182 -56.04 -8.96 -0.03
N TYR H 183 -55.44 -9.05 1.15
CA TYR H 183 -55.77 -8.11 2.20
C TYR H 183 -54.53 -7.87 3.06
N VAL H 184 -54.42 -6.66 3.57
CA VAL H 184 -53.46 -6.33 4.61
C VAL H 184 -54.21 -5.99 5.91
N THR H 185 -53.61 -6.40 7.04
CA THR H 185 -54.24 -6.33 8.41
C THR H 185 -53.28 -5.67 9.40
N ALA H 186 -53.78 -4.70 10.17
CA ALA H 186 -53.05 -4.11 11.30
C ALA H 186 -53.57 -4.68 12.60
N TYR H 187 -52.68 -5.28 13.40
CA TYR H 187 -52.97 -5.86 14.68
C TYR H 187 -52.33 -4.97 15.77
N ASN H 188 -53.03 -4.81 16.88
CA ASN H 188 -52.54 -4.07 18.03
C ASN H 188 -51.40 -4.87 18.66
N ILE H 189 -50.27 -4.25 18.97
CA ILE H 189 -49.13 -5.05 19.45
C ILE H 189 -49.29 -5.60 20.88
N LYS H 190 -50.09 -4.93 21.68
CA LYS H 190 -50.27 -5.41 23.06
C LYS H 190 -51.00 -6.75 23.12
N ASP H 191 -52.06 -6.89 22.36
CA ASP H 191 -52.96 -8.05 22.53
C ASP H 191 -53.35 -8.81 21.25
N GLY H 192 -52.81 -8.39 20.12
CA GLY H 192 -53.19 -9.02 18.86
C GLY H 192 -54.61 -8.66 18.36
N LYS H 193 -55.18 -7.57 18.87
CA LYS H 193 -56.53 -7.22 18.43
C LYS H 193 -56.51 -6.65 17.03
N GLN H 194 -57.34 -7.13 16.15
CA GLN H 194 -57.37 -6.57 14.79
C GLN H 194 -57.89 -5.13 14.76
N GLU H 195 -57.11 -4.22 14.20
CA GLU H 195 -57.45 -2.78 14.19
C GLU H 195 -58.14 -2.45 12.90
N TRP H 196 -57.54 -2.87 11.78
CA TRP H 196 -58.13 -2.61 10.47
C TRP H 196 -57.66 -3.66 9.48
N ARG H 197 -58.46 -3.86 8.43
CA ARG H 197 -58.15 -4.80 7.35
C ARG H 197 -58.56 -4.16 6.00
N ALA H 198 -57.66 -4.12 5.05
CA ALA H 198 -57.91 -3.47 3.78
C ALA H 198 -57.69 -4.47 2.65
N TYR H 199 -58.75 -4.75 1.90
CA TYR H 199 -58.67 -5.67 0.73
C TYR H 199 -58.20 -4.99 -0.56
N ALA H 200 -57.70 -5.78 -1.52
CA ALA H 200 -57.18 -5.27 -2.79
C ALA H 200 -58.22 -5.22 -3.93
N THR H 201 -59.33 -5.95 -3.80
CA THR H 201 -60.42 -5.93 -4.78
C THR H 201 -61.75 -5.78 -4.05
N GLY H 202 -62.79 -5.48 -4.82
CA GLY H 202 -64.15 -5.55 -4.28
C GLY H 202 -64.74 -4.21 -3.90
N PRO H 203 -65.79 -4.21 -3.09
CA PRO H 203 -66.44 -2.96 -2.64
C PRO H 203 -65.55 -1.94 -1.99
N ASP H 204 -65.88 -0.68 -2.21
CA ASP H 204 -65.11 0.39 -1.63
C ASP H 204 -64.90 0.23 -0.12
N GLU H 205 -65.90 -0.30 0.59
CA GLU H 205 -65.84 -0.43 2.07
C GLU H 205 -64.66 -1.34 2.44
N ASP H 206 -64.52 -2.40 1.67
CA ASP H 206 -63.44 -3.36 1.86
C ASP H 206 -62.06 -2.84 1.49
N LEU H 207 -62.00 -2.08 0.41
CA LEU H 207 -60.78 -1.44 -0.06
C LEU H 207 -60.21 -0.40 0.96
N LEU H 208 -61.13 0.18 1.77
CA LEU H 208 -60.83 1.09 2.86
C LEU H 208 -60.22 2.36 2.35
N LEU H 209 -61.09 3.19 1.77
CA LEU H 209 -60.67 4.36 1.04
C LEU H 209 -60.92 5.60 1.87
N ASP H 210 -60.05 6.60 1.79
CA ASP H 210 -60.27 7.87 2.41
C ASP H 210 -61.32 8.60 1.56
N LYS H 211 -62.08 9.53 2.14
CA LYS H 211 -63.15 10.18 1.32
C LYS H 211 -62.54 10.97 0.17
N ASP H 212 -61.29 11.39 0.39
CA ASP H 212 -60.47 12.09 -0.59
C ASP H 212 -59.49 11.22 -1.36
N PHE H 213 -59.80 9.94 -1.51
CA PHE H 213 -58.91 9.02 -2.26
C PHE H 213 -58.67 9.50 -3.69
N ASN H 214 -57.40 9.61 -4.07
CA ASN H 214 -56.96 10.07 -5.39
C ASN H 214 -57.57 11.43 -5.79
N LYS H 215 -57.74 12.29 -4.80
CA LYS H 215 -58.21 13.63 -5.11
C LYS H 215 -57.18 14.40 -5.87
N ASP H 216 -55.88 14.15 -5.62
CA ASP H 216 -54.81 14.79 -6.39
C ASP H 216 -54.63 14.21 -7.80
N ASN H 217 -55.03 12.97 -8.02
CA ASN H 217 -54.97 12.37 -9.37
C ASN H 217 -56.24 11.62 -9.66
N PRO H 218 -57.36 12.35 -9.93
CA PRO H 218 -58.67 11.66 -10.21
C PRO H 218 -58.68 10.79 -11.46
N HIS H 219 -57.78 11.10 -12.37
CA HIS H 219 -57.56 10.29 -13.58
C HIS H 219 -57.00 8.87 -13.30
N TYR H 220 -56.51 8.62 -12.07
CA TYR H 220 -56.09 7.28 -11.66
C TYR H 220 -57.30 6.38 -11.41
N GLY H 221 -58.48 6.99 -11.25
CA GLY H 221 -59.65 6.27 -10.78
C GLY H 221 -59.91 6.57 -9.33
N GLN H 222 -61.18 6.58 -8.94
CA GLN H 222 -61.56 6.77 -7.56
C GLN H 222 -62.48 5.70 -7.06
N PHE H 223 -63.80 5.94 -7.03
CA PHE H 223 -64.70 5.09 -6.29
C PHE H 223 -65.34 4.06 -7.20
N GLY H 224 -65.69 2.91 -6.65
CA GLY H 224 -66.40 1.88 -7.37
C GLY H 224 -65.64 0.92 -8.27
N LEU H 225 -64.33 1.13 -8.43
CA LEU H 225 -63.56 0.41 -9.45
C LEU H 225 -63.18 -1.02 -9.02
N GLY H 226 -63.26 -1.30 -7.73
CA GLY H 226 -62.95 -2.61 -7.19
C GLY H 226 -63.98 -3.60 -7.59
N LEU H 227 -65.14 -3.10 -8.07
CA LEU H 227 -66.24 -3.89 -8.65
C LEU H 227 -66.42 -3.66 -10.14
N SER H 228 -66.36 -2.43 -10.59
CA SER H 228 -66.72 -2.15 -11.98
C SER H 228 -65.65 -2.56 -13.01
N THR H 229 -64.40 -2.83 -12.59
CA THR H 229 -63.32 -3.27 -13.49
C THR H 229 -63.20 -4.80 -13.45
N TRP H 230 -64.20 -5.49 -12.91
CA TRP H 230 -64.31 -6.94 -12.97
C TRP H 230 -65.70 -7.26 -13.56
N GLU H 231 -65.84 -8.48 -14.07
CA GLU H 231 -67.14 -8.98 -14.53
C GLU H 231 -67.73 -9.83 -13.44
N GLY H 232 -68.87 -9.38 -12.91
CA GLY H 232 -69.58 -10.08 -11.86
C GLY H 232 -68.73 -10.24 -10.61
N ASP H 233 -68.71 -11.46 -10.09
CA ASP H 233 -68.09 -11.78 -8.83
C ASP H 233 -66.63 -12.25 -8.93
N ALA H 234 -66.02 -12.12 -10.08
CA ALA H 234 -64.64 -12.61 -10.30
C ALA H 234 -63.60 -11.97 -9.31
N TRP H 235 -63.88 -10.76 -8.83
CA TRP H 235 -63.05 -10.10 -7.80
C TRP H 235 -62.88 -10.88 -6.50
N LYS H 236 -63.83 -11.75 -6.19
CA LYS H 236 -63.80 -12.50 -4.96
C LYS H 236 -62.62 -13.43 -4.86
N ILE H 237 -62.12 -13.91 -6.00
CA ILE H 237 -60.99 -14.83 -6.06
C ILE H 237 -59.88 -14.14 -6.89
N GLY H 238 -59.83 -12.82 -6.80
CA GLY H 238 -59.12 -11.98 -7.71
C GLY H 238 -57.69 -11.57 -7.45
N GLY H 239 -57.05 -12.14 -6.46
CA GLY H 239 -55.63 -11.82 -6.18
C GLY H 239 -55.40 -10.49 -5.56
N GLY H 240 -54.23 -9.92 -5.83
CA GLY H 240 -53.85 -8.70 -5.16
C GLY H 240 -53.28 -8.88 -3.76
N THR H 241 -52.84 -10.11 -3.45
CA THR H 241 -52.12 -10.39 -2.16
C THR H 241 -50.89 -9.49 -2.05
N ASN H 242 -50.47 -9.16 -0.82
CA ASN H 242 -49.30 -8.31 -0.64
C ASN H 242 -48.26 -9.04 0.20
N TRP H 243 -47.26 -9.55 -0.49
CA TRP H 243 -46.25 -10.39 0.16
C TRP H 243 -44.82 -9.77 0.17
N GLY H 244 -44.73 -8.52 -0.25
CA GLY H 244 -43.49 -7.79 -0.37
C GLY H 244 -43.32 -6.89 0.84
N TRP H 245 -42.96 -5.68 0.55
CA TRP H 245 -42.36 -4.79 1.57
C TRP H 245 -43.12 -3.49 1.72
N TYR H 246 -42.89 -2.81 2.85
CA TYR H 246 -43.54 -1.55 3.16
C TYR H 246 -42.55 -0.44 3.36
N ALA H 247 -43.06 0.78 3.31
CA ALA H 247 -42.32 1.94 3.86
C ALA H 247 -43.29 2.77 4.66
N TYR H 248 -42.76 3.74 5.39
CA TYR H 248 -43.59 4.58 6.26
C TYR H 248 -42.93 5.91 6.35
N ASP H 249 -43.72 6.99 6.24
CA ASP H 249 -43.26 8.38 6.42
C ASP H 249 -44.04 8.86 7.65
N PRO H 250 -43.35 9.04 8.81
CA PRO H 250 -44.04 9.48 10.04
C PRO H 250 -44.56 10.92 10.01
N LYS H 251 -44.02 11.78 9.17
CA LYS H 251 -44.48 13.17 9.02
C LYS H 251 -45.87 13.23 8.33
N LEU H 252 -46.02 12.45 7.28
CA LEU H 252 -47.29 12.30 6.60
C LEU H 252 -48.22 11.32 7.28
N ASP H 253 -47.65 10.46 8.13
CA ASP H 253 -48.35 9.34 8.75
C ASP H 253 -48.97 8.37 7.75
N MET H 254 -48.18 8.04 6.74
CA MET H 254 -48.61 7.16 5.67
C MET H 254 -47.70 5.95 5.46
N ILE H 255 -48.35 4.83 5.14
CA ILE H 255 -47.75 3.53 4.86
C ILE H 255 -47.87 3.31 3.37
N TYR H 256 -46.81 2.78 2.76
CA TYR H 256 -46.77 2.51 1.34
C TYR H 256 -46.45 1.04 1.09
N TYR H 257 -47.15 0.41 0.14
CA TYR H 257 -46.87 -0.93 -0.24
C TYR H 257 -47.60 -1.18 -1.59
N GLY H 258 -47.26 -2.27 -2.23
CA GLY H 258 -47.94 -2.62 -3.47
C GLY H 258 -48.76 -3.88 -3.37
N SER H 259 -49.87 -3.95 -4.11
CA SER H 259 -50.67 -5.15 -4.15
C SER H 259 -50.34 -5.94 -5.43
N GLY H 260 -50.52 -7.24 -5.33
CA GLY H 260 -50.00 -8.17 -6.28
C GLY H 260 -50.88 -8.42 -7.47
N ASN H 261 -50.62 -9.52 -8.14
CA ASN H 261 -51.29 -9.80 -9.42
C ASN H 261 -52.74 -10.26 -9.24
N PRO H 262 -53.58 -10.00 -10.28
CA PRO H 262 -54.93 -10.59 -10.29
C PRO H 262 -54.85 -12.07 -10.59
N ALA H 263 -55.88 -12.80 -10.21
CA ALA H 263 -55.99 -14.22 -10.44
C ALA H 263 -57.26 -14.49 -11.29
N PRO H 264 -57.23 -15.49 -12.20
CA PRO H 264 -56.07 -16.36 -12.41
C PRO H 264 -55.03 -15.67 -13.32
N TRP H 265 -53.94 -16.37 -13.64
CA TRP H 265 -52.99 -15.83 -14.60
C TRP H 265 -53.61 -15.72 -16.02
N ASN H 266 -54.58 -16.60 -16.30
CA ASN H 266 -55.38 -16.55 -17.52
C ASN H 266 -56.19 -15.28 -17.66
N GLU H 267 -55.68 -14.31 -18.39
CA GLU H 267 -56.28 -12.97 -18.47
C GLU H 267 -57.70 -13.04 -19.09
N THR H 268 -57.94 -14.06 -19.91
CA THR H 268 -59.18 -14.13 -20.68
C THR H 268 -60.36 -14.52 -19.71
N MET H 269 -60.05 -15.14 -18.57
CA MET H 269 -61.07 -15.41 -17.53
C MET H 269 -61.49 -14.24 -16.62
N ARG H 270 -60.89 -13.06 -16.78
CA ARG H 270 -61.11 -11.91 -15.91
C ARG H 270 -60.99 -10.62 -16.68
N PRO H 271 -61.89 -10.42 -17.70
CA PRO H 271 -61.93 -9.14 -18.41
C PRO H 271 -62.07 -7.99 -17.43
N GLY H 272 -61.37 -6.90 -17.68
CA GLY H 272 -61.45 -5.62 -16.99
C GLY H 272 -60.09 -5.20 -16.40
N ASP H 273 -59.98 -3.93 -15.99
CA ASP H 273 -58.78 -3.42 -15.37
C ASP H 273 -58.33 -4.17 -14.09
N ASN H 274 -59.24 -4.88 -13.45
CA ASN H 274 -58.94 -5.74 -12.33
C ASN H 274 -58.35 -4.93 -11.13
N LYS H 275 -58.89 -3.72 -10.95
CA LYS H 275 -58.52 -2.90 -9.80
C LYS H 275 -58.96 -3.55 -8.44
N TRP H 276 -58.20 -3.33 -7.35
CA TRP H 276 -56.96 -2.60 -7.31
C TRP H 276 -55.76 -3.58 -7.10
N THR H 277 -55.73 -4.60 -7.93
CA THR H 277 -54.48 -5.36 -8.11
C THR H 277 -53.43 -4.45 -8.74
N MET H 278 -52.17 -4.81 -8.51
CA MET H 278 -51.07 -4.09 -9.18
C MET H 278 -51.01 -2.62 -8.85
N THR H 279 -51.23 -2.26 -7.59
CA THR H 279 -51.39 -0.91 -7.18
C THR H 279 -50.40 -0.47 -6.12
N ILE H 280 -49.85 0.71 -6.31
CA ILE H 280 -49.08 1.41 -5.32
C ILE H 280 -50.04 2.14 -4.44
N TRP H 281 -50.03 1.77 -3.16
CA TRP H 281 -50.91 2.39 -2.13
C TRP H 281 -50.17 3.36 -1.21
N GLY H 282 -50.89 4.44 -0.83
CA GLY H 282 -50.51 5.31 0.27
C GLY H 282 -51.66 5.29 1.26
N ARG H 283 -51.49 4.64 2.41
CA ARG H 283 -52.56 4.50 3.39
C ARG H 283 -52.26 5.23 4.69
N ASP H 284 -53.30 5.85 5.27
CA ASP H 284 -53.19 6.45 6.62
C ASP H 284 -52.85 5.37 7.64
N ALA H 285 -51.85 5.62 8.50
CA ALA H 285 -51.37 4.56 9.42
C ALA H 285 -52.43 4.13 10.42
N ASP H 286 -53.03 5.10 11.11
CA ASP H 286 -53.99 4.77 12.19
C ASP H 286 -55.21 4.03 11.72
N THR H 287 -55.76 4.43 10.56
CA THR H 287 -57.04 3.92 10.07
C THR H 287 -56.97 2.98 8.89
N GLY H 288 -55.83 2.97 8.17
CA GLY H 288 -55.70 2.17 6.96
C GLY H 288 -56.33 2.78 5.73
N ARG H 289 -57.01 3.93 5.89
CA ARG H 289 -57.66 4.62 4.75
C ARG H 289 -56.71 5.09 3.65
N ALA H 290 -56.93 4.60 2.43
CA ALA H 290 -56.09 4.96 1.31
C ALA H 290 -56.28 6.38 0.89
N LYS H 291 -55.18 7.14 0.87
CA LYS H 291 -55.15 8.46 0.32
C LYS H 291 -54.86 8.48 -1.14
N PHE H 292 -54.01 7.58 -1.62
CA PHE H 292 -53.82 7.46 -3.05
C PHE H 292 -53.60 5.99 -3.39
N GLY H 293 -53.87 5.67 -4.66
CA GLY H 293 -53.70 4.35 -5.23
C GLY H 293 -53.42 4.47 -6.70
N TYR H 294 -52.26 3.98 -7.16
CA TYR H 294 -51.91 4.04 -8.56
C TYR H 294 -51.80 2.64 -9.12
N GLN H 295 -52.68 2.28 -10.06
CA GLN H 295 -52.58 1.01 -10.73
C GLN H 295 -51.52 1.03 -11.81
N LYS H 296 -50.43 0.31 -11.56
CA LYS H 296 -49.29 0.27 -12.48
C LYS H 296 -49.59 -0.56 -13.72
N THR H 297 -50.25 -1.70 -13.53
CA THR H 297 -50.40 -2.69 -14.58
C THR H 297 -51.91 -3.11 -14.64
N PRO H 298 -52.75 -2.27 -15.26
CA PRO H 298 -54.17 -2.63 -15.47
C PRO H 298 -54.32 -3.91 -16.25
N HIS H 299 -55.28 -4.73 -15.86
CA HIS H 299 -55.58 -5.99 -16.54
C HIS H 299 -54.27 -6.77 -16.79
N ASP H 300 -53.62 -7.17 -15.71
CA ASP H 300 -52.35 -7.91 -15.86
C ASP H 300 -52.50 -9.13 -16.78
N GLU H 301 -51.53 -9.34 -17.66
CA GLU H 301 -51.48 -10.46 -18.59
C GLU H 301 -50.23 -11.35 -18.43
N TRP H 302 -49.42 -11.02 -17.43
CA TRP H 302 -48.01 -11.51 -17.36
C TRP H 302 -47.55 -11.98 -15.97
N ASP H 303 -48.42 -11.96 -14.97
CA ASP H 303 -48.01 -12.07 -13.55
C ASP H 303 -46.90 -11.09 -13.11
N TYR H 304 -47.08 -9.84 -13.42
CA TYR H 304 -46.12 -8.84 -12.97
C TYR H 304 -46.46 -8.39 -11.53
N ALA H 305 -46.55 -9.34 -10.58
CA ALA H 305 -47.09 -9.08 -9.23
C ALA H 305 -46.48 -7.82 -8.64
N GLY H 306 -47.34 -6.88 -8.25
CA GLY H 306 -46.93 -5.51 -7.93
C GLY H 306 -46.39 -5.28 -6.53
N VAL H 307 -45.71 -6.31 -5.99
CA VAL H 307 -45.35 -6.35 -4.57
C VAL H 307 -43.96 -5.85 -4.21
N ASN H 308 -43.17 -5.34 -5.16
CA ASN H 308 -41.75 -4.96 -4.85
C ASN H 308 -41.62 -3.79 -3.87
N TYR H 309 -40.40 -3.57 -3.38
CA TYR H 309 -40.18 -2.66 -2.30
C TYR H 309 -40.41 -1.22 -2.69
N MET H 310 -40.62 -0.38 -1.68
CA MET H 310 -40.81 1.05 -1.78
C MET H 310 -39.64 1.74 -1.06
N GLY H 311 -38.81 2.45 -1.82
CA GLY H 311 -37.67 3.21 -1.28
C GLY H 311 -38.00 4.69 -1.23
N LEU H 312 -38.00 5.29 -0.05
CA LEU H 312 -38.32 6.72 0.06
C LEU H 312 -37.05 7.54 -0.03
N SER H 313 -37.19 8.75 -0.60
CA SER H 313 -36.06 9.68 -0.71
C SER H 313 -36.66 11.10 -0.87
N GLU H 314 -35.82 12.12 -0.74
CA GLU H 314 -36.26 13.52 -0.96
C GLU H 314 -35.31 14.05 -2.01
N GLN H 315 -35.83 14.37 -3.20
CA GLN H 315 -34.99 14.80 -4.28
C GLN H 315 -35.67 15.97 -5.06
N GLU H 316 -34.88 16.72 -5.80
CA GLU H 316 -35.41 17.78 -6.67
C GLU H 316 -36.18 17.24 -7.85
N VAL H 317 -37.43 17.72 -8.00
CA VAL H 317 -38.26 17.55 -9.17
C VAL H 317 -38.58 18.97 -9.73
N ASP H 318 -38.11 19.25 -10.96
CA ASP H 318 -38.25 20.61 -11.57
C ASP H 318 -37.69 21.67 -10.61
N GLY H 319 -36.50 21.41 -10.10
CA GLY H 319 -35.93 22.28 -9.10
C GLY H 319 -36.58 22.43 -7.73
N LYS H 320 -37.68 21.72 -7.40
CA LYS H 320 -38.23 21.74 -6.04
C LYS H 320 -37.97 20.40 -5.27
N LEU H 321 -37.43 20.51 -4.08
CA LEU H 321 -37.22 19.36 -3.20
C LEU H 321 -38.55 18.71 -2.81
N THR H 322 -38.68 17.42 -3.07
CA THR H 322 -39.95 16.76 -3.07
C THR H 322 -39.84 15.43 -2.33
N PRO H 323 -40.79 15.12 -1.45
CA PRO H 323 -40.79 13.76 -0.88
C PRO H 323 -41.31 12.68 -1.86
N LEU H 324 -40.49 11.67 -2.10
CA LEU H 324 -40.72 10.67 -3.16
C LEU H 324 -40.75 9.25 -2.64
N LEU H 325 -41.40 8.39 -3.37
CA LEU H 325 -41.17 6.94 -3.30
C LEU H 325 -40.67 6.46 -4.68
N THR H 326 -39.79 5.47 -4.65
CA THR H 326 -39.23 4.86 -5.86
C THR H 326 -39.46 3.35 -5.74
N HIS H 327 -39.90 2.71 -6.83
CA HIS H 327 -40.47 1.39 -6.77
C HIS H 327 -40.18 0.66 -8.07
N PRO H 328 -39.20 -0.25 -8.04
CA PRO H 328 -38.87 -1.02 -9.25
C PRO H 328 -39.77 -2.23 -9.37
N ASP H 329 -40.74 -2.18 -10.29
CA ASP H 329 -41.75 -3.23 -10.43
C ASP H 329 -41.31 -4.46 -11.22
N ARG H 330 -41.95 -5.60 -10.96
CA ARG H 330 -41.79 -6.77 -11.82
C ARG H 330 -41.98 -6.44 -13.33
N ASN H 331 -42.86 -5.49 -13.65
CA ASN H 331 -43.12 -5.13 -15.03
C ASN H 331 -41.98 -4.44 -15.79
N GLY H 332 -40.88 -4.14 -15.09
CA GLY H 332 -39.71 -3.61 -15.70
C GLY H 332 -39.65 -2.12 -15.74
N LEU H 333 -40.63 -1.48 -15.12
CA LEU H 333 -40.64 -0.04 -15.00
C LEU H 333 -40.22 0.31 -13.59
N VAL H 334 -39.50 1.40 -13.47
CA VAL H 334 -39.14 1.98 -12.18
C VAL H 334 -39.99 3.21 -11.99
N TYR H 335 -40.91 3.17 -11.02
CA TYR H 335 -41.86 4.26 -10.70
C TYR H 335 -41.33 5.15 -9.63
N THR H 336 -41.32 6.46 -9.87
CA THR H 336 -41.14 7.46 -8.80
C THR H 336 -42.37 8.32 -8.72
N LEU H 337 -42.96 8.37 -7.52
CA LEU H 337 -44.16 9.16 -7.23
C LEU H 337 -43.86 10.13 -6.12
N ASN H 338 -44.55 11.27 -6.14
CA ASN H 338 -44.70 12.10 -4.99
C ASN H 338 -45.41 11.29 -3.95
N ARG H 339 -44.78 11.09 -2.79
CA ARG H 339 -45.37 10.22 -1.78
C ARG H 339 -46.44 10.88 -0.89
N GLU H 340 -46.66 12.16 -1.06
CA GLU H 340 -47.77 12.84 -0.39
C GLU H 340 -49.00 12.84 -1.30
N THR H 341 -48.84 13.27 -2.55
CA THR H 341 -49.95 13.41 -3.47
C THR H 341 -50.23 12.20 -4.30
N GLY H 342 -49.24 11.32 -4.47
CA GLY H 342 -49.41 10.17 -5.38
C GLY H 342 -49.10 10.47 -6.85
N ALA H 343 -48.75 11.71 -7.15
CA ALA H 343 -48.53 12.10 -8.54
C ALA H 343 -47.28 11.39 -9.09
N LEU H 344 -47.36 11.05 -10.37
CA LEU H 344 -46.32 10.38 -11.09
C LEU H 344 -45.22 11.33 -11.45
N VAL H 345 -43.98 11.07 -11.02
CA VAL H 345 -42.82 11.87 -11.41
C VAL H 345 -42.13 11.22 -12.62
N ASN H 346 -41.84 9.95 -12.53
CA ASN H 346 -41.30 9.20 -13.68
C ASN H 346 -41.67 7.70 -13.60
N ALA H 347 -41.63 7.04 -14.77
CA ALA H 347 -41.80 5.64 -14.87
C ALA H 347 -41.01 5.18 -16.09
N PHE H 348 -39.76 4.73 -15.87
CA PHE H 348 -38.78 4.46 -16.93
C PHE H 348 -38.40 2.99 -16.92
N LYS H 349 -37.97 2.49 -18.06
CA LYS H 349 -37.65 1.08 -18.22
C LYS H 349 -36.34 0.79 -17.54
N ILE H 350 -36.33 -0.21 -16.68
CA ILE H 350 -35.12 -0.55 -15.93
C ILE H 350 -34.06 -1.16 -16.89
N ASP H 351 -34.56 -1.70 -18.02
CA ASP H 351 -33.78 -2.14 -19.17
C ASP H 351 -34.63 -1.91 -20.43
N ASP H 352 -34.04 -1.37 -21.47
CA ASP H 352 -34.79 -1.00 -22.70
C ASP H 352 -35.43 -2.19 -23.46
N THR H 353 -35.07 -3.42 -23.14
CA THR H 353 -35.69 -4.56 -23.75
C THR H 353 -37.14 -4.88 -23.29
N VAL H 354 -37.63 -4.17 -22.28
CA VAL H 354 -39.01 -4.36 -21.79
C VAL H 354 -39.88 -4.06 -23.04
N ASN H 355 -40.80 -4.98 -23.34
CA ASN H 355 -41.63 -4.86 -24.55
C ASN H 355 -43.13 -5.03 -24.42
N TRP H 356 -43.66 -5.37 -23.23
CA TRP H 356 -45.13 -5.50 -23.14
C TRP H 356 -45.76 -4.12 -23.25
N VAL H 357 -44.97 -3.09 -22.94
CA VAL H 357 -45.40 -1.70 -22.85
C VAL H 357 -44.41 -0.92 -23.73
N LYS H 358 -44.96 -0.02 -24.53
CA LYS H 358 -44.14 0.89 -25.32
C LYS H 358 -43.52 1.96 -24.45
N LYS H 359 -44.36 2.67 -23.73
CA LYS H 359 -43.94 3.66 -22.72
C LYS H 359 -45.12 4.00 -21.81
N VAL H 360 -44.84 4.59 -20.67
CA VAL H 360 -45.91 5.09 -19.82
C VAL H 360 -46.10 6.54 -20.20
N ASP H 361 -47.32 6.90 -20.50
CA ASP H 361 -47.67 8.31 -20.73
C ASP H 361 -47.77 8.95 -19.36
N LEU H 362 -46.86 9.88 -19.06
CA LEU H 362 -46.76 10.35 -17.68
C LEU H 362 -47.95 11.22 -17.31
N LYS H 363 -48.56 11.85 -18.33
CA LYS H 363 -49.64 12.78 -18.08
C LYS H 363 -50.92 12.03 -17.73
N THR H 364 -51.21 10.96 -18.47
CA THR H 364 -52.38 10.13 -18.26
C THR H 364 -52.14 9.04 -17.24
N GLY H 365 -50.87 8.76 -16.94
CA GLY H 365 -50.54 7.67 -16.01
C GLY H 365 -50.63 6.25 -16.58
N LEU H 366 -50.94 6.10 -17.87
CA LEU H 366 -51.32 4.83 -18.47
C LEU H 366 -50.14 4.21 -19.24
N PRO H 367 -49.92 2.93 -19.02
CA PRO H 367 -48.97 2.21 -19.88
C PRO H 367 -49.57 1.92 -21.26
N ILE H 368 -48.92 2.42 -22.32
CA ILE H 368 -49.29 2.16 -23.67
C ILE H 368 -48.83 0.79 -24.05
N ARG H 369 -49.81 -0.09 -24.16
CA ARG H 369 -49.53 -1.47 -24.37
C ARG H 369 -49.17 -1.77 -25.81
N ASP H 370 -48.31 -2.77 -25.98
CA ASP H 370 -47.98 -3.35 -27.32
C ASP H 370 -48.66 -4.67 -27.48
N PRO H 371 -49.73 -4.71 -28.31
CA PRO H 371 -50.44 -5.96 -28.57
C PRO H 371 -49.63 -7.17 -29.03
N GLU H 372 -48.49 -6.91 -29.69
CA GLU H 372 -47.61 -8.02 -30.10
C GLU H 372 -47.12 -8.89 -28.89
N TYR H 373 -47.10 -8.30 -27.69
CA TYR H 373 -46.63 -8.99 -26.47
C TYR H 373 -47.73 -9.12 -25.40
N SER H 374 -49.00 -9.19 -25.86
CA SER H 374 -50.10 -9.48 -25.01
C SER H 374 -50.18 -10.98 -24.85
N THR H 375 -50.95 -11.39 -23.84
CA THR H 375 -51.31 -12.77 -23.67
C THR H 375 -52.84 -12.94 -23.77
N ARG H 376 -53.27 -14.12 -24.16
CA ARG H 376 -54.68 -14.36 -24.52
C ARG H 376 -54.89 -15.82 -24.85
N MET H 377 -56.07 -16.28 -24.50
CA MET H 377 -56.47 -17.68 -24.75
C MET H 377 -56.30 -18.04 -26.22
N ASP H 378 -55.94 -19.30 -26.45
CA ASP H 378 -55.71 -19.87 -27.76
C ASP H 378 -54.54 -19.28 -28.58
N HIS H 379 -53.46 -18.88 -27.91
CA HIS H 379 -52.33 -18.23 -28.53
C HIS H 379 -51.16 -18.46 -27.57
N ASN H 380 -50.03 -18.90 -28.14
CA ASN H 380 -48.78 -18.98 -27.42
C ASN H 380 -47.99 -17.74 -27.73
N ALA H 381 -47.97 -16.80 -26.79
CA ALA H 381 -47.36 -15.51 -27.00
C ALA H 381 -45.86 -15.69 -26.80
N LYS H 382 -45.03 -15.19 -27.70
CA LYS H 382 -43.57 -15.48 -27.62
C LYS H 382 -42.71 -14.24 -27.44
N GLY H 383 -41.60 -14.38 -26.70
CA GLY H 383 -40.64 -13.27 -26.57
C GLY H 383 -41.07 -12.08 -25.71
N ILE H 384 -41.90 -12.29 -24.68
CA ILE H 384 -42.34 -11.20 -23.85
C ILE H 384 -41.25 -10.91 -22.81
N CYS H 385 -40.96 -9.63 -22.63
CA CYS H 385 -39.98 -9.15 -21.63
C CYS H 385 -40.66 -8.06 -20.81
N PRO H 386 -40.62 -8.15 -19.47
CA PRO H 386 -40.04 -9.27 -18.69
C PRO H 386 -40.92 -10.52 -18.69
N SER H 387 -40.36 -11.61 -18.23
CA SER H 387 -41.11 -12.75 -17.80
C SER H 387 -41.85 -12.43 -16.49
N ALA H 388 -42.68 -13.36 -16.09
CA ALA H 388 -43.38 -13.30 -14.83
C ALA H 388 -42.45 -13.18 -13.60
N MET H 389 -41.19 -13.64 -13.71
CA MET H 389 -40.25 -13.43 -12.60
C MET H 389 -39.84 -11.97 -12.46
N GLY H 390 -40.08 -11.17 -13.49
CA GLY H 390 -39.84 -9.80 -13.45
C GLY H 390 -38.47 -9.45 -13.94
N TYR H 391 -38.28 -8.20 -14.32
CA TYR H 391 -36.94 -7.64 -14.37
C TYR H 391 -36.50 -7.14 -12.96
N HIS H 392 -37.42 -7.13 -12.01
CA HIS H 392 -37.07 -6.95 -10.65
C HIS H 392 -38.01 -7.77 -9.82
N ASN H 393 -37.48 -8.43 -8.76
CA ASN H 393 -38.37 -9.27 -7.88
C ASN H 393 -38.28 -8.76 -6.45
N GLN H 394 -38.28 -9.67 -5.50
CA GLN H 394 -38.53 -9.33 -4.08
C GLN H 394 -37.34 -8.71 -3.36
N GLY H 395 -36.19 -8.55 -4.02
CA GLY H 395 -35.03 -7.96 -3.35
C GLY H 395 -35.27 -6.53 -2.81
N ILE H 396 -34.87 -6.24 -1.58
CA ILE H 396 -34.92 -4.85 -1.12
C ILE H 396 -33.68 -4.13 -1.63
N GLU H 397 -33.82 -2.99 -2.29
CA GLU H 397 -32.69 -2.30 -2.86
C GLU H 397 -32.21 -1.12 -2.00
N SER H 398 -31.24 -0.37 -2.50
CA SER H 398 -30.55 0.60 -1.65
C SER H 398 -30.38 1.97 -2.36
N TYR H 399 -30.20 3.01 -1.56
CA TYR H 399 -30.18 4.36 -2.01
C TYR H 399 -29.07 5.13 -1.28
N ASP H 400 -28.12 5.70 -2.01
CA ASP H 400 -27.08 6.53 -1.48
C ASP H 400 -27.63 7.97 -1.65
N PRO H 401 -27.90 8.65 -0.54
CA PRO H 401 -28.44 9.99 -0.58
C PRO H 401 -27.47 11.10 -0.98
N ASP H 402 -26.17 10.88 -0.94
CA ASP H 402 -25.19 11.87 -1.42
C ASP H 402 -25.05 11.81 -2.91
N LYS H 403 -24.96 10.59 -3.43
CA LYS H 403 -24.93 10.35 -4.86
C LYS H 403 -26.27 10.49 -5.55
N LYS H 404 -27.36 10.36 -4.79
CA LYS H 404 -28.72 10.28 -5.33
C LYS H 404 -28.86 9.16 -6.34
N LEU H 405 -28.35 7.98 -5.98
CA LEU H 405 -28.47 6.80 -6.81
C LEU H 405 -29.11 5.66 -6.03
N PHE H 406 -30.01 4.93 -6.71
CA PHE H 406 -30.45 3.64 -6.27
C PHE H 406 -29.58 2.54 -6.91
N PHE H 407 -29.23 1.55 -6.11
CA PHE H 407 -28.49 0.38 -6.60
C PHE H 407 -29.44 -0.80 -6.60
N MET H 408 -29.50 -1.52 -7.73
CA MET H 408 -30.45 -2.61 -7.84
C MET H 408 -29.90 -3.84 -8.51
N GLY H 409 -30.26 -4.95 -7.94
CA GLY H 409 -30.06 -6.29 -8.50
C GLY H 409 -31.20 -6.47 -9.50
N VAL H 410 -30.88 -6.79 -10.75
CA VAL H 410 -31.88 -6.83 -11.82
C VAL H 410 -31.84 -8.24 -12.45
N ASN H 411 -33.00 -8.66 -12.96
CA ASN H 411 -33.19 -9.96 -13.64
C ASN H 411 -33.34 -9.65 -15.15
N HIS H 412 -32.81 -10.51 -16.00
CA HIS H 412 -32.92 -10.34 -17.46
C HIS H 412 -33.47 -11.64 -18.02
N ILE H 413 -34.76 -11.81 -17.90
CA ILE H 413 -35.45 -13.05 -18.19
C ILE H 413 -36.73 -12.70 -19.02
N CYS H 414 -36.99 -13.46 -20.08
CA CYS H 414 -38.13 -13.26 -20.99
C CYS H 414 -38.88 -14.58 -21.08
N MET H 415 -40.07 -14.58 -21.73
CA MET H 415 -40.90 -15.77 -21.70
C MET H 415 -41.80 -15.93 -22.93
N ASP H 416 -42.23 -17.16 -23.11
CA ASP H 416 -43.40 -17.55 -23.90
C ASP H 416 -44.48 -17.90 -22.91
N TRP H 417 -45.74 -17.61 -23.24
CA TRP H 417 -46.85 -17.82 -22.34
C TRP H 417 -48.10 -18.20 -23.14
N GLU H 418 -48.76 -19.27 -22.71
CA GLU H 418 -50.10 -19.63 -23.25
C GLU H 418 -51.06 -19.98 -22.12
N PRO H 419 -52.21 -19.32 -22.05
CA PRO H 419 -53.14 -19.68 -21.00
C PRO H 419 -53.92 -20.95 -21.27
N PHE H 420 -54.63 -21.39 -20.27
CA PHE H 420 -55.56 -22.52 -20.36
C PHE H 420 -56.70 -22.35 -19.38
N MET H 421 -57.88 -22.90 -19.73
CA MET H 421 -59.08 -22.74 -18.89
C MET H 421 -58.99 -23.72 -17.77
N LEU H 422 -59.53 -23.35 -16.60
CA LEU H 422 -59.52 -24.20 -15.41
C LEU H 422 -60.55 -23.70 -14.43
N PRO H 423 -61.10 -24.61 -13.60
CA PRO H 423 -62.06 -24.19 -12.58
C PRO H 423 -61.31 -23.65 -11.37
N TYR H 424 -61.99 -22.83 -10.58
CA TYR H 424 -61.57 -22.43 -9.26
C TYR H 424 -62.12 -23.43 -8.29
N ARG H 425 -61.23 -24.02 -7.48
CA ARG H 425 -61.63 -24.85 -6.36
C ARG H 425 -60.79 -24.44 -5.18
N ALA H 426 -61.43 -23.96 -4.11
CA ALA H 426 -60.66 -23.41 -3.01
C ALA H 426 -59.72 -24.44 -2.42
N GLY H 427 -58.47 -24.05 -2.28
CA GLY H 427 -57.43 -24.94 -1.78
C GLY H 427 -56.57 -25.51 -2.88
N GLN H 428 -57.00 -25.35 -4.14
CA GLN H 428 -56.25 -25.84 -5.30
C GLN H 428 -55.60 -24.69 -6.04
N PHE H 429 -54.56 -25.01 -6.80
CA PHE H 429 -53.92 -24.02 -7.66
C PHE H 429 -54.87 -23.46 -8.68
N PHE H 430 -54.66 -22.21 -9.06
CA PHE H 430 -55.58 -21.47 -9.97
C PHE H 430 -54.73 -20.58 -10.80
N VAL H 431 -53.81 -21.21 -11.51
CA VAL H 431 -52.86 -20.47 -12.33
C VAL H 431 -53.41 -20.31 -13.77
N GLY H 432 -53.54 -21.41 -14.53
CA GLY H 432 -54.12 -21.28 -15.88
C GLY H 432 -53.20 -20.72 -16.95
N ALA H 433 -51.90 -21.02 -16.86
CA ALA H 433 -50.94 -20.65 -17.90
C ALA H 433 -49.71 -21.56 -17.85
N THR H 434 -49.11 -21.75 -19.02
CA THR H 434 -47.96 -22.56 -19.23
C THR H 434 -46.91 -21.60 -19.81
N LEU H 435 -45.76 -21.53 -19.14
CA LEU H 435 -44.69 -20.64 -19.50
C LEU H 435 -43.41 -21.37 -19.78
N ASN H 436 -42.59 -20.79 -20.61
CA ASN H 436 -41.22 -21.20 -20.77
C ASN H 436 -40.39 -19.93 -20.62
N MET H 437 -39.33 -19.96 -19.81
CA MET H 437 -38.49 -18.78 -19.55
C MET H 437 -37.06 -18.98 -20.05
N TYR H 438 -36.45 -17.86 -20.39
CA TYR H 438 -35.08 -17.87 -20.94
C TYR H 438 -34.43 -16.54 -20.80
N PRO H 439 -33.11 -16.46 -21.07
CA PRO H 439 -32.53 -15.13 -20.92
C PRO H 439 -33.13 -14.10 -21.87
N GLY H 440 -33.06 -12.86 -21.46
CA GLY H 440 -33.39 -11.74 -22.32
C GLY H 440 -32.41 -11.52 -23.44
N PRO H 441 -32.68 -10.53 -24.32
CA PRO H 441 -31.85 -10.34 -25.57
C PRO H 441 -30.34 -10.09 -25.32
N LYS H 442 -29.99 -9.52 -24.19
CA LYS H 442 -28.55 -9.38 -23.85
C LYS H 442 -27.81 -10.65 -23.58
N GLY H 443 -28.52 -11.75 -23.34
CA GLY H 443 -27.89 -13.07 -23.26
C GLY H 443 -27.61 -13.59 -21.86
N MET H 444 -27.52 -12.71 -20.87
CA MET H 444 -27.28 -13.15 -19.48
C MET H 444 -28.56 -13.03 -18.66
N LEU H 445 -28.60 -13.66 -17.47
CA LEU H 445 -29.83 -13.67 -16.65
C LEU H 445 -29.92 -12.57 -15.58
N GLY H 446 -28.84 -11.89 -15.30
CA GLY H 446 -28.89 -10.78 -14.39
C GLY H 446 -28.07 -9.60 -14.70
N GLN H 447 -28.29 -8.56 -13.90
CA GLN H 447 -27.47 -7.34 -13.97
C GLN H 447 -27.49 -6.63 -12.59
N VAL H 448 -26.56 -5.72 -12.37
CA VAL H 448 -26.64 -4.80 -11.25
C VAL H 448 -26.50 -3.39 -11.84
N LYS H 449 -27.37 -2.48 -11.46
CA LYS H 449 -27.40 -1.13 -12.04
C LYS H 449 -27.50 -0.05 -10.97
N ALA H 450 -26.89 1.10 -11.25
CA ALA H 450 -27.04 2.28 -10.41
C ALA H 450 -27.79 3.34 -11.22
N MET H 451 -28.85 3.89 -10.66
CA MET H 451 -29.70 4.86 -11.39
C MET H 451 -30.15 6.01 -10.59
N ASN H 452 -30.35 7.15 -11.25
CA ASN H 452 -31.09 8.25 -10.69
C ASN H 452 -32.59 8.05 -10.96
N ALA H 453 -33.41 8.05 -9.91
CA ALA H 453 -34.80 7.65 -10.08
C ALA H 453 -35.66 8.76 -10.67
N VAL H 454 -35.20 10.00 -10.61
CA VAL H 454 -35.95 11.13 -11.16
C VAL H 454 -35.72 11.24 -12.66
N THR H 455 -34.47 11.18 -13.05
CA THR H 455 -34.10 11.29 -14.44
C THR H 455 -34.10 10.00 -15.21
N GLY H 456 -34.04 8.88 -14.52
CA GLY H 456 -33.79 7.59 -15.13
C GLY H 456 -32.38 7.37 -15.68
N LYS H 457 -31.46 8.26 -15.38
CA LYS H 457 -30.09 8.16 -15.92
C LYS H 457 -29.32 7.03 -15.21
N MET H 458 -28.82 6.07 -15.96
CA MET H 458 -28.02 4.96 -15.42
C MET H 458 -26.55 5.39 -15.22
N GLU H 459 -26.06 5.42 -13.97
CA GLU H 459 -24.64 5.76 -13.74
C GLU H 459 -23.72 4.60 -14.17
N TRP H 460 -24.16 3.38 -13.90
CA TRP H 460 -23.43 2.21 -14.34
C TRP H 460 -24.31 1.03 -14.44
N GLU H 461 -23.94 0.09 -15.30
CA GLU H 461 -24.63 -1.17 -15.45
C GLU H 461 -23.60 -2.25 -15.69
N VAL H 462 -23.75 -3.40 -15.03
CA VAL H 462 -22.85 -4.52 -15.24
C VAL H 462 -23.66 -5.81 -15.33
N PRO H 463 -23.13 -6.82 -16.01
CA PRO H 463 -23.87 -8.06 -16.15
C PRO H 463 -23.57 -9.03 -15.02
N GLU H 464 -24.48 -9.95 -14.83
CA GLU H 464 -24.32 -11.05 -13.87
C GLU H 464 -24.77 -12.35 -14.51
N LYS H 465 -24.09 -13.43 -14.19
CA LYS H 465 -24.44 -14.70 -14.79
C LYS H 465 -25.89 -15.12 -14.46
N PHE H 466 -26.31 -14.96 -13.20
CA PHE H 466 -27.69 -15.29 -12.82
C PHE H 466 -28.42 -14.04 -12.38
N ALA H 467 -29.75 -14.07 -12.42
CA ALA H 467 -30.57 -12.98 -11.90
C ALA H 467 -30.11 -12.63 -10.48
N VAL H 468 -30.07 -11.36 -10.16
CA VAL H 468 -29.68 -10.90 -8.80
C VAL H 468 -30.96 -10.64 -8.02
N TRP H 469 -31.26 -11.57 -7.11
CA TRP H 469 -32.61 -11.76 -6.60
C TRP H 469 -32.73 -11.13 -5.21
N GLY H 470 -31.66 -11.12 -4.44
CA GLY H 470 -31.81 -10.87 -2.99
C GLY H 470 -31.71 -9.45 -2.54
N GLY H 471 -31.52 -8.53 -3.46
CA GLY H 471 -31.38 -7.11 -3.09
C GLY H 471 -29.97 -6.74 -2.64
N THR H 472 -29.84 -5.52 -2.14
CA THR H 472 -28.53 -4.88 -2.02
C THR H 472 -28.40 -4.09 -0.71
N LEU H 473 -27.15 -3.86 -0.33
CA LEU H 473 -26.81 -2.98 0.79
C LEU H 473 -25.84 -2.02 0.28
N ALA H 474 -26.09 -0.71 0.47
CA ALA H 474 -25.10 0.31 0.07
C ALA H 474 -24.51 1.00 1.29
N THR H 475 -23.26 1.46 1.18
CA THR H 475 -22.62 2.14 2.38
C THR H 475 -21.83 3.36 1.98
N ALA H 476 -21.57 4.23 2.96
CA ALA H 476 -20.76 5.41 2.81
C ALA H 476 -19.28 5.12 2.56
N GLY H 477 -18.88 3.84 2.61
CA GLY H 477 -17.59 3.38 2.11
C GLY H 477 -17.48 3.25 0.59
N ASP H 478 -18.53 3.67 -0.14
CA ASP H 478 -18.57 3.68 -1.59
C ASP H 478 -18.68 2.24 -2.07
N LEU H 479 -19.48 1.44 -1.37
CA LEU H 479 -19.69 0.05 -1.73
C LEU H 479 -21.16 -0.28 -1.76
N VAL H 480 -21.47 -1.24 -2.65
CA VAL H 480 -22.75 -1.89 -2.66
C VAL H 480 -22.44 -3.41 -2.60
N PHE H 481 -23.03 -4.10 -1.61
CA PHE H 481 -22.91 -5.54 -1.40
C PHE H 481 -24.20 -6.23 -1.86
N TYR H 482 -24.06 -7.42 -2.45
CA TYR H 482 -25.23 -8.26 -2.74
C TYR H 482 -24.77 -9.70 -2.85
N GLY H 483 -25.70 -10.60 -2.73
CA GLY H 483 -25.42 -11.97 -3.04
C GLY H 483 -25.99 -12.45 -4.36
N THR H 484 -25.43 -13.54 -4.87
CA THR H 484 -25.82 -14.09 -6.16
C THR H 484 -26.38 -15.49 -6.01
N LEU H 485 -27.17 -15.91 -6.99
CA LEU H 485 -27.82 -17.24 -6.96
C LEU H 485 -26.81 -18.38 -7.06
N ASP H 486 -25.68 -18.10 -7.69
CA ASP H 486 -24.60 -19.07 -7.83
C ASP H 486 -23.69 -19.17 -6.61
N GLY H 487 -23.92 -18.36 -5.58
CA GLY H 487 -23.29 -18.61 -4.30
C GLY H 487 -22.13 -17.69 -3.99
N PHE H 488 -22.20 -16.42 -4.40
CA PHE H 488 -21.18 -15.45 -3.97
C PHE H 488 -21.81 -14.34 -3.16
N ILE H 489 -21.03 -13.74 -2.25
CA ILE H 489 -21.32 -12.35 -1.83
C ILE H 489 -20.25 -11.48 -2.54
N LYS H 490 -20.72 -10.34 -3.07
CA LYS H 490 -19.89 -9.46 -3.89
C LYS H 490 -20.04 -8.02 -3.41
N ALA H 491 -18.99 -7.24 -3.60
CA ALA H 491 -19.00 -5.82 -3.31
C ALA H 491 -18.46 -5.07 -4.54
N ARG H 492 -19.26 -4.09 -4.98
CA ARG H 492 -18.86 -3.21 -6.03
C ARG H 492 -18.72 -1.78 -5.59
N ASP H 493 -17.84 -1.04 -6.26
CA ASP H 493 -17.66 0.39 -6.00
C ASP H 493 -18.95 1.09 -6.48
N THR H 494 -19.56 1.90 -5.66
CA THR H 494 -20.81 2.59 -6.03
C THR H 494 -20.68 3.70 -7.09
N ARG H 495 -19.49 4.17 -7.32
CA ARG H 495 -19.25 5.20 -8.37
C ARG H 495 -19.20 4.59 -9.80
N THR H 496 -18.73 3.36 -9.91
CA THR H 496 -18.36 2.73 -11.21
C THR H 496 -18.95 1.34 -11.50
N GLY H 497 -19.41 0.67 -10.46
CA GLY H 497 -19.72 -0.72 -10.52
C GLY H 497 -18.56 -1.72 -10.54
N GLU H 498 -17.34 -1.23 -10.40
CA GLU H 498 -16.15 -2.09 -10.44
C GLU H 498 -16.24 -3.13 -9.31
N LEU H 499 -15.94 -4.35 -9.63
CA LEU H 499 -15.96 -5.40 -8.57
C LEU H 499 -14.73 -5.28 -7.70
N LYS H 500 -14.91 -5.10 -6.40
CA LYS H 500 -13.79 -4.97 -5.47
C LYS H 500 -13.51 -6.20 -4.62
N TRP H 501 -14.52 -7.06 -4.44
CA TRP H 501 -14.39 -8.20 -3.52
C TRP H 501 -15.47 -9.19 -3.82
N GLN H 502 -15.12 -10.46 -3.61
CA GLN H 502 -16.07 -11.53 -3.77
C GLN H 502 -15.66 -12.66 -2.82
N PHE H 503 -16.65 -13.38 -2.29
CA PHE H 503 -16.37 -14.54 -1.47
C PHE H 503 -17.37 -15.68 -1.86
N GLN H 504 -16.87 -16.92 -1.93
CA GLN H 504 -17.67 -18.09 -2.27
C GLN H 504 -18.35 -18.65 -1.01
N LEU H 505 -19.64 -18.37 -0.88
CA LEU H 505 -20.50 -18.90 0.17
C LEU H 505 -20.84 -20.37 -0.13
N PRO H 506 -21.39 -21.07 0.83
CA PRO H 506 -21.72 -22.48 0.53
C PRO H 506 -22.77 -22.63 -0.58
N SER H 507 -23.80 -21.82 -0.49
CA SER H 507 -25.00 -21.93 -1.37
C SER H 507 -25.39 -20.53 -1.86
N GLY H 508 -26.15 -20.54 -2.95
CA GLY H 508 -26.79 -19.33 -3.50
C GLY H 508 -27.54 -18.46 -2.51
N VAL H 509 -27.62 -17.16 -2.81
CA VAL H 509 -28.24 -16.21 -1.94
C VAL H 509 -29.49 -15.65 -2.57
N ILE H 510 -30.55 -15.60 -1.77
CA ILE H 510 -31.82 -14.99 -2.20
C ILE H 510 -32.36 -13.90 -1.22
N GLY H 511 -31.61 -13.61 -0.16
CA GLY H 511 -31.87 -12.46 0.69
C GLY H 511 -30.79 -11.39 0.59
N HIS H 512 -30.89 -10.38 1.44
CA HIS H 512 -30.00 -9.22 1.37
C HIS H 512 -28.89 -9.23 2.43
N PRO H 513 -27.76 -8.52 2.18
CA PRO H 513 -26.77 -8.33 3.23
C PRO H 513 -27.25 -7.32 4.22
N ILE H 514 -26.77 -7.43 5.46
CA ILE H 514 -26.89 -6.40 6.46
C ILE H 514 -25.54 -5.97 6.94
N THR H 515 -25.52 -4.83 7.61
CA THR H 515 -24.31 -4.34 8.29
C THR H 515 -24.68 -3.75 9.64
N TYR H 516 -23.79 -3.94 10.62
CA TYR H 516 -23.96 -3.40 11.99
C TYR H 516 -22.60 -3.31 12.62
N GLN H 517 -22.52 -2.50 13.67
CA GLN H 517 -21.33 -2.35 14.45
C GLN H 517 -21.59 -3.09 15.79
N HIS H 518 -20.63 -3.87 16.23
CA HIS H 518 -20.64 -4.55 17.50
C HIS H 518 -19.25 -4.47 18.17
N ASN H 519 -19.27 -3.97 19.40
CA ASN H 519 -18.08 -3.64 20.14
C ASN H 519 -17.06 -2.88 19.28
N GLY H 520 -17.54 -1.85 18.61
CA GLY H 520 -16.67 -0.93 17.89
C GLY H 520 -16.23 -1.34 16.50
N LYS H 521 -16.63 -2.54 16.05
CA LYS H 521 -16.18 -3.10 14.75
C LYS H 521 -17.38 -3.29 13.82
N GLN H 522 -17.23 -2.95 12.54
CA GLN H 522 -18.29 -3.17 11.54
C GLN H 522 -18.24 -4.60 11.04
N TYR H 523 -19.45 -5.19 10.94
CA TYR H 523 -19.67 -6.52 10.46
C TYR H 523 -20.65 -6.46 9.26
N ILE H 524 -20.51 -7.43 8.37
CA ILE H 524 -21.47 -7.63 7.27
C ILE H 524 -21.99 -9.03 7.41
N ALA H 525 -23.31 -9.22 7.31
CA ALA H 525 -23.87 -10.54 7.50
C ALA H 525 -24.87 -10.86 6.42
N ILE H 526 -25.03 -12.16 6.11
CA ILE H 526 -25.96 -12.56 5.02
C ILE H 526 -26.32 -14.02 5.21
N TYR H 527 -27.49 -14.38 4.75
CA TYR H 527 -27.89 -15.78 4.66
C TYR H 527 -27.36 -16.42 3.36
N SER H 528 -26.99 -17.70 3.45
CA SER H 528 -26.64 -18.48 2.28
C SER H 528 -27.56 -19.67 2.27
N GLY H 529 -28.32 -19.85 1.20
CA GLY H 529 -29.30 -20.94 1.18
C GLY H 529 -30.26 -20.70 0.05
N VAL H 530 -29.92 -21.28 -1.09
CA VAL H 530 -30.63 -20.97 -2.34
C VAL H 530 -32.02 -21.62 -2.36
N GLY H 531 -32.94 -21.02 -3.09
CA GLY H 531 -34.29 -21.58 -3.27
C GLY H 531 -35.15 -20.49 -3.83
N GLY H 532 -36.37 -20.39 -3.30
CA GLY H 532 -37.34 -19.46 -3.84
C GLY H 532 -37.66 -19.90 -5.25
N TRP H 533 -38.14 -18.94 -6.02
CA TRP H 533 -38.59 -19.24 -7.37
C TRP H 533 -37.47 -19.68 -8.28
N PRO H 534 -36.34 -18.94 -8.29
CA PRO H 534 -35.28 -19.36 -9.20
C PRO H 534 -34.69 -20.72 -8.86
N GLY H 535 -34.68 -21.11 -7.57
CA GLY H 535 -34.13 -22.38 -7.18
C GLY H 535 -35.13 -23.50 -7.10
N VAL H 536 -36.35 -23.26 -7.54
CA VAL H 536 -37.39 -24.30 -7.43
C VAL H 536 -36.98 -25.65 -8.09
N GLY H 537 -36.33 -25.59 -9.28
CA GLY H 537 -35.86 -26.79 -9.95
C GLY H 537 -34.87 -27.64 -9.15
N LEU H 538 -33.93 -26.96 -8.49
CA LEU H 538 -32.99 -27.73 -7.71
C LEU H 538 -33.55 -28.09 -6.35
N VAL H 539 -34.41 -27.29 -5.75
CA VAL H 539 -35.00 -27.62 -4.48
C VAL H 539 -35.87 -28.88 -4.61
N PHE H 540 -36.66 -28.97 -5.68
CA PHE H 540 -37.61 -30.03 -5.81
C PHE H 540 -37.27 -31.05 -6.87
N ASP H 541 -36.05 -30.98 -7.42
CA ASP H 541 -35.53 -31.92 -8.40
C ASP H 541 -36.48 -31.99 -9.60
N LEU H 542 -36.82 -30.82 -10.13
CA LEU H 542 -37.72 -30.74 -11.26
C LEU H 542 -36.85 -30.67 -12.52
N LYS H 543 -37.41 -31.17 -13.64
CA LYS H 543 -36.71 -31.18 -14.96
C LYS H 543 -37.54 -30.70 -16.18
N ASP H 544 -38.85 -30.81 -16.13
CA ASP H 544 -39.71 -30.20 -17.15
C ASP H 544 -39.43 -28.69 -17.18
N PRO H 545 -39.03 -28.15 -18.34
CA PRO H 545 -38.75 -26.72 -18.49
C PRO H 545 -39.89 -25.79 -18.11
N THR H 546 -41.15 -26.28 -18.15
CA THR H 546 -42.31 -25.45 -17.89
C THR H 546 -42.71 -25.60 -16.44
N ALA H 547 -42.09 -26.54 -15.70
CA ALA H 547 -42.38 -26.66 -14.26
C ALA H 547 -41.81 -25.45 -13.49
N GLY H 548 -42.19 -25.36 -12.22
CA GLY H 548 -41.96 -24.17 -11.44
C GLY H 548 -42.52 -22.90 -12.05
N LEU H 549 -43.69 -23.02 -12.68
CA LEU H 549 -44.31 -21.89 -13.40
C LEU H 549 -43.39 -21.28 -14.42
N GLY H 550 -42.59 -22.12 -15.08
CA GLY H 550 -41.69 -21.65 -16.09
C GLY H 550 -40.25 -21.39 -15.72
N ALA H 551 -39.95 -21.39 -14.43
CA ALA H 551 -38.61 -21.06 -13.92
C ALA H 551 -37.62 -22.19 -14.17
N VAL H 552 -38.11 -23.43 -14.26
CA VAL H 552 -37.21 -24.56 -14.23
C VAL H 552 -36.27 -24.54 -15.44
N GLY H 553 -36.85 -24.29 -16.63
CA GLY H 553 -36.07 -24.23 -17.86
C GLY H 553 -34.96 -23.15 -17.83
N ALA H 554 -35.35 -21.97 -17.40
CA ALA H 554 -34.44 -20.83 -17.34
C ALA H 554 -33.26 -21.01 -16.38
N PHE H 555 -33.53 -21.65 -15.23
CA PHE H 555 -32.50 -21.84 -14.20
C PHE H 555 -31.85 -23.21 -14.11
N ARG H 556 -31.88 -23.95 -15.22
CA ARG H 556 -31.41 -25.35 -15.21
C ARG H 556 -29.92 -25.46 -14.90
N GLU H 557 -29.12 -24.48 -15.30
CA GLU H 557 -27.68 -24.47 -15.01
C GLU H 557 -27.30 -24.16 -13.60
N LEU H 558 -28.24 -23.66 -12.81
CA LEU H 558 -27.92 -23.24 -11.46
C LEU H 558 -27.33 -24.37 -10.58
N ALA H 559 -27.92 -25.56 -10.72
CA ALA H 559 -27.46 -26.74 -10.05
C ALA H 559 -26.07 -27.23 -10.42
N HIS H 560 -25.43 -26.69 -11.47
CA HIS H 560 -24.04 -26.96 -11.68
C HIS H 560 -23.15 -26.21 -10.65
N TYR H 561 -23.70 -25.15 -10.06
CA TYR H 561 -22.94 -24.27 -9.17
C TYR H 561 -23.28 -24.39 -7.68
N THR H 562 -24.54 -24.64 -7.36
CA THR H 562 -24.94 -24.61 -5.95
C THR H 562 -25.93 -25.75 -5.67
N GLN H 563 -25.85 -26.28 -4.47
CA GLN H 563 -26.88 -27.10 -3.87
C GLN H 563 -27.64 -26.24 -2.86
N MET H 564 -28.58 -26.84 -2.15
CA MET H 564 -29.26 -26.16 -1.08
C MET H 564 -28.30 -26.01 0.10
N GLY H 565 -28.64 -25.08 0.99
CA GLY H 565 -27.94 -24.96 2.25
C GLY H 565 -28.75 -24.13 3.21
N GLY H 566 -28.12 -23.67 4.29
CA GLY H 566 -28.77 -22.79 5.25
C GLY H 566 -27.82 -22.36 6.33
N SER H 567 -27.23 -21.19 6.14
CA SER H 567 -26.25 -20.67 7.11
C SER H 567 -26.30 -19.17 7.13
N VAL H 568 -25.72 -18.59 8.21
CA VAL H 568 -25.46 -17.17 8.31
C VAL H 568 -23.94 -17.01 8.24
N PHE H 569 -23.48 -16.11 7.40
CA PHE H 569 -22.06 -15.77 7.32
C PHE H 569 -21.91 -14.33 7.81
N VAL H 570 -20.90 -14.10 8.64
CA VAL H 570 -20.59 -12.76 9.17
C VAL H 570 -19.15 -12.46 8.89
N PHE H 571 -18.92 -11.26 8.32
CA PHE H 571 -17.59 -10.85 7.85
C PHE H 571 -17.14 -9.61 8.59
N SER H 572 -15.82 -9.44 8.73
CA SER H 572 -15.25 -8.17 9.25
C SER H 572 -13.84 -8.02 8.74
N LEU H 573 -13.34 -6.83 8.87
CA LEU H 573 -11.94 -6.67 8.78
C LEU H 573 -11.39 -7.17 10.19
N TYR I 1 -16.10 -64.02 37.98
CA TYR I 1 -15.71 -63.96 36.56
C TYR I 1 -14.82 -62.75 36.37
N ASP I 2 -13.52 -62.99 36.38
CA ASP I 2 -12.58 -61.91 36.23
C ASP I 2 -11.84 -62.03 34.90
N GLY I 3 -12.19 -63.04 34.09
CA GLY I 3 -11.67 -63.20 32.75
C GLY I 3 -10.36 -63.91 32.60
N THR I 4 -9.74 -64.33 33.72
CA THR I 4 -8.40 -64.89 33.75
C THR I 4 -8.37 -66.44 33.80
N HIS I 5 -9.52 -67.09 33.93
CA HIS I 5 -9.60 -68.57 34.14
C HIS I 5 -9.98 -69.22 32.84
N CYS I 6 -9.02 -69.83 32.14
CA CYS I 6 -9.23 -70.25 30.77
C CYS I 6 -9.34 -71.77 30.66
N LYS I 7 -10.50 -72.29 30.31
CA LYS I 7 -10.61 -73.71 30.12
C LYS I 7 -9.83 -74.18 28.89
N ALA I 8 -9.60 -73.29 27.94
CA ALA I 8 -8.74 -73.57 26.77
C ALA I 8 -8.16 -72.24 26.28
N PRO I 9 -7.04 -72.27 25.57
CA PRO I 9 -6.54 -71.03 24.94
C PRO I 9 -7.64 -70.29 24.15
N GLY I 10 -7.83 -69.02 24.46
CA GLY I 10 -8.86 -68.21 23.81
C GLY I 10 -10.28 -68.43 24.27
N ASN I 11 -10.46 -69.13 25.39
CA ASN I 11 -11.79 -69.43 25.92
C ASN I 11 -11.76 -69.32 27.45
N CYS I 12 -12.06 -68.14 27.95
CA CYS I 12 -11.96 -67.87 29.38
C CYS I 12 -13.27 -67.53 30.03
N TRP I 13 -14.37 -67.65 29.30
CA TRP I 13 -15.68 -67.21 29.81
C TRP I 13 -16.12 -68.08 31.00
N GLU I 14 -16.74 -67.46 32.00
CA GLU I 14 -17.36 -68.16 33.10
C GLU I 14 -18.67 -67.48 33.38
N PRO I 15 -19.65 -68.23 33.87
CA PRO I 15 -20.89 -67.56 34.33
C PRO I 15 -20.61 -66.72 35.56
N LYS I 16 -21.36 -65.64 35.69
CA LYS I 16 -21.24 -64.84 36.84
C LYS I 16 -21.86 -65.60 38.05
N PRO I 17 -21.54 -65.17 39.30
CA PRO I 17 -22.07 -65.88 40.45
C PRO I 17 -23.61 -65.95 40.45
N GLY I 18 -24.13 -67.17 40.55
CA GLY I 18 -25.55 -67.40 40.53
C GLY I 18 -26.12 -67.59 39.16
N TYR I 19 -25.32 -67.48 38.09
CA TYR I 19 -25.89 -67.61 36.75
C TYR I 19 -25.53 -68.95 36.19
N PRO I 20 -26.28 -69.43 35.22
CA PRO I 20 -25.97 -70.79 34.71
C PRO I 20 -24.90 -70.83 33.64
N ASP I 21 -24.24 -71.99 33.55
CA ASP I 21 -23.23 -72.28 32.55
C ASP I 21 -23.81 -72.35 31.13
N LYS I 22 -25.06 -72.73 31.01
CA LYS I 22 -25.78 -72.69 29.74
C LYS I 22 -27.08 -72.04 29.92
N VAL I 23 -27.52 -71.30 28.91
CA VAL I 23 -28.82 -70.64 29.01
C VAL I 23 -30.01 -71.46 28.47
N ALA I 24 -29.75 -72.42 27.61
CA ALA I 24 -30.87 -73.26 27.10
C ALA I 24 -31.59 -73.85 28.35
N GLY I 25 -32.92 -73.74 28.36
CA GLY I 25 -33.71 -74.23 29.48
C GLY I 25 -33.75 -73.37 30.75
N SER I 26 -33.03 -72.24 30.80
CA SER I 26 -32.98 -71.38 31.97
C SER I 26 -33.97 -70.27 31.72
N LYS I 27 -34.15 -69.38 32.72
CA LYS I 27 -35.00 -68.21 32.54
C LYS I 27 -34.43 -67.19 31.56
N TYR I 28 -33.18 -67.38 31.15
CA TYR I 28 -32.50 -66.50 30.20
C TYR I 28 -32.34 -67.13 28.84
N ASP I 29 -33.05 -68.24 28.60
CA ASP I 29 -33.00 -68.89 27.30
C ASP I 29 -33.47 -67.91 26.27
N PRO I 30 -32.62 -67.66 25.26
CA PRO I 30 -33.10 -66.76 24.21
C PRO I 30 -34.17 -67.35 23.28
N LYS I 31 -34.32 -68.68 23.23
CA LYS I 31 -35.31 -69.39 22.40
C LYS I 31 -35.42 -68.81 20.97
N HIS I 32 -34.29 -68.69 20.30
CA HIS I 32 -34.27 -68.18 18.95
C HIS I 32 -34.95 -69.12 17.97
N ASP I 33 -35.61 -68.54 16.99
CA ASP I 33 -36.24 -69.32 15.94
C ASP I 33 -35.19 -69.68 14.90
N PRO I 34 -34.90 -71.00 14.70
CA PRO I 34 -33.85 -71.35 13.73
C PRO I 34 -34.09 -70.78 12.34
N ASN I 35 -35.34 -70.66 11.91
CA ASN I 35 -35.62 -70.04 10.60
C ASN I 35 -35.32 -68.56 10.55
N GLU I 36 -35.53 -67.82 11.63
CA GLU I 36 -35.06 -66.42 11.69
C GLU I 36 -33.56 -66.38 11.65
N LEU I 37 -32.90 -67.24 12.43
CA LEU I 37 -31.47 -67.22 12.48
C LEU I 37 -30.82 -67.37 11.10
N ASN I 38 -31.42 -68.18 10.26
CA ASN I 38 -30.84 -68.49 8.97
C ASN I 38 -31.12 -67.44 7.90
N LYS I 39 -31.97 -66.45 8.16
CA LYS I 39 -32.35 -65.54 7.07
C LYS I 39 -31.17 -64.70 6.48
N GLN I 40 -30.27 -64.17 7.32
CA GLN I 40 -29.27 -63.31 6.72
C GLN I 40 -28.28 -64.02 5.82
N ALA I 41 -27.94 -65.24 6.14
CA ALA I 41 -27.08 -66.05 5.30
C ALA I 41 -27.75 -66.40 3.96
N GLU I 42 -29.05 -66.64 4.00
CA GLU I 42 -29.82 -66.86 2.76
C GLU I 42 -29.84 -65.59 1.86
N SER I 43 -30.06 -64.46 2.49
CA SER I 43 -29.92 -63.16 1.86
C SER I 43 -28.58 -62.92 1.24
N ILE I 44 -27.50 -63.26 1.94
CA ILE I 44 -26.15 -63.13 1.37
C ILE I 44 -25.99 -64.02 0.10
N LYS I 45 -26.46 -65.25 0.17
CA LYS I 45 -26.36 -66.12 -1.03
C LYS I 45 -27.09 -65.55 -2.25
N ALA I 46 -28.23 -64.94 -2.03
CA ALA I 46 -29.00 -64.32 -3.11
C ALA I 46 -28.28 -63.09 -3.67
N MET I 47 -27.67 -62.26 -2.79
CA MET I 47 -26.88 -61.14 -3.28
C MET I 47 -25.64 -61.61 -4.09
N GLU I 48 -24.92 -62.61 -3.61
CA GLU I 48 -23.76 -63.12 -4.30
C GLU I 48 -24.10 -63.66 -5.71
N ALA I 49 -25.26 -64.33 -5.78
CA ALA I 49 -25.74 -64.84 -7.08
C ALA I 49 -26.09 -63.66 -8.04
N ARG I 50 -26.81 -62.67 -7.57
CA ARG I 50 -27.13 -61.52 -8.45
C ARG I 50 -25.87 -60.81 -8.85
N ASN I 51 -24.92 -60.66 -7.90
CA ASN I 51 -23.64 -60.02 -8.27
C ASN I 51 -22.87 -60.84 -9.34
N GLN I 52 -22.85 -62.18 -9.19
CA GLN I 52 -22.11 -63.00 -10.16
C GLN I 52 -22.74 -62.86 -11.55
N LYS I 53 -24.07 -62.82 -11.61
CA LYS I 53 -24.75 -62.55 -12.87
C LYS I 53 -24.25 -61.19 -13.48
N ARG I 54 -24.18 -60.14 -12.67
CA ARG I 54 -23.68 -58.83 -13.15
C ARG I 54 -22.25 -58.84 -13.67
N VAL I 55 -21.36 -59.49 -12.95
CA VAL I 55 -19.99 -59.56 -13.30
C VAL I 55 -19.82 -60.32 -14.61
N GLU I 56 -20.43 -61.48 -14.69
CA GLU I 56 -20.27 -62.36 -15.87
C GLU I 56 -20.85 -61.69 -17.11
N ASN I 57 -22.02 -61.09 -17.00
CA ASN I 57 -22.61 -60.33 -18.09
C ASN I 57 -21.68 -59.24 -18.59
N TYR I 58 -21.09 -58.46 -17.67
CA TYR I 58 -20.19 -57.36 -18.00
C TYR I 58 -18.95 -57.84 -18.76
N ALA I 59 -18.37 -58.98 -18.36
CA ALA I 59 -17.25 -59.58 -19.11
C ALA I 59 -17.64 -59.90 -20.57
N LYS I 60 -18.86 -60.38 -20.78
CA LYS I 60 -19.34 -60.86 -22.09
C LYS I 60 -19.79 -59.72 -23.03
N THR I 61 -20.40 -58.66 -22.51
CA THR I 61 -20.83 -57.52 -23.31
C THR I 61 -19.94 -56.31 -23.25
N GLY I 62 -19.00 -56.23 -22.29
CA GLY I 62 -18.28 -54.98 -22.01
C GLY I 62 -19.14 -53.86 -21.44
N LYS I 63 -20.40 -54.15 -21.11
CA LYS I 63 -21.35 -53.11 -20.73
C LYS I 63 -22.01 -53.50 -19.38
N PHE I 64 -21.87 -52.62 -18.39
CA PHE I 64 -22.36 -52.98 -17.04
C PHE I 64 -23.85 -52.77 -16.96
N VAL I 65 -24.57 -53.78 -16.49
CA VAL I 65 -26.00 -53.62 -16.20
C VAL I 65 -26.31 -54.13 -14.82
N TYR I 66 -26.86 -53.21 -14.01
CA TYR I 66 -27.18 -53.50 -12.58
C TYR I 66 -28.46 -54.32 -12.50
N LYS I 67 -29.50 -53.93 -13.25
CA LYS I 67 -30.82 -54.54 -13.02
C LYS I 67 -30.86 -55.89 -13.73
N VAL I 68 -30.63 -56.95 -12.94
CA VAL I 68 -30.65 -58.37 -13.40
C VAL I 68 -32.05 -58.91 -13.83
N GLU I 69 -33.12 -58.12 -13.60
CA GLU I 69 -34.41 -58.22 -14.35
C GLU I 69 -34.25 -57.85 -15.84
N ASP I 70 -33.35 -56.89 -16.13
CA ASP I 70 -32.94 -56.52 -17.50
C ASP I 70 -31.73 -57.35 -18.06
N ILE I 71 -31.55 -58.61 -17.60
CA ILE I 71 -30.64 -59.62 -18.21
C ILE I 71 -31.44 -60.95 -18.35
N TYR J 1 -56.49 -3.10 -28.36
CA TYR J 1 -56.39 -2.72 -26.95
C TYR J 1 -54.96 -2.23 -26.60
N ASP J 2 -54.77 -0.92 -26.50
CA ASP J 2 -53.52 -0.34 -26.13
C ASP J 2 -53.53 0.32 -24.72
N GLY J 3 -54.62 0.15 -23.96
CA GLY J 3 -54.79 0.71 -22.59
C GLY J 3 -55.07 2.21 -22.47
N THR J 4 -55.11 2.98 -23.59
CA THR J 4 -55.31 4.40 -23.54
C THR J 4 -56.74 4.90 -23.83
N HIS J 5 -57.66 4.00 -24.16
CA HIS J 5 -59.07 4.39 -24.48
C HIS J 5 -59.95 4.05 -23.27
N CYS J 6 -60.35 5.06 -22.53
CA CYS J 6 -60.99 4.87 -21.25
C CYS J 6 -62.49 5.13 -21.27
N LYS J 7 -63.26 4.09 -20.96
CA LYS J 7 -64.68 4.18 -20.67
C LYS J 7 -64.99 5.17 -19.52
N ALA J 8 -64.13 5.23 -18.49
CA ALA J 8 -64.30 6.07 -17.32
C ALA J 8 -62.94 6.26 -16.67
N PRO J 9 -62.79 7.26 -15.80
CA PRO J 9 -61.48 7.37 -15.10
C PRO J 9 -61.12 6.07 -14.35
N GLY J 10 -59.95 5.51 -14.66
CA GLY J 10 -59.49 4.26 -14.02
C GLY J 10 -60.10 3.05 -14.62
N ASN J 11 -60.72 3.22 -15.80
CA ASN J 11 -61.30 2.06 -16.47
C ASN J 11 -61.07 2.09 -17.97
N CYS J 12 -59.99 1.44 -18.41
CA CYS J 12 -59.58 1.55 -19.78
C CYS J 12 -59.59 0.24 -20.48
N TRP J 13 -60.11 -0.81 -19.86
CA TRP J 13 -60.07 -2.13 -20.43
C TRP J 13 -60.88 -2.20 -21.74
N GLU J 14 -60.38 -2.93 -22.73
CA GLU J 14 -61.13 -3.31 -23.95
C GLU J 14 -60.81 -4.76 -24.28
N PRO J 15 -61.77 -5.43 -24.94
CA PRO J 15 -61.53 -6.76 -25.41
C PRO J 15 -60.53 -6.69 -26.56
N LYS J 16 -59.70 -7.71 -26.63
CA LYS J 16 -58.72 -7.81 -27.64
C LYS J 16 -59.40 -8.21 -28.95
N PRO J 17 -58.72 -7.97 -30.08
CA PRO J 17 -59.30 -8.40 -31.37
C PRO J 17 -59.77 -9.88 -31.44
N GLY J 18 -61.06 -10.03 -31.67
CA GLY J 18 -61.67 -11.35 -31.73
C GLY J 18 -62.20 -11.89 -30.43
N TYR J 19 -62.18 -11.12 -29.34
CA TYR J 19 -62.58 -11.68 -28.03
C TYR J 19 -63.81 -10.90 -27.60
N PRO J 20 -64.59 -11.48 -26.70
CA PRO J 20 -65.88 -10.84 -26.37
C PRO J 20 -65.79 -9.72 -25.33
N ASP J 21 -66.77 -8.83 -25.34
CA ASP J 21 -66.95 -7.85 -24.27
C ASP J 21 -67.26 -8.45 -22.91
N LYS J 22 -67.96 -9.59 -22.91
CA LYS J 22 -68.32 -10.27 -21.68
C LYS J 22 -68.04 -11.74 -21.85
N VAL J 23 -67.48 -12.37 -20.82
CA VAL J 23 -67.16 -13.79 -20.95
C VAL J 23 -68.36 -14.67 -20.66
N ALA J 24 -69.30 -14.18 -19.88
CA ALA J 24 -70.47 -14.99 -19.48
C ALA J 24 -71.23 -15.36 -20.78
N GLY J 25 -71.62 -16.61 -20.95
CA GLY J 25 -72.18 -17.07 -22.22
C GLY J 25 -71.21 -17.20 -23.40
N SER J 26 -69.89 -17.05 -23.18
CA SER J 26 -68.92 -17.25 -24.27
C SER J 26 -68.21 -18.56 -24.16
N LYS J 27 -67.37 -18.83 -25.14
CA LYS J 27 -66.52 -20.01 -25.11
C LYS J 27 -65.52 -19.90 -23.92
N TYR J 28 -65.28 -18.69 -23.43
CA TYR J 28 -64.32 -18.43 -22.29
C TYR J 28 -64.98 -18.23 -20.94
N ASP J 29 -66.24 -18.64 -20.82
CA ASP J 29 -67.01 -18.37 -19.61
C ASP J 29 -66.37 -19.19 -18.49
N PRO J 30 -65.94 -18.55 -17.39
CA PRO J 30 -65.27 -19.32 -16.30
C PRO J 30 -66.22 -20.24 -15.50
N LYS J 31 -67.51 -19.92 -15.55
CA LYS J 31 -68.54 -20.75 -14.99
C LYS J 31 -68.25 -21.03 -13.51
N HIS J 32 -67.97 -19.96 -12.76
CA HIS J 32 -67.55 -20.16 -11.37
C HIS J 32 -68.76 -20.53 -10.51
N ASP J 33 -68.55 -21.47 -9.62
CA ASP J 33 -69.56 -21.92 -8.66
C ASP J 33 -69.64 -20.85 -7.55
N PRO J 34 -70.82 -20.20 -7.37
CA PRO J 34 -70.95 -19.08 -6.42
C PRO J 34 -70.56 -19.45 -5.01
N ASN J 35 -70.87 -20.68 -4.63
CA ASN J 35 -70.47 -21.11 -3.30
C ASN J 35 -68.96 -21.27 -3.14
N GLU J 36 -68.26 -21.70 -4.19
CA GLU J 36 -66.81 -21.89 -4.08
C GLU J 36 -66.21 -20.50 -3.91
N LEU J 37 -66.72 -19.55 -4.70
CA LEU J 37 -66.31 -18.15 -4.62
C LEU J 37 -66.35 -17.59 -3.20
N ASN J 38 -67.34 -17.99 -2.38
CA ASN J 38 -67.52 -17.38 -1.05
C ASN J 38 -66.70 -18.05 0.08
N LYS J 39 -66.08 -19.17 -0.22
CA LYS J 39 -65.41 -19.91 0.85
C LYS J 39 -64.35 -19.09 1.58
N GLN J 40 -63.52 -18.38 0.83
CA GLN J 40 -62.39 -17.59 1.46
C GLN J 40 -62.93 -16.62 2.47
N ALA J 41 -63.92 -15.86 2.04
CA ALA J 41 -64.48 -14.79 2.90
C ALA J 41 -65.15 -15.39 4.13
N GLU J 42 -65.79 -16.54 3.99
CA GLU J 42 -66.39 -17.27 5.09
C GLU J 42 -65.31 -17.80 6.07
N SER J 43 -64.23 -18.36 5.53
CA SER J 43 -63.05 -18.70 6.34
C SER J 43 -62.48 -17.50 7.11
N ILE J 44 -62.39 -16.34 6.49
CA ILE J 44 -61.88 -15.12 7.17
C ILE J 44 -62.80 -14.71 8.33
N LYS J 45 -64.11 -14.74 8.11
CA LYS J 45 -65.05 -14.44 9.22
C LYS J 45 -64.86 -15.37 10.42
N ALA J 46 -64.67 -16.66 10.15
CA ALA J 46 -64.43 -17.65 11.15
C ALA J 46 -63.12 -17.40 11.90
N MET J 47 -62.03 -17.05 11.20
CA MET J 47 -60.76 -16.68 11.89
C MET J 47 -60.92 -15.44 12.79
N GLU J 48 -61.61 -14.44 12.26
CA GLU J 48 -61.78 -13.17 12.96
C GLU J 48 -62.57 -13.40 14.27
N ALA J 49 -63.54 -14.30 14.20
CA ALA J 49 -64.36 -14.65 15.38
C ALA J 49 -63.49 -15.41 16.42
N ARG J 50 -62.69 -16.36 15.95
CA ARG J 50 -61.78 -17.06 16.86
C ARG J 50 -60.76 -16.12 17.48
N ASN J 51 -60.15 -15.26 16.66
CA ASN J 51 -59.23 -14.24 17.20
C ASN J 51 -59.87 -13.31 18.25
N GLN J 52 -61.08 -12.83 17.96
CA GLN J 52 -61.78 -11.99 18.93
C GLN J 52 -61.98 -12.70 20.30
N LYS J 53 -62.31 -13.98 20.26
CA LYS J 53 -62.41 -14.79 21.50
C LYS J 53 -61.11 -14.84 22.27
N ARG J 54 -59.98 -15.01 21.54
CA ARG J 54 -58.67 -14.96 22.16
C ARG J 54 -58.31 -13.60 22.76
N VAL J 55 -58.56 -12.53 22.02
CA VAL J 55 -58.38 -11.16 22.50
C VAL J 55 -59.20 -10.85 23.82
N GLU J 56 -60.48 -11.19 23.80
CA GLU J 56 -61.38 -11.08 24.98
C GLU J 56 -60.89 -11.87 26.18
N ASN J 57 -60.58 -13.14 26.01
CA ASN J 57 -60.04 -13.93 27.11
C ASN J 57 -58.71 -13.41 27.66
N TYR J 58 -57.84 -12.94 26.76
CA TYR J 58 -56.58 -12.34 27.18
C TYR J 58 -56.80 -11.06 28.06
N ALA J 59 -57.71 -10.18 27.65
CA ALA J 59 -57.98 -8.95 28.42
C ALA J 59 -58.64 -9.31 29.78
N LYS J 60 -59.59 -10.22 29.74
CA LYS J 60 -60.30 -10.66 30.95
C LYS J 60 -59.40 -11.41 31.98
N THR J 61 -58.54 -12.33 31.53
CA THR J 61 -57.75 -13.17 32.47
C THR J 61 -56.29 -12.72 32.70
N GLY J 62 -55.77 -11.87 31.84
CA GLY J 62 -54.33 -11.59 31.83
C GLY J 62 -53.46 -12.66 31.21
N LYS J 63 -54.02 -13.78 30.79
CA LYS J 63 -53.26 -14.91 30.26
C LYS J 63 -53.72 -15.24 28.83
N PHE J 64 -52.74 -15.38 27.94
CA PHE J 64 -53.09 -15.71 26.55
C PHE J 64 -53.36 -17.19 26.33
N VAL J 65 -54.45 -17.47 25.64
CA VAL J 65 -54.81 -18.86 25.29
C VAL J 65 -55.21 -18.89 23.81
N TYR J 66 -54.50 -19.70 23.03
CA TYR J 66 -54.78 -19.85 21.59
C TYR J 66 -56.00 -20.76 21.32
N LYS J 67 -56.02 -21.94 21.91
CA LYS J 67 -57.07 -22.96 21.61
C LYS J 67 -58.40 -22.45 22.14
N VAL J 68 -59.33 -22.12 21.24
CA VAL J 68 -60.57 -21.45 21.67
C VAL J 68 -61.45 -22.41 22.49
N GLU J 69 -61.36 -23.71 22.17
CA GLU J 69 -61.91 -24.84 22.97
C GLU J 69 -61.58 -24.70 24.49
N ASP J 70 -60.34 -24.30 24.84
CA ASP J 70 -59.86 -24.19 26.25
C ASP J 70 -60.13 -22.85 26.96
N ILE J 71 -60.83 -21.93 26.34
CA ILE J 71 -61.28 -20.70 26.97
C ILE J 71 -62.63 -20.94 27.64
N TYR K 1 51.91 -46.60 30.33
CA TYR K 1 51.13 -45.57 31.04
C TYR K 1 49.77 -45.37 30.39
N ASP K 2 48.77 -46.05 30.94
CA ASP K 2 47.38 -45.83 30.48
C ASP K 2 46.53 -44.96 31.41
N GLY K 3 47.13 -44.47 32.51
CA GLY K 3 46.52 -43.63 33.50
C GLY K 3 45.62 -44.33 34.48
N THR K 4 45.53 -45.67 34.42
CA THR K 4 44.61 -46.44 35.26
C THR K 4 45.35 -47.11 36.44
N HIS K 5 46.67 -46.97 36.55
CA HIS K 5 47.39 -47.65 37.65
C HIS K 5 47.76 -46.64 38.64
N CYS K 6 47.11 -46.64 39.81
CA CYS K 6 47.27 -45.57 40.76
C CYS K 6 48.06 -45.96 42.02
N LYS K 7 49.10 -45.22 42.25
CA LYS K 7 49.87 -45.23 43.47
C LYS K 7 49.02 -44.86 44.71
N ALA K 8 48.10 -43.92 44.58
CA ALA K 8 47.23 -43.49 45.67
C ALA K 8 46.00 -42.86 45.00
N PRO K 9 44.92 -42.66 45.76
CA PRO K 9 43.75 -42.00 45.18
C PRO K 9 44.13 -40.64 44.59
N GLY K 10 43.77 -40.41 43.33
CA GLY K 10 44.09 -39.14 42.72
C GLY K 10 45.53 -39.00 42.26
N ASN K 11 46.31 -40.12 42.22
CA ASN K 11 47.71 -40.08 41.80
C ASN K 11 47.99 -41.32 40.95
N CYS K 12 47.87 -41.15 39.63
CA CYS K 12 48.01 -42.32 38.73
C CYS K 12 49.15 -42.22 37.74
N TRP K 13 50.03 -41.25 37.93
CA TRP K 13 51.02 -40.98 36.91
C TRP K 13 52.11 -42.06 36.92
N GLU K 14 52.55 -42.47 35.74
CA GLU K 14 53.69 -43.36 35.59
C GLU K 14 54.57 -42.79 34.50
N PRO K 15 55.91 -42.99 34.64
CA PRO K 15 56.76 -42.70 33.48
C PRO K 15 56.43 -43.56 32.30
N LYS K 16 56.56 -42.98 31.13
CA LYS K 16 56.39 -43.73 29.89
C LYS K 16 57.62 -44.65 29.69
N PRO K 17 57.44 -45.77 29.01
CA PRO K 17 58.58 -46.69 28.81
C PRO K 17 59.80 -46.00 28.24
N GLY K 18 60.93 -46.14 28.93
CA GLY K 18 62.17 -45.58 28.55
C GLY K 18 62.46 -44.20 29.13
N TYR K 19 61.49 -43.59 29.84
CA TYR K 19 61.61 -42.28 30.46
C TYR K 19 61.77 -42.39 31.97
N PRO K 20 62.26 -41.32 32.64
CA PRO K 20 62.62 -41.53 34.04
C PRO K 20 61.48 -41.35 35.02
N ASP K 21 61.63 -41.96 36.19
CA ASP K 21 60.65 -41.89 37.28
C ASP K 21 60.78 -40.51 37.92
N LYS K 22 62.00 -39.96 37.99
CA LYS K 22 62.18 -38.57 38.41
C LYS K 22 63.02 -37.85 37.39
N VAL K 23 62.73 -36.60 37.16
CA VAL K 23 63.50 -35.84 36.16
C VAL K 23 64.74 -35.20 36.71
N ALA K 24 64.78 -34.98 38.02
CA ALA K 24 66.03 -34.41 38.57
C ALA K 24 67.20 -35.39 38.33
N GLY K 25 68.31 -34.89 37.84
CA GLY K 25 69.45 -35.74 37.49
C GLY K 25 69.35 -36.47 36.16
N SER K 26 68.24 -36.31 35.43
CA SER K 26 68.03 -36.96 34.16
C SER K 26 68.43 -36.00 33.07
N LYS K 27 68.45 -36.47 31.82
CA LYS K 27 68.59 -35.53 30.71
C LYS K 27 67.37 -34.58 30.50
N TYR K 28 66.23 -34.86 31.12
CA TYR K 28 65.05 -33.97 31.03
C TYR K 28 64.88 -33.06 32.27
N ASP K 29 65.96 -32.90 33.02
CA ASP K 29 65.96 -32.11 34.24
C ASP K 29 65.62 -30.67 33.88
N PRO K 30 64.51 -30.12 34.42
CA PRO K 30 64.16 -28.73 34.08
C PRO K 30 65.16 -27.70 34.63
N LYS K 31 65.90 -28.10 35.65
CA LYS K 31 66.91 -27.21 36.31
C LYS K 31 66.40 -25.79 36.57
N HIS K 32 65.28 -25.70 37.25
CA HIS K 32 64.71 -24.37 37.47
C HIS K 32 65.51 -23.62 38.54
N ASP K 33 65.63 -22.32 38.34
CA ASP K 33 66.31 -21.38 39.28
C ASP K 33 65.31 -21.05 40.38
N PRO K 34 65.58 -21.44 41.65
CA PRO K 34 64.61 -21.22 42.75
C PRO K 34 64.24 -19.75 42.90
N ASN K 35 65.18 -18.82 42.59
CA ASN K 35 64.83 -17.43 42.65
C ASN K 35 63.82 -16.97 41.59
N GLU K 36 63.87 -17.51 40.37
CA GLU K 36 62.85 -17.22 39.34
C GLU K 36 61.52 -17.82 39.78
N LEU K 37 61.57 -19.04 40.31
CA LEU K 37 60.34 -19.72 40.70
C LEU K 37 59.53 -18.89 41.66
N ASN K 38 60.22 -18.22 42.55
CA ASN K 38 59.52 -17.45 43.60
C ASN K 38 59.04 -16.05 43.21
N LYS K 39 59.33 -15.62 42.00
CA LYS K 39 59.04 -14.27 41.65
C LYS K 39 57.54 -13.97 41.63
N GLN K 40 56.73 -14.88 41.10
CA GLN K 40 55.33 -14.48 40.92
C GLN K 40 54.58 -14.37 42.25
N ALA K 41 54.93 -15.25 43.20
CA ALA K 41 54.38 -15.17 44.61
C ALA K 41 54.75 -13.87 45.29
N GLU K 42 55.99 -13.41 45.11
CA GLU K 42 56.42 -12.14 45.70
C GLU K 42 55.69 -10.99 45.05
N SER K 43 55.46 -11.08 43.74
CA SER K 43 54.69 -10.04 43.06
C SER K 43 53.22 -9.98 43.60
N ILE K 44 52.59 -11.14 43.80
CA ILE K 44 51.23 -11.20 44.36
C ILE K 44 51.19 -10.58 45.76
N LYS K 45 52.16 -10.92 46.60
CA LYS K 45 52.21 -10.25 47.92
C LYS K 45 52.25 -8.72 47.80
N ALA K 46 53.02 -8.16 46.87
CA ALA K 46 53.17 -6.75 46.73
C ALA K 46 51.88 -6.14 46.23
N MET K 47 51.22 -6.79 45.26
CA MET K 47 49.90 -6.31 44.82
C MET K 47 48.87 -6.33 45.97
N GLU K 48 48.85 -7.42 46.73
CA GLU K 48 47.92 -7.54 47.82
C GLU K 48 48.16 -6.43 48.87
N ALA K 49 49.42 -6.07 49.10
CA ALA K 49 49.70 -5.03 50.10
C ALA K 49 49.26 -3.61 49.57
N ARG K 50 49.45 -3.35 48.29
CA ARG K 50 48.99 -2.09 47.72
C ARG K 50 47.44 -2.00 47.75
N ASN K 51 46.81 -3.10 47.42
CA ASN K 51 45.38 -3.14 47.41
C ASN K 51 44.85 -2.86 48.85
N GLN K 52 45.46 -3.49 49.85
CA GLN K 52 45.06 -3.28 51.26
C GLN K 52 45.18 -1.80 51.64
N LYS K 53 46.25 -1.14 51.16
CA LYS K 53 46.41 0.32 51.39
C LYS K 53 45.29 1.08 50.73
N ARG K 54 44.85 0.65 49.55
CA ARG K 54 43.74 1.32 48.89
C ARG K 54 42.40 1.15 49.65
N VAL K 55 42.14 -0.07 50.14
CA VAL K 55 40.97 -0.37 50.95
C VAL K 55 40.95 0.42 52.29
N GLU K 56 42.07 0.40 52.99
CA GLU K 56 42.26 1.24 54.20
C GLU K 56 41.97 2.69 54.00
N ASN K 57 42.53 3.26 52.95
CA ASN K 57 42.30 4.66 52.64
C ASN K 57 40.81 4.99 52.37
N TYR K 58 40.17 4.12 51.61
CA TYR K 58 38.74 4.22 51.37
C TYR K 58 37.93 4.18 52.68
N ALA K 59 38.29 3.28 53.58
CA ALA K 59 37.62 3.11 54.89
C ALA K 59 37.88 4.35 55.80
N LYS K 60 39.04 4.97 55.65
CA LYS K 60 39.43 6.19 56.42
C LYS K 60 38.78 7.45 55.93
N THR K 61 38.66 7.63 54.60
CA THR K 61 38.27 8.91 54.02
C THR K 61 36.96 8.85 53.33
N GLY K 62 36.47 7.64 53.02
CA GLY K 62 35.30 7.50 52.15
C GLY K 62 35.55 7.78 50.68
N LYS K 63 36.80 7.96 50.27
CA LYS K 63 37.08 8.34 48.91
C LYS K 63 38.12 7.33 48.35
N PHE K 64 37.85 6.75 47.17
CA PHE K 64 38.81 5.81 46.58
C PHE K 64 39.96 6.53 45.85
N VAL K 65 41.19 6.12 46.14
CA VAL K 65 42.43 6.57 45.51
C VAL K 65 43.27 5.36 45.09
N TYR K 66 43.55 5.26 43.80
CA TYR K 66 44.39 4.15 43.29
C TYR K 66 45.89 4.32 43.64
N LYS K 67 46.47 5.49 43.40
CA LYS K 67 47.92 5.64 43.48
C LYS K 67 48.32 5.66 44.91
N VAL K 68 49.03 4.61 45.33
CA VAL K 68 49.40 4.44 46.74
C VAL K 68 50.33 5.58 47.24
N GLU K 69 51.10 6.20 46.34
CA GLU K 69 51.95 7.39 46.67
C GLU K 69 51.12 8.67 46.90
N ASP K 70 49.86 8.71 46.43
CA ASP K 70 48.95 9.82 46.72
C ASP K 70 48.13 9.65 48.00
N ILE K 71 48.24 8.50 48.65
CA ILE K 71 47.60 8.24 49.92
C ILE K 71 48.51 8.85 51.04
N TYR L 1 42.16 47.80 0.22
CA TYR L 1 42.36 46.65 -0.71
C TYR L 1 41.04 45.94 -0.86
N ASP L 2 40.33 46.23 -1.93
CA ASP L 2 39.12 45.48 -2.27
C ASP L 2 39.30 44.53 -3.42
N GLY L 3 40.52 44.45 -3.98
CA GLY L 3 40.82 43.48 -5.04
C GLY L 3 40.53 43.92 -6.48
N THR L 4 40.04 45.13 -6.64
CA THR L 4 39.47 45.66 -7.87
C THR L 4 40.45 46.66 -8.50
N HIS L 5 41.59 46.93 -7.89
CA HIS L 5 42.52 47.96 -8.46
C HIS L 5 43.64 47.20 -9.07
N CYS L 6 43.67 47.11 -10.40
CA CYS L 6 44.60 46.22 -11.08
C CYS L 6 45.70 46.99 -11.79
N LYS L 7 46.95 46.77 -11.43
CA LYS L 7 48.06 47.43 -12.21
C LYS L 7 48.28 46.72 -13.51
N ALA L 8 47.85 45.47 -13.60
CA ALA L 8 47.91 44.72 -14.85
C ALA L 8 46.88 43.63 -14.85
N PRO L 9 46.58 43.09 -16.01
CA PRO L 9 45.58 42.01 -16.04
C PRO L 9 46.01 40.84 -15.15
N GLY L 10 45.14 40.43 -14.21
CA GLY L 10 45.54 39.32 -13.31
C GLY L 10 46.48 39.73 -12.21
N ASN L 11 46.68 41.03 -11.98
CA ASN L 11 47.50 41.48 -10.87
C ASN L 11 46.86 42.67 -10.16
N CYS L 12 46.06 42.36 -9.15
CA CYS L 12 45.29 43.35 -8.41
C CYS L 12 45.63 43.53 -6.94
N TRP L 13 46.74 42.96 -6.49
CA TRP L 13 47.15 42.97 -5.09
C TRP L 13 47.52 44.36 -4.66
N GLU L 14 47.07 44.77 -3.49
CA GLU L 14 47.55 45.99 -2.83
C GLU L 14 47.82 45.67 -1.38
N PRO L 15 48.78 46.37 -0.78
CA PRO L 15 48.88 46.30 0.69
C PRO L 15 47.68 46.82 1.40
N LYS L 16 47.38 46.24 2.53
CA LYS L 16 46.36 46.74 3.40
C LYS L 16 46.90 48.01 4.13
N PRO L 17 46.01 48.85 4.65
CA PRO L 17 46.43 50.11 5.29
C PRO L 17 47.42 49.83 6.38
N GLY L 18 48.55 50.52 6.36
CA GLY L 18 49.55 50.34 7.39
C GLY L 18 50.58 49.23 7.12
N TYR L 19 50.46 48.52 6.02
CA TYR L 19 51.28 47.34 5.72
C TYR L 19 52.19 47.72 4.53
N PRO L 20 53.35 47.07 4.44
CA PRO L 20 54.32 47.48 3.41
C PRO L 20 54.04 46.95 1.97
N ASP L 21 54.58 47.66 0.99
CA ASP L 21 54.51 47.25 -0.39
C ASP L 21 55.29 46.01 -0.68
N LYS L 22 56.47 45.93 -0.10
CA LYS L 22 57.35 44.84 -0.21
C LYS L 22 57.66 44.41 1.21
N VAL L 23 57.73 43.11 1.42
CA VAL L 23 58.08 42.57 2.73
C VAL L 23 59.59 42.54 3.04
N ALA L 24 60.45 42.47 2.01
CA ALA L 24 61.91 42.44 2.24
C ALA L 24 62.30 43.74 2.98
N GLY L 25 63.02 43.59 4.09
CA GLY L 25 63.47 44.73 4.88
C GLY L 25 62.43 45.25 5.85
N SER L 26 61.22 44.69 5.90
CA SER L 26 60.18 45.16 6.80
C SER L 26 60.10 44.25 8.06
N LYS L 27 59.25 44.63 9.02
CA LYS L 27 58.97 43.79 10.19
C LYS L 27 58.31 42.46 9.81
N TYR L 28 57.76 42.36 8.61
CA TYR L 28 57.17 41.11 8.09
C TYR L 28 58.05 40.31 7.13
N ASP L 29 59.38 40.63 7.09
CA ASP L 29 60.30 39.97 6.19
C ASP L 29 60.32 38.49 6.52
N PRO L 30 60.02 37.63 5.53
CA PRO L 30 60.06 36.21 5.92
C PRO L 30 61.49 35.63 6.01
N LYS L 31 62.48 36.29 5.37
CA LYS L 31 63.88 35.86 5.53
C LYS L 31 64.12 34.37 5.21
N HIS L 32 63.58 33.99 4.08
CA HIS L 32 63.71 32.62 3.63
C HIS L 32 65.17 32.35 3.29
N ASP L 33 65.64 31.19 3.72
CA ASP L 33 66.96 30.66 3.33
C ASP L 33 66.89 30.12 1.88
N PRO L 34 67.66 30.72 0.94
CA PRO L 34 67.57 30.26 -0.42
C PRO L 34 67.85 28.79 -0.59
N ASN L 35 68.75 28.20 0.22
CA ASN L 35 69.00 26.75 0.14
C ASN L 35 67.79 25.92 0.54
N GLU L 36 67.09 26.36 1.58
CA GLU L 36 65.85 25.70 1.98
C GLU L 36 64.82 25.77 0.85
N LEU L 37 64.61 26.96 0.32
CA LEU L 37 63.68 27.12 -0.82
C LEU L 37 63.87 26.16 -1.98
N ASN L 38 65.13 25.86 -2.25
CA ASN L 38 65.49 25.01 -3.36
C ASN L 38 65.37 23.51 -3.15
N LYS L 39 65.08 23.05 -1.95
CA LYS L 39 65.10 21.63 -1.69
C LYS L 39 64.09 20.79 -2.45
N GLN L 40 62.85 21.25 -2.49
CA GLN L 40 61.79 20.52 -3.18
C GLN L 40 62.09 20.17 -4.59
N ALA L 41 62.59 21.18 -5.33
CA ALA L 41 62.90 21.03 -6.74
C ALA L 41 64.05 20.05 -6.96
N GLU L 42 65.07 20.14 -6.14
CA GLU L 42 66.18 19.13 -6.08
C GLU L 42 65.66 17.71 -5.83
N SER L 43 64.75 17.56 -4.87
CA SER L 43 64.10 16.28 -4.60
C SER L 43 63.32 15.72 -5.79
N ILE L 44 62.59 16.61 -6.47
CA ILE L 44 61.84 16.25 -7.66
C ILE L 44 62.72 15.76 -8.79
N LYS L 45 63.81 16.49 -9.05
CA LYS L 45 64.78 16.00 -10.03
C LYS L 45 65.35 14.59 -9.71
N ALA L 46 65.67 14.37 -8.44
CA ALA L 46 66.13 13.05 -8.02
C ALA L 46 65.05 11.96 -8.21
N MET L 47 63.77 12.28 -7.90
CA MET L 47 62.69 11.31 -8.17
C MET L 47 62.56 11.02 -9.66
N GLU L 48 62.62 12.08 -10.47
CA GLU L 48 62.43 11.93 -11.91
C GLU L 48 63.55 11.05 -12.48
N ALA L 49 64.74 11.20 -11.92
CA ALA L 49 65.89 10.44 -12.47
C ALA L 49 65.78 8.99 -12.08
N ARG L 50 65.35 8.71 -10.85
CA ARG L 50 65.12 7.33 -10.43
C ARG L 50 63.97 6.65 -11.20
N ASN L 51 62.89 7.40 -11.45
CA ASN L 51 61.79 6.89 -12.22
C ASN L 51 62.27 6.52 -13.61
N GLN L 52 63.07 7.40 -14.25
CA GLN L 52 63.50 7.10 -15.66
C GLN L 52 64.33 5.82 -15.70
N LYS L 53 65.18 5.59 -14.70
CA LYS L 53 65.88 4.31 -14.55
C LYS L 53 64.99 3.12 -14.43
N ARG L 54 63.89 3.26 -13.69
CA ARG L 54 62.91 2.18 -13.58
C ARG L 54 62.25 1.93 -14.91
N VAL L 55 61.92 3.00 -15.62
CA VAL L 55 61.26 2.88 -16.91
C VAL L 55 62.18 2.19 -17.95
N GLU L 56 63.41 2.66 -18.00
CA GLU L 56 64.44 2.07 -18.91
C GLU L 56 64.66 0.60 -18.59
N ASN L 57 64.75 0.24 -17.31
CA ASN L 57 64.93 -1.15 -16.94
C ASN L 57 63.80 -2.02 -17.42
N TYR L 58 62.58 -1.56 -17.17
CA TYR L 58 61.38 -2.33 -17.53
C TYR L 58 61.32 -2.52 -19.02
N ALA L 59 61.66 -1.50 -19.78
CA ALA L 59 61.72 -1.63 -21.24
C ALA L 59 62.79 -2.67 -21.70
N LYS L 60 63.93 -2.69 -21.03
CA LYS L 60 65.00 -3.62 -21.35
C LYS L 60 64.75 -5.09 -21.07
N THR L 61 64.05 -5.39 -19.95
CA THR L 61 63.88 -6.77 -19.43
C THR L 61 62.43 -7.28 -19.38
N GLY L 62 61.44 -6.39 -19.54
CA GLY L 62 60.02 -6.73 -19.31
C GLY L 62 59.65 -7.16 -17.87
N LYS L 63 60.55 -6.93 -16.87
CA LYS L 63 60.27 -7.20 -15.45
C LYS L 63 60.47 -5.91 -14.68
N PHE L 64 59.44 -5.54 -13.93
CA PHE L 64 59.49 -4.25 -13.27
C PHE L 64 60.35 -4.35 -12.03
N VAL L 65 61.26 -3.43 -11.81
CA VAL L 65 62.05 -3.41 -10.58
C VAL L 65 62.00 -2.01 -10.04
N TYR L 66 61.46 -1.86 -8.82
CA TYR L 66 61.40 -0.56 -8.15
C TYR L 66 62.79 -0.11 -7.56
N LYS L 67 63.49 -0.98 -6.80
CA LYS L 67 64.72 -0.58 -6.13
C LYS L 67 65.81 -0.30 -7.15
N VAL L 68 66.17 0.98 -7.29
CA VAL L 68 67.17 1.35 -8.30
C VAL L 68 68.55 0.62 -8.12
N GLU L 69 69.01 0.44 -6.89
CA GLU L 69 70.31 -0.26 -6.68
C GLU L 69 70.27 -1.78 -6.98
N ASP L 70 69.07 -2.37 -7.13
CA ASP L 70 68.93 -3.73 -7.73
C ASP L 70 68.89 -3.77 -9.24
N ILE L 71 68.91 -2.63 -9.92
CA ILE L 71 68.93 -2.58 -11.38
C ILE L 71 70.41 -2.66 -11.82
N ASN M 1 29.60 -18.33 -30.47
CA ASN M 1 30.22 -17.01 -30.59
C ASN M 1 30.38 -16.44 -29.22
N SER M 2 31.64 -16.33 -28.73
CA SER M 2 31.82 -15.87 -27.35
C SER M 2 31.46 -14.43 -27.12
N GLU M 3 31.64 -13.52 -28.09
CA GLU M 3 31.20 -12.15 -27.91
C GLU M 3 29.66 -12.06 -27.85
N LEU M 4 28.95 -12.80 -28.71
CA LEU M 4 27.49 -12.87 -28.68
C LEU M 4 27.00 -13.37 -27.29
N ASP M 5 27.62 -14.44 -26.81
CA ASP M 5 27.32 -14.92 -25.44
C ASP M 5 27.59 -13.84 -24.39
N ARG M 6 28.68 -13.09 -24.53
CA ARG M 6 29.00 -12.03 -23.57
C ARG M 6 27.91 -10.94 -23.59
N LEU M 7 27.51 -10.56 -24.80
CA LEU M 7 26.53 -9.50 -24.97
C LEU M 7 25.17 -9.96 -24.38
N SER M 8 24.89 -11.25 -24.44
CA SER M 8 23.63 -11.77 -23.88
C SER M 8 23.55 -11.64 -22.35
N LYS M 9 24.72 -11.51 -21.68
CA LYS M 9 24.76 -11.34 -20.25
C LYS M 9 24.53 -9.89 -19.82
N ASP M 10 24.41 -8.97 -20.77
CA ASP M 10 24.06 -7.60 -20.51
C ASP M 10 22.52 -7.49 -20.61
N ASP M 11 21.87 -7.07 -19.55
CA ASP M 11 20.41 -6.94 -19.51
C ASP M 11 19.84 -5.76 -20.31
N ARG M 12 20.70 -4.97 -20.91
CA ARG M 12 20.30 -4.01 -21.94
C ARG M 12 19.96 -4.70 -23.24
N ASN M 13 20.39 -5.95 -23.37
CA ASN M 13 20.31 -6.65 -24.65
C ASN M 13 19.35 -7.85 -24.65
N TRP M 14 18.85 -8.15 -25.85
CA TRP M 14 18.16 -9.40 -26.12
C TRP M 14 18.64 -9.79 -27.53
N VAL M 15 19.66 -10.61 -27.56
CA VAL M 15 20.54 -10.72 -28.71
C VAL M 15 20.18 -11.86 -29.64
N MET M 16 19.31 -12.75 -29.22
CA MET M 16 18.80 -13.81 -30.07
C MET M 16 17.37 -14.15 -29.64
N GLN M 17 16.61 -14.83 -30.50
CA GLN M 17 15.20 -15.12 -30.17
C GLN M 17 15.06 -15.89 -28.84
N THR M 18 15.95 -16.82 -28.64
CA THR M 18 16.04 -17.63 -27.44
C THR M 18 16.66 -16.95 -26.21
N LYS M 19 17.01 -15.66 -26.31
CA LYS M 19 17.66 -14.83 -25.32
C LYS M 19 19.13 -15.22 -25.17
N ASP M 20 19.44 -16.50 -25.00
CA ASP M 20 20.78 -16.95 -24.77
C ASP M 20 20.91 -18.30 -25.33
N TYR M 21 22.17 -18.75 -25.39
CA TYR M 21 22.43 -20.02 -25.99
C TYR M 21 21.76 -21.23 -25.29
N SER M 22 21.36 -21.08 -24.03
CA SER M 22 20.63 -22.18 -23.30
C SER M 22 19.14 -22.04 -23.44
N ALA M 23 18.73 -21.02 -24.15
CA ALA M 23 17.30 -20.76 -24.39
C ALA M 23 16.53 -20.68 -23.05
N THR M 24 17.11 -19.96 -22.10
CA THR M 24 16.47 -19.85 -20.81
C THR M 24 15.24 -18.97 -20.84
N HIS M 25 15.18 -17.96 -21.73
CA HIS M 25 14.07 -16.99 -21.68
C HIS M 25 13.81 -16.46 -20.24
N PHE M 26 14.91 -16.29 -19.53
CA PHE M 26 14.92 -15.89 -18.15
C PHE M 26 15.73 -14.61 -17.97
N SER M 27 15.08 -13.59 -17.44
CA SER M 27 15.76 -12.33 -17.09
C SER M 27 15.93 -12.24 -15.60
N ARG M 28 17.14 -11.89 -15.19
CA ARG M 28 17.47 -11.55 -13.79
C ARG M 28 16.95 -10.21 -13.34
N LEU M 29 16.39 -9.40 -14.24
CA LEU M 29 15.90 -8.10 -13.83
C LEU M 29 14.75 -8.26 -12.79
N THR M 30 14.80 -7.44 -11.76
CA THR M 30 13.89 -7.51 -10.63
C THR M 30 13.03 -6.26 -10.48
N GLU M 31 13.23 -5.25 -11.29
CA GLU M 31 12.47 -4.02 -11.16
C GLU M 31 10.94 -4.28 -11.25
N ILE M 32 10.56 -4.98 -12.32
CA ILE M 32 9.20 -5.39 -12.49
C ILE M 32 9.02 -6.70 -11.75
N ASN M 33 8.07 -6.74 -10.81
CA ASN M 33 7.92 -7.93 -9.95
C ASN M 33 6.49 -8.21 -9.56
N SER M 34 6.28 -9.29 -8.82
CA SER M 34 4.95 -9.72 -8.50
C SER M 34 4.21 -8.64 -7.67
N HIS M 35 4.90 -7.80 -6.93
CA HIS M 35 4.24 -6.80 -6.08
C HIS M 35 3.84 -5.53 -6.81
N ASN M 36 4.48 -5.23 -7.95
CA ASN M 36 4.19 -3.97 -8.69
C ASN M 36 3.72 -4.14 -10.14
N VAL M 37 3.65 -5.36 -10.65
CA VAL M 37 3.34 -5.56 -12.10
C VAL M 37 1.94 -5.02 -12.40
N LYS M 38 1.07 -4.99 -11.38
CA LYS M 38 -0.28 -4.43 -11.59
C LYS M 38 -0.22 -2.95 -12.11
N ASN M 39 0.91 -2.26 -11.93
CA ASN M 39 1.08 -0.90 -12.39
C ASN M 39 1.75 -0.78 -13.76
N LEU M 40 1.97 -1.91 -14.44
CA LEU M 40 2.61 -1.85 -15.76
C LEU M 40 1.70 -1.11 -16.73
N LYS M 41 2.23 -0.17 -17.50
CA LYS M 41 1.49 0.56 -18.50
C LYS M 41 2.20 0.54 -19.86
N VAL M 42 1.44 0.82 -20.92
CA VAL M 42 2.04 0.90 -22.23
C VAL M 42 2.98 2.15 -22.27
N ALA M 43 4.23 1.96 -22.65
CA ALA M 43 5.15 3.09 -22.79
C ALA M 43 5.15 3.70 -24.21
N TRP M 44 5.18 2.83 -25.20
CA TRP M 44 5.15 3.28 -26.59
C TRP M 44 4.85 2.06 -27.47
N THR M 45 4.46 2.33 -28.72
CA THR M 45 4.04 1.27 -29.64
C THR M 45 4.56 1.60 -31.06
N LEU M 46 4.60 0.57 -31.90
CA LEU M 46 5.03 0.74 -33.32
C LEU M 46 4.18 -0.13 -34.19
N SER M 47 3.86 0.29 -35.42
CA SER M 47 3.11 -0.60 -36.35
C SER M 47 4.15 -1.27 -37.19
N THR M 48 3.97 -2.55 -37.47
CA THR M 48 4.84 -3.28 -38.39
C THR M 48 4.48 -3.06 -39.84
N GLY M 49 3.28 -2.58 -40.13
CA GLY M 49 2.82 -2.29 -41.51
C GLY M 49 2.38 -3.51 -42.30
N THR M 50 2.26 -4.65 -41.65
CA THR M 50 1.71 -5.86 -42.25
C THR M 50 0.64 -6.42 -41.35
N LEU M 51 -0.15 -7.31 -41.94
CA LEU M 51 -1.10 -8.18 -41.23
C LEU M 51 -0.46 -9.61 -41.19
N HIS M 52 -1.25 -10.64 -40.90
CA HIS M 52 -0.77 -12.07 -40.77
C HIS M 52 0.01 -12.25 -39.48
N GLY M 53 0.29 -13.51 -39.18
CA GLY M 53 0.87 -13.82 -37.86
C GLY M 53 2.29 -13.28 -37.64
N HIS M 54 2.54 -12.74 -36.46
CA HIS M 54 3.82 -12.18 -36.11
C HIS M 54 4.47 -13.09 -35.06
N GLU M 55 5.27 -14.04 -35.51
CA GLU M 55 6.01 -14.91 -34.61
C GLU M 55 7.37 -14.33 -34.23
N GLY M 56 8.07 -15.02 -33.31
CA GLY M 56 9.31 -14.50 -32.79
C GLY M 56 9.03 -13.22 -31.99
N ALA M 57 10.02 -12.40 -31.88
CA ALA M 57 9.91 -11.11 -31.21
C ALA M 57 11.06 -10.23 -31.62
N PRO M 58 11.02 -8.94 -31.27
CA PRO M 58 12.24 -8.14 -31.48
C PRO M 58 13.51 -8.62 -30.86
N LEU M 59 14.62 -8.21 -31.47
CA LEU M 59 15.96 -8.22 -30.83
C LEU M 59 16.29 -6.79 -30.34
N VAL M 60 17.14 -6.71 -29.33
CA VAL M 60 17.65 -5.43 -28.85
C VAL M 60 19.16 -5.57 -28.66
N VAL M 61 19.95 -4.76 -29.33
CA VAL M 61 21.41 -4.86 -29.13
C VAL M 61 21.97 -3.49 -29.23
N ASP M 62 22.79 -3.13 -28.22
CA ASP M 62 23.53 -1.89 -28.19
C ASP M 62 22.63 -0.68 -28.51
N GLY M 63 21.49 -0.64 -27.83
CA GLY M 63 20.56 0.50 -27.86
C GLY M 63 19.62 0.56 -29.10
N ILE M 64 19.64 -0.48 -29.96
CA ILE M 64 18.82 -0.55 -31.17
C ILE M 64 17.90 -1.75 -31.09
N MET M 65 16.61 -1.54 -31.32
CA MET M 65 15.64 -2.59 -31.49
C MET M 65 15.46 -2.93 -32.95
N TYR M 66 15.40 -4.25 -33.23
CA TYR M 66 15.21 -4.78 -34.56
C TYR M 66 13.88 -5.55 -34.63
N ILE M 67 13.04 -5.20 -35.61
CA ILE M 67 11.71 -5.72 -35.79
C ILE M 67 11.68 -6.45 -37.14
N HIS M 68 10.85 -7.45 -37.25
CA HIS M 68 10.60 -8.16 -38.51
C HIS M 68 9.13 -8.54 -38.60
N THR M 69 8.72 -8.83 -39.97
CA THR M 69 7.34 -9.06 -40.25
C THR M 69 7.17 -10.49 -40.83
N PRO M 70 5.95 -10.93 -40.92
CA PRO M 70 5.62 -11.99 -41.84
C PRO M 70 5.80 -11.50 -43.29
N PHE M 71 5.55 -12.39 -44.24
CA PHE M 71 5.88 -12.13 -45.65
C PHE M 71 5.37 -10.74 -46.06
N PRO M 72 6.16 -9.87 -46.69
CA PRO M 72 7.47 -10.16 -47.31
C PRO M 72 8.70 -9.98 -46.44
N ASN M 73 8.58 -10.03 -45.10
CA ASN M 73 9.72 -10.12 -44.22
C ASN M 73 10.53 -8.84 -44.22
N ASN M 74 9.81 -7.73 -44.12
CA ASN M 74 10.44 -6.46 -43.87
C ASN M 74 11.13 -6.41 -42.50
N VAL M 75 12.22 -5.65 -42.46
CA VAL M 75 13.02 -5.49 -41.28
C VAL M 75 13.19 -4.01 -41.00
N TYR M 76 13.06 -3.62 -39.74
CA TYR M 76 13.22 -2.21 -39.33
C TYR M 76 14.09 -2.15 -38.07
N ALA M 77 14.90 -1.12 -38.00
CA ALA M 77 15.75 -0.85 -36.81
C ALA M 77 15.27 0.46 -36.21
N VAL M 78 15.20 0.50 -34.88
CA VAL M 78 14.75 1.62 -34.10
C VAL M 78 15.81 1.98 -32.98
N ASP M 79 16.30 3.21 -33.01
CA ASP M 79 17.16 3.74 -31.93
C ASP M 79 16.25 3.91 -30.74
N LEU M 80 16.52 3.20 -29.67
CA LEU M 80 15.71 3.31 -28.42
C LEU M 80 15.66 4.76 -27.78
N ASN M 81 16.58 5.62 -28.18
CA ASN M 81 16.54 7.02 -27.79
C ASN M 81 15.65 7.87 -28.73
N ASP M 82 15.13 7.29 -29.81
CA ASP M 82 14.24 8.06 -30.75
C ASP M 82 13.22 7.07 -31.28
N THR M 83 12.26 6.71 -30.46
CA THR M 83 11.45 5.51 -30.78
C THR M 83 10.48 5.71 -31.93
N ARG M 84 10.30 6.95 -32.37
CA ARG M 84 9.27 7.27 -33.36
C ARG M 84 9.87 7.08 -34.73
N LYS M 85 11.19 7.12 -34.81
CA LYS M 85 11.88 7.12 -36.12
C LYS M 85 12.45 5.75 -36.48
N MET M 86 12.38 5.41 -37.74
CA MET M 86 13.01 4.21 -38.19
C MET M 86 14.44 4.52 -38.57
N LEU M 87 15.39 3.92 -37.93
CA LEU M 87 16.81 4.20 -38.19
C LEU M 87 17.19 3.70 -39.58
N TRP M 88 16.70 2.53 -39.93
CA TRP M 88 16.81 2.01 -41.28
C TRP M 88 15.77 0.99 -41.53
N GLN M 89 15.62 0.59 -42.78
CA GLN M 89 14.69 -0.45 -43.16
C GLN M 89 15.21 -1.32 -44.29
N TYR M 90 14.75 -2.55 -44.39
CA TYR M 90 15.06 -3.46 -45.48
C TYR M 90 13.77 -4.13 -45.89
N LYS M 91 13.45 -3.99 -47.18
CA LYS M 91 12.20 -4.41 -47.73
C LYS M 91 12.39 -5.41 -48.85
N PRO M 92 12.40 -6.70 -48.53
CA PRO M 92 12.68 -7.73 -49.58
C PRO M 92 11.69 -7.69 -50.74
N LYS M 93 12.23 -7.96 -51.93
CA LYS M 93 11.42 -8.26 -53.13
C LYS M 93 11.44 -9.79 -53.35
N GLN M 94 10.29 -10.41 -53.13
CA GLN M 94 10.18 -11.84 -53.18
C GLN M 94 9.05 -12.18 -54.09
N ASN M 95 9.17 -13.28 -54.77
CA ASN M 95 8.08 -13.75 -55.56
C ASN M 95 6.87 -14.05 -54.72
N PRO M 96 5.69 -13.46 -54.99
CA PRO M 96 4.48 -13.76 -54.22
C PRO M 96 3.99 -15.20 -54.30
N ALA M 97 4.48 -15.97 -55.27
CA ALA M 97 4.24 -17.44 -55.28
C ALA M 97 4.71 -18.15 -54.02
N ALA M 98 5.64 -17.55 -53.28
CA ALA M 98 6.12 -18.16 -52.05
C ALA M 98 4.97 -18.36 -51.04
N ARG M 99 3.97 -17.49 -51.09
CA ARG M 99 2.83 -17.62 -50.23
C ARG M 99 2.03 -18.90 -50.42
N ALA M 100 1.94 -19.38 -51.66
CA ALA M 100 1.15 -20.55 -51.99
C ALA M 100 1.72 -21.86 -51.52
N VAL M 101 2.99 -21.90 -51.15
CA VAL M 101 3.62 -23.13 -50.61
C VAL M 101 3.82 -23.07 -49.08
N ALA M 102 3.18 -22.10 -48.39
CA ALA M 102 3.11 -22.07 -46.91
C ALA M 102 1.77 -22.67 -46.47
N CYS M 103 1.80 -23.78 -45.75
CA CYS M 103 0.55 -24.46 -45.33
C CYS M 103 -0.32 -23.62 -44.38
N CYS M 104 0.37 -22.91 -43.48
CA CYS M 104 -0.17 -22.51 -42.18
C CYS M 104 0.18 -21.06 -41.83
N ASP M 105 -0.13 -20.18 -42.77
CA ASP M 105 0.25 -18.75 -42.71
C ASP M 105 1.73 -18.46 -43.05
N VAL M 106 1.98 -17.23 -43.43
CA VAL M 106 3.29 -16.80 -43.88
C VAL M 106 4.14 -16.21 -42.75
N VAL M 107 4.18 -16.95 -41.65
CA VAL M 107 4.96 -16.53 -40.50
C VAL M 107 6.46 -16.66 -40.70
N ASN M 108 7.17 -15.93 -39.85
CA ASN M 108 8.57 -15.92 -39.78
C ASN M 108 8.98 -15.74 -38.33
N ARG M 109 9.94 -16.56 -37.89
CA ARG M 109 10.32 -16.60 -36.50
C ARG M 109 11.44 -15.70 -36.15
N GLY M 110 11.94 -14.91 -37.10
CA GLY M 110 12.72 -13.72 -36.77
C GLY M 110 14.23 -13.65 -37.06
N LEU M 111 14.79 -12.56 -36.60
CA LEU M 111 16.13 -12.16 -36.89
C LEU M 111 17.11 -12.84 -35.99
N ALA M 112 18.35 -12.95 -36.49
CA ALA M 112 19.51 -13.20 -35.65
C ALA M 112 20.53 -12.08 -35.77
N TYR M 113 21.51 -12.08 -34.87
CA TYR M 113 22.50 -11.05 -34.76
C TYR M 113 23.89 -11.64 -34.49
N VAL M 114 24.91 -11.03 -35.10
CA VAL M 114 26.29 -11.28 -34.68
C VAL M 114 27.03 -9.92 -34.48
N PRO M 115 27.85 -9.80 -33.42
CA PRO M 115 28.63 -8.60 -33.28
C PRO M 115 29.83 -8.56 -34.23
N ALA M 116 30.44 -7.42 -34.30
CA ALA M 116 31.60 -7.26 -35.19
C ALA M 116 32.78 -8.06 -34.61
N GLY M 117 33.78 -8.51 -35.34
CA GLY M 117 33.81 -9.39 -36.41
C GLY M 117 35.25 -9.33 -36.99
N GLU M 118 36.08 -10.35 -36.88
CA GLU M 118 37.10 -10.60 -37.93
C GLU M 118 36.35 -10.77 -39.31
N HIS M 119 35.13 -11.25 -39.24
CA HIS M 119 34.23 -11.21 -40.38
C HIS M 119 33.61 -9.92 -41.11
N GLY M 120 33.62 -8.61 -40.91
CA GLY M 120 33.96 -7.70 -39.96
C GLY M 120 32.71 -7.04 -39.35
N PRO M 121 31.92 -6.10 -39.99
CA PRO M 121 30.98 -5.37 -39.07
C PRO M 121 29.79 -6.21 -38.47
N ALA M 122 29.16 -5.70 -37.39
CA ALA M 122 27.96 -6.39 -36.81
C ALA M 122 26.89 -6.59 -37.84
N LYS M 123 26.26 -7.75 -37.82
CA LYS M 123 25.20 -8.07 -38.81
C LYS M 123 23.89 -8.52 -38.19
N ILE M 124 22.81 -8.28 -38.94
CA ILE M 124 21.52 -8.86 -38.72
C ILE M 124 21.29 -9.92 -39.81
N PHE M 125 20.79 -11.09 -39.42
CA PHE M 125 20.43 -12.14 -40.37
C PHE M 125 18.93 -12.32 -40.50
N LEU M 126 18.49 -12.50 -41.74
CA LEU M 126 17.09 -12.75 -42.06
C LEU M 126 16.97 -13.99 -42.92
N ASN M 127 16.10 -14.90 -42.51
CA ASN M 127 15.63 -15.97 -43.41
C ASN M 127 14.36 -15.52 -44.05
N GLN M 128 14.31 -15.44 -45.39
CA GLN M 128 13.10 -15.05 -46.10
C GLN M 128 12.28 -16.24 -46.44
N LEU M 129 10.96 -16.06 -46.50
CA LEU M 129 10.08 -17.13 -46.90
C LEU M 129 10.54 -17.75 -48.24
N ASP M 130 11.01 -16.94 -49.17
CA ASP M 130 11.44 -17.49 -50.51
C ASP M 130 12.77 -18.25 -50.50
N GLY M 131 13.33 -18.53 -49.33
CA GLY M 131 14.45 -19.46 -49.24
C GLY M 131 15.85 -18.85 -49.18
N HIS M 132 15.92 -17.54 -49.16
CA HIS M 132 17.21 -16.86 -49.03
C HIS M 132 17.56 -16.61 -47.56
N ILE M 133 18.85 -16.68 -47.29
CA ILE M 133 19.49 -16.22 -46.07
C ILE M 133 20.17 -14.91 -46.49
N VAL M 134 19.89 -13.86 -45.74
CA VAL M 134 20.35 -12.51 -46.01
C VAL M 134 21.09 -11.97 -44.80
N ALA M 135 22.28 -11.42 -45.04
CA ALA M 135 23.11 -10.71 -44.03
C ALA M 135 23.10 -9.19 -44.30
N LEU M 136 22.65 -8.44 -43.29
CA LEU M 136 22.54 -7.02 -43.33
C LEU M 136 23.49 -6.39 -42.36
N ASN M 137 23.97 -5.19 -42.68
CA ASN M 137 24.74 -4.43 -41.72
C ASN M 137 23.81 -3.99 -40.56
N ALA M 138 24.18 -4.33 -39.33
CA ALA M 138 23.31 -4.05 -38.17
C ALA M 138 23.12 -2.58 -37.89
N LYS M 139 24.09 -1.75 -38.26
CA LYS M 139 23.96 -0.31 -37.99
C LYS M 139 23.29 0.45 -39.13
N THR M 140 23.46 0.00 -40.37
CA THR M 140 23.01 0.74 -41.54
C THR M 140 21.93 0.09 -42.34
N GLY M 141 21.77 -1.22 -42.22
CA GLY M 141 20.80 -1.97 -42.95
C GLY M 141 21.22 -2.35 -44.37
N GLU M 142 22.42 -1.99 -44.80
CA GLU M 142 22.84 -2.36 -46.15
C GLU M 142 23.03 -3.87 -46.27
N GLU M 143 22.58 -4.41 -47.41
CA GLU M 143 22.70 -5.81 -47.72
C GLU M 143 24.18 -6.16 -47.95
N ILE M 144 24.72 -7.07 -47.17
CA ILE M 144 26.13 -7.50 -47.29
C ILE M 144 26.23 -8.70 -48.25
N TRP M 145 25.39 -9.70 -48.01
CA TRP M 145 25.35 -10.91 -48.84
C TRP M 145 24.03 -11.59 -48.75
N LYS M 146 23.73 -12.43 -49.73
CA LYS M 146 22.45 -13.06 -49.85
C LYS M 146 22.66 -14.37 -50.59
N MET M 147 22.26 -15.50 -50.03
CA MET M 147 22.46 -16.78 -50.70
C MET M 147 21.14 -17.51 -50.81
N GLU M 148 21.08 -18.45 -51.71
CA GLU M 148 19.90 -19.27 -51.89
C GLU M 148 20.01 -20.57 -51.07
N ASN M 149 19.15 -20.72 -50.06
CA ASN M 149 19.14 -21.97 -49.29
C ASN M 149 18.10 -22.98 -49.77
N SER M 150 16.89 -22.50 -50.00
CA SER M 150 15.72 -23.30 -50.26
C SER M 150 14.90 -22.83 -51.51
N ASP M 151 14.35 -23.78 -52.27
CA ASP M 151 13.72 -23.46 -53.55
C ASP M 151 12.21 -23.58 -53.47
N ILE M 152 11.51 -22.46 -53.66
CA ILE M 152 10.05 -22.49 -53.53
C ILE M 152 9.40 -23.31 -54.60
N ALA M 153 10.08 -23.47 -55.74
CA ALA M 153 9.53 -24.35 -56.78
C ALA M 153 9.41 -25.82 -56.29
N MET M 154 10.26 -26.25 -55.35
CA MET M 154 10.16 -27.58 -54.75
C MET M 154 9.23 -27.61 -53.47
N GLY M 155 8.50 -26.54 -53.16
CA GLY M 155 7.68 -26.44 -51.97
C GLY M 155 8.51 -26.10 -50.73
N SER M 156 9.75 -25.63 -50.90
CA SER M 156 10.74 -25.52 -49.84
C SER M 156 10.92 -24.04 -49.52
N THR M 157 10.63 -23.68 -48.27
CA THR M 157 10.63 -22.31 -47.83
C THR M 157 11.48 -22.22 -46.59
N LEU M 158 11.57 -21.02 -46.02
CA LEU M 158 12.19 -20.88 -44.69
C LEU M 158 11.16 -20.17 -43.80
N THR M 159 11.02 -20.67 -42.57
CA THR M 159 10.17 -20.01 -41.56
C THR M 159 10.93 -19.81 -40.21
N GLY M 160 11.84 -20.73 -39.85
CA GLY M 160 12.65 -20.67 -38.61
C GLY M 160 13.74 -19.60 -38.63
N ALA M 161 14.03 -19.02 -37.46
CA ALA M 161 15.04 -18.01 -37.37
C ALA M 161 16.47 -18.55 -37.68
N PRO M 162 17.35 -17.73 -38.28
CA PRO M 162 18.75 -18.12 -38.28
C PRO M 162 19.33 -18.28 -36.88
N PHE M 163 20.48 -18.95 -36.77
CA PHE M 163 21.13 -19.21 -35.49
C PHE M 163 22.63 -19.03 -35.60
N VAL M 164 23.19 -18.07 -34.85
CA VAL M 164 24.61 -17.73 -34.97
C VAL M 164 25.45 -18.51 -33.97
N VAL M 165 26.47 -19.21 -34.49
CA VAL M 165 27.39 -19.98 -33.63
C VAL M 165 28.80 -19.74 -34.17
N LYS M 166 29.64 -19.15 -33.36
CA LYS M 166 30.99 -18.70 -33.74
C LYS M 166 30.89 -17.80 -34.95
N ASP M 167 31.52 -18.13 -36.10
CA ASP M 167 31.47 -17.28 -37.29
C ASP M 167 30.68 -17.93 -38.42
N LYS M 168 29.66 -18.68 -38.01
CA LYS M 168 28.68 -19.38 -38.83
C LYS M 168 27.25 -18.99 -38.45
N VAL M 169 26.38 -19.02 -39.46
CA VAL M 169 24.97 -18.81 -39.26
C VAL M 169 24.30 -20.05 -39.78
N LEU M 170 23.48 -20.67 -38.93
CA LEU M 170 22.67 -21.85 -39.33
C LEU M 170 21.31 -21.50 -39.87
N VAL M 171 20.93 -22.19 -40.93
CA VAL M 171 19.74 -21.96 -41.67
C VAL M 171 19.08 -23.31 -41.73
N GLY M 172 17.83 -23.33 -41.28
CA GLY M 172 17.02 -24.57 -41.33
C GLY M 172 16.30 -24.79 -42.66
N SER M 173 15.12 -25.37 -42.56
CA SER M 173 14.37 -25.76 -43.69
C SER M 173 12.89 -25.86 -43.34
N ALA M 174 12.04 -25.87 -44.37
CA ALA M 174 10.65 -26.03 -44.17
C ALA M 174 10.00 -26.58 -45.42
N GLY M 175 8.80 -27.13 -45.25
CA GLY M 175 8.05 -27.71 -46.36
C GLY M 175 7.83 -29.19 -46.25
N ALA M 176 7.87 -29.78 -45.05
CA ALA M 176 7.55 -31.25 -44.99
C ALA M 176 6.13 -31.58 -45.50
N GLU M 177 5.21 -30.61 -45.43
CA GLU M 177 3.88 -30.81 -45.95
C GLU M 177 3.87 -30.87 -47.50
N LEU M 178 5.01 -30.60 -48.14
CA LEU M 178 5.17 -30.69 -49.60
C LEU M 178 6.30 -31.64 -49.97
N GLY M 179 6.56 -32.62 -49.11
CA GLY M 179 7.57 -33.60 -49.39
C GLY M 179 9.00 -33.15 -49.46
N VAL M 180 9.35 -32.09 -48.74
CA VAL M 180 10.71 -31.56 -48.75
C VAL M 180 11.51 -32.39 -47.76
N ARG M 181 12.62 -32.95 -48.22
CA ARG M 181 13.59 -33.61 -47.34
C ARG M 181 14.43 -32.62 -46.54
N GLY M 182 14.42 -32.77 -45.23
CA GLY M 182 14.99 -31.69 -44.39
C GLY M 182 16.50 -31.65 -44.38
N TYR M 183 17.01 -30.43 -44.31
CA TYR M 183 18.40 -30.19 -44.10
C TYR M 183 18.63 -28.91 -43.34
N VAL M 184 19.74 -28.87 -42.59
CA VAL M 184 20.26 -27.69 -41.93
C VAL M 184 21.65 -27.37 -42.48
N THR M 185 21.93 -26.07 -42.61
CA THR M 185 23.10 -25.59 -43.36
C THR M 185 23.84 -24.57 -42.53
N ALA M 186 25.17 -24.67 -42.43
CA ALA M 186 25.99 -23.62 -41.82
C ALA M 186 26.72 -22.79 -42.86
N TYR M 187 26.58 -21.48 -42.80
CA TYR M 187 27.17 -20.52 -43.73
C TYR M 187 28.15 -19.69 -42.99
N ASN M 188 29.31 -19.47 -43.59
CA ASN M 188 30.28 -18.60 -43.03
C ASN M 188 29.75 -17.16 -43.08
N ILE M 189 29.95 -16.44 -42.00
CA ILE M 189 29.33 -15.12 -41.81
C ILE M 189 30.00 -14.01 -42.61
N LYS M 190 31.28 -14.15 -42.91
CA LYS M 190 31.99 -13.13 -43.70
C LYS M 190 31.46 -13.01 -45.12
N ASP M 191 31.34 -14.15 -45.79
CA ASP M 191 31.05 -14.17 -47.23
C ASP M 191 29.88 -15.08 -47.65
N GLY M 192 29.13 -15.67 -46.71
CA GLY M 192 28.05 -16.54 -47.11
C GLY M 192 28.45 -17.88 -47.68
N LYS M 193 29.68 -18.31 -47.48
CA LYS M 193 30.12 -19.59 -48.03
C LYS M 193 29.57 -20.77 -47.27
N GLN M 194 29.01 -21.75 -47.97
CA GLN M 194 28.44 -22.94 -47.29
C GLN M 194 29.54 -23.77 -46.67
N GLU M 195 29.45 -24.04 -45.37
CA GLU M 195 30.48 -24.76 -44.61
C GLU M 195 30.12 -26.22 -44.43
N TRP M 196 28.89 -26.53 -44.05
CA TRP M 196 28.40 -27.90 -44.03
C TRP M 196 26.91 -27.93 -44.18
N ARG M 197 26.38 -29.10 -44.47
CA ARG M 197 24.97 -29.28 -44.70
C ARG M 197 24.64 -30.70 -44.24
N ALA M 198 23.64 -30.85 -43.36
CA ALA M 198 23.22 -32.16 -42.84
C ALA M 198 21.78 -32.45 -43.13
N TYR M 199 21.54 -33.59 -43.76
CA TYR M 199 20.18 -33.97 -44.11
C TYR M 199 19.57 -34.81 -42.98
N ALA M 200 18.25 -34.90 -43.00
CA ALA M 200 17.50 -35.60 -41.96
C ALA M 200 17.21 -37.06 -42.31
N THR M 201 17.30 -37.38 -43.60
CA THR M 201 17.03 -38.77 -44.05
C THR M 201 18.12 -39.14 -45.06
N GLY M 202 18.23 -40.42 -45.38
CA GLY M 202 19.11 -40.86 -46.52
C GLY M 202 20.42 -41.46 -46.09
N PRO M 203 21.41 -41.53 -47.01
CA PRO M 203 22.68 -42.15 -46.65
C PRO M 203 23.44 -41.42 -45.55
N ASP M 204 24.22 -42.19 -44.80
CA ASP M 204 24.97 -41.67 -43.71
C ASP M 204 25.84 -40.48 -44.02
N GLU M 205 26.43 -40.42 -45.22
CA GLU M 205 27.27 -39.25 -45.54
C GLU M 205 26.44 -37.92 -45.61
N ASP M 206 25.19 -38.00 -46.04
CA ASP M 206 24.22 -36.89 -46.06
C ASP M 206 23.77 -36.50 -44.61
N LEU M 207 23.58 -37.49 -43.75
CA LEU M 207 23.16 -37.25 -42.37
C LEU M 207 24.23 -36.51 -41.59
N LEU M 208 25.48 -36.75 -41.99
CA LEU M 208 26.67 -36.14 -41.46
C LEU M 208 26.92 -36.58 -40.02
N LEU M 209 27.42 -37.81 -39.88
CA LEU M 209 27.53 -38.47 -38.58
C LEU M 209 28.97 -38.58 -38.10
N ASP M 210 29.22 -38.36 -36.82
CA ASP M 210 30.53 -38.60 -36.27
C ASP M 210 30.72 -40.12 -36.35
N LYS M 211 31.97 -40.57 -36.40
CA LYS M 211 32.29 -42.03 -36.37
C LYS M 211 31.79 -42.68 -35.08
N ASP M 212 31.76 -41.91 -33.99
CA ASP M 212 31.22 -42.32 -32.69
C ASP M 212 29.74 -41.93 -32.43
N PHE M 213 28.96 -41.77 -33.49
CA PHE M 213 27.56 -41.37 -33.37
C PHE M 213 26.79 -42.35 -32.51
N ASN M 214 26.15 -41.84 -31.46
CA ASN M 214 25.35 -42.68 -30.52
C ASN M 214 26.13 -43.87 -29.87
N LYS M 215 27.44 -43.72 -29.75
CA LYS M 215 28.30 -44.64 -29.03
C LYS M 215 27.79 -44.77 -27.58
N ASP M 216 27.30 -43.68 -27.00
CA ASP M 216 26.84 -43.78 -25.61
C ASP M 216 25.50 -44.50 -25.47
N ASN M 217 24.68 -44.54 -26.56
CA ASN M 217 23.35 -45.12 -26.55
C ASN M 217 23.12 -45.86 -27.89
N PRO M 218 23.82 -47.01 -28.10
CA PRO M 218 23.73 -47.69 -29.40
C PRO M 218 22.34 -48.28 -29.70
N HIS M 219 21.56 -48.46 -28.65
CA HIS M 219 20.21 -48.85 -28.77
C HIS M 219 19.28 -47.82 -29.40
N TYR M 220 19.69 -46.55 -29.50
CA TYR M 220 18.96 -45.54 -30.33
C TYR M 220 19.04 -45.83 -31.84
N GLY M 221 20.07 -46.59 -32.24
CA GLY M 221 20.31 -46.91 -33.62
C GLY M 221 21.57 -46.15 -33.94
N GLN M 222 22.43 -46.71 -34.79
CA GLN M 222 23.60 -45.98 -35.28
C GLN M 222 23.61 -45.77 -36.81
N PHE M 223 24.25 -46.66 -37.56
CA PHE M 223 24.50 -46.43 -38.99
C PHE M 223 23.52 -47.11 -39.93
N GLY M 224 23.30 -46.46 -41.08
CA GLY M 224 22.53 -46.98 -42.19
C GLY M 224 21.05 -46.76 -42.08
N LEU M 225 20.60 -46.19 -40.96
CA LEU M 225 19.15 -46.17 -40.68
C LEU M 225 18.38 -45.16 -41.51
N GLY M 226 19.07 -44.14 -41.98
CA GLY M 226 18.46 -43.14 -42.86
C GLY M 226 17.99 -43.71 -44.18
N LEU M 227 18.50 -44.91 -44.53
CA LEU M 227 18.01 -45.69 -45.68
C LEU M 227 17.23 -46.92 -45.24
N SER M 228 17.72 -47.67 -44.24
CA SER M 228 17.11 -48.99 -43.93
C SER M 228 15.74 -48.88 -43.26
N THR M 229 15.42 -47.71 -42.62
CA THR M 229 14.06 -47.53 -42.07
C THR M 229 13.03 -46.93 -43.02
N TRP M 230 13.38 -46.86 -44.32
CA TRP M 230 12.43 -46.54 -45.36
C TRP M 230 12.39 -47.70 -46.40
N GLU M 231 11.30 -47.81 -47.14
CA GLU M 231 11.22 -48.64 -48.35
C GLU M 231 11.66 -47.88 -49.58
N GLY M 232 12.74 -48.36 -50.18
CA GLY M 232 13.17 -47.82 -51.45
C GLY M 232 13.62 -46.39 -51.28
N ASP M 233 13.20 -45.53 -52.22
CA ASP M 233 13.71 -44.16 -52.35
C ASP M 233 12.80 -43.16 -51.62
N ALA M 234 11.91 -43.64 -50.79
CA ALA M 234 10.84 -42.79 -50.20
C ALA M 234 11.44 -41.73 -49.25
N TRP M 235 12.66 -41.97 -48.77
CA TRP M 235 13.43 -41.03 -48.04
C TRP M 235 13.73 -39.75 -48.81
N LYS M 236 13.70 -39.79 -50.13
CA LYS M 236 14.11 -38.61 -50.88
C LYS M 236 13.16 -37.44 -50.72
N ILE M 237 11.92 -37.75 -50.42
CA ILE M 237 10.84 -36.79 -50.22
C ILE M 237 10.29 -36.96 -48.79
N GLY M 238 11.17 -37.31 -47.85
CA GLY M 238 10.73 -37.86 -46.59
C GLY M 238 10.58 -36.91 -45.38
N GLY M 239 10.62 -35.60 -45.56
CA GLY M 239 10.34 -34.66 -44.48
C GLY M 239 11.52 -34.49 -43.64
N GLY M 240 11.29 -34.16 -42.36
CA GLY M 240 12.39 -33.97 -41.45
C GLY M 240 12.95 -32.57 -41.48
N THR M 241 12.25 -31.65 -42.10
CA THR M 241 12.69 -30.26 -42.12
C THR M 241 12.83 -29.71 -40.68
N ASN M 242 13.70 -28.73 -40.45
CA ASN M 242 13.90 -28.14 -39.13
C ASN M 242 13.62 -26.61 -39.18
N TRP M 243 12.41 -26.28 -38.73
CA TRP M 243 11.88 -24.91 -38.77
C TRP M 243 11.75 -24.26 -37.35
N GLY M 244 12.25 -24.98 -36.38
CA GLY M 244 12.17 -24.58 -34.98
C GLY M 244 13.41 -23.90 -34.48
N TRP M 245 13.83 -24.29 -33.28
CA TRP M 245 14.81 -23.50 -32.51
C TRP M 245 16.01 -24.36 -32.18
N TYR M 246 17.13 -23.71 -31.86
CA TYR M 246 18.35 -24.36 -31.47
C TYR M 246 18.84 -23.94 -30.09
N ALA M 247 19.77 -24.74 -29.56
CA ALA M 247 20.56 -24.37 -28.45
C ALA M 247 22.00 -24.71 -28.73
N TYR M 248 22.89 -24.11 -27.95
CA TYR M 248 24.32 -24.33 -28.09
C TYR M 248 25.00 -24.39 -26.74
N ASP M 249 25.86 -25.39 -26.55
CA ASP M 249 26.74 -25.46 -25.37
C ASP M 249 28.19 -25.28 -25.84
N PRO M 250 28.81 -24.15 -25.52
CA PRO M 250 30.12 -23.89 -26.04
C PRO M 250 31.22 -24.65 -25.36
N LYS M 251 30.96 -25.23 -24.18
CA LYS M 251 31.91 -26.04 -23.48
C LYS M 251 32.01 -27.41 -24.18
N LEU M 252 30.90 -27.98 -24.58
CA LEU M 252 30.89 -29.19 -25.42
C LEU M 252 31.08 -28.95 -26.92
N ASP M 253 30.90 -27.70 -27.30
CA ASP M 253 30.91 -27.19 -28.67
C ASP M 253 29.86 -27.94 -29.52
N MET M 254 28.66 -28.07 -28.95
CA MET M 254 27.57 -28.83 -29.54
C MET M 254 26.32 -27.96 -29.76
N ILE M 255 25.65 -28.21 -30.88
CA ILE M 255 24.42 -27.57 -31.30
C ILE M 255 23.32 -28.58 -31.18
N TYR M 256 22.16 -28.12 -30.69
CA TYR M 256 21.00 -29.00 -30.48
C TYR M 256 19.80 -28.45 -31.23
N TYR M 257 19.03 -29.33 -31.85
CA TYR M 257 17.77 -28.97 -32.51
C TYR M 257 17.04 -30.24 -32.82
N GLY M 258 15.80 -30.09 -33.23
CA GLY M 258 14.99 -31.22 -33.58
C GLY M 258 14.57 -31.22 -35.04
N SER M 259 14.49 -32.42 -35.64
CA SER M 259 14.00 -32.59 -36.99
C SER M 259 12.54 -32.93 -37.00
N GLY M 260 11.85 -32.44 -38.05
CA GLY M 260 10.42 -32.51 -38.16
C GLY M 260 9.89 -33.83 -38.65
N ASN M 261 8.63 -33.78 -39.01
CA ASN M 261 7.83 -34.95 -39.32
C ASN M 261 8.24 -35.58 -40.68
N PRO M 262 8.08 -36.89 -40.82
CA PRO M 262 8.18 -37.48 -42.16
C PRO M 262 7.02 -37.15 -43.08
N ALA M 263 7.29 -37.18 -44.39
CA ALA M 263 6.27 -36.97 -45.39
C ALA M 263 6.02 -38.27 -46.16
N PRO M 264 4.79 -38.56 -46.51
CA PRO M 264 3.62 -37.72 -46.30
C PRO M 264 3.01 -37.94 -44.92
N TRP M 265 1.92 -37.23 -44.61
CA TRP M 265 1.24 -37.51 -43.36
C TRP M 265 0.64 -38.93 -43.34
N ASN M 266 0.25 -39.41 -44.53
CA ASN M 266 -0.25 -40.77 -44.74
C ASN M 266 0.80 -41.81 -44.39
N GLU M 267 0.73 -42.34 -43.17
CA GLU M 267 1.74 -43.26 -42.68
C GLU M 267 1.88 -44.55 -43.54
N THR M 268 0.78 -44.92 -44.16
CA THR M 268 0.70 -46.19 -44.89
C THR M 268 1.56 -46.18 -46.14
N MET M 269 1.82 -44.98 -46.69
CA MET M 269 2.71 -44.78 -47.81
C MET M 269 4.19 -44.78 -47.51
N ARG M 270 4.56 -44.85 -46.25
CA ARG M 270 5.96 -44.82 -45.90
C ARG M 270 6.25 -45.78 -44.74
N PRO M 271 6.08 -47.10 -44.98
CA PRO M 271 6.44 -48.06 -43.96
C PRO M 271 7.86 -47.90 -43.47
N GLY M 272 8.05 -48.08 -42.16
CA GLY M 272 9.38 -48.05 -41.50
C GLY M 272 9.49 -46.96 -40.43
N ASP M 273 10.51 -47.04 -39.59
CA ASP M 273 10.73 -46.03 -38.54
C ASP M 273 10.99 -44.60 -39.11
N ASN M 274 11.41 -44.49 -40.36
CA ASN M 274 11.55 -43.17 -41.03
C ASN M 274 12.60 -42.28 -40.40
N LYS M 275 13.72 -42.88 -40.03
CA LYS M 275 14.78 -42.15 -39.45
C LYS M 275 15.47 -41.32 -40.49
N TRP M 276 16.09 -40.16 -40.14
CA TRP M 276 16.06 -39.59 -38.79
C TRP M 276 15.12 -38.35 -38.67
N THR M 277 13.92 -38.52 -39.14
CA THR M 277 12.85 -37.60 -38.78
C THR M 277 12.57 -37.71 -37.27
N MET M 278 11.96 -36.65 -36.71
CA MET M 278 11.49 -36.69 -35.31
C MET M 278 12.60 -36.96 -34.34
N THR M 279 13.77 -36.38 -34.62
CA THR M 279 14.96 -36.70 -33.89
C THR M 279 15.53 -35.52 -33.14
N ILE M 280 15.96 -35.74 -31.91
CA ILE M 280 16.79 -34.77 -31.17
C ILE M 280 18.24 -34.93 -31.55
N TRP M 281 18.88 -33.89 -32.08
CA TRP M 281 20.32 -33.93 -32.46
C TRP M 281 21.25 -33.18 -31.55
N GLY M 282 22.43 -33.75 -31.35
CA GLY M 282 23.56 -33.06 -30.82
C GLY M 282 24.67 -33.16 -31.88
N ARG M 283 24.98 -32.03 -32.52
CA ARG M 283 26.00 -31.94 -33.58
C ARG M 283 27.18 -31.13 -33.17
N ASP M 284 28.38 -31.57 -33.57
CA ASP M 284 29.57 -30.74 -33.44
C ASP M 284 29.35 -29.41 -34.20
N ALA M 285 29.72 -28.28 -33.59
CA ALA M 285 29.50 -26.96 -34.18
C ALA M 285 30.36 -26.76 -35.46
N ASP M 286 31.67 -27.09 -35.39
CA ASP M 286 32.57 -26.71 -36.52
C ASP M 286 32.27 -27.58 -37.75
N THR M 287 31.94 -28.85 -37.57
CA THR M 287 31.80 -29.80 -38.69
C THR M 287 30.38 -30.19 -38.96
N GLY M 288 29.45 -29.97 -38.04
CA GLY M 288 28.10 -30.51 -38.26
C GLY M 288 27.93 -31.98 -37.89
N ARG M 289 29.01 -32.68 -37.53
CA ARG M 289 28.88 -34.13 -37.31
C ARG M 289 28.10 -34.44 -36.04
N ALA M 290 27.09 -35.30 -36.18
CA ALA M 290 26.22 -35.71 -35.10
C ALA M 290 26.87 -36.65 -34.09
N LYS M 291 26.94 -36.21 -32.84
CA LYS M 291 27.44 -37.01 -31.73
C LYS M 291 26.34 -37.86 -31.17
N PHE M 292 25.10 -37.36 -31.19
CA PHE M 292 23.97 -38.18 -30.88
C PHE M 292 22.76 -37.81 -31.61
N GLY M 293 21.82 -38.73 -31.62
CA GLY M 293 20.56 -38.55 -32.29
C GLY M 293 19.52 -39.51 -31.70
N TYR M 294 18.42 -38.96 -31.16
CA TYR M 294 17.40 -39.74 -30.48
C TYR M 294 16.10 -39.52 -31.17
N GLN M 295 15.60 -40.58 -31.80
CA GLN M 295 14.32 -40.49 -32.43
C GLN M 295 13.15 -40.61 -31.44
N LYS M 296 12.46 -39.48 -31.26
CA LYS M 296 11.32 -39.44 -30.32
C LYS M 296 10.10 -40.19 -30.74
N THR M 297 9.76 -40.12 -32.04
CA THR M 297 8.53 -40.58 -32.58
C THR M 297 8.80 -41.42 -33.86
N PRO M 298 9.22 -42.65 -33.67
CA PRO M 298 9.44 -43.55 -34.84
C PRO M 298 8.19 -43.73 -35.60
N HIS M 299 8.25 -43.73 -36.92
CA HIS M 299 7.11 -43.98 -37.76
C HIS M 299 5.90 -43.08 -37.43
N ASP M 300 6.13 -41.76 -37.52
CA ASP M 300 5.09 -40.85 -37.15
C ASP M 300 3.79 -41.15 -37.87
N GLU M 301 2.70 -41.09 -37.13
CA GLU M 301 1.38 -41.27 -37.63
C GLU M 301 0.50 -40.05 -37.38
N TRP M 302 1.05 -38.97 -36.85
CA TRP M 302 0.22 -37.89 -36.28
C TRP M 302 0.68 -36.47 -36.58
N ASP M 303 1.70 -36.30 -37.42
CA ASP M 303 2.36 -35.02 -37.61
C ASP M 303 2.82 -34.38 -36.29
N TYR M 304 3.47 -35.16 -35.45
CA TYR M 304 4.12 -34.58 -34.25
C TYR M 304 5.49 -34.01 -34.55
N ALA M 305 5.52 -33.08 -35.50
CA ALA M 305 6.77 -32.52 -36.03
C ALA M 305 7.76 -32.15 -34.93
N GLY M 306 8.94 -32.79 -34.91
CA GLY M 306 9.84 -32.71 -33.81
C GLY M 306 10.72 -31.47 -33.63
N VAL M 307 10.18 -30.29 -33.94
CA VAL M 307 10.98 -29.11 -34.08
C VAL M 307 10.93 -28.12 -32.89
N ASN M 308 10.35 -28.54 -31.78
CA ASN M 308 10.21 -27.57 -30.65
C ASN M 308 11.51 -27.22 -30.03
N TYR M 309 11.50 -26.16 -29.20
CA TYR M 309 12.68 -25.65 -28.65
C TYR M 309 13.44 -26.59 -27.71
N MET M 310 14.69 -26.28 -27.56
CA MET M 310 15.63 -27.03 -26.65
C MET M 310 16.04 -26.06 -25.54
N GLY M 311 15.67 -26.38 -24.28
CA GLY M 311 16.04 -25.53 -23.14
C GLY M 311 17.14 -26.18 -22.34
N LEU M 312 18.29 -25.55 -22.25
CA LEU M 312 19.41 -26.20 -21.50
C LEU M 312 19.42 -25.81 -20.05
N SER M 313 19.84 -26.73 -19.18
CA SER M 313 19.93 -26.49 -17.73
C SER M 313 20.96 -27.50 -17.12
N GLU M 314 21.37 -27.23 -15.92
CA GLU M 314 22.24 -28.12 -15.16
C GLU M 314 21.47 -28.45 -13.89
N GLN M 315 21.10 -29.70 -13.75
CA GLN M 315 20.30 -30.09 -12.57
C GLN M 315 20.82 -31.45 -12.06
N GLU M 316 20.49 -31.78 -10.83
CA GLU M 316 20.87 -33.10 -10.24
C GLU M 316 19.97 -34.21 -10.74
N VAL M 317 20.61 -35.30 -11.13
CA VAL M 317 19.98 -36.49 -11.66
C VAL M 317 20.58 -37.61 -10.77
N ASP M 318 19.78 -38.20 -9.86
CA ASP M 318 20.30 -39.24 -8.90
C ASP M 318 21.47 -38.67 -8.09
N GLY M 319 21.32 -37.45 -7.61
CA GLY M 319 22.36 -36.78 -6.88
C GLY M 319 23.60 -36.29 -7.60
N LYS M 320 23.68 -36.42 -8.91
CA LYS M 320 24.83 -35.90 -9.67
C LYS M 320 24.39 -34.68 -10.54
N LEU M 321 25.02 -33.53 -10.34
CA LEU M 321 24.73 -32.36 -11.14
C LEU M 321 25.08 -32.66 -12.61
N THR M 322 24.10 -32.60 -13.53
CA THR M 322 24.25 -33.10 -14.91
C THR M 322 23.86 -32.01 -15.95
N PRO M 323 24.66 -31.83 -17.03
CA PRO M 323 24.23 -30.90 -18.09
C PRO M 323 23.15 -31.52 -18.93
N LEU M 324 21.98 -30.85 -19.03
CA LEU M 324 20.76 -31.36 -19.60
C LEU M 324 20.22 -30.48 -20.75
N LEU M 325 19.44 -31.11 -21.62
CA LEU M 325 18.44 -30.42 -22.42
C LEU M 325 17.07 -30.88 -22.08
N THR M 326 16.10 -29.95 -22.25
CA THR M 326 14.69 -30.23 -21.97
C THR M 326 13.90 -29.74 -23.21
N HIS M 327 12.98 -30.57 -23.63
CA HIS M 327 12.38 -30.46 -24.90
C HIS M 327 10.95 -30.92 -24.89
N PRO M 328 9.98 -29.94 -24.91
CA PRO M 328 8.58 -30.32 -24.89
C PRO M 328 8.10 -30.55 -26.28
N ASP M 329 7.90 -31.82 -26.64
CA ASP M 329 7.53 -32.19 -28.01
C ASP M 329 6.06 -32.02 -28.34
N ARG M 330 5.81 -31.74 -29.62
CA ARG M 330 4.47 -31.85 -30.13
C ARG M 330 3.73 -33.10 -29.69
N ASN M 331 4.43 -34.24 -29.57
CA ASN M 331 3.80 -35.50 -29.20
C ASN M 331 3.31 -35.57 -27.72
N GLY M 332 3.55 -34.52 -26.95
CA GLY M 332 2.94 -34.40 -25.62
C GLY M 332 3.82 -34.92 -24.51
N LEU M 333 4.99 -35.38 -24.88
CA LEU M 333 5.99 -35.77 -23.94
C LEU M 333 7.03 -34.66 -23.75
N VAL M 334 7.45 -34.47 -22.52
CA VAL M 334 8.59 -33.60 -22.21
C VAL M 334 9.88 -34.42 -22.01
N TYR M 335 10.83 -34.27 -22.92
CA TYR M 335 12.08 -35.04 -22.92
C TYR M 335 13.20 -34.27 -22.25
N THR M 336 13.89 -34.94 -21.34
CA THR M 336 15.09 -34.42 -20.78
C THR M 336 16.19 -35.44 -21.11
N LEU M 337 17.27 -34.96 -21.69
CA LEU M 337 18.44 -35.75 -22.05
C LEU M 337 19.68 -35.15 -21.48
N ASN M 338 20.63 -36.04 -21.15
CA ASN M 338 21.96 -35.60 -20.87
C ASN M 338 22.46 -35.06 -22.19
N ARG M 339 22.94 -33.83 -22.19
CA ARG M 339 23.22 -33.13 -23.46
C ARG M 339 24.64 -33.41 -23.94
N GLU M 340 25.44 -34.16 -23.15
CA GLU M 340 26.80 -34.60 -23.54
C GLU M 340 26.71 -36.00 -24.14
N THR M 341 26.10 -36.92 -23.44
CA THR M 341 25.94 -38.29 -23.96
C THR M 341 24.72 -38.59 -24.78
N GLY M 342 23.67 -37.76 -24.68
CA GLY M 342 22.39 -38.10 -25.29
C GLY M 342 21.52 -39.02 -24.48
N ALA M 343 21.98 -39.44 -23.30
CA ALA M 343 21.18 -40.39 -22.52
C ALA M 343 19.84 -39.82 -22.09
N LEU M 344 18.79 -40.65 -22.20
CA LEU M 344 17.46 -40.26 -21.77
C LEU M 344 17.41 -40.14 -20.23
N VAL M 345 17.05 -38.99 -19.68
CA VAL M 345 16.84 -38.84 -18.23
C VAL M 345 15.32 -39.03 -17.91
N ASN M 346 14.43 -38.36 -18.62
CA ASN M 346 12.99 -38.56 -18.47
C ASN M 346 12.25 -38.19 -19.73
N ALA M 347 11.01 -38.68 -19.82
CA ALA M 347 10.11 -38.42 -20.88
C ALA M 347 8.73 -38.61 -20.31
N PHE M 348 8.11 -37.53 -19.89
CA PHE M 348 6.87 -37.58 -19.16
C PHE M 348 5.78 -36.84 -19.93
N LYS M 349 4.55 -37.17 -19.65
CA LYS M 349 3.42 -36.57 -20.35
C LYS M 349 3.15 -35.17 -19.81
N ILE M 350 3.11 -34.21 -20.73
CA ILE M 350 2.87 -32.81 -20.37
C ILE M 350 1.46 -32.64 -19.84
N ASP M 351 0.54 -33.52 -20.26
CA ASP M 351 -0.83 -33.61 -19.72
C ASP M 351 -1.18 -35.09 -19.79
N ASP M 352 -1.87 -35.61 -18.76
CA ASP M 352 -2.13 -37.07 -18.68
C ASP M 352 -3.08 -37.57 -19.78
N THR M 353 -3.74 -36.72 -20.51
CA THR M 353 -4.63 -37.16 -21.61
C THR M 353 -3.96 -37.62 -22.89
N VAL M 354 -2.64 -37.42 -23.03
CA VAL M 354 -1.82 -37.94 -24.15
C VAL M 354 -2.13 -39.45 -24.27
N ASN M 355 -2.54 -39.93 -25.45
CA ASN M 355 -2.98 -41.36 -25.57
C ASN M 355 -2.42 -42.20 -26.75
N TRP M 356 -1.69 -41.58 -27.68
CA TRP M 356 -1.03 -42.34 -28.77
C TRP M 356 0.05 -43.26 -28.21
N VAL M 357 0.59 -42.88 -27.04
CA VAL M 357 1.65 -43.60 -26.38
C VAL M 357 1.13 -43.92 -24.95
N LYS M 358 1.44 -45.11 -24.43
CA LYS M 358 1.07 -45.47 -23.07
C LYS M 358 2.10 -44.87 -22.16
N LYS M 359 3.37 -45.15 -22.44
CA LYS M 359 4.49 -44.53 -21.77
C LYS M 359 5.75 -44.75 -22.61
N VAL M 360 6.80 -43.99 -22.30
CA VAL M 360 8.11 -44.24 -22.86
C VAL M 360 8.89 -45.10 -21.88
N ASP M 361 9.39 -46.22 -22.41
CA ASP M 361 10.25 -47.10 -21.61
C ASP M 361 11.58 -46.45 -21.61
N LEU M 362 11.97 -45.99 -20.44
CA LEU M 362 13.17 -45.15 -20.36
C LEU M 362 14.47 -45.94 -20.62
N LYS M 363 14.48 -47.23 -20.29
CA LYS M 363 15.63 -48.06 -20.59
C LYS M 363 15.87 -48.34 -22.09
N THR M 364 14.82 -48.67 -22.79
CA THR M 364 14.91 -48.96 -24.20
C THR M 364 14.82 -47.70 -25.01
N GLY M 365 14.30 -46.63 -24.38
CA GLY M 365 14.06 -45.38 -25.09
C GLY M 365 12.90 -45.34 -26.04
N LEU M 366 12.07 -46.39 -26.03
CA LEU M 366 11.00 -46.55 -26.98
C LEU M 366 9.63 -46.17 -26.45
N PRO M 367 8.85 -45.43 -27.28
CA PRO M 367 7.48 -45.17 -26.86
C PRO M 367 6.66 -46.40 -27.13
N ILE M 368 6.00 -46.87 -26.07
CA ILE M 368 5.04 -47.97 -26.14
C ILE M 368 3.73 -47.46 -26.70
N ARG M 369 3.45 -47.84 -27.93
CA ARG M 369 2.34 -47.31 -28.71
C ARG M 369 1.07 -47.95 -28.28
N ASP M 370 -0.04 -47.20 -28.35
CA ASP M 370 -1.38 -47.72 -28.16
C ASP M 370 -2.07 -47.82 -29.51
N PRO M 371 -2.27 -49.06 -30.00
CA PRO M 371 -2.94 -49.22 -31.32
C PRO M 371 -4.30 -48.61 -31.47
N GLU M 372 -5.01 -48.41 -30.38
CA GLU M 372 -6.33 -47.83 -30.49
C GLU M 372 -6.27 -46.36 -30.99
N TYR M 373 -5.09 -45.73 -30.88
CA TYR M 373 -4.88 -44.34 -31.27
C TYR M 373 -3.85 -44.20 -32.40
N SER M 374 -3.75 -45.25 -33.23
CA SER M 374 -2.86 -45.18 -34.40
C SER M 374 -3.63 -44.60 -35.56
N THR M 375 -2.94 -44.24 -36.63
CA THR M 375 -3.60 -43.89 -37.87
C THR M 375 -3.14 -44.90 -38.94
N ARG M 376 -3.96 -45.00 -39.95
CA ARG M 376 -3.74 -45.96 -41.03
C ARG M 376 -4.82 -45.82 -42.09
N MET M 377 -4.43 -46.21 -43.32
CA MET M 377 -5.38 -46.17 -44.44
C MET M 377 -6.66 -46.91 -44.15
N ASP M 378 -7.74 -46.39 -44.74
CA ASP M 378 -9.06 -46.98 -44.70
C ASP M 378 -9.66 -47.03 -43.28
N HIS M 379 -9.30 -46.04 -42.45
CA HIS M 379 -9.76 -45.99 -41.08
C HIS M 379 -9.77 -44.53 -40.65
N ASN M 380 -10.87 -44.10 -40.04
CA ASN M 380 -10.94 -42.77 -39.44
C ASN M 380 -10.70 -42.94 -37.95
N ALA M 381 -9.48 -42.60 -37.53
CA ALA M 381 -9.02 -42.73 -36.15
C ALA M 381 -9.65 -41.60 -35.31
N LYS M 382 -10.26 -41.93 -34.20
CA LYS M 382 -10.99 -40.95 -33.41
C LYS M 382 -10.39 -40.67 -32.06
N GLY M 383 -10.34 -39.38 -31.66
CA GLY M 383 -9.99 -39.06 -30.23
C GLY M 383 -8.54 -39.17 -29.85
N ILE M 384 -7.64 -38.95 -30.80
CA ILE M 384 -6.22 -39.04 -30.55
C ILE M 384 -5.74 -37.74 -29.85
N CYS M 385 -4.96 -37.86 -28.80
CA CYS M 385 -4.35 -36.71 -28.11
C CYS M 385 -2.86 -36.94 -28.05
N PRO M 386 -2.03 -35.97 -28.46
CA PRO M 386 -2.46 -34.68 -29.02
C PRO M 386 -2.93 -34.76 -30.47
N SER M 387 -3.57 -33.68 -30.95
CA SER M 387 -3.64 -33.45 -32.40
C SER M 387 -2.27 -33.13 -33.00
N ALA M 388 -2.26 -33.01 -34.34
CA ALA M 388 -1.09 -32.65 -35.07
C ALA M 388 -0.55 -31.30 -34.63
N MET M 389 -1.42 -30.41 -34.12
CA MET M 389 -0.93 -29.13 -33.55
C MET M 389 -0.10 -29.28 -32.30
N GLY M 390 -0.19 -30.45 -31.67
CA GLY M 390 0.65 -30.75 -30.54
C GLY M 390 0.07 -30.27 -29.23
N TYR M 391 0.48 -30.90 -28.13
CA TYR M 391 0.25 -30.28 -26.81
C TYR M 391 1.27 -29.17 -26.55
N HIS M 392 2.29 -29.10 -27.37
CA HIS M 392 3.20 -28.00 -27.36
C HIS M 392 3.60 -27.73 -28.77
N ASN M 393 3.67 -26.45 -29.17
CA ASN M 393 4.07 -26.08 -30.55
C ASN M 393 5.32 -25.21 -30.52
N GLN M 394 5.42 -24.24 -31.39
CA GLN M 394 6.70 -23.54 -31.63
C GLN M 394 7.11 -22.50 -30.54
N GLY M 395 6.33 -22.30 -29.49
CA GLY M 395 6.67 -21.23 -28.47
C GLY M 395 7.97 -21.58 -27.77
N ILE M 396 8.87 -20.62 -27.63
CA ILE M 396 10.07 -20.76 -26.81
C ILE M 396 9.65 -20.59 -25.33
N GLU M 397 10.03 -21.55 -24.50
CA GLU M 397 9.63 -21.52 -23.08
C GLU M 397 10.79 -21.05 -22.18
N SER M 398 10.56 -21.09 -20.88
CA SER M 398 11.43 -20.39 -19.95
C SER M 398 11.73 -21.25 -18.76
N TYR M 399 12.86 -20.92 -18.13
CA TYR M 399 13.42 -21.73 -17.04
C TYR M 399 13.96 -20.81 -15.94
N ASP M 400 13.50 -21.00 -14.71
CA ASP M 400 13.94 -20.21 -13.55
C ASP M 400 14.91 -21.12 -12.83
N PRO M 401 16.20 -20.77 -12.84
CA PRO M 401 17.23 -21.69 -12.34
C PRO M 401 17.29 -21.79 -10.82
N ASP M 402 16.74 -20.82 -10.10
CA ASP M 402 16.55 -20.92 -8.65
C ASP M 402 15.42 -21.85 -8.26
N LYS M 403 14.31 -21.85 -8.99
CA LYS M 403 13.19 -22.68 -8.64
C LYS M 403 13.33 -24.07 -9.29
N LYS M 404 14.16 -24.16 -10.34
CA LYS M 404 14.35 -25.32 -11.18
C LYS M 404 13.02 -25.68 -11.79
N LEU M 405 12.34 -24.65 -12.31
CA LEU M 405 11.05 -24.83 -12.97
C LEU M 405 11.10 -24.29 -14.42
N PHE M 406 10.59 -25.10 -15.33
CA PHE M 406 10.20 -24.62 -16.71
C PHE M 406 8.71 -24.17 -16.69
N PHE M 407 8.43 -23.06 -17.34
CA PHE M 407 7.07 -22.50 -17.44
C PHE M 407 6.73 -22.62 -18.93
N MET M 408 5.59 -23.26 -19.20
CA MET M 408 5.20 -23.55 -20.57
C MET M 408 3.76 -23.22 -20.88
N GLY M 409 3.57 -22.60 -22.03
CA GLY M 409 2.25 -22.49 -22.68
C GLY M 409 1.90 -23.79 -23.39
N VAL M 410 0.77 -24.34 -23.03
CA VAL M 410 0.42 -25.68 -23.44
C VAL M 410 -0.87 -25.61 -24.26
N ASN M 411 -1.00 -26.55 -25.18
CA ASN M 411 -2.24 -26.65 -26.03
C ASN M 411 -3.01 -27.89 -25.54
N HIS M 412 -4.32 -27.86 -25.62
CA HIS M 412 -5.14 -28.97 -25.20
C HIS M 412 -6.12 -29.25 -26.34
N ILE M 413 -5.62 -29.96 -27.36
CA ILE M 413 -6.32 -30.11 -28.62
C ILE M 413 -6.13 -31.58 -29.05
N CYS M 414 -7.19 -32.23 -29.42
CA CYS M 414 -7.18 -33.64 -29.84
C CYS M 414 -7.80 -33.71 -31.25
N MET M 415 -7.87 -34.89 -31.85
CA MET M 415 -8.21 -34.95 -33.29
C MET M 415 -8.78 -36.30 -33.72
N ASP M 416 -9.55 -36.22 -34.77
CA ASP M 416 -9.81 -37.38 -35.66
C ASP M 416 -8.95 -37.24 -36.88
N TRP M 417 -8.56 -38.39 -37.49
CA TRP M 417 -7.57 -38.41 -38.56
C TRP M 417 -7.83 -39.60 -39.50
N GLU M 418 -7.94 -39.29 -40.80
CA GLU M 418 -8.06 -40.33 -41.86
C GLU M 418 -7.14 -40.05 -43.03
N PRO M 419 -6.23 -40.98 -43.33
CA PRO M 419 -5.37 -40.71 -44.47
C PRO M 419 -6.06 -40.94 -45.83
N PHE M 420 -5.40 -40.49 -46.90
CA PHE M 420 -5.84 -40.77 -48.29
C PHE M 420 -4.59 -40.86 -49.16
N MET M 421 -4.70 -41.69 -50.21
CA MET M 421 -3.56 -41.87 -51.13
C MET M 421 -3.41 -40.65 -51.99
N LEU M 422 -2.17 -40.28 -52.33
CA LEU M 422 -1.95 -39.18 -53.25
C LEU M 422 -0.61 -39.28 -53.92
N PRO M 423 -0.45 -38.70 -55.14
CA PRO M 423 0.87 -38.65 -55.79
C PRO M 423 1.77 -37.55 -55.21
N TYR M 424 3.08 -37.71 -55.31
CA TYR M 424 4.03 -36.62 -55.07
C TYR M 424 4.28 -35.90 -56.37
N ARG M 425 4.08 -34.58 -56.40
CA ARG M 425 4.44 -33.73 -57.54
C ARG M 425 5.26 -32.59 -56.90
N ALA M 426 6.49 -32.43 -57.32
CA ALA M 426 7.32 -31.40 -56.78
C ALA M 426 6.65 -30.00 -56.93
N GLY M 427 6.49 -29.32 -55.79
CA GLY M 427 5.86 -27.98 -55.79
C GLY M 427 4.41 -27.99 -55.34
N GLN M 428 3.83 -29.17 -55.14
CA GLN M 428 2.45 -29.36 -54.72
C GLN M 428 2.45 -29.97 -53.31
N PHE M 429 1.36 -29.75 -52.62
CA PHE M 429 1.18 -30.27 -51.26
C PHE M 429 1.17 -31.80 -51.30
N PHE M 430 1.68 -32.38 -50.22
CA PHE M 430 1.89 -33.81 -50.14
C PHE M 430 1.51 -34.23 -48.73
N VAL M 431 0.25 -33.93 -48.35
CA VAL M 431 -0.23 -34.19 -46.99
C VAL M 431 -0.85 -35.60 -46.88
N GLY M 432 -2.03 -35.76 -47.48
CA GLY M 432 -2.68 -37.07 -47.54
C GLY M 432 -3.34 -37.50 -46.24
N ALA M 433 -3.93 -36.52 -45.55
CA ALA M 433 -4.77 -36.81 -44.41
C ALA M 433 -5.80 -35.76 -44.21
N THR M 434 -6.93 -36.16 -43.63
CA THR M 434 -8.05 -35.29 -43.38
C THR M 434 -8.28 -35.35 -41.91
N LEU M 435 -8.31 -34.17 -41.27
CA LEU M 435 -8.32 -34.03 -39.83
C LEU M 435 -9.49 -33.20 -39.34
N ASN M 436 -10.01 -33.56 -38.17
CA ASN M 436 -10.96 -32.69 -37.44
C ASN M 436 -10.32 -32.49 -36.07
N MET M 437 -10.23 -31.24 -35.60
CA MET M 437 -9.65 -30.98 -34.28
C MET M 437 -10.67 -30.35 -33.31
N TYR M 438 -10.42 -30.49 -32.03
CA TYR M 438 -11.35 -30.07 -30.98
C TYR M 438 -10.66 -30.10 -29.64
N PRO M 439 -11.29 -29.51 -28.58
CA PRO M 439 -10.60 -29.47 -27.31
C PRO M 439 -10.41 -30.84 -26.78
N GLY M 440 -9.34 -31.00 -26.01
CA GLY M 440 -9.12 -32.24 -25.29
C GLY M 440 -10.14 -32.45 -24.17
N PRO M 441 -10.04 -33.57 -23.49
CA PRO M 441 -10.94 -34.04 -22.46
C PRO M 441 -11.23 -33.03 -21.32
N LYS M 442 -10.29 -32.17 -20.99
CA LYS M 442 -10.54 -31.13 -19.98
C LYS M 442 -11.39 -30.00 -20.40
N GLY M 443 -11.63 -29.87 -21.72
CA GLY M 443 -12.63 -28.98 -22.23
C GLY M 443 -12.18 -27.62 -22.73
N MET M 444 -11.02 -27.14 -22.30
CA MET M 444 -10.48 -25.87 -22.81
C MET M 444 -9.35 -26.16 -23.81
N LEU M 445 -8.90 -25.15 -24.54
CA LEU M 445 -7.87 -25.33 -25.54
C LEU M 445 -6.45 -25.03 -25.12
N GLY M 446 -6.25 -24.38 -23.98
CA GLY M 446 -4.93 -24.10 -23.53
C GLY M 446 -4.72 -24.35 -22.03
N GLN M 447 -3.44 -24.34 -21.64
CA GLN M 447 -3.02 -24.33 -20.25
C GLN M 447 -1.68 -23.57 -20.13
N VAL M 448 -1.38 -23.17 -18.93
CA VAL M 448 -0.02 -22.76 -18.55
C VAL M 448 0.38 -23.64 -17.38
N LYS M 449 1.61 -24.18 -17.44
CA LYS M 449 2.10 -25.12 -16.45
C LYS M 449 3.53 -24.79 -16.09
N ALA M 450 3.84 -25.05 -14.84
CA ALA M 450 5.15 -24.93 -14.31
C ALA M 450 5.56 -26.32 -13.89
N MET M 451 6.76 -26.76 -14.29
CA MET M 451 7.16 -28.14 -14.04
C MET M 451 8.63 -28.33 -13.78
N ASN M 452 8.95 -29.34 -12.96
CA ASN M 452 10.32 -29.79 -12.85
C ASN M 452 10.58 -30.82 -13.96
N ALA M 453 11.62 -30.60 -14.75
CA ALA M 453 11.85 -31.41 -15.94
C ALA M 453 12.48 -32.79 -15.60
N VAL M 454 13.18 -32.89 -14.47
CA VAL M 454 13.78 -34.20 -14.07
C VAL M 454 12.72 -35.11 -13.49
N THR M 455 11.90 -34.58 -12.56
CA THR M 455 10.91 -35.38 -11.84
C THR M 455 9.58 -35.43 -12.54
N GLY M 456 9.31 -34.49 -13.45
CA GLY M 456 7.98 -34.34 -13.99
C GLY M 456 6.93 -33.74 -13.07
N LYS M 457 7.31 -33.29 -11.89
CA LYS M 457 6.33 -32.71 -10.93
C LYS M 457 5.81 -31.32 -11.37
N MET M 458 4.53 -31.17 -11.50
CA MET M 458 3.90 -29.91 -11.88
C MET M 458 3.73 -29.07 -10.62
N GLU M 459 4.38 -27.95 -10.53
CA GLU M 459 4.22 -27.05 -9.36
C GLU M 459 2.83 -26.35 -9.38
N TRP M 460 2.38 -26.00 -10.58
CA TRP M 460 1.05 -25.49 -10.77
C TRP M 460 0.62 -25.64 -12.24
N GLU M 461 -0.67 -25.69 -12.41
CA GLU M 461 -1.30 -25.78 -13.70
C GLU M 461 -2.56 -24.93 -13.67
N VAL M 462 -2.79 -24.16 -14.76
CA VAL M 462 -3.97 -23.31 -14.86
C VAL M 462 -4.50 -23.37 -16.29
N PRO M 463 -5.82 -23.21 -16.46
CA PRO M 463 -6.45 -23.31 -17.76
C PRO M 463 -6.41 -22.00 -18.52
N GLU M 464 -6.38 -22.08 -19.84
CA GLU M 464 -6.53 -20.91 -20.75
C GLU M 464 -7.61 -21.20 -21.81
N LYS M 465 -8.37 -20.18 -22.19
CA LYS M 465 -9.43 -20.32 -23.16
C LYS M 465 -8.92 -20.85 -24.49
N PHE M 466 -7.84 -20.26 -24.98
CA PHE M 466 -7.19 -20.72 -26.18
C PHE M 466 -5.80 -21.34 -25.85
N ALA M 467 -5.34 -22.21 -26.75
CA ALA M 467 -3.94 -22.72 -26.75
C ALA M 467 -2.96 -21.57 -26.61
N VAL M 468 -1.95 -21.75 -25.78
CA VAL M 468 -0.96 -20.74 -25.54
C VAL M 468 0.22 -21.08 -26.46
N TRP M 469 0.32 -20.31 -27.54
CA TRP M 469 1.10 -20.66 -28.71
C TRP M 469 2.49 -20.03 -28.73
N GLY M 470 2.61 -18.84 -28.14
CA GLY M 470 3.74 -18.00 -28.37
C GLY M 470 4.94 -18.13 -27.45
N GLY M 471 4.84 -18.97 -26.41
CA GLY M 471 5.92 -19.20 -25.50
C GLY M 471 5.92 -18.15 -24.39
N THR M 472 6.98 -18.15 -23.58
CA THR M 472 6.96 -17.45 -22.28
C THR M 472 8.27 -16.77 -21.97
N LEU M 473 8.16 -15.79 -21.08
CA LEU M 473 9.35 -15.11 -20.51
C LEU M 473 9.22 -15.20 -18.98
N ALA M 474 10.27 -15.64 -18.30
CA ALA M 474 10.28 -15.68 -16.85
C ALA M 474 11.31 -14.73 -16.28
N THR M 475 11.02 -14.17 -15.09
CA THR M 475 11.97 -13.25 -14.55
C THR M 475 12.16 -13.49 -13.08
N ALA M 476 13.25 -12.94 -12.56
CA ALA M 476 13.55 -12.95 -11.11
C ALA M 476 12.61 -12.10 -10.29
N GLY M 477 11.70 -11.34 -10.89
CA GLY M 477 10.63 -10.69 -10.11
C GLY M 477 9.47 -11.64 -9.78
N ASP M 478 9.71 -12.96 -9.99
CA ASP M 478 8.71 -14.01 -9.73
C ASP M 478 7.49 -13.95 -10.66
N LEU M 479 7.77 -13.69 -11.94
CA LEU M 479 6.74 -13.50 -12.93
C LEU M 479 7.04 -14.29 -14.16
N VAL M 480 5.99 -14.81 -14.73
CA VAL M 480 6.06 -15.33 -16.11
C VAL M 480 5.02 -14.58 -16.96
N PHE M 481 5.50 -14.07 -18.10
CA PHE M 481 4.72 -13.28 -19.07
C PHE M 481 4.47 -14.14 -20.30
N TYR M 482 3.31 -13.98 -20.94
CA TYR M 482 3.00 -14.67 -22.18
C TYR M 482 1.86 -13.93 -22.83
N GLY M 483 1.74 -14.11 -24.14
CA GLY M 483 0.60 -13.60 -24.92
C GLY M 483 -0.36 -14.71 -25.17
N THR M 484 -1.62 -14.36 -25.42
CA THR M 484 -2.66 -15.34 -25.74
C THR M 484 -3.20 -15.08 -27.13
N LEU M 485 -3.79 -16.12 -27.75
CA LEU M 485 -4.39 -16.01 -29.07
C LEU M 485 -5.58 -15.03 -29.18
N ASP M 486 -6.29 -14.87 -28.07
CA ASP M 486 -7.41 -13.94 -27.98
C ASP M 486 -7.03 -12.50 -27.75
N GLY M 487 -5.74 -12.19 -27.59
CA GLY M 487 -5.27 -10.83 -27.59
C GLY M 487 -4.99 -10.19 -26.23
N PHE M 488 -4.45 -10.96 -25.30
CA PHE M 488 -3.88 -10.39 -24.09
C PHE M 488 -2.39 -10.65 -23.98
N ILE M 489 -1.73 -9.80 -23.22
CA ILE M 489 -0.48 -10.16 -22.59
C ILE M 489 -0.83 -10.29 -21.08
N LYS M 490 -0.34 -11.34 -20.44
CA LYS M 490 -0.65 -11.69 -19.05
C LYS M 490 0.63 -11.98 -18.31
N ALA M 491 0.61 -11.75 -17.00
CA ALA M 491 1.75 -12.04 -16.15
C ALA M 491 1.22 -12.87 -14.96
N ARG M 492 1.84 -14.02 -14.70
CA ARG M 492 1.49 -14.86 -13.56
C ARG M 492 2.63 -14.98 -12.58
N ASP M 493 2.26 -15.14 -11.31
CA ASP M 493 3.23 -15.42 -10.26
C ASP M 493 3.81 -16.78 -10.51
N THR M 494 5.13 -16.84 -10.62
CA THR M 494 5.81 -18.10 -10.90
C THR M 494 5.76 -19.13 -9.76
N ARG M 495 5.46 -18.70 -8.57
CA ARG M 495 5.31 -19.65 -7.45
C ARG M 495 3.97 -20.38 -7.45
N THR M 496 2.93 -19.76 -8.01
CA THR M 496 1.54 -20.25 -7.83
C THR M 496 0.70 -20.29 -9.08
N GLY M 497 1.15 -19.62 -10.16
CA GLY M 497 0.31 -19.43 -11.36
C GLY M 497 -0.75 -18.34 -11.22
N GLU M 498 -0.78 -17.63 -10.09
CA GLU M 498 -1.83 -16.64 -9.86
C GLU M 498 -1.70 -15.51 -10.93
N LEU M 499 -2.81 -15.12 -11.50
CA LEU M 499 -2.78 -14.04 -12.53
C LEU M 499 -2.59 -12.70 -11.82
N LYS M 500 -1.52 -11.97 -12.12
CA LYS M 500 -1.23 -10.68 -11.49
C LYS M 500 -1.54 -9.48 -12.37
N TRP M 501 -1.57 -9.66 -13.66
CA TRP M 501 -1.69 -8.52 -14.55
C TRP M 501 -2.11 -9.02 -15.91
N GLN M 502 -2.91 -8.18 -16.58
CA GLN M 502 -3.22 -8.47 -17.99
C GLN M 502 -3.56 -7.20 -18.75
N PHE M 503 -3.28 -7.20 -20.04
CA PHE M 503 -3.56 -6.03 -20.90
C PHE M 503 -4.09 -6.50 -22.23
N GLN M 504 -5.09 -5.79 -22.71
CA GLN M 504 -5.77 -6.13 -23.96
C GLN M 504 -5.04 -5.43 -25.14
N LEU M 505 -4.27 -6.25 -25.81
CA LEU M 505 -3.56 -5.87 -27.03
C LEU M 505 -4.57 -5.86 -28.21
N PRO M 506 -4.15 -5.29 -29.36
CA PRO M 506 -5.10 -5.15 -30.46
C PRO M 506 -5.50 -6.51 -31.03
N SER M 507 -4.52 -7.36 -31.17
CA SER M 507 -4.70 -8.65 -31.84
C SER M 507 -4.05 -9.76 -30.99
N GLY M 508 -4.40 -10.99 -31.29
CA GLY M 508 -3.79 -12.11 -30.63
C GLY M 508 -2.32 -12.24 -30.87
N VAL M 509 -1.69 -13.04 -30.00
CA VAL M 509 -0.25 -13.11 -29.89
C VAL M 509 0.19 -14.53 -30.23
N ILE M 510 1.19 -14.64 -31.09
CA ILE M 510 1.79 -15.96 -31.45
C ILE M 510 3.30 -16.03 -31.29
N GLY M 511 3.87 -14.94 -30.81
CA GLY M 511 5.26 -14.83 -30.45
C GLY M 511 5.45 -14.63 -28.95
N HIS M 512 6.69 -14.47 -28.52
CA HIS M 512 7.05 -14.37 -27.10
C HIS M 512 7.33 -12.97 -26.66
N PRO M 513 7.19 -12.71 -25.37
CA PRO M 513 7.62 -11.40 -24.85
C PRO M 513 9.12 -11.33 -24.64
N ILE M 514 9.68 -10.13 -24.65
CA ILE M 514 11.10 -9.94 -24.36
C ILE M 514 11.14 -8.89 -23.24
N THR M 515 12.25 -8.76 -22.54
CA THR M 515 12.47 -7.72 -21.59
C THR M 515 13.90 -7.25 -21.77
N TYR M 516 14.12 -6.00 -21.48
CA TYR M 516 15.46 -5.42 -21.60
C TYR M 516 15.47 -4.19 -20.77
N GLN M 517 16.65 -3.68 -20.51
CA GLN M 517 16.79 -2.42 -19.80
C GLN M 517 17.26 -1.33 -20.79
N HIS M 518 16.68 -0.12 -20.76
CA HIS M 518 17.18 0.99 -21.55
C HIS M 518 17.13 2.27 -20.72
N ASN M 519 18.26 2.96 -20.67
CA ASN M 519 18.41 4.16 -19.79
C ASN M 519 17.84 3.97 -18.35
N GLY M 520 18.20 2.81 -17.80
CA GLY M 520 17.99 2.44 -16.44
C GLY M 520 16.64 1.95 -16.09
N LYS M 521 15.77 1.79 -17.10
CA LYS M 521 14.41 1.33 -16.85
C LYS M 521 14.17 -0.04 -17.54
N GLN M 522 13.41 -0.90 -16.89
CA GLN M 522 13.04 -2.21 -17.46
C GLN M 522 11.82 -2.02 -18.32
N TYR M 523 11.88 -2.59 -19.49
CA TYR M 523 10.79 -2.63 -20.46
C TYR M 523 10.47 -4.08 -20.79
N ILE M 524 9.20 -4.29 -21.14
CA ILE M 524 8.68 -5.57 -21.68
C ILE M 524 8.08 -5.28 -23.08
N ALA M 525 8.43 -6.07 -24.09
CA ALA M 525 7.93 -5.82 -25.45
C ALA M 525 7.38 -7.10 -26.04
N ILE M 526 6.46 -6.95 -26.99
CA ILE M 526 5.84 -8.12 -27.59
C ILE M 526 5.22 -7.69 -28.90
N TYR M 527 5.14 -8.67 -29.83
CA TYR M 527 4.33 -8.48 -31.03
C TYR M 527 2.84 -8.77 -30.79
N SER M 528 1.96 -7.99 -31.41
CA SER M 528 0.55 -8.32 -31.47
C SER M 528 0.20 -8.51 -32.96
N GLY M 529 -0.33 -9.69 -33.33
CA GLY M 529 -0.77 -9.92 -34.72
C GLY M 529 -0.95 -11.41 -34.89
N VAL M 530 -2.19 -11.81 -34.79
CA VAL M 530 -2.56 -13.21 -34.78
C VAL M 530 -2.46 -13.82 -36.17
N GLY M 531 -2.23 -15.13 -36.18
CA GLY M 531 -2.13 -15.86 -37.41
C GLY M 531 -1.48 -17.20 -37.10
N GLY M 532 -0.55 -17.63 -37.98
CA GLY M 532 0.06 -18.93 -37.89
C GLY M 532 -1.01 -19.97 -38.00
N TRP M 533 -0.73 -21.17 -37.51
CA TRP M 533 -1.69 -22.27 -37.70
C TRP M 533 -3.04 -22.06 -37.03
N PRO M 534 -3.07 -21.63 -35.73
CA PRO M 534 -4.34 -21.42 -35.06
C PRO M 534 -5.15 -20.35 -35.69
N GLY M 535 -4.49 -19.37 -36.29
CA GLY M 535 -5.17 -18.26 -36.94
C GLY M 535 -5.51 -18.43 -38.41
N VAL M 536 -5.21 -19.57 -39.00
CA VAL M 536 -5.41 -19.72 -40.46
C VAL M 536 -6.85 -19.48 -40.89
N GLY M 537 -7.83 -19.93 -40.11
CA GLY M 537 -9.22 -19.68 -40.38
C GLY M 537 -9.61 -18.20 -40.55
N LEU M 538 -9.19 -17.41 -39.59
CA LEU M 538 -9.56 -16.02 -39.63
C LEU M 538 -8.64 -15.30 -40.61
N VAL M 539 -7.38 -15.69 -40.78
CA VAL M 539 -6.49 -15.01 -41.74
C VAL M 539 -7.02 -15.20 -43.19
N PHE M 540 -7.43 -16.42 -43.53
CA PHE M 540 -7.83 -16.71 -44.90
C PHE M 540 -9.37 -16.81 -45.12
N ASP M 541 -10.18 -16.47 -44.11
CA ASP M 541 -11.63 -16.55 -44.16
C ASP M 541 -12.09 -17.96 -44.52
N LEU M 542 -11.56 -18.97 -43.84
CA LEU M 542 -11.92 -20.36 -44.12
C LEU M 542 -13.06 -20.74 -43.23
N LYS M 543 -13.86 -21.68 -43.71
CA LYS M 543 -15.10 -22.12 -43.06
C LYS M 543 -15.22 -23.64 -42.85
N ASP M 544 -14.70 -24.43 -43.76
CA ASP M 544 -14.74 -25.89 -43.64
C ASP M 544 -13.97 -26.32 -42.38
N PRO M 545 -14.60 -27.05 -41.46
CA PRO M 545 -13.85 -27.43 -40.25
C PRO M 545 -12.57 -28.26 -40.44
N THR M 546 -12.41 -28.94 -41.58
CA THR M 546 -11.21 -29.70 -41.89
C THR M 546 -10.15 -28.88 -42.61
N ALA M 547 -10.47 -27.63 -42.97
CA ALA M 547 -9.54 -26.78 -43.66
C ALA M 547 -8.48 -26.34 -42.68
N GLY M 548 -7.42 -25.76 -43.20
CA GLY M 548 -6.24 -25.40 -42.40
C GLY M 548 -5.62 -26.62 -41.73
N LEU M 549 -5.55 -27.73 -42.47
CA LEU M 549 -5.13 -29.04 -41.93
C LEU M 549 -5.81 -29.41 -40.60
N GLY M 550 -7.08 -29.15 -40.50
CA GLY M 550 -7.85 -29.46 -39.28
C GLY M 550 -7.96 -28.37 -38.20
N ALA M 551 -7.18 -27.31 -38.32
CA ALA M 551 -7.24 -26.18 -37.36
C ALA M 551 -8.51 -25.35 -37.41
N VAL M 552 -9.17 -25.24 -38.56
CA VAL M 552 -10.26 -24.30 -38.71
C VAL M 552 -11.39 -24.60 -37.77
N GLY M 553 -11.77 -25.88 -37.65
CA GLY M 553 -12.85 -26.26 -36.76
C GLY M 553 -12.59 -25.94 -35.29
N ALA M 554 -11.38 -26.26 -34.86
CA ALA M 554 -10.99 -26.08 -33.46
C ALA M 554 -10.93 -24.60 -33.05
N PHE M 555 -10.55 -23.73 -33.97
CA PHE M 555 -10.29 -22.28 -33.66
C PHE M 555 -11.36 -21.34 -34.21
N ARG M 556 -12.56 -21.92 -34.46
CA ARG M 556 -13.63 -21.15 -35.14
C ARG M 556 -14.09 -19.96 -34.29
N GLU M 557 -14.02 -20.05 -32.97
CA GLU M 557 -14.42 -18.97 -32.04
C GLU M 557 -13.39 -17.85 -31.93
N LEU M 558 -12.19 -18.03 -32.43
CA LEU M 558 -11.14 -17.08 -32.23
C LEU M 558 -11.50 -15.71 -32.85
N ALA M 559 -12.12 -15.75 -34.02
CA ALA M 559 -12.55 -14.53 -34.75
C ALA M 559 -13.60 -13.70 -33.98
N HIS M 560 -14.24 -14.25 -32.94
CA HIS M 560 -15.15 -13.48 -32.09
C HIS M 560 -14.39 -12.48 -31.22
N TYR M 561 -13.10 -12.75 -31.01
CA TYR M 561 -12.25 -11.99 -30.11
C TYR M 561 -11.18 -11.18 -30.80
N THR M 562 -10.68 -11.66 -31.92
CA THR M 562 -9.53 -11.02 -32.54
C THR M 562 -9.63 -10.97 -34.04
N GLN M 563 -9.22 -9.83 -34.61
CA GLN M 563 -8.93 -9.74 -36.02
C GLN M 563 -7.43 -9.81 -36.22
N MET M 564 -6.98 -9.74 -37.45
CA MET M 564 -5.54 -9.60 -37.70
C MET M 564 -5.02 -8.24 -37.26
N GLY M 565 -3.69 -8.14 -37.10
CA GLY M 565 -3.02 -6.91 -36.73
C GLY M 565 -1.55 -7.03 -36.94
N GLY M 566 -0.84 -6.00 -36.53
CA GLY M 566 0.62 -6.08 -36.58
C GLY M 566 1.24 -4.89 -35.91
N SER M 567 1.67 -5.08 -34.67
CA SER M 567 2.24 -4.01 -33.90
C SER M 567 3.22 -4.53 -32.85
N VAL M 568 4.07 -3.61 -32.35
CA VAL M 568 4.96 -3.85 -31.23
C VAL M 568 4.45 -3.00 -30.06
N PHE M 569 4.20 -3.63 -28.93
CA PHE M 569 3.80 -2.97 -27.69
C PHE M 569 4.98 -3.06 -26.74
N VAL M 570 5.26 -1.90 -26.13
CA VAL M 570 6.35 -1.80 -25.14
C VAL M 570 5.76 -1.18 -23.89
N PHE M 571 6.01 -1.86 -22.75
CA PHE M 571 5.47 -1.56 -21.43
C PHE M 571 6.58 -1.24 -20.46
N SER M 572 6.30 -0.39 -19.47
CA SER M 572 7.16 -0.17 -18.35
C SER M 572 6.37 0.29 -17.15
N LEU M 573 7.08 0.43 -16.01
CA LEU M 573 6.51 1.07 -14.85
C LEU M 573 6.75 2.60 -14.99
N ASN N 1 -33.38 14.85 -35.82
CA ASN N 1 -33.96 13.79 -34.98
C ASN N 1 -33.83 14.24 -33.53
N SER N 2 -34.98 14.47 -32.88
CA SER N 2 -35.03 14.96 -31.50
C SER N 2 -34.39 14.02 -30.50
N GLU N 3 -34.66 12.73 -30.66
CA GLU N 3 -34.06 11.74 -29.73
C GLU N 3 -32.51 11.63 -29.94
N LEU N 4 -32.05 11.62 -31.18
CA LEU N 4 -30.62 11.68 -31.46
C LEU N 4 -30.01 12.94 -30.84
N ASP N 5 -30.66 14.10 -31.03
CA ASP N 5 -30.18 15.32 -30.37
C ASP N 5 -30.09 15.20 -28.86
N ARG N 6 -31.14 14.66 -28.23
CA ARG N 6 -31.11 14.52 -26.79
C ARG N 6 -29.94 13.54 -26.35
N LEU N 7 -29.81 12.41 -27.06
CA LEU N 7 -28.72 11.48 -26.72
C LEU N 7 -27.35 12.09 -26.85
N SER N 8 -27.20 13.02 -27.82
CA SER N 8 -25.92 13.73 -28.04
C SER N 8 -25.53 14.66 -26.87
N LYS N 9 -26.48 15.00 -26.02
CA LYS N 9 -26.22 15.89 -24.88
C LYS N 9 -25.82 15.09 -23.67
N ASP N 10 -25.73 13.77 -23.79
CA ASP N 10 -25.41 12.90 -22.65
C ASP N 10 -23.94 12.48 -22.83
N ASP N 11 -23.12 12.70 -21.78
CA ASP N 11 -21.68 12.48 -21.92
C ASP N 11 -21.31 10.98 -21.93
N ARG N 12 -22.29 10.10 -21.73
CA ARG N 12 -22.02 8.69 -21.94
C ARG N 12 -21.97 8.32 -23.42
N ASN N 13 -22.43 9.24 -24.32
CA ASN N 13 -22.52 8.88 -25.74
C ASN N 13 -21.64 9.70 -26.64
N TRP N 14 -21.35 9.15 -27.82
CA TRP N 14 -20.77 9.92 -28.92
C TRP N 14 -21.49 9.42 -30.17
N VAL N 15 -22.58 10.09 -30.50
CA VAL N 15 -23.62 9.52 -31.34
C VAL N 15 -23.50 9.80 -32.82
N MET N 16 -22.58 10.71 -33.20
CA MET N 16 -22.34 11.00 -34.60
C MET N 16 -20.89 11.41 -34.71
N GLN N 17 -20.32 11.34 -35.90
CA GLN N 17 -18.92 11.67 -36.09
C GLN N 17 -18.60 13.08 -35.52
N THR N 18 -19.53 13.99 -35.77
CA THR N 18 -19.40 15.41 -35.35
C THR N 18 -19.78 15.65 -33.90
N LYS N 19 -20.04 14.59 -33.12
CA LYS N 19 -20.49 14.57 -31.71
C LYS N 19 -21.93 15.05 -31.58
N ASP N 20 -22.27 16.19 -32.20
CA ASP N 20 -23.60 16.75 -32.10
C ASP N 20 -23.90 17.52 -33.36
N TYR N 21 -25.14 17.93 -33.47
CA TYR N 21 -25.57 18.57 -34.69
C TYR N 21 -24.91 19.90 -35.04
N SER N 22 -24.33 20.55 -34.04
CA SER N 22 -23.54 21.76 -34.19
C SER N 22 -22.08 21.49 -34.49
N ALA N 23 -21.71 20.22 -34.53
CA ALA N 23 -20.31 19.77 -34.64
C ALA N 23 -19.35 20.45 -33.70
N THR N 24 -19.77 20.57 -32.44
CA THR N 24 -18.91 21.22 -31.47
C THR N 24 -17.60 20.49 -31.19
N HIS N 25 -17.64 19.14 -31.27
CA HIS N 25 -16.52 18.35 -30.81
C HIS N 25 -16.02 18.80 -29.40
N PHE N 26 -16.97 19.20 -28.56
CA PHE N 26 -16.66 19.75 -27.25
C PHE N 26 -17.34 18.91 -26.19
N SER N 27 -16.54 18.47 -25.21
CA SER N 27 -17.03 17.70 -24.09
C SER N 27 -16.94 18.45 -22.74
N ARG N 28 -18.03 18.34 -21.99
CA ARG N 28 -18.08 18.93 -20.62
C ARG N 28 -17.38 18.10 -19.56
N LEU N 29 -16.95 16.91 -19.92
CA LEU N 29 -16.26 16.03 -18.96
C LEU N 29 -14.99 16.63 -18.55
N THR N 30 -14.72 16.57 -17.25
CA THR N 30 -13.51 17.20 -16.69
C THR N 30 -12.64 16.26 -15.91
N GLU N 31 -12.98 14.96 -15.79
CA GLU N 31 -12.16 14.03 -15.02
C GLU N 31 -10.68 14.06 -15.48
N ILE N 32 -10.51 14.09 -16.82
CA ILE N 32 -9.27 14.29 -17.48
C ILE N 32 -9.13 15.79 -17.73
N ASN N 33 -8.05 16.41 -17.24
CA ASN N 33 -7.93 17.84 -17.37
C ASN N 33 -6.50 18.25 -17.54
N SER N 34 -6.27 19.58 -17.67
CA SER N 34 -4.94 20.06 -17.95
C SER N 34 -3.93 19.73 -16.87
N HIS N 35 -4.40 19.57 -15.63
CA HIS N 35 -3.49 19.25 -14.53
C HIS N 35 -3.16 17.75 -14.24
N ASN N 36 -3.87 16.85 -14.84
CA ASN N 36 -3.59 15.41 -14.68
C ASN N 36 -3.48 14.59 -15.97
N VAL N 37 -3.61 15.24 -17.14
CA VAL N 37 -3.48 14.50 -18.41
C VAL N 37 -2.14 13.87 -18.60
N LYS N 38 -1.09 14.45 -18.00
CA LYS N 38 0.21 13.77 -18.00
C LYS N 38 0.14 12.33 -17.46
N ASN N 39 -0.89 12.00 -16.70
CA ASN N 39 -1.02 10.62 -16.18
C ASN N 39 -1.93 9.68 -16.98
N LEU N 40 -2.39 10.12 -18.15
CA LEU N 40 -3.26 9.37 -18.99
C LEU N 40 -2.49 8.14 -19.55
N LYS N 41 -3.11 6.97 -19.47
CA LYS N 41 -2.50 5.70 -19.90
C LYS N 41 -3.44 4.93 -20.83
N VAL N 42 -2.88 3.98 -21.56
CA VAL N 42 -3.70 3.16 -22.46
C VAL N 42 -4.53 2.22 -21.56
N ALA N 43 -5.85 2.19 -21.72
CA ALA N 43 -6.74 1.33 -20.99
C ALA N 43 -6.93 -0.02 -21.71
N TRP N 44 -7.16 0.02 -23.00
CA TRP N 44 -7.36 -1.17 -23.82
C TRP N 44 -7.24 -0.79 -25.30
N THR N 45 -7.09 -1.81 -26.12
CA THR N 45 -6.90 -1.59 -27.56
C THR N 45 -7.61 -2.69 -28.35
N LEU N 46 -7.87 -2.41 -29.63
CA LEU N 46 -8.54 -3.37 -30.55
C LEU N 46 -7.93 -3.22 -31.91
N SER N 47 -7.67 -4.32 -32.63
CA SER N 47 -7.24 -4.21 -34.04
C SER N 47 -8.45 -4.14 -34.97
N THR N 48 -8.35 -3.33 -36.04
CA THR N 48 -9.43 -3.28 -37.02
C THR N 48 -9.37 -4.38 -38.06
N GLY N 49 -8.24 -5.07 -38.12
CA GLY N 49 -8.05 -6.10 -39.11
C GLY N 49 -7.77 -5.64 -40.53
N THR N 50 -7.54 -4.34 -40.76
CA THR N 50 -7.21 -3.81 -42.09
C THR N 50 -6.05 -2.85 -41.95
N LEU N 51 -5.45 -2.56 -43.09
CA LEU N 51 -4.45 -1.50 -43.17
C LEU N 51 -5.12 -0.35 -43.91
N HIS N 52 -4.32 0.57 -44.50
CA HIS N 52 -4.90 1.80 -45.13
C HIS N 52 -5.42 2.80 -44.11
N GLY N 53 -5.80 3.96 -44.60
CA GLY N 53 -6.15 5.06 -43.71
C GLY N 53 -7.46 4.88 -42.97
N HIS N 54 -7.41 5.25 -41.69
CA HIS N 54 -8.53 5.12 -40.77
C HIS N 54 -9.04 6.52 -40.41
N GLU N 55 -9.98 7.04 -41.21
CA GLU N 55 -10.64 8.33 -40.95
C GLU N 55 -11.91 8.14 -40.15
N GLY N 56 -12.47 9.27 -39.73
CA GLY N 56 -13.50 9.29 -38.72
C GLY N 56 -12.99 8.73 -37.38
N ALA N 57 -13.91 8.20 -36.59
CA ALA N 57 -13.61 7.65 -35.25
C ALA N 57 -14.80 6.78 -34.82
N PRO N 58 -14.68 6.07 -33.69
CA PRO N 58 -15.80 5.27 -33.22
C PRO N 58 -17.01 6.13 -32.85
N LEU N 59 -18.18 5.49 -32.88
CA LEU N 59 -19.36 5.96 -32.15
C LEU N 59 -19.50 5.16 -30.82
N VAL N 60 -20.17 5.76 -29.87
CA VAL N 60 -20.56 5.07 -28.65
C VAL N 60 -22.03 5.46 -28.38
N VAL N 61 -22.90 4.48 -28.22
CA VAL N 61 -24.28 4.75 -27.81
C VAL N 61 -24.76 3.62 -26.92
N ASP N 62 -25.36 3.98 -25.75
CA ASP N 62 -25.99 2.99 -24.86
C ASP N 62 -25.05 1.87 -24.47
N GLY N 63 -23.81 2.21 -24.14
CA GLY N 63 -22.79 1.23 -23.74
C GLY N 63 -22.13 0.37 -24.79
N ILE N 64 -22.35 0.65 -26.10
CA ILE N 64 -21.76 -0.12 -27.18
C ILE N 64 -20.90 0.87 -28.02
N MET N 65 -19.68 0.46 -28.34
CA MET N 65 -18.80 1.17 -29.27
C MET N 65 -18.93 0.52 -30.65
N TYR N 66 -18.97 1.35 -31.70
CA TYR N 66 -19.06 0.91 -33.06
C TYR N 66 -17.82 1.41 -33.80
N ILE N 67 -17.17 0.51 -34.51
CA ILE N 67 -15.89 0.72 -35.20
C ILE N 67 -16.11 0.44 -36.67
N HIS N 68 -15.37 1.11 -37.54
CA HIS N 68 -15.46 0.91 -38.96
C HIS N 68 -14.07 1.00 -39.56
N THR N 69 -13.94 0.36 -40.83
CA THR N 69 -12.62 0.35 -41.42
C THR N 69 -12.62 1.07 -42.80
N PRO N 70 -11.41 1.25 -43.35
CA PRO N 70 -11.31 1.50 -44.79
C PRO N 70 -11.68 0.23 -45.57
N PHE N 71 -11.68 0.29 -46.90
CA PHE N 71 -12.27 -0.68 -47.79
C PHE N 71 -11.73 -2.05 -47.34
N PRO N 72 -12.56 -3.08 -47.18
CA PRO N 72 -13.96 -3.13 -47.63
C PRO N 72 -15.01 -2.73 -46.58
N ASN N 73 -14.67 -1.86 -45.63
CA ASN N 73 -15.65 -1.18 -44.81
C ASN N 73 -16.38 -2.12 -43.84
N ASN N 74 -15.57 -2.94 -43.19
CA ASN N 74 -16.07 -3.76 -42.09
C ASN N 74 -16.54 -2.97 -40.89
N VAL N 75 -17.54 -3.50 -40.18
CA VAL N 75 -18.15 -2.79 -39.04
C VAL N 75 -18.17 -3.75 -37.87
N TYR N 76 -17.76 -3.30 -36.71
CA TYR N 76 -17.73 -4.15 -35.49
C TYR N 76 -18.46 -3.37 -34.39
N ALA N 77 -19.23 -4.09 -33.59
CA ALA N 77 -19.81 -3.52 -32.36
C ALA N 77 -19.13 -4.20 -31.16
N VAL N 78 -18.84 -3.41 -30.13
CA VAL N 78 -18.12 -3.86 -28.93
C VAL N 78 -18.88 -3.39 -27.67
N ASP N 79 -19.32 -4.32 -26.81
CA ASP N 79 -19.99 -3.98 -25.53
C ASP N 79 -18.87 -3.51 -24.65
N LEU N 80 -19.03 -2.31 -24.11
CA LEU N 80 -18.02 -1.69 -23.27
C LEU N 80 -17.78 -2.40 -21.94
N ASN N 81 -18.70 -3.28 -21.55
CA ASN N 81 -18.46 -4.17 -20.42
C ASN N 81 -17.65 -5.42 -20.76
N ASP N 82 -17.40 -5.69 -22.05
CA ASP N 82 -16.44 -6.74 -22.38
C ASP N 82 -15.78 -6.42 -23.70
N THR N 83 -14.68 -5.70 -23.55
CA THR N 83 -14.07 -5.02 -24.70
C THR N 83 -13.29 -5.95 -25.53
N ARG N 84 -13.08 -7.19 -25.10
CA ARG N 84 -12.35 -8.13 -25.91
C ARG N 84 -13.21 -8.86 -26.99
N LYS N 85 -14.51 -8.88 -26.77
CA LYS N 85 -15.41 -9.63 -27.59
C LYS N 85 -16.13 -8.72 -28.56
N MET N 86 -16.26 -9.19 -29.78
CA MET N 86 -17.09 -8.49 -30.80
C MET N 86 -18.51 -8.92 -30.62
N LEU N 87 -19.39 -7.98 -30.21
CA LEU N 87 -20.82 -8.24 -30.08
C LEU N 87 -21.43 -8.69 -31.40
N TRP N 88 -21.11 -7.99 -32.48
CA TRP N 88 -21.45 -8.42 -33.84
C TRP N 88 -20.49 -7.81 -34.86
N GLN N 89 -20.53 -8.36 -36.07
CA GLN N 89 -19.77 -7.85 -37.16
C GLN N 89 -20.57 -7.84 -38.47
N TYR N 90 -20.21 -6.90 -39.34
CA TYR N 90 -20.77 -6.84 -40.68
C TYR N 90 -19.58 -6.69 -41.62
N LYS N 91 -19.51 -7.60 -42.58
CA LYS N 91 -18.34 -7.68 -43.47
C LYS N 91 -18.74 -7.58 -44.91
N PRO N 92 -18.77 -6.35 -45.46
CA PRO N 92 -19.24 -6.19 -46.84
C PRO N 92 -18.54 -7.04 -47.88
N LYS N 93 -19.29 -7.49 -48.88
CA LYS N 93 -18.72 -8.07 -50.09
C LYS N 93 -18.85 -7.00 -51.18
N GLN N 94 -17.72 -6.50 -51.65
CA GLN N 94 -17.67 -5.36 -52.57
C GLN N 94 -16.72 -5.75 -53.72
N ASN N 95 -17.01 -5.25 -54.93
CA ASN N 95 -16.12 -5.41 -56.04
C ASN N 95 -14.77 -4.70 -55.80
N PRO N 96 -13.65 -5.45 -55.90
CA PRO N 96 -12.37 -4.81 -55.58
C PRO N 96 -11.96 -3.76 -56.60
N ALA N 97 -12.62 -3.74 -57.76
CA ALA N 97 -12.50 -2.61 -58.66
C ALA N 97 -12.86 -1.23 -58.06
N ALA N 98 -13.59 -1.17 -56.97
CA ALA N 98 -13.88 0.07 -56.32
C ALA N 98 -12.60 0.78 -55.89
N ARG N 99 -11.54 0.01 -55.58
CA ARG N 99 -10.28 0.60 -55.12
C ARG N 99 -9.67 1.43 -56.21
N ALA N 100 -9.84 1.00 -57.46
CA ALA N 100 -9.21 1.64 -58.63
C ALA N 100 -9.78 3.00 -58.97
N VAL N 101 -10.93 3.37 -58.44
CA VAL N 101 -11.46 4.75 -58.70
C VAL N 101 -11.45 5.62 -57.43
N ALA N 102 -10.63 5.26 -56.43
CA ALA N 102 -10.36 6.14 -55.27
C ALA N 102 -9.04 6.85 -55.55
N CYS N 103 -9.04 8.18 -55.66
CA CYS N 103 -7.82 8.94 -55.96
C CYS N 103 -6.76 8.86 -54.88
N CYS N 104 -7.21 8.89 -53.65
CA CYS N 104 -6.36 9.31 -52.52
C CYS N 104 -6.50 8.35 -51.29
N ASP N 105 -6.37 7.04 -51.55
CA ASP N 105 -6.61 5.94 -50.57
C ASP N 105 -8.09 5.64 -50.35
N VAL N 106 -8.35 4.42 -49.89
CA VAL N 106 -9.70 3.94 -49.74
C VAL N 106 -10.29 4.22 -48.31
N VAL N 107 -10.22 5.46 -47.89
CA VAL N 107 -10.68 5.89 -46.56
C VAL N 107 -12.20 5.91 -46.58
N ASN N 108 -12.74 5.91 -45.39
CA ASN N 108 -14.19 6.00 -45.12
C ASN N 108 -14.38 6.76 -43.79
N ARG N 109 -15.21 7.78 -43.81
CA ARG N 109 -15.31 8.69 -42.69
C ARG N 109 -16.29 8.27 -41.61
N GLY N 110 -16.87 7.09 -41.75
CA GLY N 110 -17.49 6.41 -40.60
C GLY N 110 -18.99 6.28 -40.55
N LEU N 111 -19.45 5.77 -39.40
CA LEU N 111 -20.81 5.30 -39.22
C LEU N 111 -21.66 6.44 -38.78
N ALA N 112 -22.95 6.33 -39.03
CA ALA N 112 -23.96 7.13 -38.34
C ALA N 112 -24.91 6.21 -37.58
N TYR N 113 -25.71 6.82 -36.70
CA TYR N 113 -26.62 6.14 -35.80
C TYR N 113 -27.96 6.85 -35.72
N VAL N 114 -29.05 6.08 -35.60
CA VAL N 114 -30.37 6.59 -35.24
C VAL N 114 -30.94 5.73 -34.14
N PRO N 115 -31.50 6.37 -33.11
CA PRO N 115 -32.18 5.53 -32.08
C PRO N 115 -33.50 4.88 -32.56
N ALA N 116 -34.05 3.95 -31.78
CA ALA N 116 -35.40 3.38 -32.10
C ALA N 116 -36.46 4.53 -32.09
N GLY N 117 -37.56 4.66 -32.79
CA GLY N 117 -38.01 3.98 -33.84
C GLY N 117 -39.52 4.06 -34.15
N GLU N 118 -40.27 5.09 -34.57
CA GLU N 118 -41.48 4.66 -35.42
C GLU N 118 -41.02 3.89 -36.70
N HIS N 119 -39.82 4.23 -37.13
CA HIS N 119 -39.15 3.45 -38.15
C HIS N 119 -38.62 1.98 -37.97
N GLY N 120 -38.47 1.07 -37.04
CA GLY N 120 -38.47 0.87 -35.74
C GLY N 120 -37.10 0.74 -35.11
N PRO N 121 -36.38 -0.42 -35.10
CA PRO N 121 -35.28 -0.46 -34.10
C PRO N 121 -34.07 0.48 -34.38
N ALA N 122 -33.25 0.74 -33.38
CA ALA N 122 -32.02 1.55 -33.61
C ALA N 122 -31.16 0.96 -34.70
N LYS N 123 -30.51 1.85 -35.46
CA LYS N 123 -29.77 1.43 -36.63
C LYS N 123 -28.43 2.11 -36.70
N ILE N 124 -27.52 1.40 -37.32
CA ILE N 124 -26.19 1.86 -37.79
C ILE N 124 -26.21 2.01 -39.29
N PHE N 125 -25.74 3.17 -39.80
CA PHE N 125 -25.63 3.37 -41.27
C PHE N 125 -24.20 3.40 -41.70
N LEU N 126 -23.95 2.73 -42.80
CA LEU N 126 -22.62 2.60 -43.39
C LEU N 126 -22.75 3.04 -44.85
N ASN N 127 -21.86 3.96 -45.28
CA ASN N 127 -21.66 4.21 -46.71
C ASN N 127 -20.46 3.39 -47.17
N GLN N 128 -20.63 2.52 -48.14
CA GLN N 128 -19.55 1.70 -48.67
C GLN N 128 -18.85 2.39 -49.79
N LEU N 129 -17.55 2.07 -49.99
CA LEU N 129 -16.83 2.67 -51.11
C LEU N 129 -17.53 2.42 -52.44
N ASP N 130 -18.10 1.22 -52.58
CA ASP N 130 -18.75 0.86 -53.86
C ASP N 130 -20.11 1.53 -54.05
N GLY N 131 -20.51 2.46 -53.20
CA GLY N 131 -21.59 3.34 -53.52
C GLY N 131 -22.94 2.96 -52.92
N HIS N 132 -22.96 1.97 -52.03
CA HIS N 132 -24.18 1.59 -51.31
C HIS N 132 -24.29 2.24 -49.96
N ILE N 133 -25.54 2.55 -49.57
CA ILE N 133 -25.91 2.99 -48.24
C ILE N 133 -26.62 1.76 -47.65
N VAL N 134 -26.18 1.35 -46.45
CA VAL N 134 -26.62 0.12 -45.78
C VAL N 134 -27.12 0.55 -44.37
N ALA N 135 -28.27 0.03 -43.99
CA ALA N 135 -28.88 0.18 -42.69
C ALA N 135 -28.76 -1.16 -41.96
N LEU N 136 -28.10 -1.12 -40.80
CA LEU N 136 -27.87 -2.33 -39.96
C LEU N 136 -28.62 -2.19 -38.65
N ASN N 137 -29.12 -3.29 -38.09
CA ASN N 137 -29.63 -3.24 -36.71
C ASN N 137 -28.50 -2.89 -35.67
N ALA N 138 -28.68 -1.84 -34.87
CA ALA N 138 -27.60 -1.43 -33.99
C ALA N 138 -27.24 -2.45 -32.96
N LYS N 139 -28.18 -3.32 -32.61
CA LYS N 139 -27.96 -4.30 -31.53
C LYS N 139 -27.51 -5.65 -32.05
N THR N 140 -27.86 -6.04 -33.26
CA THR N 140 -27.58 -7.39 -33.77
C THR N 140 -26.69 -7.37 -34.98
N GLY N 141 -26.56 -6.26 -35.66
CA GLY N 141 -25.79 -6.28 -36.88
C GLY N 141 -26.50 -6.76 -38.15
N GLU N 142 -27.75 -7.16 -38.03
CA GLU N 142 -28.50 -7.70 -39.18
C GLU N 142 -28.68 -6.57 -40.21
N GLU N 143 -28.51 -6.93 -41.47
CA GLU N 143 -28.73 -6.03 -42.59
C GLU N 143 -30.21 -5.75 -42.80
N ILE N 144 -30.67 -4.50 -42.59
CA ILE N 144 -32.09 -4.22 -42.68
C ILE N 144 -32.49 -3.81 -44.10
N TRP N 145 -31.71 -2.88 -44.67
CA TRP N 145 -31.84 -2.45 -46.04
C TRP N 145 -30.52 -1.95 -46.61
N LYS N 146 -30.44 -1.97 -47.95
CA LYS N 146 -29.25 -1.58 -48.70
C LYS N 146 -29.69 -0.99 -50.05
N MET N 147 -29.23 0.21 -50.41
CA MET N 147 -29.60 0.85 -51.66
C MET N 147 -28.36 1.30 -52.40
N GLU N 148 -28.47 1.40 -53.73
CA GLU N 148 -27.39 1.87 -54.60
C GLU N 148 -27.45 3.38 -54.71
N ASN N 149 -26.45 4.09 -54.22
CA ASN N 149 -26.42 5.54 -54.35
C ASN N 149 -25.53 5.97 -55.52
N SER N 150 -24.32 5.38 -55.59
CA SER N 150 -23.25 5.78 -56.48
C SER N 150 -22.72 4.55 -57.25
N ASP N 151 -22.33 4.75 -58.52
CA ASP N 151 -21.94 3.69 -59.44
C ASP N 151 -20.43 3.81 -59.71
N ILE N 152 -19.67 2.85 -59.22
CA ILE N 152 -18.23 2.84 -59.48
C ILE N 152 -17.76 2.73 -60.94
N ALA N 153 -18.59 2.19 -61.82
CA ALA N 153 -18.33 2.22 -63.27
C ALA N 153 -18.24 3.61 -63.83
N MET N 154 -18.83 4.58 -63.16
CA MET N 154 -18.70 5.97 -63.52
C MET N 154 -17.67 6.70 -62.72
N GLY N 155 -16.85 5.98 -61.91
CA GLY N 155 -15.89 6.66 -61.07
C GLY N 155 -16.50 7.28 -59.82
N SER N 156 -17.72 6.87 -59.49
CA SER N 156 -18.50 7.49 -58.40
C SER N 156 -18.48 6.54 -57.20
N THR N 157 -17.98 7.01 -56.06
CA THR N 157 -17.80 6.18 -54.87
C THR N 157 -18.43 6.93 -53.70
N LEU N 158 -18.36 6.35 -52.50
CA LEU N 158 -18.70 7.08 -51.29
C LEU N 158 -17.53 7.01 -50.30
N THR N 159 -17.24 8.14 -49.64
CA THR N 159 -16.22 8.20 -48.61
C THR N 159 -16.71 8.96 -47.38
N GLY N 160 -17.59 9.95 -47.55
CA GLY N 160 -18.14 10.73 -46.46
C GLY N 160 -19.15 9.93 -45.63
N ALA N 161 -19.23 10.24 -44.33
CA ALA N 161 -20.18 9.55 -43.43
C ALA N 161 -21.62 9.88 -43.74
N PRO N 162 -22.54 8.91 -43.54
CA PRO N 162 -23.96 9.25 -43.53
C PRO N 162 -24.27 10.23 -42.43
N PHE N 163 -25.41 10.88 -42.56
CA PHE N 163 -25.86 11.92 -41.61
C PHE N 163 -27.37 11.82 -41.39
N VAL N 164 -27.76 11.57 -40.16
CA VAL N 164 -29.17 11.31 -39.78
C VAL N 164 -29.84 12.60 -39.35
N VAL N 165 -30.96 12.91 -40.00
CA VAL N 165 -31.80 14.05 -39.67
C VAL N 165 -33.27 13.62 -39.71
N LYS N 166 -33.94 13.78 -38.57
CA LYS N 166 -35.32 13.26 -38.29
C LYS N 166 -35.41 11.78 -38.72
N ASP N 167 -36.26 11.43 -39.68
CA ASP N 167 -36.35 10.07 -40.13
C ASP N 167 -35.70 9.83 -41.50
N LYS N 168 -34.68 10.67 -41.78
CA LYS N 168 -33.93 10.57 -43.00
C LYS N 168 -32.46 10.32 -42.74
N VAL N 169 -31.81 9.62 -43.67
CA VAL N 169 -30.36 9.56 -43.68
C VAL N 169 -29.81 10.18 -44.96
N LEU N 170 -28.91 11.15 -44.82
CA LEU N 170 -28.30 11.80 -45.98
C LEU N 170 -27.00 11.12 -46.39
N VAL N 171 -26.85 10.94 -47.70
CA VAL N 171 -25.74 10.26 -48.31
C VAL N 171 -25.16 11.21 -49.34
N GLY N 172 -23.87 11.50 -49.26
CA GLY N 172 -23.17 12.37 -50.18
C GLY N 172 -22.73 11.68 -51.46
N SER N 173 -21.59 12.14 -51.95
CA SER N 173 -21.03 11.71 -53.21
C SER N 173 -19.55 11.90 -53.22
N ALA N 174 -18.91 11.32 -54.20
CA ALA N 174 -17.45 11.42 -54.35
C ALA N 174 -17.05 11.00 -55.76
N GLY N 175 -15.92 11.49 -56.19
CA GLY N 175 -15.41 11.21 -57.50
C GLY N 175 -15.23 12.44 -58.39
N ALA N 176 -15.07 13.62 -57.80
CA ALA N 176 -14.85 14.81 -58.62
C ALA N 176 -13.57 14.69 -59.47
N GLU N 177 -12.59 13.90 -59.01
CA GLU N 177 -11.41 13.66 -59.80
C GLU N 177 -11.65 12.82 -61.01
N LEU N 178 -12.81 12.18 -61.10
CA LEU N 178 -13.23 11.38 -62.22
C LEU N 178 -14.47 11.99 -62.93
N GLY N 179 -14.69 13.28 -62.72
CA GLY N 179 -15.78 13.99 -63.44
C GLY N 179 -17.20 13.68 -63.00
N VAL N 180 -17.32 13.19 -61.76
CA VAL N 180 -18.61 12.92 -61.13
C VAL N 180 -19.28 14.22 -60.78
N ARG N 181 -20.49 14.41 -61.28
CA ARG N 181 -21.34 15.54 -60.88
C ARG N 181 -21.92 15.27 -59.55
N GLY N 182 -21.70 16.20 -58.61
CA GLY N 182 -22.11 16.05 -57.21
C GLY N 182 -23.60 16.01 -56.97
N TYR N 183 -24.01 15.16 -56.05
CA TYR N 183 -25.37 15.15 -55.55
C TYR N 183 -25.38 14.65 -54.09
N VAL N 184 -26.37 15.12 -53.34
CA VAL N 184 -26.69 14.67 -52.02
C VAL N 184 -28.14 14.11 -51.99
N THR N 185 -28.34 13.04 -51.21
CA THR N 185 -29.61 12.26 -51.32
C THR N 185 -30.09 11.97 -49.88
N ALA N 186 -31.37 12.22 -49.59
CA ALA N 186 -32.00 11.79 -48.32
C ALA N 186 -32.79 10.52 -48.56
N TYR N 187 -32.53 9.50 -47.75
CA TYR N 187 -33.26 8.23 -47.79
C TYR N 187 -34.10 8.14 -46.51
N ASN N 188 -35.31 7.66 -46.64
CA ASN N 188 -36.14 7.29 -45.47
C ASN N 188 -35.52 6.15 -44.67
N ILE N 189 -35.40 6.34 -43.35
CA ILE N 189 -34.71 5.36 -42.52
C ILE N 189 -35.47 4.05 -42.38
N LYS N 190 -36.78 4.07 -42.46
CA LYS N 190 -37.51 2.80 -42.35
C LYS N 190 -37.17 1.79 -43.46
N ASP N 191 -37.24 2.24 -44.71
CA ASP N 191 -37.19 1.32 -45.88
C ASP N 191 -36.19 1.69 -46.99
N GLY N 192 -35.47 2.78 -46.80
CA GLY N 192 -34.46 3.18 -47.82
C GLY N 192 -35.06 3.90 -49.01
N LYS N 193 -36.31 4.37 -48.90
CA LYS N 193 -36.94 5.06 -50.02
C LYS N 193 -36.32 6.46 -50.22
N GLN N 194 -35.92 6.74 -51.44
CA GLN N 194 -35.33 8.06 -51.72
C GLN N 194 -36.37 9.14 -51.54
N GLU N 195 -36.09 10.12 -50.72
CA GLU N 195 -36.99 11.20 -50.49
C GLU N 195 -36.68 12.40 -51.37
N TRP N 196 -35.42 12.85 -51.40
CA TRP N 196 -35.04 13.93 -52.25
C TRP N 196 -33.57 13.78 -52.65
N ARG N 197 -33.22 14.41 -53.76
CA ARG N 197 -31.83 14.43 -54.27
C ARG N 197 -31.51 15.78 -54.89
N ALA N 198 -30.41 16.42 -54.48
CA ALA N 198 -30.04 17.76 -54.90
C ALA N 198 -28.65 17.67 -55.56
N TYR N 199 -28.54 18.14 -56.79
CA TYR N 199 -27.30 18.13 -57.50
C TYR N 199 -26.58 19.44 -57.29
N ALA N 200 -25.28 19.46 -57.60
CA ALA N 200 -24.47 20.62 -57.31
C ALA N 200 -24.31 21.61 -58.51
N THR N 201 -24.62 21.13 -59.69
CA THR N 201 -24.48 21.83 -60.95
C THR N 201 -25.71 21.58 -61.77
N GLY N 202 -25.87 22.39 -62.78
CA GLY N 202 -26.86 22.09 -63.82
C GLY N 202 -28.20 22.89 -63.63
N PRO N 203 -29.28 22.40 -64.24
CA PRO N 203 -30.59 23.04 -64.25
C PRO N 203 -31.09 23.30 -62.84
N ASP N 204 -31.81 24.43 -62.68
CA ASP N 204 -32.32 24.79 -61.37
C ASP N 204 -33.12 23.71 -60.69
N GLU N 205 -33.85 22.97 -61.48
CA GLU N 205 -34.69 21.92 -60.93
C GLU N 205 -33.88 20.83 -60.20
N ASP N 206 -32.73 20.53 -60.79
CA ASP N 206 -31.81 19.52 -60.28
C ASP N 206 -31.12 20.01 -59.00
N LEU N 207 -30.89 21.30 -58.92
CA LEU N 207 -30.25 21.94 -57.77
C LEU N 207 -31.14 21.94 -56.53
N LEU N 208 -32.47 21.95 -56.75
CA LEU N 208 -33.52 21.84 -55.73
C LEU N 208 -33.46 23.09 -54.86
N LEU N 209 -33.87 24.21 -55.46
CA LEU N 209 -33.80 25.52 -54.82
C LEU N 209 -35.18 25.90 -54.26
N ASP N 210 -35.19 26.58 -53.15
CA ASP N 210 -36.44 27.19 -52.64
C ASP N 210 -36.80 28.32 -53.58
N LYS N 211 -38.10 28.61 -53.72
CA LYS N 211 -38.45 29.87 -54.45
C LYS N 211 -37.80 31.13 -53.89
N ASP N 212 -37.44 31.16 -52.63
CA ASP N 212 -36.71 32.31 -52.03
C ASP N 212 -35.19 32.07 -51.81
N PHE N 213 -34.64 31.25 -52.68
CA PHE N 213 -33.20 30.96 -52.63
C PHE N 213 -32.43 32.26 -52.73
N ASN N 214 -31.57 32.47 -51.75
CA ASN N 214 -30.69 33.63 -51.59
C ASN N 214 -31.45 35.01 -51.58
N LYS N 215 -32.66 35.03 -51.08
CA LYS N 215 -33.46 36.29 -51.00
C LYS N 215 -32.71 37.23 -50.08
N ASP N 216 -32.03 36.70 -49.06
CA ASP N 216 -31.28 37.53 -48.14
C ASP N 216 -30.04 38.13 -48.70
N ASN N 217 -29.44 37.46 -49.69
CA ASN N 217 -28.16 37.85 -50.28
C ASN N 217 -28.23 37.61 -51.78
N PRO N 218 -29.09 38.40 -52.48
CA PRO N 218 -29.26 38.21 -53.95
C PRO N 218 -27.96 38.39 -54.74
N HIS N 219 -27.05 39.22 -54.27
CA HIS N 219 -25.75 39.38 -54.87
C HIS N 219 -24.87 38.08 -54.88
N TYR N 220 -25.24 37.05 -54.12
CA TYR N 220 -24.51 35.72 -54.21
C TYR N 220 -24.85 35.04 -55.53
N GLY N 221 -25.98 35.45 -56.13
CA GLY N 221 -26.53 34.81 -57.27
C GLY N 221 -27.78 34.03 -56.90
N GLN N 222 -28.72 33.92 -57.83
CA GLN N 222 -29.95 33.18 -57.59
C GLN N 222 -30.19 32.11 -58.63
N PHE N 223 -30.98 32.38 -59.67
CA PHE N 223 -31.50 31.34 -60.56
C PHE N 223 -30.69 31.30 -61.82
N GLY N 224 -30.73 30.14 -62.45
CA GLY N 224 -30.13 29.94 -63.73
C GLY N 224 -28.60 29.70 -63.75
N LEU N 225 -27.93 29.84 -62.60
CA LEU N 225 -26.49 29.89 -62.57
C LEU N 225 -25.82 28.54 -62.65
N GLY N 226 -26.53 27.44 -62.29
CA GLY N 226 -25.97 26.09 -62.50
C GLY N 226 -25.77 25.71 -63.96
N LEU N 227 -26.43 26.46 -64.87
CA LEU N 227 -26.19 26.33 -66.31
C LEU N 227 -25.39 27.55 -66.88
N SER N 228 -25.68 28.79 -66.46
CA SER N 228 -25.12 29.99 -67.15
C SER N 228 -23.66 30.30 -66.78
N THR N 229 -23.17 29.69 -65.69
CA THR N 229 -21.75 29.79 -65.36
C THR N 229 -20.94 28.58 -65.88
N TRP N 230 -21.45 27.82 -66.84
CA TRP N 230 -20.70 26.82 -67.55
C TRP N 230 -20.88 27.12 -69.03
N GLU N 231 -20.04 26.52 -69.84
CA GLU N 231 -20.22 26.57 -71.29
C GLU N 231 -20.79 25.28 -71.73
N GLY N 232 -21.97 25.34 -72.35
CA GLY N 232 -22.57 24.15 -72.91
C GLY N 232 -22.89 23.16 -71.78
N ASP N 233 -22.62 21.90 -72.08
CA ASP N 233 -22.88 20.78 -71.16
C ASP N 233 -21.70 20.36 -70.23
N ALA N 234 -20.75 21.24 -70.02
CA ALA N 234 -19.58 20.91 -69.21
C ALA N 234 -20.01 20.68 -67.75
N TRP N 235 -21.13 21.26 -67.31
CA TRP N 235 -21.71 20.96 -65.97
C TRP N 235 -22.07 19.50 -65.71
N LYS N 236 -22.28 18.72 -66.77
CA LYS N 236 -22.66 17.33 -66.63
C LYS N 236 -21.62 16.43 -65.92
N ILE N 237 -20.38 16.84 -66.07
CA ILE N 237 -19.23 16.13 -65.56
C ILE N 237 -18.47 17.09 -64.67
N GLY N 238 -19.20 17.99 -64.02
CA GLY N 238 -18.57 19.17 -63.43
C GLY N 238 -18.21 19.18 -61.96
N GLY N 239 -18.19 18.05 -61.28
CA GLY N 239 -17.71 17.99 -59.91
C GLY N 239 -18.78 18.49 -58.91
N GLY N 240 -18.32 19.04 -57.80
CA GLY N 240 -19.20 19.48 -56.74
C GLY N 240 -19.72 18.37 -55.82
N THR N 241 -19.08 17.19 -55.84
CA THR N 241 -19.37 16.08 -54.90
C THR N 241 -19.18 16.58 -53.46
N ASN N 242 -19.99 16.04 -52.56
CA ASN N 242 -19.98 16.39 -51.11
C ASN N 242 -19.62 15.13 -50.26
N TRP N 243 -18.34 15.05 -49.92
CA TRP N 243 -17.76 13.92 -49.19
C TRP N 243 -17.28 14.30 -47.80
N GLY N 244 -17.66 15.50 -47.35
CA GLY N 244 -17.29 15.99 -46.04
C GLY N 244 -18.43 15.81 -45.05
N TRP N 245 -18.64 16.86 -44.27
CA TRP N 245 -19.44 16.81 -43.10
C TRP N 245 -20.62 17.77 -43.14
N TYR N 246 -21.57 17.51 -42.29
CA TYR N 246 -22.78 18.30 -42.24
C TYR N 246 -23.04 18.87 -40.86
N ALA N 247 -23.94 19.84 -40.78
CA ALA N 247 -24.48 20.32 -39.52
C ALA N 247 -25.98 20.57 -39.71
N TYR N 248 -26.69 20.68 -38.61
CA TYR N 248 -28.13 20.81 -38.63
C TYR N 248 -28.56 21.69 -37.46
N ASP N 249 -29.48 22.61 -37.76
CA ASP N 249 -30.06 23.49 -36.73
C ASP N 249 -31.55 23.09 -36.66
N PRO N 250 -31.95 22.37 -35.63
CA PRO N 250 -33.36 21.91 -35.56
C PRO N 250 -34.41 23.01 -35.43
N LYS N 251 -34.05 24.15 -34.85
CA LYS N 251 -34.95 25.31 -34.72
C LYS N 251 -35.23 25.92 -36.13
N LEU N 252 -34.21 26.12 -36.95
CA LEU N 252 -34.39 26.56 -38.33
C LEU N 252 -34.81 25.43 -39.26
N ASP N 253 -34.66 24.17 -38.80
CA ASP N 253 -34.86 22.99 -39.67
C ASP N 253 -34.00 23.05 -40.98
N MET N 254 -32.72 23.38 -40.81
CA MET N 254 -31.79 23.56 -41.90
C MET N 254 -30.56 22.67 -41.74
N ILE N 255 -30.12 22.11 -42.86
CA ILE N 255 -28.93 21.29 -42.97
C ILE N 255 -27.90 22.11 -43.71
N TYR N 256 -26.64 22.07 -43.26
CA TYR N 256 -25.55 22.78 -43.83
C TYR N 256 -24.44 21.81 -44.28
N TYR N 257 -23.86 22.05 -45.44
CA TYR N 257 -22.73 21.30 -45.93
C TYR N 257 -22.11 22.06 -47.09
N GLY N 258 -20.92 21.60 -47.50
CA GLY N 258 -20.21 22.21 -48.64
C GLY N 258 -20.13 21.30 -49.84
N SER N 259 -20.30 21.84 -51.04
CA SER N 259 -20.02 21.09 -52.27
C SER N 259 -18.57 21.29 -52.71
N GLY N 260 -18.05 20.30 -53.40
CA GLY N 260 -16.62 20.24 -53.72
C GLY N 260 -16.17 20.94 -54.98
N ASN N 261 -14.99 20.54 -55.46
CA ASN N 261 -14.33 21.22 -56.57
C ASN N 261 -15.02 20.92 -57.91
N PRO N 262 -14.99 21.92 -58.84
CA PRO N 262 -15.38 21.57 -60.19
C PRO N 262 -14.37 20.63 -60.87
N ALA N 263 -14.81 19.90 -61.87
CA ALA N 263 -14.00 19.01 -62.68
C ALA N 263 -13.95 19.55 -64.12
N PRO N 264 -12.86 19.41 -64.87
CA PRO N 264 -11.62 18.84 -64.41
C PRO N 264 -10.78 19.83 -63.56
N TRP N 265 -9.61 19.43 -63.07
CA TRP N 265 -8.73 20.39 -62.39
C TRP N 265 -8.25 21.47 -63.36
N ASN N 266 -8.15 21.11 -64.64
CA ASN N 266 -7.76 22.08 -65.69
C ASN N 266 -8.82 23.15 -65.88
N GLU N 267 -8.54 24.33 -65.34
CA GLU N 267 -9.52 25.39 -65.33
C GLU N 267 -9.87 25.89 -66.74
N THR N 268 -8.97 25.70 -67.69
CA THR N 268 -9.12 26.28 -69.00
C THR N 268 -10.14 25.48 -69.77
N MET N 269 -10.34 24.22 -69.41
CA MET N 269 -11.40 23.44 -70.01
C MET N 269 -12.88 23.73 -69.56
N ARG N 270 -13.08 24.62 -68.60
CA ARG N 270 -14.37 24.91 -67.99
C ARG N 270 -14.44 26.38 -67.61
N PRO N 271 -14.42 27.27 -68.62
CA PRO N 271 -14.66 28.66 -68.34
C PRO N 271 -15.98 28.86 -67.60
N GLY N 272 -15.98 29.83 -66.68
CA GLY N 272 -17.17 30.26 -65.97
C GLY N 272 -17.01 30.04 -64.45
N ASP N 273 -17.91 30.64 -63.67
CA ASP N 273 -17.84 30.53 -62.22
C ASP N 273 -18.13 29.10 -61.76
N ASN N 274 -18.71 28.28 -62.62
CA ASN N 274 -18.85 26.85 -62.34
C ASN N 274 -19.75 26.60 -61.11
N LYS N 275 -20.81 27.39 -60.99
CA LYS N 275 -21.76 27.19 -59.92
C LYS N 275 -22.52 25.86 -60.08
N TRP N 276 -22.90 25.20 -58.95
CA TRP N 276 -22.67 25.66 -57.59
C TRP N 276 -21.67 24.67 -56.88
N THR N 277 -20.52 24.43 -57.55
CA THR N 277 -19.38 23.85 -56.91
C THR N 277 -18.90 24.88 -55.89
N MET N 278 -18.15 24.42 -54.92
CA MET N 278 -17.47 25.23 -53.91
C MET N 278 -18.40 26.09 -53.13
N THR N 279 -19.55 25.54 -52.72
CA THR N 279 -20.61 26.34 -52.18
C THR N 279 -21.02 25.83 -50.80
N ILE N 280 -21.25 26.79 -49.90
CA ILE N 280 -21.83 26.56 -48.59
C ILE N 280 -23.35 26.61 -48.76
N TRP N 281 -24.01 25.50 -48.46
CA TRP N 281 -25.45 25.31 -48.61
C TRP N 281 -26.18 25.33 -47.27
N GLY N 282 -27.37 25.91 -47.30
CA GLY N 282 -28.34 25.79 -46.20
C GLY N 282 -29.63 25.31 -46.82
N ARG N 283 -29.98 24.04 -46.57
CA ARG N 283 -31.13 23.44 -47.19
C ARG N 283 -32.17 23.06 -46.15
N ASP N 284 -33.45 23.18 -46.51
CA ASP N 284 -34.55 22.66 -45.72
C ASP N 284 -34.42 21.17 -45.54
N ALA N 285 -34.54 20.71 -44.31
CA ALA N 285 -34.37 19.30 -44.02
C ALA N 285 -35.37 18.38 -44.71
N ASP N 286 -36.64 18.76 -44.66
CA ASP N 286 -37.72 17.88 -45.14
C ASP N 286 -37.73 17.77 -46.66
N THR N 287 -37.49 18.89 -47.34
CA THR N 287 -37.61 18.88 -48.80
C THR N 287 -36.26 18.97 -49.54
N GLY N 288 -35.16 19.31 -48.85
CA GLY N 288 -33.87 19.51 -49.50
C GLY N 288 -33.78 20.87 -50.20
N ARG N 289 -34.82 21.71 -50.14
CA ARG N 289 -34.76 22.96 -50.91
C ARG N 289 -33.79 23.94 -50.33
N ALA N 290 -32.92 24.49 -51.17
CA ALA N 290 -31.93 25.41 -50.66
C ALA N 290 -32.50 26.76 -50.35
N LYS N 291 -32.21 27.26 -49.18
CA LYS N 291 -32.55 28.61 -48.80
C LYS N 291 -31.43 29.59 -48.99
N PHE N 292 -30.19 29.15 -48.88
CA PHE N 292 -29.06 29.95 -49.32
C PHE N 292 -27.99 29.04 -49.91
N GLY N 293 -27.12 29.66 -50.71
CA GLY N 293 -25.89 29.08 -51.16
C GLY N 293 -24.87 30.14 -51.47
N TYR N 294 -23.72 30.02 -50.85
CA TYR N 294 -22.63 30.96 -50.96
C TYR N 294 -21.46 30.30 -51.66
N GLN N 295 -21.15 30.74 -52.89
CA GLN N 295 -19.99 30.19 -53.57
C GLN N 295 -18.68 30.81 -53.04
N LYS N 296 -17.85 30.01 -52.36
CA LYS N 296 -16.61 30.48 -51.82
C LYS N 296 -15.48 30.76 -52.81
N THR N 297 -15.35 29.89 -53.78
CA THR N 297 -14.25 29.87 -54.71
C THR N 297 -14.88 29.71 -56.13
N PRO N 298 -15.38 30.83 -56.72
CA PRO N 298 -15.83 30.81 -58.09
C PRO N 298 -14.68 30.41 -59.05
N HIS N 299 -14.99 29.58 -60.03
CA HIS N 299 -14.06 29.18 -61.03
C HIS N 299 -12.79 28.67 -60.42
N ASP N 300 -12.92 27.60 -59.65
CA ASP N 300 -11.75 27.09 -58.95
C ASP N 300 -10.62 26.78 -59.92
N GLU N 301 -9.41 27.15 -59.53
CA GLU N 301 -8.20 26.92 -60.30
C GLU N 301 -7.20 25.99 -59.56
N TRP N 302 -7.57 25.53 -58.35
CA TRP N 302 -6.63 24.98 -57.39
C TRP N 302 -7.03 23.66 -56.68
N ASP N 303 -8.20 23.11 -56.99
CA ASP N 303 -8.79 22.03 -56.22
C ASP N 303 -8.95 22.37 -54.75
N TYR N 304 -9.49 23.53 -54.44
CA TYR N 304 -9.87 23.84 -53.05
C TYR N 304 -11.24 23.26 -52.71
N ALA N 305 -11.39 21.94 -52.88
CA ALA N 305 -12.69 21.25 -52.70
C ALA N 305 -13.39 21.73 -51.43
N GLY N 306 -14.58 22.26 -51.58
CA GLY N 306 -15.24 23.00 -50.51
C GLY N 306 -16.03 22.16 -49.51
N VAL N 307 -15.49 20.98 -49.16
CA VAL N 307 -16.24 19.99 -48.41
C VAL N 307 -15.99 20.02 -46.89
N ASN N 308 -15.23 20.98 -46.39
CA ASN N 308 -14.85 20.92 -44.99
C ASN N 308 -15.99 21.10 -44.02
N TYR N 309 -15.72 20.77 -42.75
CA TYR N 309 -16.80 20.78 -41.79
C TYR N 309 -17.44 22.14 -41.54
N MET N 310 -18.61 22.05 -40.93
CA MET N 310 -19.40 23.23 -40.52
C MET N 310 -19.59 23.18 -39.02
N GLY N 311 -19.05 24.19 -38.28
CA GLY N 311 -19.16 24.28 -36.83
C GLY N 311 -20.16 25.37 -36.45
N LEU N 312 -21.25 25.02 -35.81
CA LEU N 312 -22.26 25.99 -35.43
C LEU N 312 -21.96 26.54 -34.05
N SER N 313 -22.27 27.84 -33.86
CA SER N 313 -22.13 28.52 -32.56
C SER N 313 -23.09 29.72 -32.54
N GLU N 314 -23.28 30.29 -31.35
CA GLU N 314 -24.05 31.50 -31.16
C GLU N 314 -23.13 32.51 -30.49
N GLN N 315 -22.76 33.55 -31.20
CA GLN N 315 -21.85 34.56 -30.77
C GLN N 315 -22.35 35.97 -31.11
N GLU N 316 -21.83 36.93 -30.39
CA GLU N 316 -22.16 38.35 -30.64
C GLU N 316 -21.48 38.89 -31.89
N VAL N 317 -22.28 39.51 -32.76
CA VAL N 317 -21.81 40.16 -34.02
C VAL N 317 -22.33 41.61 -33.88
N ASP N 318 -21.42 42.56 -33.77
CA ASP N 318 -21.75 43.97 -33.52
C ASP N 318 -22.68 44.13 -32.32
N GLY N 319 -22.29 43.52 -31.20
CA GLY N 319 -23.13 43.48 -29.99
C GLY N 319 -24.39 42.60 -29.96
N LYS N 320 -24.70 41.92 -31.05
CA LYS N 320 -25.92 41.13 -31.10
C LYS N 320 -25.65 39.62 -31.16
N LEU N 321 -26.23 38.87 -30.24
CA LEU N 321 -26.12 37.40 -30.26
C LEU N 321 -26.78 36.78 -31.50
N THR N 322 -26.02 36.03 -32.29
CA THR N 322 -26.43 35.62 -33.62
C THR N 322 -26.05 34.12 -33.85
N PRO N 323 -26.92 33.40 -34.54
CA PRO N 323 -26.68 32.01 -34.89
C PRO N 323 -25.77 31.96 -36.09
N LEU N 324 -24.62 31.34 -35.88
CA LEU N 324 -23.55 31.32 -36.87
C LEU N 324 -23.19 29.89 -37.35
N LEU N 325 -22.59 29.79 -38.53
CA LEU N 325 -21.79 28.62 -38.94
C LEU N 325 -20.38 29.13 -39.20
N THR N 326 -19.35 28.34 -38.84
CA THR N 326 -17.93 28.66 -39.07
C THR N 326 -17.33 27.48 -39.86
N HIS N 327 -16.49 27.76 -40.82
CA HIS N 327 -16.12 26.74 -41.82
C HIS N 327 -14.75 27.05 -42.36
N PRO N 328 -13.73 26.30 -41.93
CA PRO N 328 -12.38 26.54 -42.42
C PRO N 328 -12.13 25.81 -43.75
N ASP N 329 -12.14 26.54 -44.84
CA ASP N 329 -12.10 25.93 -46.17
C ASP N 329 -10.68 25.53 -46.60
N ARG N 330 -10.60 24.60 -47.52
CA ARG N 330 -9.33 24.28 -48.22
C ARG N 330 -8.62 25.51 -48.76
N ASN N 331 -9.39 26.50 -49.23
CA ASN N 331 -8.81 27.71 -49.83
C ASN N 331 -8.06 28.62 -48.82
N GLY N 332 -8.06 28.26 -47.54
CA GLY N 332 -7.30 28.98 -46.52
C GLY N 332 -8.00 30.15 -45.86
N LEU N 333 -9.26 30.31 -46.16
CA LEU N 333 -10.09 31.29 -45.47
C LEU N 333 -11.02 30.56 -44.48
N VAL N 334 -11.29 31.23 -43.38
CA VAL N 334 -12.22 30.73 -42.38
C VAL N 334 -13.45 31.60 -42.51
N TYR N 335 -14.56 30.99 -42.97
CA TYR N 335 -15.83 31.63 -43.19
C TYR N 335 -16.72 31.52 -41.98
N THR N 336 -17.29 32.65 -41.59
CA THR N 336 -18.41 32.65 -40.62
C THR N 336 -19.62 33.38 -41.24
N LEU N 337 -20.74 32.70 -41.29
CA LEU N 337 -21.95 33.13 -41.88
C LEU N 337 -23.01 33.11 -40.81
N ASN N 338 -23.95 34.03 -40.98
CA ASN N 338 -25.25 33.92 -40.30
C ASN N 338 -25.94 32.69 -40.86
N ARG N 339 -26.29 31.73 -40.00
CA ARG N 339 -26.78 30.47 -40.50
C ARG N 339 -28.26 30.45 -40.77
N GLU N 340 -28.96 31.55 -40.45
CA GLU N 340 -30.34 31.69 -40.82
C GLU N 340 -30.43 32.40 -42.20
N THR N 341 -29.72 33.49 -42.33
CA THR N 341 -29.77 34.35 -43.60
C THR N 341 -28.76 33.97 -44.68
N GLY N 342 -27.67 33.28 -44.28
CA GLY N 342 -26.54 33.11 -45.16
C GLY N 342 -25.61 34.29 -45.29
N ALA N 343 -25.90 35.41 -44.59
CA ALA N 343 -25.07 36.60 -44.67
C ALA N 343 -23.68 36.33 -44.20
N LEU N 344 -22.69 36.88 -44.93
CA LEU N 344 -21.29 36.76 -44.57
C LEU N 344 -20.98 37.66 -43.36
N VAL N 345 -20.39 37.10 -42.30
CA VAL N 345 -19.95 37.85 -41.12
C VAL N 345 -18.44 38.10 -41.17
N ASN N 346 -17.67 37.08 -41.46
CA ASN N 346 -16.26 37.27 -41.69
C ASN N 346 -15.69 36.19 -42.57
N ALA N 347 -14.56 36.47 -43.20
CA ALA N 347 -13.82 35.50 -43.98
C ALA N 347 -12.36 35.89 -43.91
N PHE N 348 -11.63 35.28 -42.99
CA PHE N 348 -10.27 35.66 -42.75
C PHE N 348 -9.28 34.54 -43.07
N LYS N 349 -8.04 34.91 -43.33
CA LYS N 349 -6.99 33.93 -43.67
C LYS N 349 -6.62 33.10 -42.45
N ILE N 350 -6.65 31.77 -42.58
CA ILE N 350 -6.20 30.88 -41.47
C ILE N 350 -4.72 30.98 -41.20
N ASP N 351 -3.96 31.43 -42.22
CA ASP N 351 -2.58 31.76 -42.08
C ASP N 351 -2.28 32.86 -43.12
N ASP N 352 -1.44 33.83 -42.75
CA ASP N 352 -1.27 35.05 -43.58
C ASP N 352 -0.51 34.77 -44.90
N THR N 353 0.02 33.59 -45.06
CA THR N 353 0.66 33.23 -46.34
C THR N 353 -0.27 32.80 -47.47
N VAL N 354 -1.57 32.68 -47.22
CA VAL N 354 -2.52 32.45 -48.29
C VAL N 354 -2.34 33.57 -49.34
N ASN N 355 -2.22 33.15 -50.60
CA ASN N 355 -1.94 34.09 -51.69
C ASN N 355 -2.73 34.05 -52.97
N TRP N 356 -3.59 33.03 -53.18
CA TRP N 356 -4.41 33.00 -54.43
C TRP N 356 -5.41 34.16 -54.38
N VAL N 357 -5.73 34.62 -53.15
CA VAL N 357 -6.72 35.65 -52.87
C VAL N 357 -6.04 36.77 -52.05
N LYS N 358 -6.33 38.04 -52.35
CA LYS N 358 -5.84 39.19 -51.51
C LYS N 358 -6.65 39.26 -50.25
N LYS N 359 -7.96 39.33 -50.44
CA LYS N 359 -8.95 39.33 -49.37
C LYS N 359 -10.29 39.01 -49.96
N VAL N 360 -11.25 38.68 -49.09
CA VAL N 360 -12.66 38.66 -49.44
C VAL N 360 -13.28 40.01 -49.08
N ASP N 361 -13.91 40.64 -50.08
CA ASP N 361 -14.67 41.85 -49.86
C ASP N 361 -15.97 41.39 -49.18
N LEU N 362 -16.12 41.70 -47.91
CA LEU N 362 -17.26 41.13 -47.17
C LEU N 362 -18.61 41.63 -47.67
N LYS N 363 -18.64 42.83 -48.25
CA LYS N 363 -19.90 43.37 -48.79
C LYS N 363 -20.37 42.81 -50.09
N THR N 364 -19.45 42.57 -51.02
CA THR N 364 -19.80 41.92 -52.27
C THR N 364 -19.77 40.42 -52.15
N GLY N 365 -19.05 39.91 -51.15
CA GLY N 365 -18.92 38.47 -50.98
C GLY N 365 -17.87 37.83 -51.86
N LEU N 366 -17.14 38.63 -52.62
CA LEU N 366 -16.23 38.09 -53.60
C LEU N 366 -14.78 38.04 -53.17
N PRO N 367 -14.09 36.90 -53.43
CA PRO N 367 -12.68 36.85 -53.19
C PRO N 367 -11.95 37.59 -54.37
N ILE N 368 -11.14 38.54 -54.01
CA ILE N 368 -10.35 39.35 -54.92
C ILE N 368 -9.10 38.54 -55.22
N ARG N 369 -9.05 38.08 -56.44
CA ARG N 369 -8.01 37.14 -56.85
C ARG N 369 -6.68 37.85 -57.15
N ASP N 370 -5.58 37.20 -56.79
CA ASP N 370 -4.27 37.66 -57.24
C ASP N 370 -3.88 36.91 -58.48
N PRO N 371 -3.89 37.58 -59.67
CA PRO N 371 -3.56 36.83 -60.90
C PRO N 371 -2.15 36.24 -60.96
N GLU N 372 -1.23 36.69 -60.09
CA GLU N 372 0.10 36.10 -60.02
C GLU N 372 0.09 34.64 -59.51
N TYR N 373 -1.02 34.22 -58.90
CA TYR N 373 -1.13 32.86 -58.32
C TYR N 373 -2.30 32.12 -58.91
N SER N 374 -2.70 32.50 -60.13
CA SER N 374 -3.72 31.80 -60.86
C SER N 374 -3.15 30.58 -61.56
N THR N 375 -4.02 29.71 -62.06
CA THR N 375 -3.58 28.62 -62.94
C THR N 375 -4.27 28.72 -64.25
N ARG N 376 -3.62 28.14 -65.27
CA ARG N 376 -4.08 28.25 -66.64
C ARG N 376 -3.17 27.39 -67.55
N MET N 377 -3.77 26.90 -68.62
CA MET N 377 -3.06 26.16 -69.65
C MET N 377 -1.84 26.95 -70.16
N ASP N 378 -0.79 26.18 -70.43
CA ASP N 378 0.49 26.65 -70.97
C ASP N 378 1.20 27.59 -70.05
N HIS N 379 1.05 27.35 -68.76
CA HIS N 379 1.74 28.11 -67.76
C HIS N 379 2.00 27.15 -66.62
N ASN N 380 3.22 27.18 -66.08
CA ASN N 380 3.50 26.45 -64.84
C ASN N 380 3.51 27.41 -63.68
N ALA N 381 2.44 27.37 -62.92
CA ALA N 381 2.25 28.35 -61.86
C ALA N 381 3.11 27.95 -60.65
N LYS N 382 3.85 28.88 -60.07
CA LYS N 382 4.71 28.60 -58.95
C LYS N 382 4.35 29.27 -57.63
N GLY N 383 4.49 28.52 -56.54
CA GLY N 383 4.38 29.10 -55.21
C GLY N 383 2.98 29.48 -54.74
N ILE N 384 1.95 28.73 -55.21
CA ILE N 384 0.59 29.01 -54.80
C ILE N 384 0.33 28.44 -53.41
N CYS N 385 -0.27 29.26 -52.52
CA CYS N 385 -0.61 28.85 -51.17
C CYS N 385 -2.08 29.15 -50.90
N PRO N 386 -2.87 28.18 -50.47
CA PRO N 386 -2.48 26.80 -50.23
C PRO N 386 -2.30 26.00 -51.46
N SER N 387 -1.78 24.80 -51.24
CA SER N 387 -1.89 23.74 -52.24
C SER N 387 -3.29 23.20 -52.30
N ALA N 388 -3.52 22.30 -53.27
CA ALA N 388 -4.78 21.55 -53.37
C ALA N 388 -5.18 20.76 -52.11
N MET N 389 -4.21 20.41 -51.26
CA MET N 389 -4.52 19.71 -50.01
C MET N 389 -5.11 20.66 -49.00
N GLY N 390 -4.99 21.96 -49.26
CA GLY N 390 -5.66 22.99 -48.49
C GLY N 390 -4.81 23.38 -47.31
N TYR N 391 -5.06 24.58 -46.75
CA TYR N 391 -4.53 24.88 -45.40
C TYR N 391 -5.43 24.25 -44.31
N HIS N 392 -6.57 23.71 -44.74
CA HIS N 392 -7.41 22.87 -43.89
C HIS N 392 -8.06 21.80 -44.76
N ASN N 393 -8.16 20.57 -44.24
CA ASN N 393 -8.74 19.47 -45.01
C ASN N 393 -9.91 18.84 -44.21
N GLN N 394 -10.11 17.54 -44.30
CA GLN N 394 -11.30 16.88 -43.79
C GLN N 394 -11.42 16.74 -42.27
N GLY N 395 -10.47 17.15 -41.46
CA GLY N 395 -10.63 17.01 -40.01
C GLY N 395 -11.79 17.83 -39.41
N ILE N 396 -12.60 17.21 -38.55
CA ILE N 396 -13.67 17.93 -37.84
C ILE N 396 -13.02 18.67 -36.66
N GLU N 397 -13.25 19.98 -36.55
CA GLU N 397 -12.62 20.75 -35.50
C GLU N 397 -13.49 20.95 -34.29
N SER N 398 -13.03 21.75 -33.31
CA SER N 398 -13.71 21.85 -32.02
C SER N 398 -13.86 23.32 -31.57
N TYR N 399 -14.86 23.51 -30.73
CA TYR N 399 -15.30 24.81 -30.29
C TYR N 399 -15.61 24.81 -28.77
N ASP N 400 -14.87 25.61 -28.02
CA ASP N 400 -15.09 25.80 -26.60
C ASP N 400 -15.98 27.05 -26.48
N PRO N 401 -17.22 26.84 -26.07
CA PRO N 401 -18.20 27.96 -26.03
C PRO N 401 -17.99 28.89 -24.86
N ASP N 402 -17.19 28.50 -23.89
CA ASP N 402 -16.82 29.39 -22.76
C ASP N 402 -15.78 30.37 -23.21
N LYS N 403 -14.80 29.90 -23.97
CA LYS N 403 -13.69 30.69 -24.42
C LYS N 403 -14.02 31.39 -25.77
N LYS N 404 -15.05 30.93 -26.42
CA LYS N 404 -15.40 31.39 -27.80
C LYS N 404 -14.23 31.17 -28.76
N LEU N 405 -13.58 30.02 -28.68
CA LEU N 405 -12.43 29.71 -29.53
C LEU N 405 -12.67 28.43 -30.28
N PHE N 406 -12.31 28.41 -31.58
CA PHE N 406 -12.18 27.18 -32.33
C PHE N 406 -10.74 26.74 -32.28
N PHE N 407 -10.50 25.44 -32.20
CA PHE N 407 -9.19 24.80 -32.20
C PHE N 407 -9.09 23.97 -33.46
N MET N 408 -8.03 24.23 -34.23
CA MET N 408 -7.96 23.61 -35.57
C MET N 408 -6.57 23.09 -35.86
N GLY N 409 -6.54 21.90 -36.44
CA GLY N 409 -5.40 21.32 -37.04
C GLY N 409 -5.29 21.89 -38.45
N VAL N 410 -4.14 22.45 -38.77
CA VAL N 410 -3.92 23.25 -39.99
C VAL N 410 -2.77 22.62 -40.76
N ASN N 411 -2.80 22.81 -42.08
CA ASN N 411 -1.76 22.35 -42.97
C ASN N 411 -1.02 23.62 -43.47
N HIS N 412 0.26 23.48 -43.74
CA HIS N 412 1.07 24.53 -44.25
C HIS N 412 1.81 23.99 -45.47
N ILE N 413 1.06 23.94 -46.57
CA ILE N 413 1.52 23.25 -47.77
C ILE N 413 1.23 24.16 -48.98
N CYS N 414 2.21 24.30 -49.87
CA CYS N 414 2.08 25.20 -51.07
C CYS N 414 2.42 24.39 -52.30
N MET N 415 2.24 24.94 -53.50
CA MET N 415 2.39 24.10 -54.73
C MET N 415 2.77 24.87 -55.99
N ASP N 416 3.28 24.09 -56.96
CA ASP N 416 3.38 24.43 -58.36
C ASP N 416 2.31 23.59 -59.07
N TRP N 417 1.82 24.11 -60.19
CA TRP N 417 0.71 23.52 -60.90
C TRP N 417 0.73 23.94 -62.35
N GLU N 418 0.62 22.92 -63.20
CA GLU N 418 0.49 23.11 -64.64
C GLU N 418 -0.60 22.17 -65.17
N PRO N 419 -1.63 22.71 -65.83
CA PRO N 419 -2.70 21.88 -66.39
C PRO N 419 -2.33 21.24 -67.69
N PHE N 420 -3.12 20.28 -68.13
CA PHE N 420 -2.92 19.68 -69.47
C PHE N 420 -4.26 19.20 -69.99
N MET N 421 -4.44 19.26 -71.30
CA MET N 421 -5.68 18.83 -71.92
C MET N 421 -5.85 17.32 -71.85
N LEU N 422 -7.10 16.87 -71.68
CA LEU N 422 -7.40 15.43 -71.69
C LEU N 422 -8.89 15.24 -71.97
N PRO N 423 -9.26 14.06 -72.50
CA PRO N 423 -10.67 13.75 -72.74
C PRO N 423 -11.33 13.23 -71.46
N TYR N 424 -12.64 13.41 -71.36
CA TYR N 424 -13.47 12.73 -70.39
C TYR N 424 -13.86 11.34 -70.92
N ARG N 425 -13.59 10.31 -70.12
CA ARG N 425 -14.08 8.97 -70.42
C ARG N 425 -14.66 8.41 -69.12
N ALA N 426 -15.96 8.07 -69.12
CA ALA N 426 -16.62 7.67 -67.92
C ALA N 426 -15.95 6.51 -67.31
N GLY N 427 -15.57 6.64 -66.05
CA GLY N 427 -14.86 5.56 -65.34
C GLY N 427 -13.34 5.73 -65.26
N GLN N 428 -12.83 6.77 -65.92
CA GLN N 428 -11.41 7.09 -65.94
C GLN N 428 -11.19 8.37 -65.20
N PHE N 429 -9.96 8.56 -64.72
CA PHE N 429 -9.61 9.82 -64.09
C PHE N 429 -9.73 10.99 -65.04
N PHE N 430 -10.06 12.15 -64.49
CA PHE N 430 -10.33 13.37 -65.24
C PHE N 430 -9.79 14.54 -64.44
N VAL N 431 -8.46 14.51 -64.29
CA VAL N 431 -7.75 15.47 -63.45
C VAL N 431 -7.20 16.56 -64.34
N GLY N 432 -6.17 16.25 -65.15
CA GLY N 432 -5.62 17.23 -66.08
C GLY N 432 -4.76 18.34 -65.48
N ALA N 433 -4.06 18.07 -64.37
CA ALA N 433 -3.01 18.93 -63.83
C ALA N 433 -1.89 18.10 -63.22
N THR N 434 -0.70 18.68 -63.23
CA THR N 434 0.47 18.09 -62.61
C THR N 434 0.91 19.06 -61.53
N LEU N 435 1.05 18.52 -60.31
CA LEU N 435 1.38 19.30 -59.14
C LEU N 435 2.64 18.84 -58.48
N ASN N 436 3.33 19.77 -57.82
CA ASN N 436 4.43 19.45 -56.92
C ASN N 436 4.25 20.29 -55.69
N MET N 437 4.35 19.70 -54.50
CA MET N 437 3.99 20.36 -53.27
C MET N 437 5.15 20.37 -52.29
N TYR N 438 5.09 21.31 -51.36
CA TYR N 438 6.20 21.59 -50.45
C TYR N 438 5.69 22.45 -49.30
N PRO N 439 6.50 22.57 -48.23
CA PRO N 439 6.06 23.38 -47.10
C PRO N 439 5.84 24.83 -47.47
N GLY N 440 4.90 25.45 -46.81
CA GLY N 440 4.68 26.85 -46.91
C GLY N 440 5.87 27.66 -46.38
N PRO N 441 5.79 28.96 -46.54
CA PRO N 441 6.92 29.81 -46.21
C PRO N 441 7.45 29.69 -44.79
N LYS N 442 6.68 29.25 -43.83
CA LYS N 442 7.17 29.10 -42.47
C LYS N 442 7.98 27.89 -42.26
N GLY N 443 7.97 26.96 -43.21
CA GLY N 443 8.97 25.92 -43.34
C GLY N 443 8.52 24.55 -42.77
N MET N 444 7.47 24.50 -41.96
CA MET N 444 6.95 23.20 -41.48
C MET N 444 5.64 22.88 -42.25
N LEU N 445 5.11 21.68 -42.10
CA LEU N 445 3.94 21.25 -42.83
C LEU N 445 2.66 21.35 -42.08
N GLY N 446 2.71 21.59 -40.78
CA GLY N 446 1.50 21.64 -39.95
C GLY N 446 1.48 22.71 -38.86
N GLN N 447 0.31 22.98 -38.34
CA GLN N 447 0.13 23.88 -37.18
C GLN N 447 -1.09 23.44 -36.40
N VAL N 448 -1.17 23.86 -35.14
CA VAL N 448 -2.41 23.86 -34.40
C VAL N 448 -2.66 25.30 -33.98
N LYS N 449 -3.88 25.77 -34.24
CA LYS N 449 -4.25 27.19 -33.93
C LYS N 449 -5.55 27.26 -33.20
N ALA N 450 -5.64 28.25 -32.32
CA ALA N 450 -6.90 28.60 -31.62
C ALA N 450 -7.28 29.98 -32.07
N MET N 451 -8.55 30.17 -32.40
CA MET N 451 -9.00 31.46 -32.95
C MET N 451 -10.42 31.79 -32.60
N ASN N 452 -10.69 33.09 -32.56
CA ASN N 452 -12.04 33.60 -32.54
C ASN N 452 -12.51 33.80 -33.97
N ALA N 453 -13.60 33.14 -34.32
CA ALA N 453 -14.10 33.15 -35.67
C ALA N 453 -14.83 34.41 -36.10
N VAL N 454 -15.34 35.19 -35.18
CA VAL N 454 -15.98 36.43 -35.55
C VAL N 454 -14.94 37.48 -35.78
N THR N 455 -14.00 37.66 -34.86
CA THR N 455 -12.98 38.73 -35.01
C THR N 455 -11.77 38.29 -35.85
N GLY N 456 -11.58 36.99 -36.07
CA GLY N 456 -10.30 36.48 -36.56
C GLY N 456 -9.07 36.58 -35.70
N LYS N 457 -9.22 36.87 -34.41
CA LYS N 457 -8.05 37.01 -33.59
C LYS N 457 -7.49 35.62 -33.25
N MET N 458 -6.20 35.42 -33.50
CA MET N 458 -5.51 34.14 -33.21
C MET N 458 -5.13 34.20 -31.75
N GLU N 459 -5.58 33.26 -30.93
CA GLU N 459 -5.21 33.24 -29.53
C GLU N 459 -3.82 32.67 -29.33
N TRP N 460 -3.51 31.58 -30.05
CA TRP N 460 -2.21 30.94 -30.02
C TRP N 460 -2.03 30.08 -31.28
N GLU N 461 -0.77 29.83 -31.64
CA GLU N 461 -0.40 29.05 -32.85
C GLU N 461 0.84 28.29 -32.56
N VAL N 462 0.86 27.00 -32.92
CA VAL N 462 2.03 26.19 -32.64
C VAL N 462 2.37 25.37 -33.87
N PRO N 463 3.66 25.12 -34.12
CA PRO N 463 4.04 24.35 -35.31
C PRO N 463 3.94 22.83 -35.09
N GLU N 464 3.70 22.10 -36.17
CA GLU N 464 3.74 20.63 -36.14
C GLU N 464 4.60 20.18 -37.32
N LYS N 465 5.34 19.12 -37.13
CA LYS N 465 6.25 18.59 -38.18
C LYS N 465 5.48 18.19 -39.46
N PHE N 466 4.31 17.57 -39.30
CA PHE N 466 3.40 17.25 -40.42
C PHE N 466 2.05 17.95 -40.32
N ALA N 467 1.38 18.07 -41.47
CA ALA N 467 0.02 18.63 -41.55
C ALA N 467 -0.87 17.95 -40.52
N VAL N 468 -1.64 18.73 -39.78
CA VAL N 468 -2.54 18.15 -38.77
C VAL N 468 -3.90 17.84 -39.49
N TRP N 469 -4.11 16.56 -39.78
CA TRP N 469 -5.13 16.13 -40.77
C TRP N 469 -6.46 15.66 -40.17
N GLY N 470 -6.42 15.12 -38.95
CA GLY N 470 -7.56 14.40 -38.43
C GLY N 470 -8.54 15.12 -37.55
N GLY N 471 -8.35 16.39 -37.31
CA GLY N 471 -9.25 17.18 -36.51
C GLY N 471 -8.96 17.04 -35.02
N THR N 472 -9.84 17.66 -34.24
CA THR N 472 -9.60 17.91 -32.81
C THR N 472 -10.83 17.60 -31.96
N LEU N 473 -10.53 17.41 -30.67
CA LEU N 473 -11.50 17.25 -29.59
C LEU N 473 -11.10 18.26 -28.49
N ALA N 474 -12.03 19.12 -28.09
CA ALA N 474 -11.76 19.99 -26.95
C ALA N 474 -12.67 19.62 -25.77
N THR N 475 -12.19 19.92 -24.56
CA THR N 475 -12.97 19.64 -23.37
C THR N 475 -12.88 20.74 -22.33
N ALA N 476 -13.82 20.67 -21.38
CA ALA N 476 -13.92 21.65 -20.29
C ALA N 476 -12.82 21.43 -19.23
N GLY N 477 -12.05 20.36 -19.39
CA GLY N 477 -10.77 20.27 -18.71
C GLY N 477 -9.66 21.13 -19.26
N ASP N 478 -9.98 22.04 -20.20
CA ASP N 478 -9.00 22.98 -20.78
C ASP N 478 -7.96 22.28 -21.64
N LEU N 479 -8.40 21.28 -22.40
CA LEU N 479 -7.51 20.54 -23.27
C LEU N 479 -8.11 20.46 -24.67
N VAL N 480 -7.21 20.39 -25.63
CA VAL N 480 -7.56 19.97 -26.98
C VAL N 480 -6.65 18.80 -27.33
N PHE N 481 -7.27 17.71 -27.84
CA PHE N 481 -6.59 16.48 -28.18
C PHE N 481 -6.61 16.41 -29.71
N TYR N 482 -5.56 15.87 -30.26
CA TYR N 482 -5.48 15.55 -31.69
C TYR N 482 -4.43 14.51 -31.95
N GLY N 483 -4.56 13.84 -33.11
CA GLY N 483 -3.53 12.99 -33.58
C GLY N 483 -2.69 13.59 -34.71
N THR N 484 -1.51 13.05 -34.91
CA THR N 484 -0.61 13.56 -35.95
C THR N 484 -0.30 12.44 -36.93
N LEU N 485 0.12 12.85 -38.10
CA LEU N 485 0.50 11.92 -39.20
C LEU N 485 1.69 11.05 -38.85
N ASP N 486 2.59 11.57 -38.01
CA ASP N 486 3.74 10.81 -37.62
C ASP N 486 3.49 9.83 -36.48
N GLY N 487 2.27 9.79 -35.94
CA GLY N 487 1.91 8.66 -35.07
C GLY N 487 1.90 9.03 -33.58
N PHE N 488 1.49 10.24 -33.23
CA PHE N 488 1.18 10.59 -31.83
C PHE N 488 -0.28 10.98 -31.63
N ILE N 489 -0.77 10.78 -30.42
CA ILE N 489 -1.92 11.55 -29.90
C ILE N 489 -1.36 12.58 -28.95
N LYS N 490 -1.85 13.80 -29.02
CA LYS N 490 -1.30 14.90 -28.19
C LYS N 490 -2.37 15.66 -27.54
N ALA N 491 -2.05 16.28 -26.38
CA ALA N 491 -3.02 17.13 -25.72
C ALA N 491 -2.36 18.47 -25.36
N ARG N 492 -3.00 19.57 -25.74
CA ARG N 492 -2.50 20.88 -25.39
C ARG N 492 -3.50 21.64 -24.53
N ASP N 493 -2.99 22.54 -23.71
CA ASP N 493 -3.80 23.40 -22.88
C ASP N 493 -4.46 24.41 -23.80
N THR N 494 -5.72 24.44 -23.78
CA THR N 494 -6.43 25.35 -24.65
C THR N 494 -6.35 26.82 -24.23
N ARG N 495 -5.91 27.27 -23.18
CA ARG N 495 -5.64 28.70 -22.91
C ARG N 495 -4.39 29.16 -23.64
N THR N 496 -3.35 28.32 -23.73
CA THR N 496 -2.04 28.75 -24.18
C THR N 496 -1.42 28.00 -25.34
N GLY N 497 -1.90 26.79 -25.68
CA GLY N 497 -1.22 25.95 -26.64
C GLY N 497 -0.14 25.04 -26.05
N GLU N 498 0.15 25.15 -24.75
CA GLU N 498 1.23 24.39 -24.14
C GLU N 498 0.97 22.89 -24.27
N LEU N 499 1.96 22.13 -24.71
CA LEU N 499 1.84 20.65 -24.88
C LEU N 499 1.85 20.03 -23.49
N LYS N 500 0.83 19.28 -23.12
CA LYS N 500 0.72 18.67 -21.80
C LYS N 500 0.91 17.19 -21.78
N TRP N 501 0.71 16.52 -22.91
CA TRP N 501 0.82 15.06 -22.94
C TRP N 501 0.99 14.61 -24.37
N GLN N 502 1.70 13.52 -24.52
CA GLN N 502 1.78 12.89 -25.80
C GLN N 502 2.04 11.38 -25.68
N PHE N 503 1.51 10.62 -26.63
CA PHE N 503 1.75 9.16 -26.61
C PHE N 503 1.98 8.67 -28.03
N GLN N 504 2.89 7.72 -28.17
CA GLN N 504 3.33 7.16 -29.47
C GLN N 504 2.44 5.95 -29.82
N LEU N 505 1.48 6.18 -30.71
CA LEU N 505 0.61 5.22 -31.26
C LEU N 505 1.32 4.43 -32.31
N PRO N 506 0.73 3.34 -32.78
CA PRO N 506 1.51 2.50 -33.70
C PRO N 506 1.77 3.16 -35.07
N SER N 507 0.78 3.90 -35.55
CA SER N 507 0.75 4.47 -36.91
C SER N 507 0.18 5.88 -36.81
N GLY N 508 0.42 6.62 -37.86
CA GLY N 508 -0.17 7.96 -37.98
C GLY N 508 -1.68 7.99 -37.92
N VAL N 509 -2.18 9.14 -37.55
CA VAL N 509 -3.59 9.35 -37.29
C VAL N 509 -4.13 10.30 -38.35
N ILE N 510 -5.27 9.91 -38.92
CA ILE N 510 -6.00 10.78 -39.89
C ILE N 510 -7.48 11.02 -39.51
N GLY N 511 -7.93 10.49 -38.35
CA GLY N 511 -9.22 10.76 -37.79
C GLY N 511 -9.14 11.58 -36.51
N HIS N 512 -10.29 11.78 -35.86
CA HIS N 512 -10.37 12.63 -34.69
C HIS N 512 -10.41 11.80 -33.40
N PRO N 513 -10.02 12.40 -32.27
CA PRO N 513 -10.31 11.73 -30.98
C PRO N 513 -11.79 11.86 -30.55
N ILE N 514 -12.24 10.90 -29.75
CA ILE N 514 -13.53 11.02 -29.09
C ILE N 514 -13.34 10.88 -27.58
N THR N 515 -14.37 11.30 -26.83
CA THR N 515 -14.37 11.09 -25.40
C THR N 515 -15.79 10.73 -24.96
N TYR N 516 -15.90 9.85 -23.95
CA TYR N 516 -17.18 9.46 -23.43
C TYR N 516 -16.98 8.95 -21.98
N GLN N 517 -18.09 8.89 -21.26
CA GLN N 517 -18.10 8.34 -19.92
C GLN N 517 -18.75 6.96 -20.00
N HIS N 518 -18.03 5.98 -19.46
CA HIS N 518 -18.60 4.65 -19.32
C HIS N 518 -18.45 4.15 -17.87
N ASN N 519 -19.60 3.80 -17.24
CA ASN N 519 -19.64 3.37 -15.86
C ASN N 519 -18.85 4.30 -14.95
N GLY N 520 -19.12 5.58 -15.08
CA GLY N 520 -18.55 6.56 -14.13
C GLY N 520 -17.13 7.03 -14.40
N LYS N 521 -16.53 6.57 -15.48
CA LYS N 521 -15.16 6.91 -15.81
C LYS N 521 -15.05 7.51 -17.20
N GLN N 522 -14.14 8.45 -17.38
CA GLN N 522 -13.92 9.11 -18.68
C GLN N 522 -12.83 8.40 -19.48
N TYR N 523 -13.08 8.19 -20.78
CA TYR N 523 -12.22 7.54 -21.72
C TYR N 523 -12.00 8.44 -22.92
N ILE N 524 -10.82 8.35 -23.52
CA ILE N 524 -10.55 8.99 -24.80
C ILE N 524 -10.18 7.88 -25.78
N ALA N 525 -10.72 7.95 -26.97
CA ALA N 525 -10.42 6.91 -27.97
C ALA N 525 -10.07 7.53 -29.31
N ILE N 526 -9.35 6.79 -30.13
CA ILE N 526 -8.84 7.31 -31.45
C ILE N 526 -8.42 6.14 -32.31
N TYR N 527 -8.58 6.28 -33.63
CA TYR N 527 -7.99 5.32 -34.56
C TYR N 527 -6.51 5.61 -34.80
N SER N 528 -5.70 4.59 -35.01
CA SER N 528 -4.35 4.75 -35.50
C SER N 528 -4.25 3.94 -36.76
N GLY N 529 -3.85 4.56 -37.85
CA GLY N 529 -3.77 3.89 -39.14
C GLY N 529 -3.68 4.96 -40.22
N VAL N 530 -2.48 5.20 -40.66
CA VAL N 530 -2.18 6.30 -41.54
C VAL N 530 -2.53 5.94 -42.99
N GLY N 531 -2.81 6.98 -43.76
CA GLY N 531 -3.18 6.84 -45.12
C GLY N 531 -3.83 8.08 -45.58
N GLY N 532 -4.91 7.92 -46.33
CA GLY N 532 -5.53 9.07 -46.92
C GLY N 532 -4.59 9.81 -47.88
N TRP N 533 -4.89 11.07 -48.19
CA TRP N 533 -4.05 11.76 -49.19
C TRP N 533 -2.55 11.90 -48.77
N PRO N 534 -2.28 12.30 -47.50
CA PRO N 534 -0.86 12.53 -47.12
C PRO N 534 -0.09 11.22 -47.11
N GLY N 535 -0.79 10.14 -46.85
CA GLY N 535 -0.20 8.84 -46.79
C GLY N 535 -0.15 8.06 -48.05
N VAL N 536 -0.58 8.67 -49.15
CA VAL N 536 -0.67 7.91 -50.40
C VAL N 536 0.69 7.35 -50.88
N GLY N 537 1.75 8.12 -50.66
CA GLY N 537 3.08 7.70 -51.03
C GLY N 537 3.50 6.42 -50.29
N LEU N 538 3.29 6.41 -48.98
CA LEU N 538 3.73 5.22 -48.23
C LEU N 538 2.76 4.07 -48.38
N VAL N 539 1.47 4.33 -48.49
CA VAL N 539 0.50 3.24 -48.75
C VAL N 539 0.75 2.54 -50.10
N PHE N 540 1.03 3.28 -51.16
CA PHE N 540 1.13 2.63 -52.50
C PHE N 540 2.53 2.53 -53.02
N ASP N 541 3.52 2.87 -52.18
CA ASP N 541 4.94 2.80 -52.52
C ASP N 541 5.32 3.71 -53.69
N LEU N 542 4.82 4.93 -53.67
CA LEU N 542 4.99 5.88 -54.79
C LEU N 542 6.29 6.67 -54.55
N LYS N 543 6.97 6.99 -55.64
CA LYS N 543 8.27 7.69 -55.59
C LYS N 543 8.32 8.99 -56.37
N ASP N 544 7.52 9.16 -57.41
CA ASP N 544 7.58 10.36 -58.28
C ASP N 544 6.99 11.47 -57.44
N PRO N 545 7.69 12.61 -57.30
CA PRO N 545 7.17 13.67 -56.43
C PRO N 545 5.85 14.27 -56.83
N THR N 546 5.44 14.11 -58.08
CA THR N 546 4.15 14.61 -58.56
C THR N 546 3.06 13.57 -58.45
N ALA N 547 3.43 12.31 -58.12
CA ALA N 547 2.45 11.27 -57.94
C ALA N 547 1.54 11.57 -56.72
N GLY N 548 0.44 10.86 -56.66
CA GLY N 548 -0.52 11.02 -55.61
C GLY N 548 -1.14 12.40 -55.69
N LEU N 549 -1.38 12.85 -56.91
CA LEU N 549 -1.93 14.19 -57.20
C LEU N 549 -1.13 15.29 -56.51
N GLY N 550 0.19 15.10 -56.52
CA GLY N 550 1.12 16.05 -55.91
C GLY N 550 1.48 15.90 -54.49
N ALA N 551 0.90 14.95 -53.77
CA ALA N 551 1.22 14.80 -52.37
C ALA N 551 2.54 14.09 -52.09
N VAL N 552 3.02 13.26 -53.02
CA VAL N 552 4.09 12.33 -52.72
C VAL N 552 5.36 13.01 -52.34
N GLY N 553 5.77 14.02 -53.10
CA GLY N 553 7.04 14.66 -52.80
C GLY N 553 7.01 15.42 -51.48
N ALA N 554 5.93 16.12 -51.23
CA ALA N 554 5.78 16.83 -49.93
C ALA N 554 5.86 15.95 -48.70
N PHE N 555 5.31 14.77 -48.77
CA PHE N 555 5.21 13.87 -47.63
C PHE N 555 6.21 12.75 -47.62
N ARG N 556 7.26 12.93 -48.39
CA ARG N 556 8.26 11.91 -48.65
C ARG N 556 8.86 11.41 -47.35
N GLU N 557 9.00 12.28 -46.38
CA GLU N 557 9.60 11.92 -45.09
C GLU N 557 8.70 11.15 -44.15
N LEU N 558 7.39 11.09 -44.43
CA LEU N 558 6.48 10.48 -43.49
C LEU N 558 6.78 8.97 -43.20
N ALA N 559 7.23 8.28 -44.23
CA ALA N 559 7.58 6.84 -44.17
C ALA N 559 8.81 6.56 -43.27
N HIS N 560 9.53 7.59 -42.91
CA HIS N 560 10.57 7.46 -41.88
C HIS N 560 10.01 7.31 -40.47
N TYR N 561 8.78 7.76 -40.23
CA TYR N 561 8.19 7.75 -38.93
C TYR N 561 7.12 6.66 -38.74
N THR N 562 6.36 6.33 -39.77
CA THR N 562 5.18 5.51 -39.60
C THR N 562 5.04 4.56 -40.81
N GLN N 563 4.65 3.35 -40.50
CA GLN N 563 4.09 2.39 -41.46
C GLN N 563 2.57 2.45 -41.37
N MET N 564 1.93 1.69 -42.26
CA MET N 564 0.50 1.47 -42.17
C MET N 564 0.15 0.68 -40.91
N GLY N 565 -1.10 0.79 -40.50
CA GLY N 565 -1.65 -0.01 -39.38
C GLY N 565 -3.16 0.14 -39.35
N GLY N 566 -3.76 -0.30 -38.25
CA GLY N 566 -5.18 -0.26 -38.09
C GLY N 566 -5.56 -0.76 -36.70
N SER N 567 -5.68 0.19 -35.79
CA SER N 567 -6.12 -0.12 -34.42
C SER N 567 -7.02 0.95 -33.82
N VAL N 568 -7.70 0.60 -32.72
CA VAL N 568 -8.38 1.58 -31.88
C VAL N 568 -7.64 1.60 -30.54
N PHE N 569 -7.29 2.78 -30.10
CA PHE N 569 -6.68 3.01 -28.76
C PHE N 569 -7.63 3.73 -27.88
N VAL N 570 -7.79 3.23 -26.65
CA VAL N 570 -8.66 3.81 -25.64
C VAL N 570 -7.81 4.11 -24.41
N PHE N 571 -7.87 5.35 -23.95
CA PHE N 571 -7.09 5.86 -22.83
C PHE N 571 -7.97 6.20 -21.63
N SER N 572 -7.38 6.11 -20.44
CA SER N 572 -8.07 6.61 -19.26
C SER N 572 -7.08 6.94 -18.16
N LEU N 573 -7.60 7.51 -17.10
CA LEU N 573 -6.80 7.62 -15.91
C LEU N 573 -7.03 6.27 -15.18
N TYR O 1 1.65 -53.98 -33.42
CA TYR O 1 2.67 -52.92 -33.58
C TYR O 1 2.60 -52.02 -32.34
N ASP O 2 3.42 -52.32 -31.34
CA ASP O 2 3.50 -51.46 -30.17
C ASP O 2 4.82 -50.68 -30.12
N GLY O 3 5.67 -50.83 -31.14
CA GLY O 3 6.96 -50.12 -31.22
C GLY O 3 8.10 -50.71 -30.45
N THR O 4 7.87 -51.80 -29.71
CA THR O 4 8.86 -52.36 -28.80
C THR O 4 9.59 -53.61 -29.38
N HIS O 5 9.15 -54.11 -30.53
CA HIS O 5 9.73 -55.33 -31.14
C HIS O 5 10.65 -54.99 -32.26
N CYS O 6 11.95 -55.07 -31.99
CA CYS O 6 12.94 -54.51 -32.87
C CYS O 6 13.77 -55.58 -33.64
N LYS O 7 13.69 -55.48 -34.95
CA LYS O 7 14.51 -56.20 -35.92
C LYS O 7 16.01 -55.84 -35.82
N ALA O 8 16.36 -54.64 -35.39
CA ALA O 8 17.77 -54.21 -35.24
C ALA O 8 17.77 -52.98 -34.34
N PRO O 9 18.90 -52.58 -33.80
CA PRO O 9 18.88 -51.32 -33.02
C PRO O 9 18.42 -50.12 -33.86
N GLY O 10 17.42 -49.38 -33.38
CA GLY O 10 16.86 -48.24 -34.15
C GLY O 10 15.90 -48.58 -35.25
N ASN O 11 15.49 -49.85 -35.32
CA ASN O 11 14.56 -50.27 -36.36
C ASN O 11 13.53 -51.17 -35.74
N CYS O 12 12.41 -50.57 -35.32
CA CYS O 12 11.36 -51.33 -34.62
C CYS O 12 10.04 -51.45 -35.33
N TRP O 13 9.94 -50.98 -36.57
CA TRP O 13 8.67 -50.89 -37.30
C TRP O 13 8.09 -52.28 -37.59
N GLU O 14 6.75 -52.38 -37.52
CA GLU O 14 6.02 -53.57 -37.96
C GLU O 14 4.79 -53.10 -38.66
N PRO O 15 4.33 -53.91 -39.64
CA PRO O 15 3.04 -53.64 -40.21
C PRO O 15 1.95 -53.85 -39.17
N LYS O 16 0.89 -53.06 -39.28
CA LYS O 16 -0.26 -53.26 -38.47
C LYS O 16 -1.07 -54.48 -38.98
N PRO O 17 -1.94 -55.05 -38.11
CA PRO O 17 -2.62 -56.28 -38.55
C PRO O 17 -3.46 -56.02 -39.79
N GLY O 18 -3.25 -56.87 -40.81
CA GLY O 18 -3.97 -56.77 -42.09
C GLY O 18 -3.28 -55.86 -43.11
N TYR O 19 -2.07 -55.38 -42.85
CA TYR O 19 -1.39 -54.46 -43.75
C TYR O 19 -0.13 -55.09 -44.19
N PRO O 20 0.34 -54.74 -45.35
CA PRO O 20 1.55 -55.43 -45.85
C PRO O 20 2.87 -55.08 -45.20
N ASP O 21 3.77 -56.03 -45.32
CA ASP O 21 5.17 -55.87 -45.01
C ASP O 21 5.90 -54.81 -45.86
N LYS O 22 5.54 -54.78 -47.16
CA LYS O 22 6.14 -53.85 -48.13
C LYS O 22 5.00 -53.31 -48.94
N VAL O 23 5.05 -52.02 -49.31
CA VAL O 23 3.93 -51.42 -50.06
C VAL O 23 4.05 -51.54 -51.61
N ALA O 24 5.29 -51.66 -52.14
CA ALA O 24 5.53 -51.99 -53.58
C ALA O 24 4.67 -53.22 -53.99
N GLY O 25 3.81 -53.06 -54.99
CA GLY O 25 2.94 -54.13 -55.45
C GLY O 25 1.70 -54.37 -54.60
N SER O 26 1.48 -53.60 -53.52
CA SER O 26 0.27 -53.74 -52.70
C SER O 26 -0.73 -52.67 -53.14
N LYS O 27 -1.94 -52.75 -52.60
CA LYS O 27 -3.01 -51.76 -52.80
C LYS O 27 -2.67 -50.35 -52.22
N TYR O 28 -1.66 -50.24 -51.40
CA TYR O 28 -1.12 -48.96 -50.85
C TYR O 28 0.18 -48.51 -51.49
N ASP O 29 0.56 -49.13 -52.62
CA ASP O 29 1.78 -48.76 -53.35
C ASP O 29 1.78 -47.28 -53.72
N PRO O 30 2.79 -46.52 -53.26
CA PRO O 30 2.77 -45.10 -53.62
C PRO O 30 3.17 -44.82 -55.07
N LYS O 31 3.82 -45.77 -55.74
CA LYS O 31 4.08 -45.65 -57.20
C LYS O 31 4.73 -44.32 -57.55
N HIS O 32 5.80 -43.95 -56.84
CA HIS O 32 6.40 -42.66 -57.07
C HIS O 32 7.19 -42.64 -58.38
N ASP O 33 7.08 -41.52 -59.08
CA ASP O 33 7.85 -41.26 -60.29
C ASP O 33 9.30 -40.90 -59.90
N PRO O 34 10.30 -41.75 -60.26
CA PRO O 34 11.69 -41.48 -59.89
C PRO O 34 12.26 -40.14 -60.32
N ASN O 35 11.76 -39.60 -61.43
CA ASN O 35 12.18 -38.27 -61.87
C ASN O 35 11.60 -37.16 -60.99
N GLU O 36 10.35 -37.28 -60.55
CA GLU O 36 9.84 -36.37 -59.53
C GLU O 36 10.63 -36.42 -58.23
N LEU O 37 10.92 -37.63 -57.77
CA LEU O 37 11.72 -37.82 -56.56
C LEU O 37 13.06 -37.10 -56.58
N ASN O 38 13.73 -37.11 -57.72
CA ASN O 38 15.03 -36.48 -57.83
C ASN O 38 15.04 -34.98 -57.99
N LYS O 39 13.89 -34.35 -58.21
CA LYS O 39 13.86 -32.89 -58.48
C LYS O 39 14.50 -32.00 -57.40
N GLN O 40 14.20 -32.29 -56.12
CA GLN O 40 14.71 -31.46 -54.98
C GLN O 40 16.18 -31.41 -54.92
N ALA O 41 16.75 -32.62 -55.09
CA ALA O 41 18.16 -32.78 -55.01
C ALA O 41 18.88 -32.01 -56.14
N GLU O 42 18.26 -32.03 -57.29
CA GLU O 42 18.79 -31.32 -58.46
C GLU O 42 18.69 -29.82 -58.26
N SER O 43 17.57 -29.35 -57.71
CA SER O 43 17.41 -27.92 -57.38
C SER O 43 18.48 -27.49 -56.41
N ILE O 44 18.77 -28.36 -55.44
CA ILE O 44 19.79 -28.04 -54.45
C ILE O 44 21.18 -27.90 -55.07
N LYS O 45 21.55 -28.82 -55.96
CA LYS O 45 22.86 -28.70 -56.63
C LYS O 45 23.01 -27.38 -57.40
N ALA O 46 21.96 -27.02 -58.13
CA ALA O 46 21.94 -25.78 -58.86
C ALA O 46 22.05 -24.53 -57.97
N MET O 47 21.37 -24.51 -56.81
CA MET O 47 21.52 -23.39 -55.86
C MET O 47 22.92 -23.32 -55.32
N GLU O 48 23.46 -24.47 -54.94
CA GLU O 48 24.78 -24.58 -54.42
C GLU O 48 25.82 -24.12 -55.48
N ALA O 49 25.60 -24.46 -56.75
CA ALA O 49 26.52 -23.87 -57.83
C ALA O 49 26.42 -22.36 -57.96
N ARG O 50 25.19 -21.82 -57.97
CA ARG O 50 25.00 -20.35 -58.00
C ARG O 50 25.62 -19.69 -56.80
N ASN O 51 25.44 -20.29 -55.59
CA ASN O 51 26.01 -19.63 -54.41
C ASN O 51 27.54 -19.58 -54.51
N GLN O 52 28.14 -20.66 -54.98
CA GLN O 52 29.60 -20.73 -55.10
C GLN O 52 30.14 -19.64 -56.06
N LYS O 53 29.44 -19.39 -57.15
CA LYS O 53 29.77 -18.28 -58.03
C LYS O 53 29.70 -16.94 -57.33
N ARG O 54 28.70 -16.71 -56.49
CA ARG O 54 28.58 -15.47 -55.74
C ARG O 54 29.73 -15.32 -54.77
N VAL O 55 30.06 -16.42 -54.10
CA VAL O 55 31.11 -16.41 -53.11
C VAL O 55 32.45 -16.11 -53.83
N GLU O 56 32.72 -16.85 -54.90
CA GLU O 56 33.99 -16.67 -55.66
C GLU O 56 34.15 -15.22 -56.17
N ASN O 57 33.10 -14.65 -56.73
CA ASN O 57 33.10 -13.24 -57.14
C ASN O 57 33.30 -12.20 -56.05
N TYR O 58 32.74 -12.48 -54.87
CA TYR O 58 32.88 -11.58 -53.77
C TYR O 58 34.32 -11.58 -53.29
N ALA O 59 34.93 -12.75 -53.19
CA ALA O 59 36.31 -12.89 -52.71
C ALA O 59 37.34 -12.27 -53.68
N LYS O 60 37.09 -12.44 -54.97
CA LYS O 60 37.94 -11.94 -56.03
C LYS O 60 37.80 -10.43 -56.18
N THR O 61 36.57 -9.92 -56.27
CA THR O 61 36.35 -8.50 -56.51
C THR O 61 36.19 -7.65 -55.25
N GLY O 62 35.90 -8.27 -54.10
CA GLY O 62 35.53 -7.53 -52.88
C GLY O 62 34.17 -6.87 -52.86
N LYS O 63 33.32 -7.19 -53.85
CA LYS O 63 32.03 -6.54 -54.05
C LYS O 63 30.95 -7.62 -54.23
N PHE O 64 29.89 -7.58 -53.42
CA PHE O 64 28.90 -8.66 -53.50
C PHE O 64 27.93 -8.49 -54.68
N VAL O 65 27.72 -9.54 -55.47
CA VAL O 65 26.77 -9.52 -56.55
C VAL O 65 25.92 -10.79 -56.50
N TYR O 66 24.60 -10.62 -56.38
CA TYR O 66 23.67 -11.74 -56.34
C TYR O 66 23.38 -12.36 -57.72
N LYS O 67 23.15 -11.52 -58.72
CA LYS O 67 22.67 -12.00 -60.04
C LYS O 67 23.86 -12.66 -60.77
N VAL O 68 23.77 -13.99 -61.00
CA VAL O 68 24.92 -14.75 -61.58
C VAL O 68 25.25 -14.29 -63.00
N GLU O 69 24.22 -13.87 -63.76
CA GLU O 69 24.31 -13.24 -65.11
C GLU O 69 25.23 -12.02 -65.11
N ASP O 70 25.02 -11.15 -64.11
CA ASP O 70 25.84 -9.93 -63.95
C ASP O 70 27.27 -10.15 -63.50
N ILE O 71 27.65 -11.41 -63.24
CA ILE O 71 29.04 -11.73 -62.91
C ILE O 71 29.64 -12.08 -64.29
N TYR P 1 -8.37 39.29 -64.67
CA TYR P 1 -9.41 38.56 -64.03
C TYR P 1 -9.13 38.62 -62.57
N ASP P 2 -9.80 39.53 -61.85
CA ASP P 2 -9.65 39.59 -60.43
C ASP P 2 -10.90 39.11 -59.64
N GLY P 3 -11.93 38.64 -60.36
CA GLY P 3 -13.17 38.11 -59.78
C GLY P 3 -14.24 39.08 -59.34
N THR P 4 -14.00 40.36 -59.56
CA THR P 4 -14.75 41.47 -58.98
C THR P 4 -15.68 42.09 -60.09
N HIS P 5 -15.55 41.68 -61.34
CA HIS P 5 -16.32 42.26 -62.46
C HIS P 5 -17.43 41.33 -62.84
N CYS P 6 -18.64 41.68 -62.41
CA CYS P 6 -19.82 40.81 -62.61
C CYS P 6 -20.83 41.28 -63.67
N LYS P 7 -20.95 40.50 -64.72
CA LYS P 7 -21.88 40.74 -65.75
C LYS P 7 -23.27 40.48 -65.25
N ALA P 8 -23.42 39.59 -64.26
CA ALA P 8 -24.75 39.40 -63.62
C ALA P 8 -24.45 38.95 -62.17
N PRO P 9 -25.41 39.15 -61.23
CA PRO P 9 -25.13 38.72 -59.86
C PRO P 9 -24.78 37.20 -59.88
N GLY P 10 -23.68 36.83 -59.24
CA GLY P 10 -23.30 35.41 -59.18
C GLY P 10 -22.58 34.94 -60.42
N ASN P 11 -22.20 35.88 -61.31
CA ASN P 11 -21.53 35.49 -62.55
C ASN P 11 -20.45 36.52 -62.86
N CYS P 12 -19.25 36.25 -62.30
CA CYS P 12 -18.15 37.20 -62.37
C CYS P 12 -16.98 36.71 -63.18
N TRP P 13 -17.12 35.58 -63.87
CA TRP P 13 -16.00 35.02 -64.62
C TRP P 13 -15.58 35.93 -65.82
N GLU P 14 -14.30 36.04 -66.01
CA GLU P 14 -13.70 36.66 -67.23
C GLU P 14 -12.56 35.76 -67.71
N PRO P 15 -12.32 35.73 -69.02
CA PRO P 15 -11.06 35.11 -69.50
C PRO P 15 -9.82 35.86 -69.01
N LYS P 16 -8.77 35.10 -68.80
CA LYS P 16 -7.45 35.66 -68.50
C LYS P 16 -6.89 36.34 -69.77
N PRO P 17 -6.01 37.32 -69.58
CA PRO P 17 -5.43 38.08 -70.73
C PRO P 17 -4.88 37.13 -71.80
N GLY P 18 -5.39 37.26 -73.03
CA GLY P 18 -4.97 36.38 -74.11
C GLY P 18 -5.80 35.15 -74.34
N TYR P 19 -6.77 34.89 -73.48
CA TYR P 19 -7.58 33.70 -73.55
C TYR P 19 -8.98 34.06 -74.02
N PRO P 20 -9.66 33.08 -74.64
CA PRO P 20 -10.93 33.40 -75.29
C PRO P 20 -12.09 33.37 -74.30
N ASP P 21 -13.12 34.12 -74.64
CA ASP P 21 -14.38 34.09 -73.87
C ASP P 21 -15.04 32.71 -73.89
N LYS P 22 -14.97 32.01 -75.03
CA LYS P 22 -15.56 30.66 -75.19
C LYS P 22 -14.49 29.75 -75.65
N VAL P 23 -14.50 28.54 -75.14
CA VAL P 23 -13.53 27.52 -75.59
C VAL P 23 -13.88 26.73 -76.83
N ALA P 24 -15.17 26.62 -77.17
CA ALA P 24 -15.56 25.90 -78.39
C ALA P 24 -14.87 26.53 -79.62
N GLY P 25 -14.24 25.71 -80.45
CA GLY P 25 -13.44 26.17 -81.61
C GLY P 25 -12.05 26.73 -81.33
N SER P 26 -11.64 26.86 -80.05
CA SER P 26 -10.30 27.28 -79.71
C SER P 26 -9.36 26.05 -79.59
N LYS P 27 -8.07 26.35 -79.37
CA LYS P 27 -7.07 25.34 -79.10
C LYS P 27 -7.36 24.67 -77.73
N TYR P 28 -8.25 25.24 -76.89
CA TYR P 28 -8.63 24.61 -75.58
C TYR P 28 -10.02 23.91 -75.56
N ASP P 29 -10.60 23.73 -76.74
CA ASP P 29 -11.89 23.11 -76.91
C ASP P 29 -11.82 21.72 -76.31
N PRO P 30 -12.69 21.44 -75.33
CA PRO P 30 -12.58 20.10 -74.70
C PRO P 30 -13.15 18.98 -75.57
N LYS P 31 -13.97 19.31 -76.57
CA LYS P 31 -14.46 18.32 -77.54
C LYS P 31 -15.09 17.11 -76.85
N HIS P 32 -15.95 17.39 -75.89
CA HIS P 32 -16.58 16.31 -75.16
C HIS P 32 -17.59 15.54 -76.02
N ASP P 33 -17.61 14.24 -75.84
CA ASP P 33 -18.52 13.36 -76.57
C ASP P 33 -19.88 13.37 -75.83
N PRO P 34 -21.00 13.77 -76.51
CA PRO P 34 -22.32 13.77 -75.83
C PRO P 34 -22.73 12.43 -75.23
N ASN P 35 -22.39 11.33 -75.86
CA ASN P 35 -22.80 10.05 -75.29
C ASN P 35 -22.02 9.76 -73.96
N GLU P 36 -20.70 10.05 -73.93
CA GLU P 36 -19.95 10.00 -72.67
C GLU P 36 -20.49 10.89 -71.62
N LEU P 37 -20.86 12.10 -71.96
CA LEU P 37 -21.28 13.07 -70.98
C LEU P 37 -22.55 12.63 -70.24
N ASN P 38 -23.40 11.87 -70.92
CA ASN P 38 -24.68 11.42 -70.40
C ASN P 38 -24.62 10.10 -69.64
N LYS P 39 -23.47 9.44 -69.57
CA LYS P 39 -23.38 8.14 -68.97
C LYS P 39 -23.77 8.11 -67.52
N GLN P 40 -23.25 9.06 -66.78
CA GLN P 40 -23.56 9.09 -65.39
C GLN P 40 -25.04 9.35 -65.00
N ALA P 41 -25.73 10.20 -65.75
CA ALA P 41 -27.17 10.41 -65.64
C ALA P 41 -27.93 9.15 -66.03
N GLU P 42 -27.50 8.46 -67.06
CA GLU P 42 -28.14 7.15 -67.34
C GLU P 42 -27.94 6.10 -66.22
N SER P 43 -26.72 6.04 -65.68
CA SER P 43 -26.43 5.11 -64.57
C SER P 43 -27.30 5.45 -63.36
N ILE P 44 -27.47 6.73 -63.05
CA ILE P 44 -28.34 7.15 -61.93
C ILE P 44 -29.81 6.74 -62.12
N LYS P 45 -30.32 6.92 -63.34
CA LYS P 45 -31.71 6.48 -63.64
C LYS P 45 -31.91 4.99 -63.33
N ALA P 46 -30.93 4.16 -63.71
CA ALA P 46 -31.03 2.73 -63.54
C ALA P 46 -30.88 2.36 -62.09
N MET P 47 -30.01 3.08 -61.33
CA MET P 47 -29.91 2.79 -59.87
C MET P 47 -31.23 3.18 -59.18
N GLU P 48 -31.82 4.30 -59.57
CA GLU P 48 -33.07 4.73 -58.95
C GLU P 48 -34.19 3.77 -59.22
N ALA P 49 -34.22 3.24 -60.43
CA ALA P 49 -35.23 2.24 -60.80
C ALA P 49 -35.06 0.91 -60.03
N ARG P 50 -33.82 0.41 -59.88
CA ARG P 50 -33.60 -0.72 -59.02
C ARG P 50 -33.93 -0.47 -57.56
N ASN P 51 -33.55 0.70 -57.02
CA ASN P 51 -33.92 1.00 -55.65
C ASN P 51 -35.45 0.98 -55.45
N GLN P 52 -36.19 1.56 -56.39
CA GLN P 52 -37.64 1.60 -56.21
C GLN P 52 -38.25 0.20 -56.26
N LYS P 53 -37.72 -0.69 -57.08
CA LYS P 53 -38.21 -2.09 -57.03
C LYS P 53 -37.92 -2.72 -55.67
N ARG P 54 -36.76 -2.44 -55.09
CA ARG P 54 -36.46 -2.95 -53.71
C ARG P 54 -37.40 -2.39 -52.63
N VAL P 55 -37.62 -1.10 -52.67
CA VAL P 55 -38.54 -0.43 -51.77
C VAL P 55 -39.95 -1.04 -51.88
N GLU P 56 -40.41 -1.23 -53.11
CA GLU P 56 -41.80 -1.74 -53.37
C GLU P 56 -41.98 -3.16 -52.85
N ASN P 57 -40.97 -4.00 -53.12
CA ASN P 57 -40.95 -5.37 -52.65
C ASN P 57 -40.94 -5.47 -51.12
N TYR P 58 -40.19 -4.59 -50.45
CA TYR P 58 -40.12 -4.56 -48.98
C TYR P 58 -41.46 -4.11 -48.34
N ALA P 59 -42.07 -3.10 -48.93
CA ALA P 59 -43.45 -2.66 -48.56
C ALA P 59 -44.47 -3.80 -48.83
N LYS P 60 -44.39 -4.46 -49.97
CA LYS P 60 -45.36 -5.47 -50.35
C LYS P 60 -45.21 -6.80 -49.63
N THR P 61 -44.00 -7.18 -49.18
CA THR P 61 -43.75 -8.49 -48.56
C THR P 61 -43.35 -8.44 -47.09
N GLY P 62 -43.03 -7.26 -46.56
CA GLY P 62 -42.27 -7.11 -45.31
C GLY P 62 -40.87 -7.72 -45.21
N LYS P 63 -40.28 -8.18 -46.30
CA LYS P 63 -38.93 -8.75 -46.27
C LYS P 63 -38.06 -8.07 -47.35
N PHE P 64 -36.93 -7.49 -46.91
CA PHE P 64 -36.01 -6.80 -47.81
C PHE P 64 -35.25 -7.80 -48.73
N VAL P 65 -35.20 -7.54 -50.04
CA VAL P 65 -34.41 -8.31 -50.98
C VAL P 65 -33.61 -7.31 -51.84
N TYR P 66 -32.32 -7.47 -51.92
CA TYR P 66 -31.48 -6.54 -52.69
C TYR P 66 -31.42 -6.92 -54.11
N LYS P 67 -31.17 -8.21 -54.36
CA LYS P 67 -31.00 -8.68 -55.74
C LYS P 67 -32.33 -8.57 -56.51
N VAL P 68 -32.40 -7.63 -57.47
CA VAL P 68 -33.72 -7.36 -58.13
C VAL P 68 -34.25 -8.56 -58.93
N GLU P 69 -33.38 -9.33 -59.56
CA GLU P 69 -33.79 -10.59 -60.21
C GLU P 69 -34.37 -11.69 -59.24
N ASP P 70 -34.12 -11.60 -57.93
CA ASP P 70 -34.80 -12.46 -56.95
C ASP P 70 -36.15 -11.91 -56.51
N ILE P 71 -36.55 -10.71 -56.91
CA ILE P 71 -37.90 -10.17 -56.54
C ILE P 71 -38.98 -10.80 -57.45
#